data_7WG3
#
_entry.id   7WG3
#
_cell.length_a   70.020
_cell.length_b   195.030
_cell.length_c   98.840
_cell.angle_alpha   90.000
_cell.angle_beta   98.130
_cell.angle_gamma   90.000
#
_symmetry.space_group_name_H-M   'P 1 21 1'
#
loop_
_entity.id
_entity.type
_entity.pdbx_description
1 polymer 'Light chain of D9 Fab'
2 polymer 'Heavy chain of D9 Fab'
3 polymer 'IL17RB protein'
4 branched alpha-D-mannopyranose-(1-6)-alpha-D-mannopyranose-(1-6)-[alpha-D-mannopyranose-(1-3)]beta-D-mannopyranose-(1-4)-2-acetamido-2-deoxy-beta-D-glucopyranose-(1-4)-2-acetamido-2-deoxy-beta-D-glucopyranose
5 branched alpha-D-mannopyranose-(1-3)-[alpha-D-mannopyranose-(1-6)]beta-D-mannopyranose-(1-4)-2-acetamido-2-deoxy-beta-D-glucopyranose-(1-4)-2-acetamido-2-deoxy-beta-D-glucopyranose
6 non-polymer 2-acetamido-2-deoxy-beta-D-glucopyranose
7 water water
#
loop_
_entity_poly.entity_id
_entity_poly.type
_entity_poly.pdbx_seq_one_letter_code
_entity_poly.pdbx_strand_id
1 'polypeptide(L)'
;QIVLTQSPAIMSASPGEKVTMTCSASSSIYYIHWYQQKSGTSPKRWIYDTSKLASGVPARFSGSGSGTSYSLTISSMEAE
DAATYYCQQWSSNPFTFGSGTKLEIKRTVAAPSVFIFPPSDEQLKSGTASVVCLLNNFYPREAKVQWKVDNALQSGNSQE
SVTEQDSKDSTYSLSSTLTLSKADYEKHKVYACEVTHQGLSSPVTKSFNRGEC
;
A,B,C,D
2 'polypeptide(L)'
;EVQLQQSGPELVKPGASVKISCKTSGYTFTEYTIHWVKQNHGKSLDWIGGINPNNGGTTYNQEFKGKATLTVDKSSSTAY
MEFRSLTSEDSAVYYCARSYYGYVDYWGQGTTLTAAASTKGPSVFPLAPSSKSTSGGTAALGCLVKDYFPEPVTVSWNSG
ALTSGVHTFPAVLQSSGLYSLSSVVTVPSSSLGTQTYICNVNHKPSNTKVDKKAEPKSCD
;
E,F,G,H
3 'polypeptide(L)'
;PEPTIQCGSEPGPSPEWMVRHTLTPGDLRDLRVETIKSNVDLEDSPILMNISWILRADASIRLLKATKICVMGKSHFQSY
SCIRCNYTQAFQTQTRPSGGKWTFSYVGFPVELNTVYFIGAHNIPNANMNEDGPSMAVNFTSPGCLDHVMKYKKKCIEAG
SLWKPNITACKRSANTVEVNFTTSPLGDRYMALIQSTAVIGTSYVSEKELTRTSVVVHVTGESEGAVVQLTPYFHTCGND
CIRQRGTVVQCPQTG
;
I,J,K,L
#
loop_
_chem_comp.id
_chem_comp.type
_chem_comp.name
_chem_comp.formula
BMA D-saccharide, beta linking beta-D-mannopyranose 'C6 H12 O6'
MAN D-saccharide, alpha linking alpha-D-mannopyranose 'C6 H12 O6'
NAG D-saccharide, beta linking 2-acetamido-2-deoxy-beta-D-glucopyranose 'C8 H15 N O6'
#
# COMPACT_ATOMS: atom_id res chain seq x y z
N GLN A 1 1.07 14.80 -6.46
CA GLN A 1 0.42 13.77 -7.26
C GLN A 1 -0.52 12.84 -6.44
N ILE A 2 -0.54 13.03 -5.11
CA ILE A 2 -1.25 12.12 -4.20
C ILE A 2 -2.74 12.04 -4.51
N VAL A 3 -3.23 10.84 -4.73
CA VAL A 3 -4.66 10.60 -4.91
C VAL A 3 -5.22 9.98 -3.64
N LEU A 4 -6.47 10.30 -3.35
CA LEU A 4 -7.17 9.86 -2.15
C LEU A 4 -8.32 8.95 -2.58
N THR A 5 -8.33 7.71 -2.14
CA THR A 5 -9.42 6.78 -2.45
C THR A 5 -10.36 6.64 -1.26
N GLN A 6 -11.64 6.94 -1.46
CA GLN A 6 -12.63 6.88 -0.38
C GLN A 6 -13.51 5.66 -0.56
N SER A 7 -13.83 5.02 0.56
CA SER A 7 -14.68 3.85 0.56
C SER A 7 -15.55 3.92 1.80
N PRO A 8 -16.83 3.54 1.71
CA PRO A 8 -17.49 3.18 0.46
C PRO A 8 -17.94 4.40 -0.33
N ALA A 9 -18.20 4.23 -1.62
CA ALA A 9 -18.67 5.37 -2.42
C ALA A 9 -20.06 5.79 -2.00
N ILE A 10 -20.90 4.83 -1.64
CA ILE A 10 -22.27 5.09 -1.21
C ILE A 10 -22.62 4.04 -0.16
N MET A 11 -23.35 4.47 0.87
CA MET A 11 -23.71 3.59 1.98
C MET A 11 -24.92 4.19 2.67
N SER A 12 -25.65 3.34 3.39
CA SER A 12 -26.78 3.76 4.20
C SER A 12 -26.66 3.23 5.63
N ALA A 13 -27.14 4.03 6.58
CA ALA A 13 -27.10 3.63 7.97
C ALA A 13 -28.41 4.02 8.65
N SER A 14 -28.89 3.15 9.55
CA SER A 14 -30.05 3.47 10.36
C SER A 14 -29.63 4.42 11.47
N PRO A 15 -30.53 5.31 11.89
CA PRO A 15 -30.23 6.14 13.07
C PRO A 15 -29.85 5.23 14.22
N GLY A 16 -28.78 5.61 14.94
CA GLY A 16 -28.26 4.85 16.05
C GLY A 16 -27.17 3.84 15.72
N GLU A 17 -26.95 3.51 14.46
CA GLU A 17 -25.89 2.56 14.20
C GLU A 17 -24.55 3.27 13.98
N LYS A 18 -23.47 2.53 14.21
CA LYS A 18 -22.12 3.04 14.03
C LYS A 18 -21.73 3.08 12.56
N VAL A 19 -21.08 4.17 12.14
CA VAL A 19 -20.71 4.38 10.75
C VAL A 19 -19.22 4.65 10.68
N THR A 20 -18.53 3.96 9.76
CA THR A 20 -17.13 4.20 9.44
C THR A 20 -16.95 4.39 7.93
N MET A 21 -16.13 5.34 7.54
CA MET A 21 -15.75 5.47 6.14
C MET A 21 -14.25 5.78 6.07
N THR A 22 -13.59 5.31 5.03
CA THR A 22 -12.14 5.33 4.96
C THR A 22 -11.68 6.23 3.83
N CYS A 23 -10.45 6.72 4.00
CA CYS A 23 -9.77 7.56 3.03
C CYS A 23 -8.34 7.05 2.94
N SER A 24 -7.93 6.59 1.75
CA SER A 24 -6.63 5.98 1.53
C SER A 24 -5.83 6.79 0.54
N ALA A 25 -4.62 7.21 0.94
CA ALA A 25 -3.78 8.08 0.14
C ALA A 25 -2.77 7.25 -0.64
N SER A 26 -2.50 7.65 -1.89
CA SER A 26 -1.58 6.85 -2.69
C SER A 26 -0.17 6.86 -2.10
N SER A 27 0.19 7.89 -1.34
CA SER A 27 1.36 7.85 -0.49
C SER A 27 1.13 8.77 0.72
N SER A 28 2.12 8.81 1.59
CA SER A 28 2.00 9.35 2.95
C SER A 28 1.70 10.84 2.93
N ILE A 29 0.87 11.28 3.87
CA ILE A 29 0.49 12.67 3.99
C ILE A 29 0.59 13.04 5.46
N TYR A 30 0.65 14.34 5.73
CA TYR A 30 0.82 14.80 7.11
C TYR A 30 -0.50 14.87 7.86
N TYR A 31 -1.58 15.14 7.16
CA TYR A 31 -2.91 15.32 7.75
C TYR A 31 -3.93 14.95 6.69
N ILE A 32 -5.12 14.61 7.14
CA ILE A 32 -6.27 14.52 6.27
C ILE A 32 -7.37 15.42 6.82
N HIS A 33 -8.17 15.99 5.93
CA HIS A 33 -9.28 16.85 6.32
C HIS A 33 -10.54 16.35 5.64
N TRP A 34 -11.68 16.56 6.31
CA TRP A 34 -12.97 16.05 5.86
C TRP A 34 -13.98 17.18 5.73
N TYR A 35 -14.75 17.19 4.63
CA TYR A 35 -15.81 18.18 4.44
C TYR A 35 -17.15 17.46 4.31
N GLN A 36 -18.18 18.06 4.88
CA GLN A 36 -19.55 17.58 4.71
C GLN A 36 -20.25 18.45 3.67
N GLN A 37 -20.97 17.84 2.75
CA GLN A 37 -21.73 18.59 1.77
C GLN A 37 -23.13 17.99 1.60
N LYS A 38 -24.14 18.81 1.78
CA LYS A 38 -25.50 18.41 1.48
C LYS A 38 -25.92 19.04 0.15
N SER A 39 -26.83 18.37 -0.53
CA SER A 39 -27.26 18.79 -1.85
C SER A 39 -27.60 20.27 -1.85
N GLY A 40 -27.00 21.00 -2.79
CA GLY A 40 -27.33 22.39 -2.98
C GLY A 40 -26.61 23.41 -2.11
N THR A 41 -25.56 23.04 -1.38
CA THR A 41 -24.82 24.05 -0.64
C THR A 41 -23.32 23.77 -0.70
N SER A 42 -22.55 24.73 -0.21
CA SER A 42 -21.10 24.62 -0.19
C SER A 42 -20.67 23.51 0.78
N PRO A 43 -19.55 22.84 0.51
CA PRO A 43 -18.97 21.95 1.52
C PRO A 43 -18.62 22.74 2.76
N LYS A 44 -18.69 22.07 3.90
CA LYS A 44 -18.29 22.64 5.18
C LYS A 44 -17.17 21.82 5.81
N ARG A 45 -16.20 22.51 6.35
CA ARG A 45 -15.15 21.84 7.10
C ARG A 45 -15.77 21.10 8.27
N TRP A 46 -15.40 19.83 8.43
CA TRP A 46 -16.06 18.98 9.40
C TRP A 46 -15.06 18.44 10.42
N ILE A 47 -14.10 17.65 9.96
CA ILE A 47 -12.95 17.22 10.74
C ILE A 47 -11.72 17.73 10.02
N TYR A 48 -10.79 18.33 10.76
CA TYR A 48 -9.58 18.83 10.13
C TYR A 48 -8.36 18.40 10.94
N ASP A 49 -7.20 18.48 10.30
CA ASP A 49 -5.97 17.97 10.90
C ASP A 49 -6.18 16.56 11.46
N THR A 50 -6.85 15.73 10.66
CA THR A 50 -7.06 14.30 10.89
C THR A 50 -8.09 13.99 11.97
N SER A 51 -8.09 14.69 13.12
CA SER A 51 -8.95 14.31 14.25
C SER A 51 -9.62 15.46 15.00
N LYS A 52 -9.47 16.70 14.56
CA LYS A 52 -10.07 17.86 15.23
C LYS A 52 -11.44 18.16 14.64
N LEU A 53 -12.39 18.47 15.52
CA LEU A 53 -13.73 18.82 15.06
C LEU A 53 -13.83 20.32 14.87
N ALA A 54 -14.34 20.75 13.74
CA ALA A 54 -14.65 22.16 13.62
C ALA A 54 -15.70 22.52 14.67
N SER A 55 -15.76 23.79 15.02
CA SER A 55 -16.67 24.24 16.07
C SER A 55 -18.13 23.95 15.72
N GLY A 56 -18.83 23.31 16.64
CA GLY A 56 -20.23 22.99 16.47
C GLY A 56 -20.48 21.61 15.93
N VAL A 57 -19.46 20.98 15.36
CA VAL A 57 -19.66 19.67 14.75
C VAL A 57 -19.90 18.66 15.87
N PRO A 58 -20.94 17.84 15.80
CA PRO A 58 -21.28 16.95 16.92
C PRO A 58 -20.12 16.04 17.31
N ALA A 59 -19.98 15.81 18.61
CA ALA A 59 -18.87 14.95 19.03
C ALA A 59 -19.12 13.47 18.73
N ARG A 60 -20.27 13.07 18.20
CA ARG A 60 -20.34 11.69 17.73
C ARG A 60 -19.41 11.42 16.54
N PHE A 61 -18.88 12.46 15.89
CA PHE A 61 -17.92 12.30 14.80
C PHE A 61 -16.51 12.26 15.35
N SER A 62 -15.69 11.41 14.75
CA SER A 62 -14.28 11.40 15.08
C SER A 62 -13.49 11.01 13.84
N GLY A 63 -12.25 11.47 13.80
CA GLY A 63 -11.33 11.11 12.75
C GLY A 63 -10.09 10.48 13.36
N SER A 64 -9.47 9.58 12.61
CA SER A 64 -8.21 8.98 13.01
C SER A 64 -7.44 8.52 11.77
N GLY A 65 -6.18 8.16 11.98
CA GLY A 65 -5.36 7.56 10.96
C GLY A 65 -3.98 8.14 10.91
N SER A 66 -3.13 7.62 10.03
CA SER A 66 -1.78 8.14 9.83
C SER A 66 -1.19 7.47 8.60
N GLY A 67 -0.08 8.03 8.13
CA GLY A 67 0.58 7.52 6.94
C GLY A 67 -0.33 7.71 5.73
N THR A 68 -0.83 6.60 5.19
CA THR A 68 -1.74 6.59 4.05
C THR A 68 -3.19 6.21 4.37
N SER A 69 -3.54 5.90 5.61
CA SER A 69 -4.85 5.33 5.93
C SER A 69 -5.54 6.16 7.00
N TYR A 70 -6.75 6.64 6.69
CA TYR A 70 -7.50 7.52 7.58
C TYR A 70 -8.95 7.09 7.54
N SER A 71 -9.69 7.49 8.56
CA SER A 71 -11.09 7.14 8.59
C SER A 71 -11.85 8.23 9.30
N LEU A 72 -13.14 8.30 8.99
CA LEU A 72 -14.10 9.14 9.71
C LEU A 72 -15.12 8.19 10.31
N THR A 73 -15.44 8.39 11.58
CA THR A 73 -16.34 7.50 12.30
C THR A 73 -17.45 8.30 12.93
N ILE A 74 -18.68 7.80 12.82
CA ILE A 74 -19.84 8.34 13.55
C ILE A 74 -20.24 7.28 14.55
N SER A 75 -20.18 7.61 15.84
CA SER A 75 -20.47 6.61 16.86
C SER A 75 -21.92 6.15 16.77
N SER A 76 -22.81 7.06 16.39
CA SER A 76 -24.24 6.74 16.32
C SER A 76 -24.85 7.62 15.25
N MET A 77 -25.33 6.99 14.18
CA MET A 77 -25.89 7.70 13.04
C MET A 77 -27.10 8.55 13.43
N GLU A 78 -27.13 9.82 12.98
CA GLU A 78 -28.34 10.63 13.06
C GLU A 78 -28.79 11.09 11.67
N ALA A 79 -30.10 11.34 11.55
CA ALA A 79 -30.65 11.71 10.25
C ALA A 79 -30.01 12.98 9.70
N GLU A 80 -29.62 13.91 10.59
N GLU A 80 -29.61 13.91 10.58
CA GLU A 80 -28.91 15.12 10.17
CA GLU A 80 -28.93 15.11 10.13
C GLU A 80 -27.59 14.81 9.47
C GLU A 80 -27.56 14.83 9.51
N ASP A 81 -27.07 13.60 9.59
CA ASP A 81 -25.74 13.27 9.07
C ASP A 81 -25.74 12.85 7.62
N ALA A 82 -26.91 12.59 7.04
CA ALA A 82 -26.98 12.14 5.66
C ALA A 82 -26.37 13.21 4.78
N ALA A 83 -25.37 12.84 3.99
CA ALA A 83 -24.61 13.88 3.34
C ALA A 83 -23.53 13.18 2.53
N THR A 84 -22.77 13.97 1.78
CA THR A 84 -21.58 13.46 1.15
C THR A 84 -20.39 14.05 1.91
N TYR A 85 -19.46 13.18 2.25
CA TYR A 85 -18.26 13.50 2.99
C TYR A 85 -17.07 13.31 2.07
N TYR A 86 -16.25 14.35 1.92
CA TYR A 86 -15.04 14.30 1.10
C TYR A 86 -13.81 14.41 1.99
N CYS A 87 -12.82 13.58 1.73
CA CYS A 87 -11.52 13.85 2.36
C CYS A 87 -10.64 14.70 1.44
N GLN A 88 -9.55 15.20 2.01
CA GLN A 88 -8.76 16.18 1.30
C GLN A 88 -7.37 16.25 1.93
N GLN A 89 -6.34 16.38 1.09
CA GLN A 89 -4.96 16.57 1.53
C GLN A 89 -4.36 17.74 0.79
N TRP A 90 -3.42 18.39 1.44
CA TRP A 90 -2.54 19.35 0.81
C TRP A 90 -1.17 19.24 1.46
N SER A 91 -0.67 18.00 1.53
CA SER A 91 0.72 17.76 1.88
C SER A 91 1.65 17.83 0.67
N SER A 92 1.14 17.65 -0.53
CA SER A 92 1.90 17.90 -1.75
C SER A 92 0.98 18.55 -2.77
N ASN A 93 1.59 19.30 -3.71
CA ASN A 93 0.87 19.86 -4.84
C ASN A 93 0.65 18.76 -5.88
N PRO A 94 -0.52 18.72 -6.53
CA PRO A 94 -1.68 19.60 -6.33
C PRO A 94 -2.52 19.20 -5.08
N PHE A 95 -3.10 20.20 -4.42
CA PHE A 95 -4.23 20.00 -3.50
C PHE A 95 -5.23 19.02 -4.12
N THR A 96 -5.60 17.95 -3.40
CA THR A 96 -6.55 16.99 -3.95
C THR A 96 -7.67 16.62 -2.97
N PHE A 97 -8.83 16.27 -3.53
CA PHE A 97 -9.98 15.75 -2.80
C PHE A 97 -10.14 14.26 -3.11
N GLY A 98 -10.75 13.53 -2.17
CA GLY A 98 -11.22 12.19 -2.48
C GLY A 98 -12.52 12.24 -3.26
N SER A 99 -12.93 11.09 -3.78
CA SER A 99 -14.14 11.00 -4.59
C SER A 99 -15.41 11.00 -3.76
N GLY A 100 -15.34 10.90 -2.45
CA GLY A 100 -16.52 11.15 -1.63
C GLY A 100 -17.26 9.90 -1.18
N THR A 101 -17.79 9.94 0.04
CA THR A 101 -18.68 8.92 0.54
C THR A 101 -20.06 9.55 0.73
N LYS A 102 -21.04 9.06 -0.02
CA LYS A 102 -22.41 9.52 0.12
C LYS A 102 -23.09 8.65 1.16
N LEU A 103 -23.52 9.26 2.26
CA LEU A 103 -24.12 8.56 3.40
C LEU A 103 -25.61 8.83 3.40
N GLU A 104 -26.41 7.78 3.25
CA GLU A 104 -27.87 7.88 3.25
C GLU A 104 -28.45 7.21 4.48
N ILE A 105 -29.75 7.44 4.70
CA ILE A 105 -30.46 6.96 5.88
C ILE A 105 -31.15 5.65 5.53
N LYS A 106 -30.86 4.60 6.30
CA LYS A 106 -31.61 3.36 6.16
C LYS A 106 -32.91 3.47 6.96
N ARG A 107 -34.00 2.95 6.41
CA ARG A 107 -35.30 2.96 7.08
C ARG A 107 -35.98 1.64 6.76
N THR A 108 -37.17 1.43 7.33
CA THR A 108 -37.90 0.20 7.06
C THR A 108 -38.34 0.15 5.60
N VAL A 109 -38.53 -1.06 5.09
CA VAL A 109 -39.05 -1.20 3.73
C VAL A 109 -40.41 -0.53 3.60
N ALA A 110 -40.62 0.14 2.47
CA ALA A 110 -41.93 0.73 2.16
C ALA A 110 -42.20 0.50 0.68
N ALA A 111 -43.36 -0.10 0.38
CA ALA A 111 -43.69 -0.39 -1.01
C ALA A 111 -44.13 0.89 -1.72
N PRO A 112 -43.85 1.02 -3.02
CA PRO A 112 -44.30 2.21 -3.73
C PRO A 112 -45.81 2.19 -3.97
N SER A 113 -46.41 3.37 -3.97
CA SER A 113 -47.72 3.59 -4.56
C SER A 113 -47.53 3.91 -6.03
N VAL A 114 -48.21 3.17 -6.90
CA VAL A 114 -47.96 3.29 -8.33
C VAL A 114 -49.08 4.07 -9.01
N PHE A 115 -48.71 5.00 -9.89
CA PHE A 115 -49.67 5.76 -10.70
C PHE A 115 -49.19 5.80 -12.15
N ILE A 116 -50.14 5.79 -13.09
CA ILE A 116 -49.83 5.85 -14.52
C ILE A 116 -50.62 7.02 -15.12
N PHE A 117 -50.00 7.74 -16.04
CA PHE A 117 -50.58 8.96 -16.58
C PHE A 117 -50.60 8.84 -18.09
N PRO A 118 -51.75 8.96 -18.74
CA PRO A 118 -51.76 8.97 -20.19
C PRO A 118 -51.21 10.28 -20.71
N PRO A 119 -50.80 10.31 -21.98
CA PRO A 119 -50.41 11.59 -22.57
C PRO A 119 -51.58 12.55 -22.59
N SER A 120 -51.27 13.81 -22.33
CA SER A 120 -52.26 14.85 -22.44
C SER A 120 -52.63 15.13 -23.90
N ASP A 121 -53.83 15.67 -24.07
CA ASP A 121 -54.26 16.09 -25.39
C ASP A 121 -53.40 17.23 -25.93
N GLU A 122 -52.91 18.12 -25.06
CA GLU A 122 -52.01 19.18 -25.52
C GLU A 122 -50.77 18.60 -26.19
N GLN A 123 -50.18 17.56 -25.61
CA GLN A 123 -48.96 17.02 -26.20
C GLN A 123 -49.25 16.30 -27.51
N LEU A 124 -50.34 15.55 -27.55
CA LEU A 124 -50.68 14.77 -28.75
C LEU A 124 -50.83 15.65 -29.99
N LYS A 125 -51.22 16.91 -29.81
CA LYS A 125 -51.27 17.84 -30.94
C LYS A 125 -49.91 18.00 -31.59
N SER A 126 -48.82 17.76 -30.86
CA SER A 126 -47.46 17.93 -31.34
C SER A 126 -46.91 16.70 -32.04
N GLY A 127 -47.55 15.54 -31.92
CA GLY A 127 -47.15 14.34 -32.60
C GLY A 127 -46.50 13.31 -31.69
N THR A 128 -46.27 13.65 -30.44
CA THR A 128 -45.55 12.78 -29.53
C THR A 128 -46.42 12.48 -28.33
N ALA A 129 -46.27 11.26 -27.81
CA ALA A 129 -47.02 10.79 -26.66
C ALA A 129 -46.03 10.35 -25.58
N SER A 130 -46.04 11.04 -24.44
CA SER A 130 -45.28 10.61 -23.26
C SER A 130 -46.25 9.95 -22.27
N VAL A 131 -46.00 8.68 -21.93
CA VAL A 131 -46.75 7.96 -20.89
C VAL A 131 -45.90 7.90 -19.63
N VAL A 132 -46.44 8.35 -18.49
CA VAL A 132 -45.65 8.49 -17.28
C VAL A 132 -46.16 7.52 -16.22
N CYS A 133 -45.23 6.76 -15.65
CA CYS A 133 -45.49 5.88 -14.51
C CYS A 133 -44.71 6.40 -13.32
N LEU A 134 -45.40 6.54 -12.18
CA LEU A 134 -44.86 7.12 -10.97
C LEU A 134 -44.85 6.07 -9.86
N LEU A 135 -43.70 5.89 -9.23
CA LEU A 135 -43.54 5.08 -8.03
C LEU A 135 -43.25 6.05 -6.90
N ASN A 136 -44.14 6.16 -5.93
CA ASN A 136 -44.06 7.23 -4.92
C ASN A 136 -43.71 6.68 -3.54
N ASN A 137 -42.72 7.30 -2.90
CA ASN A 137 -42.39 7.09 -1.48
C ASN A 137 -42.14 5.61 -1.15
N PHE A 138 -41.10 5.07 -1.76
CA PHE A 138 -40.73 3.70 -1.50
C PHE A 138 -39.32 3.65 -0.91
N TYR A 139 -38.98 2.50 -0.31
CA TYR A 139 -37.64 2.26 0.21
C TYR A 139 -37.44 0.76 0.28
N PRO A 140 -36.27 0.22 -0.15
CA PRO A 140 -35.07 0.88 -0.66
C PRO A 140 -35.20 1.34 -2.11
N ARG A 141 -34.12 1.99 -2.57
CA ARG A 141 -34.09 2.66 -3.87
C ARG A 141 -34.30 1.71 -5.02
N GLU A 142 -33.85 0.46 -4.89
CA GLU A 142 -33.88 -0.49 -6.00
C GLU A 142 -35.33 -0.84 -6.39
N ALA A 143 -35.64 -0.67 -7.67
CA ALA A 143 -36.96 -0.96 -8.20
C ALA A 143 -36.84 -1.17 -9.70
N LYS A 144 -37.66 -2.06 -10.22
CA LYS A 144 -37.73 -2.34 -11.66
C LYS A 144 -39.09 -1.95 -12.22
N VAL A 145 -39.09 -1.21 -13.33
CA VAL A 145 -40.31 -0.81 -14.03
C VAL A 145 -40.24 -1.32 -15.47
N GLN A 146 -41.27 -2.08 -15.87
CA GLN A 146 -41.40 -2.59 -17.24
C GLN A 146 -42.68 -2.07 -17.88
N TRP A 147 -42.54 -1.53 -19.08
CA TRP A 147 -43.68 -1.08 -19.86
C TRP A 147 -44.27 -2.17 -20.74
N LYS A 148 -45.59 -2.21 -20.81
CA LYS A 148 -46.32 -3.13 -21.69
C LYS A 148 -47.36 -2.35 -22.48
N VAL A 149 -47.39 -2.55 -23.79
CA VAL A 149 -48.38 -1.95 -24.68
C VAL A 149 -49.11 -3.09 -25.38
N ASP A 150 -50.42 -3.18 -25.16
CA ASP A 150 -51.21 -4.35 -25.57
C ASP A 150 -50.48 -5.64 -25.20
N ASN A 151 -49.94 -5.66 -23.99
CA ASN A 151 -49.25 -6.80 -23.37
C ASN A 151 -47.92 -7.14 -24.03
N ALA A 152 -47.41 -6.28 -24.91
CA ALA A 152 -46.10 -6.44 -25.53
C ALA A 152 -45.03 -5.65 -24.74
N LEU A 153 -43.99 -6.35 -24.27
CA LEU A 153 -42.90 -5.70 -23.55
C LEU A 153 -42.22 -4.63 -24.41
N GLN A 154 -42.02 -3.45 -23.82
CA GLN A 154 -41.28 -2.38 -24.47
C GLN A 154 -39.83 -2.39 -23.99
N SER A 155 -38.95 -1.83 -24.82
CA SER A 155 -37.56 -1.61 -24.41
C SER A 155 -36.93 -0.59 -25.34
N GLY A 156 -36.06 0.24 -24.78
CA GLY A 156 -35.37 1.25 -25.54
C GLY A 156 -36.11 2.56 -25.73
N ASN A 157 -37.36 2.65 -25.31
CA ASN A 157 -38.12 3.88 -25.46
C ASN A 157 -38.55 4.46 -24.11
N SER A 158 -37.85 4.13 -23.01
CA SER A 158 -38.20 4.69 -21.71
C SER A 158 -36.96 5.22 -20.98
N GLN A 159 -37.16 6.24 -20.15
CA GLN A 159 -36.11 6.76 -19.28
C GLN A 159 -36.67 6.90 -17.87
N GLU A 160 -35.83 6.61 -16.87
CA GLU A 160 -36.15 6.68 -15.44
C GLU A 160 -35.40 7.82 -14.76
N SER A 161 -36.03 8.38 -13.74
CA SER A 161 -35.42 9.42 -12.93
C SER A 161 -35.84 9.20 -11.48
N VAL A 162 -34.92 9.37 -10.55
CA VAL A 162 -35.14 9.06 -9.14
C VAL A 162 -34.77 10.29 -8.31
N THR A 163 -35.62 10.64 -7.34
CA THR A 163 -35.29 11.75 -6.46
C THR A 163 -34.24 11.32 -5.44
N GLU A 164 -33.67 12.30 -4.74
CA GLU A 164 -32.89 12.05 -3.54
C GLU A 164 -33.83 11.67 -2.39
N GLN A 165 -33.26 11.15 -1.30
CA GLN A 165 -34.06 10.77 -0.13
C GLN A 165 -34.89 11.95 0.35
N ASP A 166 -36.18 11.71 0.58
CA ASP A 166 -37.03 12.76 1.11
C ASP A 166 -36.53 13.20 2.48
N SER A 167 -36.55 14.52 2.74
CA SER A 167 -36.01 15.03 3.99
C SER A 167 -36.87 14.61 5.19
N LYS A 168 -38.18 14.39 4.98
CA LYS A 168 -39.07 14.06 6.09
C LYS A 168 -39.20 12.55 6.34
N ASP A 169 -39.45 11.74 5.32
CA ASP A 169 -39.68 10.31 5.58
C ASP A 169 -38.61 9.40 4.99
N SER A 170 -37.57 9.94 4.38
CA SER A 170 -36.43 9.16 3.91
C SER A 170 -36.77 8.17 2.79
N THR A 171 -37.88 8.39 2.07
CA THR A 171 -38.24 7.51 0.98
C THR A 171 -37.68 8.07 -0.34
N TYR A 172 -37.74 7.25 -1.39
CA TYR A 172 -37.44 7.66 -2.76
C TYR A 172 -38.73 7.68 -3.58
N SER A 173 -38.71 8.45 -4.67
CA SER A 173 -39.75 8.33 -5.68
C SER A 173 -39.10 8.23 -7.05
N LEU A 174 -39.80 7.56 -7.98
CA LEU A 174 -39.24 7.26 -9.28
C LEU A 174 -40.29 7.56 -10.37
N SER A 175 -39.81 8.12 -11.46
CA SER A 175 -40.63 8.29 -12.65
C SER A 175 -40.04 7.47 -13.77
N SER A 176 -40.90 6.79 -14.51
CA SER A 176 -40.52 6.14 -15.76
C SER A 176 -41.38 6.74 -16.86
N THR A 177 -40.74 7.24 -17.92
CA THR A 177 -41.40 7.92 -19.02
C THR A 177 -41.22 7.12 -20.30
N LEU A 178 -42.33 6.61 -20.83
CA LEU A 178 -42.37 5.91 -22.11
C LEU A 178 -42.79 6.90 -23.18
N THR A 179 -41.98 7.07 -24.22
CA THR A 179 -42.26 8.05 -25.26
C THR A 179 -42.51 7.35 -26.57
N LEU A 180 -43.61 7.70 -27.24
CA LEU A 180 -43.99 7.11 -28.52
C LEU A 180 -44.44 8.21 -29.46
N SER A 181 -44.38 7.92 -30.76
CA SER A 181 -45.08 8.78 -31.70
C SER A 181 -46.58 8.72 -31.46
N LYS A 182 -47.28 9.81 -31.78
CA LYS A 182 -48.74 9.75 -31.77
C LYS A 182 -49.25 8.61 -32.64
N ALA A 183 -48.61 8.36 -33.79
CA ALA A 183 -49.03 7.29 -34.68
C ALA A 183 -49.03 5.96 -33.95
N ASP A 184 -47.92 5.62 -33.30
CA ASP A 184 -47.88 4.36 -32.58
C ASP A 184 -48.81 4.37 -31.37
N TYR A 185 -48.99 5.53 -30.73
CA TYR A 185 -49.84 5.56 -29.55
C TYR A 185 -51.30 5.25 -29.93
N GLU A 186 -51.79 5.86 -31.00
CA GLU A 186 -53.18 5.65 -31.44
C GLU A 186 -53.40 4.28 -32.08
N LYS A 187 -52.35 3.46 -32.22
CA LYS A 187 -52.53 2.11 -32.74
C LYS A 187 -52.87 1.09 -31.66
N HIS A 188 -52.63 1.39 -30.40
CA HIS A 188 -52.79 0.42 -29.32
C HIS A 188 -53.73 1.01 -28.26
N LYS A 189 -54.25 0.12 -27.41
CA LYS A 189 -55.29 0.47 -26.46
C LYS A 189 -54.83 0.39 -25.01
N VAL A 190 -54.19 -0.70 -24.61
CA VAL A 190 -53.84 -0.94 -23.22
C VAL A 190 -52.38 -0.58 -22.98
N TYR A 191 -52.15 0.41 -22.13
CA TYR A 191 -50.82 0.84 -21.71
C TYR A 191 -50.64 0.47 -20.24
N ALA A 192 -49.63 -0.33 -19.95
CA ALA A 192 -49.41 -0.84 -18.60
C ALA A 192 -47.97 -0.61 -18.11
N CYS A 193 -47.88 -0.25 -16.83
CA CYS A 193 -46.66 -0.08 -16.06
C CYS A 193 -46.60 -1.19 -15.00
N GLU A 194 -45.58 -2.04 -15.05
CA GLU A 194 -45.44 -3.13 -14.08
C GLU A 194 -44.24 -2.87 -13.16
N VAL A 195 -44.48 -2.85 -11.85
CA VAL A 195 -43.51 -2.37 -10.88
C VAL A 195 -43.08 -3.52 -9.98
N THR A 196 -41.76 -3.73 -9.88
CA THR A 196 -41.18 -4.74 -8.99
C THR A 196 -40.40 -4.07 -7.87
N HIS A 197 -40.69 -4.46 -6.63
CA HIS A 197 -40.02 -3.86 -5.49
C HIS A 197 -40.07 -4.82 -4.30
N GLN A 198 -39.02 -4.75 -3.48
CA GLN A 198 -38.92 -5.64 -2.34
C GLN A 198 -40.15 -5.54 -1.43
N GLY A 199 -40.78 -4.38 -1.38
CA GLY A 199 -41.93 -4.21 -0.52
C GLY A 199 -43.25 -4.74 -1.06
N LEU A 200 -43.25 -5.29 -2.27
CA LEU A 200 -44.43 -5.89 -2.90
C LEU A 200 -44.19 -7.39 -3.06
N SER A 201 -45.14 -8.22 -2.62
CA SER A 201 -44.93 -9.66 -2.77
C SER A 201 -44.97 -10.11 -4.22
N SER A 202 -45.88 -9.54 -5.01
CA SER A 202 -45.99 -9.78 -6.45
C SER A 202 -45.94 -8.43 -7.14
N PRO A 203 -45.45 -8.37 -8.38
CA PRO A 203 -45.41 -7.10 -9.10
C PRO A 203 -46.80 -6.49 -9.22
N VAL A 204 -46.87 -5.20 -9.02
CA VAL A 204 -48.12 -4.50 -9.18
C VAL A 204 -48.16 -3.96 -10.60
N THR A 205 -49.33 -4.04 -11.23
CA THR A 205 -49.50 -3.51 -12.58
C THR A 205 -50.55 -2.42 -12.52
N LYS A 206 -50.24 -1.26 -13.09
CA LYS A 206 -51.21 -0.20 -13.29
C LYS A 206 -51.34 0.08 -14.78
N SER A 207 -52.58 0.25 -15.24
CA SER A 207 -52.84 0.39 -16.67
C SER A 207 -53.96 1.40 -16.92
N PHE A 208 -54.02 1.85 -18.16
CA PHE A 208 -55.19 2.55 -18.67
C PHE A 208 -55.43 2.08 -20.09
N ASN A 209 -56.66 2.26 -20.55
CA ASN A 209 -57.04 2.04 -21.94
C ASN A 209 -57.08 3.39 -22.63
N ARG A 210 -56.42 3.51 -23.78
CA ARG A 210 -56.36 4.79 -24.49
C ARG A 210 -57.75 5.35 -24.77
N GLY A 211 -57.94 6.63 -24.44
CA GLY A 211 -59.16 7.40 -24.62
C GLY A 211 -60.30 7.07 -23.68
N GLU A 212 -60.09 6.19 -22.70
CA GLU A 212 -61.11 5.89 -21.69
C GLU A 212 -60.80 6.76 -20.46
N CYS A 213 -61.26 8.00 -20.51
CA CYS A 213 -61.20 8.91 -19.37
C CYS A 213 -61.60 8.24 -18.05
N GLN B 1 5.74 -8.33 9.48
CA GLN B 1 5.21 -7.68 8.25
C GLN B 1 4.24 -6.55 8.61
N ILE B 2 2.94 -6.82 8.84
CA ILE B 2 2.12 -5.73 9.38
C ILE B 2 2.72 -5.33 10.70
N VAL B 3 3.12 -4.09 10.80
CA VAL B 3 3.72 -3.62 12.03
C VAL B 3 2.64 -2.92 12.84
N LEU B 4 2.65 -3.17 14.14
CA LEU B 4 1.68 -2.57 15.05
C LEU B 4 2.53 -1.68 15.94
N THR B 5 2.34 -0.37 15.83
CA THR B 5 3.15 0.57 16.60
C THR B 5 2.32 0.98 17.78
N GLN B 6 2.83 0.76 18.98
CA GLN B 6 2.07 1.04 20.17
C GLN B 6 2.62 2.27 20.86
N SER B 7 1.72 3.13 21.31
CA SER B 7 2.09 4.35 21.96
C SER B 7 1.15 4.61 23.14
N PRO B 8 1.68 5.15 24.23
CA PRO B 8 3.12 5.36 24.40
C PRO B 8 3.78 4.06 24.79
N ALA B 9 5.10 3.96 24.61
CA ALA B 9 5.81 2.73 24.95
C ALA B 9 5.75 2.48 26.44
N ILE B 10 5.79 3.56 27.22
CA ILE B 10 5.75 3.48 28.67
C ILE B 10 4.94 4.67 29.18
N MET B 11 4.12 4.43 30.20
CA MET B 11 3.34 5.48 30.81
C MET B 11 2.95 5.06 32.21
N SER B 12 2.62 6.05 33.03
CA SER B 12 2.07 5.78 34.35
C SER B 12 0.83 6.63 34.53
N ALA B 13 -0.11 6.10 35.31
CA ALA B 13 -1.37 6.78 35.56
C ALA B 13 -1.69 6.64 37.04
N SER B 14 -2.23 7.70 37.62
CA SER B 14 -2.67 7.67 39.01
C SER B 14 -3.97 6.88 39.13
N PRO B 15 -4.25 6.30 40.28
CA PRO B 15 -5.55 5.63 40.47
C PRO B 15 -6.69 6.62 40.20
N GLY B 16 -7.70 6.15 39.50
CA GLY B 16 -8.83 7.00 39.16
C GLY B 16 -8.65 7.77 37.87
N GLU B 17 -7.44 7.80 37.32
CA GLU B 17 -7.18 8.59 36.13
C GLU B 17 -7.56 7.79 34.88
N LYS B 18 -7.97 8.52 33.84
CA LYS B 18 -8.36 7.90 32.58
C LYS B 18 -7.12 7.58 31.76
N VAL B 19 -7.07 6.37 31.18
CA VAL B 19 -5.91 5.88 30.45
C VAL B 19 -6.30 5.51 29.03
N THR B 20 -5.58 6.05 28.03
CA THR B 20 -5.73 5.66 26.64
C THR B 20 -4.36 5.30 26.07
N MET B 21 -4.32 4.21 25.32
CA MET B 21 -3.11 3.80 24.61
C MET B 21 -3.53 3.36 23.22
N THR B 22 -2.65 3.59 22.25
CA THR B 22 -3.05 3.41 20.87
C THR B 22 -2.22 2.33 20.21
N CYS B 23 -2.81 1.75 19.17
CA CYS B 23 -2.18 0.72 18.37
C CYS B 23 -2.38 1.12 16.91
N SER B 24 -1.29 1.33 16.19
CA SER B 24 -1.37 1.81 14.82
C SER B 24 -0.79 0.77 13.88
N ALA B 25 -1.59 0.29 12.96
CA ALA B 25 -1.14 -0.74 12.05
C ALA B 25 -0.55 -0.12 10.77
N SER B 26 0.58 -0.68 10.31
CA SER B 26 1.23 -0.16 9.10
C SER B 26 0.38 -0.38 7.85
N SER B 27 -0.55 -1.32 7.89
CA SER B 27 -1.55 -1.47 6.85
C SER B 27 -2.84 -1.94 7.51
N SER B 28 -3.93 -1.92 6.76
CA SER B 28 -5.26 -2.10 7.33
C SER B 28 -5.52 -3.53 7.79
N ILE B 29 -6.25 -3.67 8.90
CA ILE B 29 -6.61 -4.97 9.45
C ILE B 29 -8.09 -4.94 9.82
N TYR B 30 -8.68 -6.14 9.92
CA TYR B 30 -10.11 -6.27 10.19
C TYR B 30 -10.43 -6.18 11.68
N TYR B 31 -9.51 -6.61 12.54
CA TYR B 31 -9.70 -6.57 13.97
C TYR B 31 -8.34 -6.35 14.62
N ILE B 32 -8.37 -5.84 15.83
CA ILE B 32 -7.20 -5.80 16.69
C ILE B 32 -7.56 -6.55 17.95
N HIS B 33 -6.56 -7.20 18.56
CA HIS B 33 -6.75 -7.91 19.82
C HIS B 33 -5.67 -7.47 20.80
N TRP B 34 -6.01 -7.46 22.08
CA TRP B 34 -5.14 -6.95 23.12
C TRP B 34 -4.90 -8.02 24.19
N TYR B 35 -3.65 -8.15 24.65
CA TYR B 35 -3.31 -9.07 25.73
C TYR B 35 -2.67 -8.31 26.88
N GLN B 36 -2.97 -8.75 28.09
CA GLN B 36 -2.36 -8.19 29.30
C GLN B 36 -1.32 -9.17 29.82
N GLN B 37 -0.14 -8.65 30.18
CA GLN B 37 0.91 -9.47 30.77
C GLN B 37 1.49 -8.76 31.99
N LYS B 38 1.44 -9.44 33.13
CA LYS B 38 2.11 -9.01 34.35
C LYS B 38 3.39 -9.81 34.55
N SER B 39 4.35 -9.21 35.25
CA SER B 39 5.69 -9.77 35.36
C SER B 39 5.68 -11.23 35.76
N GLY B 40 6.38 -12.06 34.99
CA GLY B 40 6.61 -13.44 35.32
C GLY B 40 5.52 -14.43 34.96
N THR B 41 4.49 -14.02 34.22
CA THR B 41 3.44 -14.95 33.83
C THR B 41 3.10 -14.76 32.35
N SER B 42 2.26 -15.67 31.87
CA SER B 42 1.83 -15.68 30.48
C SER B 42 0.97 -14.46 30.19
N PRO B 43 0.99 -13.96 28.95
CA PRO B 43 -0.03 -12.98 28.55
C PRO B 43 -1.42 -13.59 28.67
N LYS B 44 -2.39 -12.73 28.95
CA LYS B 44 -3.79 -13.13 29.06
C LYS B 44 -4.64 -12.34 28.05
N ARG B 45 -5.57 -13.02 27.39
CA ARG B 45 -6.47 -12.34 26.47
C ARG B 45 -7.28 -11.28 27.23
N TRP B 46 -7.33 -10.07 26.67
CA TRP B 46 -7.92 -8.98 27.43
C TRP B 46 -9.08 -8.35 26.67
N ILE B 47 -8.82 -7.77 25.51
CA ILE B 47 -9.86 -7.31 24.60
C ILE B 47 -9.64 -8.05 23.29
N TYR B 48 -10.71 -8.57 22.69
CA TYR B 48 -10.60 -9.28 21.43
C TYR B 48 -11.67 -8.75 20.47
N ASP B 49 -11.48 -9.04 19.18
CA ASP B 49 -12.30 -8.47 18.12
C ASP B 49 -12.50 -6.98 18.34
N THR B 50 -11.42 -6.27 18.69
CA THR B 50 -11.36 -4.82 18.78
C THR B 50 -12.05 -4.21 20.00
N SER B 51 -13.24 -4.70 20.36
CA SER B 51 -13.98 -4.04 21.43
C SER B 51 -14.64 -4.98 22.45
N LYS B 52 -14.50 -6.29 22.32
CA LYS B 52 -15.13 -7.22 23.24
C LYS B 52 -14.18 -7.56 24.38
N LEU B 53 -14.72 -7.68 25.59
CA LEU B 53 -13.93 -7.95 26.79
C LEU B 53 -13.78 -9.46 26.99
N ALA B 54 -12.55 -9.89 27.24
CA ALA B 54 -12.32 -11.26 27.66
C ALA B 54 -12.98 -11.54 29.01
N SER B 55 -13.19 -12.82 29.29
CA SER B 55 -13.77 -13.23 30.56
C SER B 55 -12.87 -12.78 31.69
N GLY B 56 -13.45 -12.09 32.69
CA GLY B 56 -12.66 -11.59 33.79
C GLY B 56 -12.27 -10.14 33.69
N VAL B 57 -12.55 -9.50 32.55
CA VAL B 57 -12.09 -8.14 32.28
C VAL B 57 -13.13 -7.14 32.79
N PRO B 58 -12.79 -6.26 33.72
CA PRO B 58 -13.74 -5.23 34.17
C PRO B 58 -14.11 -4.27 33.04
N ALA B 59 -15.39 -3.81 33.04
CA ALA B 59 -15.76 -2.88 31.97
C ALA B 59 -15.19 -1.53 32.11
N ARG B 60 -14.32 -1.16 33.05
CA ARG B 60 -13.61 0.09 32.87
C ARG B 60 -12.65 0.03 31.68
N PHE B 61 -12.39 -1.16 31.13
CA PHE B 61 -11.60 -1.34 29.90
C PHE B 61 -12.53 -1.26 28.69
N SER B 62 -12.08 -0.58 27.63
CA SER B 62 -12.79 -0.61 26.36
C SER B 62 -11.80 -0.48 25.22
N GLY B 63 -12.15 -1.04 24.06
CA GLY B 63 -11.33 -0.96 22.88
C GLY B 63 -12.10 -0.37 21.72
N SER B 64 -11.40 0.35 20.86
CA SER B 64 -12.05 1.00 19.75
C SER B 64 -11.09 1.11 18.56
N GLY B 65 -11.64 1.44 17.41
CA GLY B 65 -10.84 1.72 16.24
C GLY B 65 -11.31 0.92 15.04
N SER B 66 -10.62 1.14 13.93
CA SER B 66 -10.90 0.44 12.69
C SER B 66 -9.78 0.83 11.74
N GLY B 67 -9.67 0.09 10.64
CA GLY B 67 -8.64 0.39 9.65
C GLY B 67 -7.24 0.18 10.16
N THR B 68 -6.47 1.27 10.28
CA THR B 68 -5.13 1.18 10.81
C THR B 68 -5.01 1.76 12.20
N SER B 69 -6.10 2.23 12.80
CA SER B 69 -5.98 3.01 14.03
C SER B 69 -6.86 2.40 15.12
N TYR B 70 -6.24 2.06 16.25
CA TYR B 70 -6.96 1.38 17.33
C TYR B 70 -6.49 1.94 18.66
N SER B 71 -7.33 1.78 19.67
CA SER B 71 -6.97 2.22 21.01
C SER B 71 -7.60 1.32 22.06
N LEU B 72 -6.95 1.29 23.24
CA LEU B 72 -7.50 0.68 24.45
C LEU B 72 -7.63 1.76 25.51
N THR B 73 -8.77 1.80 26.20
CA THR B 73 -9.06 2.85 27.18
C THR B 73 -9.42 2.23 28.52
N ILE B 74 -8.87 2.79 29.60
CA ILE B 74 -9.26 2.46 30.97
C ILE B 74 -9.94 3.68 31.55
N SER B 75 -11.24 3.54 31.88
CA SER B 75 -11.99 4.71 32.35
C SER B 75 -11.49 5.21 33.70
N SER B 76 -11.03 4.30 34.57
CA SER B 76 -10.52 4.67 35.88
C SER B 76 -9.39 3.71 36.22
N MET B 77 -8.17 4.23 36.23
CA MET B 77 -7.00 3.41 36.49
C MET B 77 -7.08 2.76 37.87
N GLU B 78 -6.86 1.45 37.92
CA GLU B 78 -6.70 0.71 39.16
C GLU B 78 -5.29 0.17 39.24
N ALA B 79 -4.80 -0.01 40.47
CA ALA B 79 -3.44 -0.49 40.66
C ALA B 79 -3.24 -1.85 40.02
N GLU B 80 -4.26 -2.70 40.06
CA GLU B 80 -4.16 -4.01 39.44
C GLU B 80 -4.06 -3.94 37.92
N ASP B 81 -4.20 -2.77 37.31
CA ASP B 81 -4.11 -2.63 35.87
C ASP B 81 -2.68 -2.45 35.40
N ALA B 82 -1.75 -2.19 36.32
CA ALA B 82 -0.36 -2.05 35.92
C ALA B 82 0.10 -3.37 35.29
N ALA B 83 0.66 -3.27 34.09
CA ALA B 83 0.94 -4.43 33.25
C ALA B 83 1.53 -3.92 31.94
N THR B 84 1.93 -4.86 31.07
CA THR B 84 2.27 -4.54 29.70
C THR B 84 1.13 -5.01 28.81
N TYR B 85 0.69 -4.16 27.90
CA TYR B 85 -0.42 -4.46 27.01
C TYR B 85 0.08 -4.59 25.58
N TYR B 86 -0.25 -5.69 24.95
CA TYR B 86 0.20 -5.96 23.58
C TYR B 86 -1.02 -6.01 22.67
N CYS B 87 -0.96 -5.28 21.55
CA CYS B 87 -1.99 -5.50 20.55
C CYS B 87 -1.49 -6.54 19.56
N GLN B 88 -2.39 -7.03 18.72
CA GLN B 88 -2.08 -8.21 17.94
C GLN B 88 -3.03 -8.27 16.75
N GLN B 89 -2.55 -8.74 15.61
CA GLN B 89 -3.45 -8.90 14.47
C GLN B 89 -3.16 -10.24 13.81
N TRP B 90 -4.17 -10.80 13.17
CA TRP B 90 -3.96 -11.91 12.23
C TRP B 90 -4.92 -11.74 11.07
N SER B 91 -4.90 -10.54 10.47
CA SER B 91 -5.58 -10.32 9.19
C SER B 91 -4.75 -10.69 7.97
N SER B 92 -3.43 -10.71 8.10
CA SER B 92 -2.55 -11.21 7.05
C SER B 92 -1.45 -12.05 7.69
N ASN B 93 -0.93 -13.04 6.91
CA ASN B 93 0.26 -13.74 7.40
C ASN B 93 1.50 -12.89 7.14
N PRO B 94 2.42 -12.80 8.12
CA PRO B 94 2.34 -13.44 9.43
C PRO B 94 1.49 -12.70 10.47
N PHE B 95 0.85 -13.47 11.34
CA PHE B 95 0.41 -13.06 12.67
C PHE B 95 1.51 -12.19 13.30
N THR B 96 1.16 -11.00 13.80
CA THR B 96 2.15 -10.15 14.47
C THR B 96 1.55 -9.55 15.73
N PHE B 97 2.43 -9.19 16.67
CA PHE B 97 2.12 -8.48 17.91
C PHE B 97 2.66 -7.07 17.84
N GLY B 98 2.06 -6.17 18.60
CA GLY B 98 2.63 -4.87 18.78
C GLY B 98 3.82 -4.86 19.72
N SER B 99 4.47 -3.71 19.77
CA SER B 99 5.67 -3.59 20.58
C SER B 99 5.38 -3.40 22.06
N GLY B 100 4.14 -3.13 22.43
CA GLY B 100 3.77 -3.16 23.83
C GLY B 100 3.71 -1.80 24.51
N THR B 101 2.75 -1.62 25.39
CA THR B 101 2.67 -0.44 26.25
C THR B 101 2.83 -0.88 27.70
N LYS B 102 3.87 -0.39 28.36
CA LYS B 102 4.03 -0.70 29.78
C LYS B 102 3.37 0.39 30.60
N LEU B 103 2.36 0.00 31.37
CA LEU B 103 1.57 0.92 32.19
C LEU B 103 1.93 0.73 33.66
N GLU B 104 2.44 1.77 34.31
CA GLU B 104 2.72 1.73 35.74
C GLU B 104 1.78 2.64 36.52
N ILE B 105 1.72 2.46 37.82
CA ILE B 105 0.78 3.22 38.64
C ILE B 105 1.53 4.40 39.29
N LYS B 106 1.02 5.61 39.07
CA LYS B 106 1.62 6.80 39.66
C LYS B 106 1.17 7.00 41.09
N ARG B 107 2.07 7.55 41.91
CA ARG B 107 1.75 7.85 43.31
C ARG B 107 2.50 9.11 43.74
N THR B 108 2.26 9.53 44.98
CA THR B 108 2.97 10.68 45.51
C THR B 108 4.45 10.33 45.70
N VAL B 109 5.28 11.37 45.69
CA VAL B 109 6.72 11.17 45.88
C VAL B 109 6.99 10.49 47.23
N ALA B 110 7.99 9.60 47.25
CA ALA B 110 8.45 8.97 48.48
C ALA B 110 9.97 8.83 48.42
N ALA B 111 10.65 9.33 49.46
CA ALA B 111 12.10 9.30 49.46
C ALA B 111 12.60 7.90 49.79
N PRO B 112 13.74 7.51 49.24
CA PRO B 112 14.32 6.21 49.60
C PRO B 112 14.96 6.26 50.97
N SER B 113 14.91 5.12 51.66
CA SER B 113 15.81 4.83 52.76
C SER B 113 17.06 4.18 52.18
N VAL B 114 18.23 4.77 52.49
CA VAL B 114 19.50 4.34 51.91
C VAL B 114 20.25 3.47 52.92
N PHE B 115 20.72 2.32 52.45
CA PHE B 115 21.46 1.35 53.22
C PHE B 115 22.70 0.91 52.45
N ILE B 116 23.77 0.62 53.18
CA ILE B 116 25.01 0.15 52.57
C ILE B 116 25.47 -1.12 53.26
N PHE B 117 26.03 -2.04 52.46
CA PHE B 117 26.53 -3.33 52.93
C PHE B 117 27.97 -3.46 52.45
N PRO B 118 28.93 -3.64 53.35
CA PRO B 118 30.31 -3.90 52.91
C PRO B 118 30.44 -5.30 52.36
N PRO B 119 31.53 -5.60 51.66
CA PRO B 119 31.77 -6.98 51.22
C PRO B 119 31.90 -7.92 52.40
N SER B 120 31.40 -9.13 52.22
CA SER B 120 31.60 -10.16 53.21
C SER B 120 33.06 -10.63 53.19
N ASP B 121 33.52 -11.11 54.34
CA ASP B 121 34.87 -11.67 54.38
C ASP B 121 34.94 -12.94 53.54
N GLU B 122 33.86 -13.71 53.49
CA GLU B 122 33.81 -14.91 52.67
C GLU B 122 34.09 -14.60 51.20
N GLN B 123 33.56 -13.48 50.70
CA GLN B 123 33.77 -13.14 49.30
C GLN B 123 35.19 -12.64 49.06
N LEU B 124 35.72 -11.84 49.98
CA LEU B 124 37.07 -11.32 49.84
C LEU B 124 38.10 -12.45 49.74
N LYS B 125 37.85 -13.57 50.43
N LYS B 125 37.85 -13.58 50.42
CA LYS B 125 38.71 -14.75 50.27
CA LYS B 125 38.71 -14.75 50.28
C LYS B 125 38.84 -15.13 48.80
C LYS B 125 38.83 -15.16 48.82
N SER B 126 37.72 -15.17 48.09
CA SER B 126 37.73 -15.51 46.67
C SER B 126 38.34 -14.42 45.80
N GLY B 127 38.62 -13.23 46.32
CA GLY B 127 39.34 -12.22 45.55
C GLY B 127 38.55 -11.01 45.06
N THR B 128 37.24 -10.93 45.30
CA THR B 128 36.46 -9.81 44.80
C THR B 128 35.67 -9.17 45.92
N ALA B 129 35.37 -7.88 45.76
CA ALA B 129 34.60 -7.14 46.74
C ALA B 129 33.37 -6.52 46.07
N SER B 130 32.19 -6.96 46.47
CA SER B 130 30.93 -6.34 46.05
C SER B 130 30.41 -5.49 47.19
N VAL B 131 30.27 -4.19 46.93
CA VAL B 131 29.72 -3.24 47.88
C VAL B 131 28.30 -2.93 47.43
N VAL B 132 27.33 -3.13 48.31
CA VAL B 132 25.93 -3.03 47.93
C VAL B 132 25.31 -1.84 48.62
N CYS B 133 24.64 -1.00 47.83
CA CYS B 133 23.87 0.12 48.30
C CYS B 133 22.40 -0.14 47.99
N LEU B 134 21.53 0.11 48.96
CA LEU B 134 20.11 -0.17 48.84
C LEU B 134 19.31 1.13 48.93
N LEU B 135 18.39 1.32 47.96
CA LEU B 135 17.38 2.37 48.00
C LEU B 135 16.02 1.70 48.16
N ASN B 136 15.35 1.95 49.28
CA ASN B 136 14.16 1.20 49.64
C ASN B 136 12.90 2.05 49.58
N ASN B 137 11.89 1.53 48.90
CA ASN B 137 10.51 2.04 48.92
C ASN B 137 10.47 3.52 48.55
N PHE B 138 10.86 3.82 47.31
CA PHE B 138 10.83 5.18 46.80
C PHE B 138 9.95 5.26 45.54
N TYR B 139 9.59 6.49 45.17
CA TYR B 139 8.87 6.81 43.92
C TYR B 139 9.12 8.27 43.60
N PRO B 140 9.38 8.64 42.34
CA PRO B 140 9.46 7.81 41.12
C PRO B 140 10.75 7.02 40.96
N ARG B 141 10.83 6.20 39.91
CA ARG B 141 11.96 5.31 39.72
C ARG B 141 13.26 6.08 39.59
N GLU B 142 13.18 7.28 39.02
CA GLU B 142 14.38 8.03 38.69
C GLU B 142 15.16 8.37 39.95
N ALA B 143 16.44 8.03 39.93
CA ALA B 143 17.31 8.27 41.06
C ALA B 143 18.74 8.19 40.57
N LYS B 144 19.60 9.00 41.17
CA LYS B 144 21.01 8.97 40.83
C LYS B 144 21.75 8.32 41.99
N VAL B 145 22.55 7.32 41.67
CA VAL B 145 23.35 6.67 42.68
C VAL B 145 24.78 6.78 42.20
N GLN B 146 25.60 7.51 42.95
CA GLN B 146 26.99 7.69 42.61
C GLN B 146 27.83 7.15 43.75
N TRP B 147 28.78 6.30 43.41
CA TRP B 147 29.75 5.77 44.35
C TRP B 147 30.96 6.69 44.42
N LYS B 148 31.49 6.86 45.64
CA LYS B 148 32.76 7.54 45.86
C LYS B 148 33.60 6.68 46.79
N VAL B 149 34.87 6.47 46.41
CA VAL B 149 35.82 5.68 47.19
C VAL B 149 36.98 6.56 47.60
N ASP B 150 37.16 6.75 48.91
CA ASP B 150 38.08 7.73 49.49
C ASP B 150 37.90 9.08 48.79
N ASN B 151 36.62 9.46 48.63
CA ASN B 151 36.14 10.70 48.02
C ASN B 151 36.41 10.76 46.52
N ALA B 152 36.87 9.66 45.94
CA ALA B 152 37.08 9.57 44.50
C ALA B 152 35.82 9.04 43.83
N LEU B 153 35.25 9.84 42.93
CA LEU B 153 34.08 9.44 42.18
C LEU B 153 34.38 8.22 41.30
N GLN B 154 33.50 7.22 41.38
CA GLN B 154 33.60 6.00 40.57
C GLN B 154 32.71 6.11 39.34
N SER B 155 33.04 5.31 38.33
CA SER B 155 32.22 5.16 37.14
C SER B 155 32.63 3.89 36.39
N GLY B 156 31.64 3.20 35.82
CA GLY B 156 31.92 2.01 35.04
C GLY B 156 32.13 0.72 35.80
N ASN B 157 32.09 0.76 37.13
CA ASN B 157 32.28 -0.46 37.92
C ASN B 157 31.07 -0.81 38.79
N SER B 158 29.87 -0.35 38.45
CA SER B 158 28.71 -0.68 39.24
C SER B 158 27.52 -1.02 38.34
N GLN B 159 26.61 -1.83 38.86
CA GLN B 159 25.36 -2.21 38.20
C GLN B 159 24.18 -1.98 39.16
N GLU B 160 23.05 -1.57 38.58
CA GLU B 160 21.82 -1.31 39.30
C GLU B 160 20.80 -2.39 38.96
N SER B 161 19.94 -2.67 39.92
CA SER B 161 18.81 -3.56 39.75
C SER B 161 17.64 -2.95 40.49
N VAL B 162 16.45 -2.95 39.87
CA VAL B 162 15.28 -2.26 40.39
C VAL B 162 14.15 -3.27 40.50
N THR B 163 13.40 -3.21 41.60
CA THR B 163 12.29 -4.11 41.83
C THR B 163 11.07 -3.73 40.99
N GLU B 164 10.10 -4.62 41.01
CA GLU B 164 8.77 -4.26 40.52
C GLU B 164 8.10 -3.33 41.53
N GLN B 165 7.07 -2.62 41.05
CA GLN B 165 6.28 -1.77 41.93
C GLN B 165 5.69 -2.61 43.05
N ASP B 166 5.80 -2.11 44.28
CA ASP B 166 5.26 -2.82 45.42
C ASP B 166 3.75 -3.01 45.27
N SER B 167 3.27 -4.19 45.66
CA SER B 167 1.86 -4.51 45.48
C SER B 167 0.96 -3.66 46.40
N LYS B 168 1.47 -3.26 47.55
CA LYS B 168 0.69 -2.52 48.53
C LYS B 168 0.85 -1.01 48.35
N ASP B 169 2.09 -0.51 48.26
CA ASP B 169 2.33 0.92 48.25
C ASP B 169 2.92 1.47 46.95
N SER B 170 3.16 0.64 45.94
CA SER B 170 3.56 1.06 44.60
C SER B 170 4.92 1.73 44.54
N THR B 171 5.80 1.47 45.50
CA THR B 171 7.12 2.08 45.45
C THR B 171 8.12 1.18 44.73
N TYR B 172 9.29 1.73 44.45
CA TYR B 172 10.38 0.92 43.94
C TYR B 172 11.46 0.77 44.98
N SER B 173 12.24 -0.29 44.82
CA SER B 173 13.49 -0.46 45.55
C SER B 173 14.60 -0.69 44.54
N LEU B 174 15.80 -0.21 44.87
CA LEU B 174 16.89 -0.26 43.92
C LEU B 174 18.15 -0.70 44.65
N SER B 175 18.93 -1.55 43.99
CA SER B 175 20.25 -1.94 44.50
C SER B 175 21.30 -1.49 43.50
N SER B 176 22.39 -0.95 44.02
CA SER B 176 23.56 -0.65 43.22
C SER B 176 24.73 -1.43 43.79
N THR B 177 25.41 -2.19 42.94
CA THR B 177 26.51 -3.05 43.37
C THR B 177 27.79 -2.57 42.71
N LEU B 178 28.73 -2.12 43.55
CA LEU B 178 30.06 -1.72 43.12
C LEU B 178 30.98 -2.92 43.32
N THR B 179 31.62 -3.36 42.25
CA THR B 179 32.45 -4.57 42.30
C THR B 179 33.90 -4.21 42.04
N LEU B 180 34.78 -4.66 42.92
CA LEU B 180 36.21 -4.42 42.77
C LEU B 180 36.96 -5.70 43.09
N SER B 181 38.17 -5.79 42.55
CA SER B 181 39.09 -6.84 42.96
C SER B 181 39.40 -6.72 44.45
N LYS B 182 39.71 -7.85 45.09
CA LYS B 182 40.14 -7.83 46.49
C LYS B 182 41.26 -6.84 46.70
N ALA B 183 42.17 -6.74 45.73
CA ALA B 183 43.29 -5.81 45.82
C ALA B 183 42.81 -4.37 45.96
N ASP B 184 41.99 -3.92 45.02
CA ASP B 184 41.59 -2.51 45.02
C ASP B 184 40.70 -2.19 46.21
N TYR B 185 39.90 -3.14 46.67
CA TYR B 185 39.04 -2.88 47.82
C TYR B 185 39.86 -2.70 49.08
N GLU B 186 40.81 -3.60 49.34
CA GLU B 186 41.61 -3.51 50.56
C GLU B 186 42.62 -2.38 50.51
N LYS B 187 42.70 -1.68 49.39
CA LYS B 187 43.57 -0.53 49.19
C LYS B 187 42.95 0.78 49.63
N HIS B 188 41.65 0.81 49.89
CA HIS B 188 40.95 2.06 50.17
C HIS B 188 40.19 1.98 51.49
N LYS B 189 39.73 3.14 51.96
CA LYS B 189 39.16 3.26 53.29
C LYS B 189 37.66 3.58 53.28
N VAL B 190 37.28 4.69 52.64
CA VAL B 190 35.92 5.21 52.74
C VAL B 190 35.15 4.86 51.47
N TYR B 191 34.09 4.07 51.63
CA TYR B 191 33.19 3.71 50.54
C TYR B 191 31.85 4.39 50.76
N ALA B 192 31.44 5.23 49.82
CA ALA B 192 30.25 6.05 49.97
C ALA B 192 29.28 5.85 48.82
N CYS B 193 28.00 5.78 49.15
CA CYS B 193 26.92 5.70 48.19
C CYS B 193 26.14 7.01 48.29
N GLU B 194 26.09 7.78 47.19
CA GLU B 194 25.42 9.07 47.17
C GLU B 194 24.17 9.00 46.32
N VAL B 195 23.03 9.36 46.92
CA VAL B 195 21.72 9.16 46.32
C VAL B 195 21.10 10.52 46.05
N THR B 196 20.69 10.74 44.80
CA THR B 196 19.96 11.95 44.41
C THR B 196 18.56 11.55 43.99
N HIS B 197 17.54 12.17 44.60
CA HIS B 197 16.17 11.81 44.31
C HIS B 197 15.27 13.00 44.59
N GLN B 198 14.17 13.05 43.83
CA GLN B 198 13.21 14.15 43.95
C GLN B 198 12.62 14.24 45.35
N GLY B 199 12.52 13.12 46.06
CA GLY B 199 11.96 13.13 47.39
C GLY B 199 12.90 13.56 48.49
N LEU B 200 14.15 13.88 48.15
CA LEU B 200 15.15 14.34 49.10
C LEU B 200 15.49 15.79 48.79
N SER B 201 15.50 16.63 49.82
CA SER B 201 15.83 18.03 49.60
C SER B 201 17.29 18.19 49.19
N SER B 202 18.18 17.41 49.79
CA SER B 202 19.59 17.36 49.41
C SER B 202 20.00 15.91 49.20
N PRO B 203 21.00 15.66 48.34
CA PRO B 203 21.46 14.28 48.13
C PRO B 203 21.96 13.65 49.43
N VAL B 204 21.58 12.39 49.64
CA VAL B 204 21.94 11.62 50.82
C VAL B 204 23.16 10.75 50.53
N THR B 205 24.06 10.68 51.50
CA THR B 205 25.23 9.82 51.42
C THR B 205 25.25 8.85 52.60
N LYS B 206 25.44 7.57 52.32
CA LYS B 206 25.67 6.56 53.34
C LYS B 206 27.04 5.97 53.08
N SER B 207 27.83 5.79 54.15
CA SER B 207 29.23 5.41 54.03
C SER B 207 29.61 4.42 55.11
N PHE B 208 30.70 3.71 54.85
CA PHE B 208 31.38 2.96 55.89
C PHE B 208 32.88 3.13 55.68
N ASN B 209 33.63 2.96 56.76
CA ASN B 209 35.07 2.99 56.70
C ASN B 209 35.60 1.57 56.66
N ARG B 210 36.34 1.24 55.59
CA ARG B 210 36.92 -0.08 55.48
C ARG B 210 37.87 -0.28 56.65
N GLY B 211 37.86 -1.47 57.24
CA GLY B 211 38.78 -1.65 58.34
C GLY B 211 38.33 -0.97 59.61
N GLU B 212 37.03 -1.03 59.91
CA GLU B 212 36.49 -0.51 61.16
C GLU B 212 36.46 -1.63 62.19
N CYS B 213 35.72 -2.71 61.91
CA CYS B 213 35.75 -3.95 62.72
C CYS B 213 34.65 -4.93 62.29
N GLN C 1 20.21 -25.03 -21.12
CA GLN C 1 21.37 -24.24 -21.52
C GLN C 1 21.33 -22.82 -20.91
N ILE C 2 20.12 -22.28 -20.70
CA ILE C 2 19.88 -20.92 -20.23
C ILE C 2 20.64 -20.58 -18.95
N VAL C 3 21.32 -19.43 -18.94
CA VAL C 3 21.96 -18.87 -17.74
C VAL C 3 21.22 -17.59 -17.31
N LEU C 4 21.39 -17.27 -16.02
CA LEU C 4 20.77 -16.13 -15.36
C LEU C 4 21.82 -15.17 -14.83
N THR C 5 21.72 -13.89 -15.23
CA THR C 5 22.58 -12.81 -14.75
C THR C 5 21.83 -11.90 -13.78
N GLN C 6 22.37 -11.73 -12.56
CA GLN C 6 21.75 -10.90 -11.53
C GLN C 6 22.55 -9.64 -11.31
N SER C 7 21.86 -8.54 -11.10
CA SER C 7 22.46 -7.27 -10.81
C SER C 7 21.62 -6.57 -9.75
N PRO C 8 22.25 -5.87 -8.79
CA PRO C 8 23.69 -5.79 -8.56
C PRO C 8 24.15 -7.00 -7.77
N ALA C 9 25.45 -7.27 -7.77
CA ALA C 9 25.97 -8.38 -6.99
C ALA C 9 25.86 -8.10 -5.50
N ILE C 10 26.05 -6.85 -5.11
CA ILE C 10 26.03 -6.42 -3.71
C ILE C 10 25.48 -5.02 -3.69
N MET C 11 24.64 -4.74 -2.68
CA MET C 11 24.07 -3.42 -2.55
C MET C 11 23.67 -3.23 -1.10
N SER C 12 23.64 -1.98 -0.67
CA SER C 12 23.11 -1.69 0.64
C SER C 12 22.03 -0.63 0.45
N ALA C 13 20.99 -0.72 1.26
CA ALA C 13 19.82 0.11 1.07
C ALA C 13 19.46 0.78 2.38
N SER C 14 19.04 2.05 2.28
CA SER C 14 18.65 2.75 3.49
C SER C 14 17.33 2.20 3.99
N PRO C 15 17.14 2.15 5.30
CA PRO C 15 15.82 1.73 5.81
C PRO C 15 14.76 2.65 5.24
N GLY C 16 13.66 2.06 4.77
CA GLY C 16 12.59 2.79 4.16
C GLY C 16 12.71 2.99 2.66
N GLU C 17 13.86 2.71 2.04
CA GLU C 17 13.97 3.01 0.62
C GLU C 17 13.47 1.84 -0.23
N LYS C 18 13.08 2.16 -1.46
CA LYS C 18 12.60 1.16 -2.40
C LYS C 18 13.80 0.41 -2.98
N VAL C 19 13.70 -0.91 -3.05
CA VAL C 19 14.80 -1.76 -3.51
C VAL C 19 14.35 -2.53 -4.74
N THR C 20 15.18 -2.52 -5.78
CA THR C 20 14.95 -3.41 -6.91
C THR C 20 16.20 -4.19 -7.25
N MET C 21 16.03 -5.46 -7.55
CA MET C 21 17.13 -6.24 -8.07
C MET C 21 16.64 -7.01 -9.29
N THR C 22 17.52 -7.18 -10.27
CA THR C 22 17.13 -7.69 -11.57
C THR C 22 17.79 -9.03 -11.85
N CYS C 23 17.14 -9.78 -12.71
CA CYS C 23 17.58 -11.08 -13.18
C CYS C 23 17.35 -11.12 -14.68
N SER C 24 18.40 -11.38 -15.45
CA SER C 24 18.35 -11.38 -16.90
C SER C 24 18.70 -12.77 -17.41
N ALA C 25 17.80 -13.36 -18.19
CA ALA C 25 17.99 -14.71 -18.72
C ALA C 25 18.62 -14.67 -20.12
N SER C 26 19.52 -15.62 -20.40
CA SER C 26 20.23 -15.60 -21.69
C SER C 26 19.29 -15.84 -22.86
N SER C 27 18.18 -16.53 -22.65
CA SER C 27 17.09 -16.52 -23.61
C SER C 27 15.81 -16.67 -22.78
N SER C 28 14.67 -16.60 -23.48
CA SER C 28 13.38 -16.42 -22.83
C SER C 28 13.00 -17.60 -21.94
N ILE C 29 12.36 -17.32 -20.81
CA ILE C 29 11.95 -18.36 -19.89
C ILE C 29 10.49 -18.13 -19.52
N TYR C 30 9.85 -19.19 -19.02
CA TYR C 30 8.43 -19.11 -18.73
C TYR C 30 8.16 -18.50 -17.36
N TYR C 31 9.07 -18.69 -16.42
CA TYR C 31 8.94 -18.22 -15.06
C TYR C 31 10.32 -17.99 -14.47
N ILE C 32 10.38 -17.14 -13.46
CA ILE C 32 11.55 -17.01 -12.62
C ILE C 32 11.09 -17.25 -11.17
N HIS C 33 12.00 -17.78 -10.36
CA HIS C 33 11.75 -18.00 -8.94
C HIS C 33 12.91 -17.41 -8.14
N TRP C 34 12.59 -16.91 -6.95
CA TRP C 34 13.53 -16.22 -6.08
C TRP C 34 13.61 -16.92 -4.73
N TYR C 35 14.83 -17.08 -4.24
CA TYR C 35 15.11 -17.66 -2.93
C TYR C 35 15.87 -16.67 -2.10
N GLN C 36 15.55 -16.65 -0.79
CA GLN C 36 16.29 -15.87 0.18
C GLN C 36 17.20 -16.79 0.98
N GLN C 37 18.44 -16.36 1.19
CA GLN C 37 19.34 -17.10 2.06
C GLN C 37 20.03 -16.15 3.01
N LYS C 38 19.86 -16.38 4.31
CA LYS C 38 20.64 -15.69 5.31
C LYS C 38 21.80 -16.58 5.75
N SER C 39 22.89 -15.95 6.16
CA SER C 39 24.14 -16.65 6.37
C SER C 39 23.94 -17.86 7.28
N GLY C 40 24.50 -19.00 6.88
CA GLY C 40 24.49 -20.18 7.71
C GLY C 40 23.24 -21.04 7.64
N THR C 41 22.29 -20.77 6.73
CA THR C 41 21.14 -21.65 6.60
C THR C 41 20.79 -21.89 5.13
N SER C 42 19.85 -22.79 4.92
CA SER C 42 19.44 -23.17 3.59
C SER C 42 18.66 -22.05 2.91
N PRO C 43 18.76 -21.93 1.60
CA PRO C 43 17.86 -21.02 0.89
C PRO C 43 16.41 -21.44 1.14
N LYS C 44 15.53 -20.44 1.18
CA LYS C 44 14.09 -20.61 1.32
C LYS C 44 13.39 -20.03 0.12
N ARG C 45 12.37 -20.73 -0.35
CA ARG C 45 11.53 -20.19 -1.41
C ARG C 45 10.90 -18.88 -0.97
N TRP C 46 11.02 -17.85 -1.81
CA TRP C 46 10.61 -16.51 -1.41
C TRP C 46 9.52 -16.00 -2.35
N ILE C 47 9.84 -15.78 -3.62
CA ILE C 47 8.87 -15.49 -4.65
C ILE C 47 9.01 -16.58 -5.69
N TYR C 48 7.90 -17.16 -6.12
CA TYR C 48 7.91 -18.22 -7.11
C TYR C 48 6.87 -17.91 -8.17
N ASP C 49 6.98 -18.61 -9.31
CA ASP C 49 6.15 -18.32 -10.48
C ASP C 49 6.16 -16.81 -10.77
N THR C 50 7.34 -16.20 -10.65
CA THR C 50 7.61 -14.82 -11.05
C THR C 50 7.03 -13.78 -10.09
N SER C 51 5.79 -13.98 -9.62
CA SER C 51 5.15 -12.93 -8.85
C SER C 51 4.38 -13.40 -7.63
N LYS C 52 4.34 -14.69 -7.34
CA LYS C 52 3.61 -15.19 -6.18
C LYS C 52 4.53 -15.21 -4.97
N LEU C 53 4.02 -14.79 -3.81
CA LEU C 53 4.79 -14.79 -2.57
C LEU C 53 4.55 -16.08 -1.82
N ALA C 54 5.61 -16.72 -1.36
CA ALA C 54 5.44 -17.83 -0.45
C ALA C 54 4.72 -17.35 0.81
N SER C 55 4.09 -18.30 1.50
CA SER C 55 3.37 -17.99 2.74
C SER C 55 4.29 -17.43 3.81
N GLY C 56 3.93 -16.29 4.36
CA GLY C 56 4.74 -15.65 5.37
C GLY C 56 5.66 -14.57 4.84
N VAL C 57 5.81 -14.46 3.52
CA VAL C 57 6.72 -13.45 2.94
C VAL C 57 6.03 -12.09 3.02
N PRO C 58 6.71 -11.05 3.50
CA PRO C 58 6.05 -9.75 3.62
C PRO C 58 5.53 -9.21 2.29
N ALA C 59 4.39 -8.56 2.36
CA ALA C 59 3.82 -8.02 1.13
C ALA C 59 4.57 -6.81 0.63
N ARG C 60 5.60 -6.35 1.35
CA ARG C 60 6.48 -5.34 0.79
C ARG C 60 7.30 -5.88 -0.39
N PHE C 61 7.35 -7.20 -0.56
CA PHE C 61 8.02 -7.87 -1.67
C PHE C 61 7.10 -8.09 -2.86
N SER C 62 7.64 -7.88 -4.06
CA SER C 62 6.92 -8.26 -5.26
C SER C 62 7.91 -8.67 -6.34
N GLY C 63 7.44 -9.50 -7.25
CA GLY C 63 8.23 -9.89 -8.40
C GLY C 63 7.47 -9.62 -9.68
N SER C 64 8.23 -9.30 -10.73
CA SER C 64 7.60 -9.13 -12.03
C SER C 64 8.61 -9.45 -13.13
N GLY C 65 8.10 -9.50 -14.35
CA GLY C 65 8.93 -9.63 -15.51
C GLY C 65 8.36 -10.61 -16.50
N SER C 66 9.04 -10.78 -17.63
CA SER C 66 8.62 -11.67 -18.70
C SER C 66 9.76 -11.77 -19.68
N GLY C 67 9.69 -12.77 -20.54
CA GLY C 67 10.72 -12.99 -21.53
C GLY C 67 12.07 -13.29 -20.89
N THR C 68 13.01 -12.36 -21.03
CA THR C 68 14.37 -12.49 -20.49
C THR C 68 14.64 -11.57 -19.31
N SER C 69 13.67 -10.77 -18.86
CA SER C 69 13.93 -9.73 -17.87
C SER C 69 12.95 -9.84 -16.70
N TYR C 70 13.49 -9.90 -15.49
CA TYR C 70 12.70 -10.05 -14.28
C TYR C 70 13.32 -9.20 -13.20
N SER C 71 12.52 -8.91 -12.18
CA SER C 71 13.04 -8.19 -11.04
C SER C 71 12.27 -8.55 -9.78
N LEU C 72 12.95 -8.37 -8.65
CA LEU C 72 12.38 -8.49 -7.32
C LEU C 72 12.46 -7.11 -6.68
N THR C 73 11.36 -6.71 -6.04
CA THR C 73 11.23 -5.36 -5.49
C THR C 73 10.81 -5.38 -4.03
N ILE C 74 11.44 -4.52 -3.24
CA ILE C 74 11.02 -4.23 -1.88
C ILE C 74 10.56 -2.77 -1.84
N SER C 75 9.28 -2.57 -1.50
CA SER C 75 8.71 -1.23 -1.51
C SER C 75 9.37 -0.34 -0.47
N SER C 76 9.75 -0.91 0.68
CA SER C 76 10.37 -0.13 1.75
C SER C 76 11.31 -1.05 2.52
N MET C 77 12.61 -0.80 2.44
CA MET C 77 13.60 -1.67 3.06
C MET C 77 13.43 -1.79 4.57
N GLU C 78 13.43 -3.03 5.06
CA GLU C 78 13.51 -3.33 6.49
C GLU C 78 14.79 -4.10 6.79
N ALA C 79 15.27 -3.98 8.04
CA ALA C 79 16.51 -4.63 8.44
C ALA C 79 16.43 -6.14 8.27
N GLU C 80 15.26 -6.71 8.55
CA GLU C 80 15.05 -8.15 8.36
C GLU C 80 15.24 -8.58 6.92
N ASP C 81 15.17 -7.65 5.94
CA ASP C 81 15.27 -8.02 4.53
C ASP C 81 16.70 -8.31 4.10
N ALA C 82 17.70 -7.87 4.87
CA ALA C 82 19.08 -8.07 4.47
C ALA C 82 19.39 -9.56 4.42
N ALA C 83 19.91 -10.02 3.28
CA ALA C 83 20.07 -11.44 2.97
C ALA C 83 20.62 -11.51 1.56
N THR C 84 20.93 -12.70 1.06
CA THR C 84 21.26 -12.87 -0.35
C THR C 84 20.06 -13.48 -1.06
N TYR C 85 19.70 -12.92 -2.20
CA TYR C 85 18.56 -13.34 -3.01
C TYR C 85 19.10 -13.93 -4.31
N TYR C 86 18.69 -15.15 -4.62
CA TYR C 86 19.07 -15.83 -5.85
C TYR C 86 17.82 -15.98 -6.71
N CYS C 87 17.93 -15.70 -8.00
CA CYS C 87 16.87 -16.07 -8.91
C CYS C 87 17.22 -17.44 -9.51
N GLN C 88 16.24 -18.08 -10.15
CA GLN C 88 16.35 -19.50 -10.51
C GLN C 88 15.38 -19.79 -11.64
N GLN C 89 15.80 -20.63 -12.60
CA GLN C 89 14.94 -21.05 -13.70
C GLN C 89 15.06 -22.54 -13.89
N TRP C 90 13.98 -23.14 -14.40
CA TRP C 90 13.98 -24.51 -14.91
C TRP C 90 13.02 -24.58 -16.10
N SER C 91 13.17 -23.63 -17.02
CA SER C 91 12.60 -23.70 -18.34
C SER C 91 13.46 -24.51 -19.29
N SER C 92 14.74 -24.69 -18.97
CA SER C 92 15.62 -25.54 -19.75
C SER C 92 16.59 -26.27 -18.81
N ASN C 93 17.07 -27.43 -19.26
CA ASN C 93 18.15 -28.12 -18.55
C ASN C 93 19.51 -27.55 -18.96
N PRO C 94 20.43 -27.38 -18.00
CA PRO C 94 20.23 -27.65 -16.58
C PRO C 94 19.46 -26.55 -15.86
N PHE C 95 18.72 -26.96 -14.85
CA PHE C 95 18.25 -26.09 -13.77
C PHE C 95 19.40 -25.17 -13.34
N THR C 96 19.17 -23.84 -13.35
CA THR C 96 20.25 -22.92 -12.98
C THR C 96 19.74 -21.83 -12.06
N PHE C 97 20.68 -21.28 -11.28
CA PHE C 97 20.51 -20.14 -10.40
C PHE C 97 21.28 -18.96 -10.95
N GLY C 98 20.85 -17.74 -10.58
CA GLY C 98 21.72 -16.60 -10.73
C GLY C 98 22.74 -16.60 -9.61
N SER C 99 23.74 -15.72 -9.74
CA SER C 99 24.82 -15.65 -8.75
C SER C 99 24.43 -14.85 -7.52
N GLY C 100 23.27 -14.22 -7.51
CA GLY C 100 22.81 -13.70 -6.23
C GLY C 100 23.02 -12.22 -6.10
N THR C 101 22.09 -11.57 -5.39
CA THR C 101 22.27 -10.18 -4.97
C THR C 101 22.37 -10.18 -3.46
N LYS C 102 23.50 -9.73 -2.93
CA LYS C 102 23.68 -9.63 -1.49
C LYS C 102 23.19 -8.25 -1.08
N LEU C 103 22.13 -8.23 -0.31
CA LEU C 103 21.47 -7.00 0.10
C LEU C 103 21.80 -6.76 1.57
N GLU C 104 22.45 -5.64 1.86
CA GLU C 104 22.76 -5.25 3.23
C GLU C 104 21.98 -3.98 3.61
N ILE C 105 21.91 -3.71 4.92
CA ILE C 105 21.15 -2.57 5.45
C ILE C 105 22.10 -1.45 5.82
N LYS C 106 21.78 -0.25 5.35
CA LYS C 106 22.54 0.94 5.69
C LYS C 106 22.10 1.45 7.07
N ARG C 107 23.05 2.02 7.82
CA ARG C 107 22.83 2.64 9.12
C ARG C 107 23.74 3.85 9.19
N THR C 108 23.68 4.57 10.31
CA THR C 108 24.53 5.73 10.45
C THR C 108 25.99 5.31 10.58
N VAL C 109 26.87 6.20 10.12
CA VAL C 109 28.31 5.96 10.21
C VAL C 109 28.71 5.78 11.67
N ALA C 110 29.59 4.82 11.93
CA ALA C 110 30.10 4.65 13.27
C ALA C 110 31.57 4.27 13.21
N ALA C 111 32.38 4.98 13.94
CA ALA C 111 33.80 4.72 13.95
C ALA C 111 34.07 3.45 14.74
N PRO C 112 35.10 2.70 14.36
CA PRO C 112 35.50 1.53 15.14
C PRO C 112 36.17 1.95 16.44
N SER C 113 36.01 1.10 17.45
CA SER C 113 36.89 1.07 18.60
C SER C 113 38.02 0.12 18.28
N VAL C 114 39.26 0.59 18.43
CA VAL C 114 40.44 -0.16 18.03
C VAL C 114 41.13 -0.75 19.25
N PHE C 115 41.50 -2.03 19.17
CA PHE C 115 42.25 -2.71 20.22
C PHE C 115 43.41 -3.48 19.60
N ILE C 116 44.56 -3.50 20.26
CA ILE C 116 45.73 -4.21 19.78
C ILE C 116 46.13 -5.21 20.86
N PHE C 117 46.54 -6.41 20.44
CA PHE C 117 46.83 -7.52 21.35
C PHE C 117 48.22 -8.03 21.03
N PRO C 118 49.15 -8.06 21.98
CA PRO C 118 50.47 -8.64 21.73
C PRO C 118 50.39 -10.15 21.64
N PRO C 119 51.40 -10.80 21.08
CA PRO C 119 51.42 -12.27 21.11
C PRO C 119 51.58 -12.76 22.54
N SER C 120 50.96 -13.90 22.81
CA SER C 120 51.14 -14.57 24.09
C SER C 120 52.53 -15.20 24.21
N ASP C 121 52.98 -15.36 25.46
CA ASP C 121 54.22 -16.09 25.69
C ASP C 121 54.10 -17.55 25.30
N GLU C 122 52.92 -18.16 25.47
CA GLU C 122 52.75 -19.54 25.01
C GLU C 122 53.02 -19.66 23.52
N GLN C 123 52.56 -18.69 22.73
CA GLN C 123 52.79 -18.80 21.29
C GLN C 123 54.24 -18.55 20.93
N LEU C 124 54.89 -17.55 21.55
CA LEU C 124 56.27 -17.27 21.22
C LEU C 124 57.17 -18.47 21.45
N LYS C 125 56.89 -19.23 22.52
CA LYS C 125 57.68 -20.42 22.81
C LYS C 125 57.71 -21.37 21.63
N SER C 126 56.65 -21.36 20.82
CA SER C 126 56.59 -22.23 19.66
C SER C 126 57.34 -21.66 18.47
N GLY C 127 57.75 -20.39 18.50
CA GLY C 127 58.56 -19.79 17.44
C GLY C 127 57.87 -18.77 16.56
N THR C 128 56.57 -18.55 16.73
CA THR C 128 55.82 -17.62 15.89
C THR C 128 55.06 -16.61 16.75
N ALA C 129 54.92 -15.40 16.23
CA ALA C 129 54.28 -14.28 16.91
C ALA C 129 53.13 -13.74 16.07
N SER C 130 51.89 -13.84 16.58
CA SER C 130 50.72 -13.22 15.96
C SER C 130 50.32 -11.98 16.74
N VAL C 131 50.32 -10.84 16.05
CA VAL C 131 49.82 -9.58 16.58
C VAL C 131 48.47 -9.28 15.95
N VAL C 132 47.45 -9.04 16.79
CA VAL C 132 46.08 -8.91 16.32
C VAL C 132 45.60 -7.51 16.62
N CYS C 133 45.03 -6.86 15.63
CA CYS C 133 44.39 -5.55 15.79
C CYS C 133 42.91 -5.73 15.55
N LEU C 134 42.06 -5.21 16.45
CA LEU C 134 40.61 -5.40 16.39
C LEU C 134 39.92 -4.07 16.14
N LEU C 135 39.07 -4.04 15.11
CA LEU C 135 38.21 -2.89 14.81
C LEU C 135 36.80 -3.36 15.13
N ASN C 136 36.16 -2.73 16.12
CA ASN C 136 34.92 -3.25 16.66
C ASN C 136 33.74 -2.35 16.34
N ASN C 137 32.66 -2.96 15.83
CA ASN C 137 31.33 -2.34 15.68
C ASN C 137 31.37 -1.04 14.91
N PHE C 138 31.80 -1.11 13.67
CA PHE C 138 31.85 0.09 12.85
C PHE C 138 30.89 -0.07 11.67
N TYR C 139 30.63 1.07 11.00
CA TYR C 139 29.85 1.14 9.77
C TYR C 139 30.27 2.40 9.05
N PRO C 140 30.49 2.38 7.72
CA PRO C 140 30.36 1.28 6.76
C PRO C 140 31.52 0.30 6.80
N ARG C 141 31.45 -0.78 6.01
CA ARG C 141 32.42 -1.86 6.08
C ARG C 141 33.84 -1.44 5.69
N GLU C 142 33.99 -0.49 4.76
CA GLU C 142 35.31 -0.11 4.27
C GLU C 142 36.18 0.48 5.37
N ALA C 143 37.40 -0.05 5.52
CA ALA C 143 38.32 0.44 6.52
C ALA C 143 39.73 0.04 6.12
N LYS C 144 40.70 0.89 6.45
CA LYS C 144 42.09 0.61 6.15
C LYS C 144 42.87 0.40 7.45
N VAL C 145 43.62 -0.69 7.51
CA VAL C 145 44.45 -1.04 8.66
C VAL C 145 45.89 -1.12 8.18
N GLN C 146 46.78 -0.33 8.77
CA GLN C 146 48.20 -0.36 8.45
C GLN C 146 49.00 -0.72 9.70
N TRP C 147 49.81 -1.76 9.59
CA TRP C 147 50.73 -2.15 10.64
C TRP C 147 52.06 -1.41 10.51
N LYS C 148 52.59 -0.95 11.65
CA LYS C 148 53.90 -0.34 11.72
C LYS C 148 54.71 -0.98 12.84
N VAL C 149 55.92 -1.42 12.52
CA VAL C 149 56.81 -2.03 13.51
C VAL C 149 58.06 -1.16 13.59
N ASP C 150 58.28 -0.53 14.74
CA ASP C 150 59.29 0.52 14.90
C ASP C 150 59.26 1.49 13.72
N ASN C 151 58.04 1.89 13.36
CA ASN C 151 57.67 2.84 12.31
C ASN C 151 57.93 2.35 10.90
N ALA C 152 58.30 1.10 10.73
CA ALA C 152 58.46 0.53 9.39
C ALA C 152 57.12 -0.07 8.97
N LEU C 153 56.54 0.45 7.91
CA LEU C 153 55.27 -0.08 7.40
C LEU C 153 55.42 -1.53 6.94
N GLN C 154 54.50 -2.37 7.37
CA GLN C 154 54.50 -3.78 6.97
C GLN C 154 53.66 -3.97 5.71
N SER C 155 53.93 -5.07 5.00
CA SER C 155 53.10 -5.48 3.88
C SER C 155 53.35 -6.94 3.58
N GLY C 156 52.31 -7.65 3.19
CA GLY C 156 52.44 -9.04 2.83
C GLY C 156 52.47 -10.00 3.98
N ASN C 157 52.51 -9.51 5.22
CA ASN C 157 52.55 -10.39 6.38
C ASN C 157 51.31 -10.22 7.27
N SER C 158 50.18 -9.75 6.71
CA SER C 158 48.96 -9.59 7.50
C SER C 158 47.75 -10.11 6.73
N GLN C 159 46.76 -10.58 7.48
CA GLN C 159 45.48 -11.01 6.93
C GLN C 159 44.34 -10.41 7.75
N GLU C 160 43.28 -10.05 7.03
CA GLU C 160 42.06 -9.49 7.59
C GLU C 160 40.91 -10.48 7.51
N SER C 161 40.02 -10.35 8.47
CA SER C 161 38.77 -11.10 8.51
C SER C 161 37.71 -10.12 8.97
N VAL C 162 36.52 -10.21 8.38
CA VAL C 162 35.43 -9.28 8.64
C VAL C 162 34.18 -10.07 8.98
N THR C 163 33.47 -9.63 10.01
CA THR C 163 32.21 -10.29 10.32
C THR C 163 31.15 -9.88 9.33
N GLU C 164 30.06 -10.64 9.34
CA GLU C 164 28.83 -10.21 8.72
C GLU C 164 28.20 -9.09 9.54
N GLN C 165 27.27 -8.36 8.92
CA GLN C 165 26.52 -7.34 9.64
C GLN C 165 25.83 -7.92 10.86
N ASP C 166 25.99 -7.24 11.99
CA ASP C 166 25.32 -7.64 13.22
C ASP C 166 23.81 -7.53 13.03
N SER C 167 23.08 -8.51 13.56
CA SER C 167 21.63 -8.51 13.34
C SER C 167 20.94 -7.39 14.11
N LYS C 168 21.51 -7.01 15.26
CA LYS C 168 20.92 -6.03 16.18
C LYS C 168 21.32 -4.59 15.87
N ASP C 169 22.62 -4.30 15.69
CA ASP C 169 23.03 -2.92 15.46
C ASP C 169 23.57 -2.66 14.06
N SER C 170 23.62 -3.67 13.19
CA SER C 170 23.97 -3.54 11.78
C SER C 170 25.42 -3.07 11.55
N THR C 171 26.32 -3.25 12.53
CA THR C 171 27.72 -2.88 12.37
C THR C 171 28.55 -4.07 11.91
N TYR C 172 29.80 -3.78 11.55
CA TYR C 172 30.80 -4.80 11.26
C TYR C 172 31.90 -4.78 12.31
N SER C 173 32.57 -5.92 12.45
CA SER C 173 33.82 -5.96 13.17
C SER C 173 34.89 -6.60 12.26
N LEU C 174 36.14 -6.20 12.48
CA LEU C 174 37.25 -6.63 11.63
C LEU C 174 38.48 -6.95 12.48
N SER C 175 39.18 -8.02 12.12
CA SER C 175 40.46 -8.34 12.74
C SER C 175 41.55 -8.26 11.67
N SER C 176 42.69 -7.69 12.04
CA SER C 176 43.87 -7.75 11.18
C SER C 176 44.96 -8.45 12.00
N THR C 177 45.53 -9.52 11.44
CA THR C 177 46.53 -10.32 12.14
C THR C 177 47.87 -10.20 11.41
N LEU C 178 48.83 -9.59 12.09
CA LEU C 178 50.20 -9.46 11.61
C LEU C 178 50.97 -10.64 12.19
N THR C 179 51.55 -11.46 11.33
CA THR C 179 52.24 -12.65 11.81
C THR C 179 53.73 -12.54 11.50
N LEU C 180 54.55 -12.81 12.50
CA LEU C 180 56.01 -12.71 12.41
C LEU C 180 56.63 -13.95 13.03
N SER C 181 57.85 -14.25 12.61
CA SER C 181 58.66 -15.20 13.35
C SER C 181 58.99 -14.63 14.73
N LYS C 182 59.17 -15.53 15.70
CA LYS C 182 59.72 -15.13 17.00
C LYS C 182 61.01 -14.32 16.84
N ALA C 183 61.84 -14.71 15.87
CA ALA C 183 63.11 -14.03 15.60
C ALA C 183 62.90 -12.56 15.27
N ASP C 184 62.10 -12.27 14.25
CA ASP C 184 61.88 -10.88 13.88
C ASP C 184 61.10 -10.13 14.95
N TYR C 185 60.20 -10.81 15.65
CA TYR C 185 59.35 -10.12 16.63
C TYR C 185 60.17 -9.52 17.77
N GLU C 186 61.13 -10.29 18.30
CA GLU C 186 61.97 -9.87 19.41
C GLU C 186 63.07 -8.88 19.00
N LYS C 187 63.16 -8.49 17.74
CA LYS C 187 64.09 -7.46 17.38
C LYS C 187 63.52 -6.05 17.55
N HIS C 188 62.22 -5.90 17.71
CA HIS C 188 61.64 -4.56 17.67
C HIS C 188 60.83 -4.26 18.92
N LYS C 189 60.53 -2.98 19.11
CA LYS C 189 59.89 -2.53 20.35
C LYS C 189 58.45 -2.10 20.16
N VAL C 190 58.18 -1.20 19.20
CA VAL C 190 56.89 -0.54 19.04
C VAL C 190 56.11 -1.24 17.93
N TYR C 191 54.98 -1.87 18.31
CA TYR C 191 54.06 -2.52 17.39
C TYR C 191 52.78 -1.69 17.35
N ALA C 192 52.43 -1.17 16.17
CA ALA C 192 51.34 -0.24 16.04
C ALA C 192 50.37 -0.64 14.93
N CYS C 193 49.08 -0.44 15.23
CA CYS C 193 47.97 -0.62 14.31
C CYS C 193 47.35 0.74 14.05
N GLU C 194 47.36 1.20 12.80
CA GLU C 194 46.81 2.51 12.42
C GLU C 194 45.56 2.34 11.55
N VAL C 195 44.45 2.95 11.96
CA VAL C 195 43.15 2.70 11.34
C VAL C 195 42.62 3.96 10.67
N THR C 196 42.22 3.82 9.42
CA THR C 196 41.55 4.88 8.68
C THR C 196 40.13 4.42 8.41
N HIS C 197 39.16 5.29 8.74
CA HIS C 197 37.75 4.97 8.56
C HIS C 197 36.95 6.25 8.44
N GLN C 198 35.87 6.16 7.66
CA GLN C 198 35.04 7.33 7.40
C GLN C 198 34.53 7.98 8.68
N GLY C 199 34.29 7.18 9.71
CA GLY C 199 33.82 7.77 10.94
C GLY C 199 34.89 8.38 11.83
N LEU C 200 36.15 8.32 11.42
CA LEU C 200 37.20 8.99 12.16
C LEU C 200 37.74 10.13 11.31
N SER C 201 37.79 11.34 11.88
CA SER C 201 38.33 12.49 11.16
C SER C 201 39.83 12.34 10.96
N SER C 202 40.52 11.77 11.94
CA SER C 202 41.94 11.52 11.83
C SER C 202 42.19 10.05 12.12
N PRO C 203 43.20 9.45 11.49
CA PRO C 203 43.52 8.05 11.77
C PRO C 203 43.83 7.82 13.23
N VAL C 204 43.38 6.67 13.74
CA VAL C 204 43.65 6.22 15.09
C VAL C 204 44.78 5.20 15.06
N THR C 205 45.69 5.30 16.03
CA THR C 205 46.79 4.35 16.18
C THR C 205 46.74 3.77 17.57
N LYS C 206 46.84 2.45 17.66
CA LYS C 206 46.98 1.74 18.92
C LYS C 206 48.32 1.01 18.92
N SER C 207 49.02 1.06 20.05
CA SER C 207 50.38 0.56 20.16
C SER C 207 50.60 -0.15 21.47
N PHE C 208 51.61 -1.02 21.46
CA PHE C 208 52.18 -1.54 22.67
C PHE C 208 53.68 -1.64 22.45
N ASN C 209 54.42 -1.62 23.55
CA ASN C 209 55.85 -1.88 23.57
C ASN C 209 56.09 -3.31 23.98
N ARG C 210 56.89 -4.03 23.20
CA ARG C 210 57.12 -5.44 23.48
C ARG C 210 57.63 -5.69 24.90
N GLY C 211 56.99 -6.65 25.57
CA GLY C 211 57.28 -7.14 26.90
C GLY C 211 56.89 -6.24 28.04
N GLU C 212 56.13 -5.19 27.77
CA GLU C 212 55.58 -4.33 28.82
C GLU C 212 54.10 -4.66 28.99
N CYS C 213 53.70 -4.97 30.22
CA CYS C 213 52.28 -5.20 30.51
C CYS C 213 51.55 -3.88 30.75
N GLN D 1 17.29 -2.64 -34.27
CA GLN D 1 16.60 -1.54 -33.55
C GLN D 1 15.45 -2.01 -32.63
N ILE D 2 15.41 -1.44 -31.43
CA ILE D 2 14.48 -1.87 -30.39
C ILE D 2 13.03 -1.74 -30.86
N VAL D 3 12.32 -2.87 -30.99
CA VAL D 3 10.90 -2.76 -31.28
C VAL D 3 10.18 -2.92 -29.95
N LEU D 4 9.14 -2.15 -29.77
CA LEU D 4 8.42 -2.10 -28.51
C LEU D 4 7.05 -2.69 -28.80
N THR D 5 6.78 -3.85 -28.19
CA THR D 5 5.53 -4.56 -28.41
C THR D 5 4.60 -4.28 -27.23
N GLN D 6 3.45 -3.70 -27.51
CA GLN D 6 2.50 -3.29 -26.48
C GLN D 6 1.30 -4.22 -26.48
N SER D 7 0.87 -4.60 -25.28
CA SER D 7 -0.24 -5.49 -25.10
C SER D 7 -1.07 -5.00 -23.91
N PRO D 8 -2.41 -5.06 -23.99
CA PRO D 8 -3.15 -5.44 -25.20
C PRO D 8 -3.27 -4.25 -26.14
N ALA D 9 -3.53 -4.50 -27.42
CA ALA D 9 -3.65 -3.37 -28.36
C ALA D 9 -4.88 -2.51 -28.05
N ILE D 10 -5.96 -3.12 -27.58
CA ILE D 10 -7.17 -2.38 -27.25
C ILE D 10 -7.82 -3.08 -26.07
N MET D 11 -8.37 -2.30 -25.15
CA MET D 11 -8.97 -2.85 -23.96
C MET D 11 -9.97 -1.86 -23.43
N SER D 12 -10.93 -2.35 -22.66
CA SER D 12 -11.86 -1.45 -21.98
C SER D 12 -11.96 -1.86 -20.53
N ALA D 13 -12.12 -0.87 -19.67
CA ALA D 13 -12.17 -1.07 -18.23
C ALA D 13 -13.23 -0.16 -17.66
N SER D 14 -13.99 -0.66 -16.68
CA SER D 14 -15.00 0.16 -16.03
C SER D 14 -14.33 1.15 -15.09
N PRO D 15 -14.92 2.33 -14.90
CA PRO D 15 -14.34 3.31 -13.98
C PRO D 15 -14.10 2.68 -12.61
N GLY D 16 -12.93 2.95 -12.05
CA GLY D 16 -12.58 2.40 -10.77
C GLY D 16 -11.83 1.06 -10.79
N GLU D 17 -11.77 0.39 -11.93
CA GLU D 17 -11.09 -0.89 -11.93
C GLU D 17 -9.58 -0.71 -12.27
N LYS D 18 -8.80 -1.71 -11.87
CA LYS D 18 -7.37 -1.75 -12.09
C LYS D 18 -7.01 -2.12 -13.53
N VAL D 19 -6.06 -1.39 -14.10
CA VAL D 19 -5.65 -1.56 -15.49
C VAL D 19 -4.14 -1.83 -15.53
N THR D 20 -3.74 -2.85 -16.29
CA THR D 20 -2.33 -3.10 -16.59
C THR D 20 -2.13 -3.22 -18.09
N MET D 21 -1.07 -2.59 -18.57
CA MET D 21 -0.65 -2.74 -19.95
C MET D 21 0.86 -2.93 -19.95
N THR D 22 1.35 -3.70 -20.91
CA THR D 22 2.76 -4.08 -20.89
C THR D 22 3.46 -3.55 -22.14
N CYS D 23 4.77 -3.36 -22.00
CA CYS D 23 5.64 -2.93 -23.09
C CYS D 23 6.88 -3.82 -23.02
N SER D 24 7.12 -4.57 -24.08
CA SER D 24 8.20 -5.53 -24.15
C SER D 24 9.17 -5.09 -25.23
N ALA D 25 10.44 -4.93 -24.86
CA ALA D 25 11.48 -4.44 -25.77
C ALA D 25 12.21 -5.63 -26.41
N SER D 26 12.52 -5.49 -27.69
CA SER D 26 13.18 -6.60 -28.37
C SER D 26 14.60 -6.83 -27.84
N SER D 27 15.23 -5.80 -27.28
CA SER D 27 16.46 -5.98 -26.53
C SER D 27 16.46 -4.98 -25.39
N SER D 28 17.42 -5.16 -24.49
CA SER D 28 17.38 -4.42 -23.23
C SER D 28 17.59 -2.94 -23.48
N ILE D 29 16.91 -2.12 -22.69
CA ILE D 29 17.02 -0.67 -22.74
C ILE D 29 17.19 -0.20 -21.31
N TYR D 30 17.67 1.04 -21.17
CA TYR D 30 17.93 1.56 -19.84
C TYR D 30 16.66 2.12 -19.21
N TYR D 31 15.75 2.64 -20.04
CA TYR D 31 14.54 3.29 -19.57
C TYR D 31 13.45 3.06 -20.59
N ILE D 32 12.19 3.10 -20.14
CA ILE D 32 11.03 3.17 -21.02
C ILE D 32 10.30 4.45 -20.64
N HIS D 33 9.68 5.08 -21.62
CA HIS D 33 8.90 6.29 -21.41
C HIS D 33 7.53 6.08 -22.04
N TRP D 34 6.52 6.71 -21.45
CA TRP D 34 5.13 6.52 -21.81
C TRP D 34 4.49 7.87 -22.13
N TYR D 35 3.69 7.90 -23.21
CA TYR D 35 2.94 9.08 -23.61
C TYR D 35 1.46 8.73 -23.67
N GLN D 36 0.63 9.69 -23.25
CA GLN D 36 -0.82 9.60 -23.37
C GLN D 36 -1.27 10.50 -24.51
N GLN D 37 -2.12 9.98 -25.37
CA GLN D 37 -2.68 10.76 -26.47
C GLN D 37 -4.17 10.52 -26.55
N LYS D 38 -4.93 11.58 -26.47
CA LYS D 38 -6.35 11.49 -26.72
C LYS D 38 -6.57 11.95 -28.15
N SER D 39 -7.61 11.41 -28.78
CA SER D 39 -7.82 11.59 -30.22
C SER D 39 -7.77 13.06 -30.61
N GLY D 40 -7.00 13.35 -31.65
CA GLY D 40 -6.94 14.66 -32.28
C GLY D 40 -6.02 15.66 -31.62
N THR D 41 -5.22 15.27 -30.64
CA THR D 41 -4.29 16.20 -29.99
C THR D 41 -2.91 15.56 -29.82
N SER D 42 -1.97 16.39 -29.37
CA SER D 42 -0.59 15.97 -29.20
C SER D 42 -0.46 14.99 -28.04
N PRO D 43 0.46 14.03 -28.16
CA PRO D 43 0.80 13.20 -27.00
C PRO D 43 1.31 14.07 -25.85
N LYS D 44 1.10 13.58 -24.64
CA LYS D 44 1.63 14.22 -23.44
C LYS D 44 2.59 13.25 -22.77
N ARG D 45 3.72 13.76 -22.31
CA ARG D 45 4.58 12.94 -21.49
C ARG D 45 3.81 12.48 -20.26
N TRP D 46 3.85 11.18 -19.99
CA TRP D 46 2.99 10.61 -18.95
C TRP D 46 3.80 9.95 -17.84
N ILE D 47 4.51 8.88 -18.14
CA ILE D 47 5.47 8.28 -17.23
C ILE D 47 6.81 8.30 -17.94
N TYR D 48 7.85 8.72 -17.22
CA TYR D 48 9.17 8.81 -17.84
C TYR D 48 10.17 8.16 -16.92
N ASP D 49 11.33 7.82 -17.48
CA ASP D 49 12.34 7.07 -16.77
C ASP D 49 11.73 5.86 -16.07
N THR D 50 10.82 5.17 -16.78
CA THR D 50 10.23 3.90 -16.38
C THR D 50 9.18 4.03 -15.27
N SER D 51 9.44 4.85 -14.25
CA SER D 51 8.56 4.90 -13.09
C SER D 51 8.25 6.28 -12.56
N LYS D 52 8.74 7.36 -13.19
CA LYS D 52 8.47 8.71 -12.72
C LYS D 52 7.23 9.30 -13.40
N LEU D 53 6.43 10.00 -12.61
CA LEU D 53 5.23 10.63 -13.13
C LEU D 53 5.57 12.01 -13.64
N ALA D 54 5.14 12.31 -14.86
CA ALA D 54 5.25 13.65 -15.39
C ALA D 54 4.47 14.60 -14.49
N SER D 55 4.81 15.89 -14.57
CA SER D 55 4.08 16.85 -13.78
C SER D 55 2.62 16.84 -14.20
N GLY D 56 1.72 16.67 -13.23
CA GLY D 56 0.29 16.63 -13.45
C GLY D 56 -0.35 15.26 -13.49
N VAL D 57 0.42 14.19 -13.60
CA VAL D 57 -0.21 12.87 -13.75
C VAL D 57 -0.62 12.36 -12.37
N PRO D 58 -1.88 11.98 -12.15
CA PRO D 58 -2.29 11.48 -10.83
C PRO D 58 -1.50 10.21 -10.50
N ALA D 59 -1.25 10.01 -9.21
CA ALA D 59 -0.52 8.87 -8.68
C ALA D 59 -1.33 7.58 -8.75
N ARG D 60 -2.52 7.59 -9.34
CA ARG D 60 -3.10 6.29 -9.65
C ARG D 60 -2.34 5.60 -10.78
N PHE D 61 -1.48 6.34 -11.49
CA PHE D 61 -0.63 5.77 -12.52
C PHE D 61 0.68 5.33 -11.88
N SER D 62 1.19 4.20 -12.33
CA SER D 62 2.53 3.81 -11.93
C SER D 62 3.18 3.07 -13.11
N GLY D 63 4.49 3.16 -13.18
CA GLY D 63 5.25 2.42 -14.16
C GLY D 63 6.34 1.65 -13.45
N SER D 64 6.64 0.47 -13.98
CA SER D 64 7.73 -0.32 -13.44
C SER D 64 8.27 -1.22 -14.55
N GLY D 65 9.35 -1.91 -14.22
CA GLY D 65 9.98 -2.88 -15.07
C GLY D 65 11.46 -2.60 -15.17
N SER D 66 12.14 -3.45 -15.94
CA SER D 66 13.56 -3.27 -16.18
C SER D 66 13.93 -4.16 -17.35
N GLY D 67 15.12 -3.91 -17.93
CA GLY D 67 15.61 -4.71 -19.04
C GLY D 67 14.73 -4.60 -20.27
N THR D 68 14.02 -5.68 -20.59
CA THR D 68 13.12 -5.73 -21.73
C THR D 68 11.64 -5.73 -21.33
N SER D 69 11.32 -5.67 -20.04
CA SER D 69 9.95 -5.92 -19.61
C SER D 69 9.45 -4.77 -18.76
N TYR D 70 8.39 -4.10 -19.23
CA TYR D 70 7.87 -2.92 -18.57
C TYR D 70 6.35 -2.96 -18.59
N SER D 71 5.76 -2.22 -17.67
CA SER D 71 4.31 -2.15 -17.59
C SER D 71 3.92 -0.77 -17.07
N LEU D 72 2.68 -0.38 -17.41
CA LEU D 72 2.02 0.80 -16.87
C LEU D 72 0.78 0.32 -16.17
N THR D 73 0.53 0.82 -14.97
CA THR D 73 -0.62 0.36 -14.19
C THR D 73 -1.45 1.56 -13.75
N ILE D 74 -2.77 1.42 -13.85
CA ILE D 74 -3.70 2.37 -13.26
C ILE D 74 -4.38 1.65 -12.10
N SER D 75 -4.21 2.17 -10.87
CA SER D 75 -4.76 1.49 -9.70
C SER D 75 -6.28 1.49 -9.73
N SER D 76 -6.89 2.55 -10.26
CA SER D 76 -8.34 2.68 -10.32
C SER D 76 -8.67 3.53 -11.56
N MET D 77 -9.32 2.92 -12.53
CA MET D 77 -9.67 3.58 -13.78
C MET D 77 -10.60 4.77 -13.52
N GLU D 78 -10.28 5.90 -14.14
CA GLU D 78 -11.17 7.04 -14.19
C GLU D 78 -11.57 7.27 -15.64
N ALA D 79 -12.72 7.96 -15.82
CA ALA D 79 -13.25 8.17 -17.18
C ALA D 79 -12.26 8.92 -18.06
N GLU D 80 -11.58 9.92 -17.50
CA GLU D 80 -10.59 10.69 -18.25
C GLU D 80 -9.35 9.88 -18.63
N ASP D 81 -9.13 8.70 -18.08
CA ASP D 81 -7.99 7.88 -18.49
C ASP D 81 -8.16 7.29 -19.88
N ALA D 82 -9.36 7.35 -20.47
CA ALA D 82 -9.59 6.79 -21.79
C ALA D 82 -8.70 7.50 -22.82
N ALA D 83 -7.89 6.71 -23.55
CA ALA D 83 -6.81 7.27 -24.37
C ALA D 83 -5.99 6.18 -25.05
N THR D 84 -5.02 6.58 -25.87
CA THR D 84 -4.00 5.68 -26.39
C THR D 84 -2.67 5.96 -25.68
N TYR D 85 -2.02 4.89 -25.21
CA TYR D 85 -0.77 4.97 -24.45
C TYR D 85 0.35 4.37 -25.29
N TYR D 86 1.39 5.16 -25.56
CA TYR D 86 2.53 4.69 -26.34
C TYR D 86 3.75 4.62 -25.45
N CYS D 87 4.46 3.50 -25.48
CA CYS D 87 5.72 3.47 -24.79
C CYS D 87 6.83 3.86 -25.78
N GLN D 88 8.01 4.14 -25.25
CA GLN D 88 9.02 4.78 -26.08
C GLN D 88 10.41 4.62 -25.48
N GLN D 89 11.42 4.48 -26.36
CA GLN D 89 12.80 4.33 -25.93
C GLN D 89 13.73 5.17 -26.79
N TRP D 90 14.86 5.58 -26.20
CA TRP D 90 15.98 6.11 -27.00
C TRP D 90 17.29 5.76 -26.30
N SER D 91 17.43 4.49 -25.92
CA SER D 91 18.68 3.91 -25.47
C SER D 91 19.55 3.50 -26.66
N SER D 92 18.92 3.33 -27.82
CA SER D 92 19.58 2.99 -29.07
C SER D 92 18.97 3.83 -30.19
N ASN D 93 19.80 4.16 -31.21
CA ASN D 93 19.29 4.70 -32.46
C ASN D 93 18.82 3.55 -33.36
N PRO D 94 17.66 3.69 -34.02
CA PRO D 94 16.76 4.84 -33.88
C PRO D 94 15.88 4.85 -32.63
N PHE D 95 15.61 6.06 -32.16
CA PHE D 95 14.46 6.36 -31.32
C PHE D 95 13.23 5.62 -31.87
N THR D 96 12.52 4.89 -31.00
CA THR D 96 11.34 4.14 -31.42
C THR D 96 10.20 4.32 -30.42
N PHE D 97 8.98 4.13 -30.92
CA PHE D 97 7.73 4.05 -30.18
C PHE D 97 7.19 2.62 -30.24
N GLY D 98 6.34 2.29 -29.25
CA GLY D 98 5.51 1.10 -29.31
C GLY D 98 4.23 1.29 -30.12
N SER D 99 3.55 0.17 -30.38
CA SER D 99 2.37 0.14 -31.22
C SER D 99 1.13 0.68 -30.54
N GLY D 100 1.16 0.90 -29.23
CA GLY D 100 0.06 1.60 -28.59
C GLY D 100 -0.94 0.66 -27.96
N THR D 101 -1.46 1.06 -26.80
CA THR D 101 -2.59 0.41 -26.14
C THR D 101 -3.71 1.42 -26.13
N LYS D 102 -4.81 1.10 -26.79
CA LYS D 102 -5.97 1.96 -26.78
C LYS D 102 -6.86 1.57 -25.62
N LEU D 103 -7.04 2.48 -24.67
CA LEU D 103 -7.81 2.19 -23.48
C LEU D 103 -9.15 2.92 -23.57
N GLU D 104 -10.24 2.16 -23.58
CA GLU D 104 -11.61 2.65 -23.65
C GLU D 104 -12.36 2.41 -22.34
N ILE D 105 -13.54 3.03 -22.22
CA ILE D 105 -14.35 2.93 -21.02
C ILE D 105 -15.36 1.81 -21.20
N LYS D 106 -15.35 0.85 -20.27
CA LYS D 106 -16.41 -0.14 -20.23
C LYS D 106 -17.62 0.48 -19.52
N ARG D 107 -18.81 0.13 -20.00
CA ARG D 107 -20.06 0.57 -19.41
C ARG D 107 -21.07 -0.56 -19.57
N THR D 108 -22.28 -0.36 -19.05
CA THR D 108 -23.31 -1.38 -19.23
C THR D 108 -23.71 -1.48 -20.70
N VAL D 109 -24.21 -2.66 -21.07
CA VAL D 109 -24.73 -2.84 -22.42
C VAL D 109 -25.85 -1.84 -22.70
N ALA D 110 -25.87 -1.30 -23.91
CA ALA D 110 -26.96 -0.45 -24.37
C ALA D 110 -27.27 -0.83 -25.81
N ALA D 111 -28.52 -1.10 -26.06
CA ALA D 111 -28.95 -1.51 -27.38
C ALA D 111 -29.00 -0.30 -28.31
N PRO D 112 -28.72 -0.49 -29.60
CA PRO D 112 -28.79 0.65 -30.53
C PRO D 112 -30.24 1.03 -30.82
N SER D 113 -30.46 2.32 -31.07
CA SER D 113 -31.66 2.75 -31.79
C SER D 113 -31.36 2.78 -33.28
N VAL D 114 -32.20 2.11 -34.09
CA VAL D 114 -31.96 1.95 -35.52
C VAL D 114 -32.84 2.88 -36.32
N PHE D 115 -32.23 3.58 -37.27
CA PHE D 115 -32.92 4.49 -38.18
C PHE D 115 -32.45 4.21 -39.61
N ILE D 116 -33.35 4.36 -40.56
CA ILE D 116 -33.01 4.13 -41.97
C ILE D 116 -33.43 5.33 -42.82
N PHE D 117 -32.64 5.60 -43.86
CA PHE D 117 -32.85 6.77 -44.72
C PHE D 117 -32.85 6.37 -46.19
N PRO D 118 -33.89 6.69 -46.94
CA PRO D 118 -33.86 6.44 -48.39
C PRO D 118 -32.92 7.40 -49.08
N PRO D 119 -32.52 7.12 -50.32
CA PRO D 119 -31.78 8.13 -51.06
C PRO D 119 -32.65 9.36 -51.30
N SER D 120 -32.03 10.51 -51.25
CA SER D 120 -32.71 11.74 -51.60
C SER D 120 -32.99 11.78 -53.10
N ASP D 121 -34.02 12.53 -53.48
CA ASP D 121 -34.28 12.74 -54.90
C ASP D 121 -33.13 13.49 -55.56
N GLU D 122 -32.49 14.39 -54.82
CA GLU D 122 -31.32 15.09 -55.35
C GLU D 122 -30.22 14.10 -55.75
N GLN D 123 -29.94 13.07 -54.93
CA GLN D 123 -28.89 12.14 -55.33
C GLN D 123 -29.36 11.29 -56.50
N LEU D 124 -30.63 10.86 -56.50
CA LEU D 124 -31.15 10.09 -57.63
C LEU D 124 -30.99 10.86 -58.93
N LYS D 125 -31.39 12.14 -58.95
CA LYS D 125 -31.22 12.97 -60.13
C LYS D 125 -29.78 13.05 -60.60
N SER D 126 -28.82 12.59 -59.80
CA SER D 126 -27.42 12.62 -60.18
C SER D 126 -26.91 11.27 -60.62
N GLY D 127 -27.67 10.19 -60.43
CA GLY D 127 -27.31 8.87 -60.93
C GLY D 127 -26.95 7.80 -59.91
N THR D 128 -26.85 8.13 -58.61
CA THR D 128 -26.48 7.13 -57.61
C THR D 128 -27.51 7.13 -56.47
N ALA D 129 -27.61 5.99 -55.77
CA ALA D 129 -28.52 5.83 -54.64
C ALA D 129 -27.76 5.37 -53.40
N SER D 130 -27.68 6.20 -52.38
CA SER D 130 -27.13 5.80 -51.09
C SER D 130 -28.27 5.63 -50.09
N VAL D 131 -28.39 4.42 -49.54
CA VAL D 131 -29.32 4.10 -48.45
C VAL D 131 -28.51 4.05 -47.17
N VAL D 132 -28.94 4.78 -46.15
CA VAL D 132 -28.16 4.92 -44.92
C VAL D 132 -28.93 4.28 -43.76
N CYS D 133 -28.25 3.44 -43.00
CA CYS D 133 -28.77 2.86 -41.77
C CYS D 133 -27.93 3.37 -40.62
N LEU D 134 -28.60 3.84 -39.56
CA LEU D 134 -27.95 4.49 -38.44
C LEU D 134 -28.22 3.70 -37.16
N LEU D 135 -27.16 3.37 -36.41
CA LEU D 135 -27.27 2.77 -35.07
C LEU D 135 -26.78 3.79 -34.07
N ASN D 136 -27.65 4.20 -33.16
CA ASN D 136 -27.37 5.33 -32.29
C ASN D 136 -27.17 4.88 -30.86
N ASN D 137 -26.11 5.36 -30.23
CA ASN D 137 -25.92 5.30 -28.78
C ASN D 137 -25.98 3.87 -28.26
N PHE D 138 -25.08 3.03 -28.73
CA PHE D 138 -25.07 1.65 -28.26
C PHE D 138 -23.71 1.32 -27.61
N TYR D 139 -23.68 0.23 -26.83
CA TYR D 139 -22.45 -0.28 -26.22
C TYR D 139 -22.69 -1.76 -25.96
N PRO D 140 -21.72 -2.66 -26.22
CA PRO D 140 -20.36 -2.47 -26.74
C PRO D 140 -20.27 -2.22 -28.24
N ARG D 141 -19.05 -2.00 -28.73
CA ARG D 141 -18.84 -1.59 -30.11
C ARG D 141 -19.32 -2.63 -31.11
N GLU D 142 -19.26 -3.92 -30.76
CA GLU D 142 -19.55 -4.98 -31.71
C GLU D 142 -21.01 -4.93 -32.17
N ALA D 143 -21.21 -4.93 -33.48
CA ALA D 143 -22.56 -4.90 -34.02
C ALA D 143 -22.49 -5.45 -35.42
N LYS D 144 -23.53 -6.17 -35.82
CA LYS D 144 -23.65 -6.70 -37.16
C LYS D 144 -24.81 -6.00 -37.87
N VAL D 145 -24.53 -5.51 -39.08
CA VAL D 145 -25.51 -4.84 -39.91
C VAL D 145 -25.61 -5.61 -41.22
N GLN D 146 -26.80 -6.12 -41.52
CA GLN D 146 -27.01 -6.81 -42.79
C GLN D 146 -28.10 -6.09 -43.58
N TRP D 147 -27.77 -5.76 -44.82
CA TRP D 147 -28.71 -5.15 -45.76
C TRP D 147 -29.46 -6.23 -46.52
N LYS D 148 -30.76 -6.01 -46.72
CA LYS D 148 -31.58 -6.84 -47.58
C LYS D 148 -32.32 -5.94 -48.55
N VAL D 149 -32.28 -6.31 -49.82
CA VAL D 149 -33.00 -5.64 -50.88
C VAL D 149 -33.99 -6.64 -51.46
N ASP D 150 -35.28 -6.37 -51.31
CA ASP D 150 -36.33 -7.33 -51.64
C ASP D 150 -36.00 -8.71 -51.08
N ASN D 151 -35.56 -8.72 -49.82
CA ASN D 151 -35.22 -9.90 -49.03
C ASN D 151 -33.98 -10.64 -49.51
N ALA D 152 -33.24 -10.09 -50.46
CA ALA D 152 -31.97 -10.69 -50.87
C ALA D 152 -30.86 -10.08 -50.04
N LEU D 153 -30.14 -10.92 -49.27
CA LEU D 153 -29.04 -10.43 -48.46
C LEU D 153 -27.93 -9.85 -49.35
N GLN D 154 -27.47 -8.66 -49.00
CA GLN D 154 -26.44 -7.96 -49.74
C GLN D 154 -25.06 -8.18 -49.12
N SER D 155 -24.04 -8.03 -49.94
CA SER D 155 -22.66 -8.09 -49.46
C SER D 155 -21.74 -7.43 -50.47
N GLY D 156 -20.73 -6.73 -49.97
CA GLY D 156 -19.79 -6.05 -50.83
C GLY D 156 -20.21 -4.69 -51.34
N ASN D 157 -21.44 -4.24 -51.08
CA ASN D 157 -21.85 -2.93 -51.55
C ASN D 157 -22.17 -1.96 -50.42
N SER D 158 -21.63 -2.18 -49.21
CA SER D 158 -21.86 -1.28 -48.08
C SER D 158 -20.57 -1.03 -47.31
N GLN D 159 -20.49 0.16 -46.70
CA GLN D 159 -19.38 0.56 -45.85
C GLN D 159 -19.90 1.13 -44.52
N GLU D 160 -19.19 0.82 -43.44
CA GLU D 160 -19.52 1.24 -42.09
C GLU D 160 -18.57 2.31 -41.58
N SER D 161 -19.10 3.18 -40.72
CA SER D 161 -18.29 4.16 -40.03
C SER D 161 -18.82 4.29 -38.60
N VAL D 162 -17.93 4.38 -37.61
CA VAL D 162 -18.27 4.38 -36.19
C VAL D 162 -17.65 5.57 -35.50
N THR D 163 -18.39 6.20 -34.60
CA THR D 163 -17.84 7.32 -33.86
C THR D 163 -16.91 6.83 -32.75
N GLU D 164 -16.18 7.79 -32.18
CA GLU D 164 -15.53 7.55 -30.90
C GLU D 164 -16.57 7.48 -29.80
N GLN D 165 -16.14 7.01 -28.63
CA GLN D 165 -17.01 6.95 -27.47
C GLN D 165 -17.54 8.34 -27.11
N ASP D 166 -18.86 8.44 -26.93
CA ASP D 166 -19.47 9.72 -26.54
C ASP D 166 -18.90 10.20 -25.21
N SER D 167 -18.73 11.52 -25.11
CA SER D 167 -18.10 12.09 -23.91
C SER D 167 -18.98 11.95 -22.67
N LYS D 168 -20.31 11.92 -22.85
CA LYS D 168 -21.24 11.86 -21.73
C LYS D 168 -21.61 10.43 -21.33
N ASP D 169 -22.03 9.59 -22.27
CA ASP D 169 -22.52 8.27 -21.91
C ASP D 169 -21.62 7.13 -22.40
N SER D 170 -20.52 7.43 -23.06
CA SER D 170 -19.54 6.42 -23.49
C SER D 170 -20.09 5.45 -24.52
N THR D 171 -21.13 5.85 -25.28
CA THR D 171 -21.67 4.96 -26.31
C THR D 171 -21.01 5.22 -27.66
N TYR D 172 -21.24 4.30 -28.59
CA TYR D 172 -20.86 4.44 -29.97
C TYR D 172 -22.10 4.65 -30.80
N SER D 173 -21.91 5.27 -31.96
CA SER D 173 -22.91 5.31 -33.00
C SER D 173 -22.24 4.86 -34.29
N LEU D 174 -23.03 4.26 -35.17
CA LEU D 174 -22.53 3.65 -36.37
C LEU D 174 -23.46 4.00 -37.52
N SER D 175 -22.87 4.29 -38.68
CA SER D 175 -23.62 4.47 -39.91
C SER D 175 -23.18 3.38 -40.87
N SER D 176 -24.15 2.77 -41.54
CA SER D 176 -23.89 1.83 -42.63
C SER D 176 -24.57 2.36 -43.89
N THR D 177 -23.80 2.50 -44.96
CA THR D 177 -24.30 3.10 -46.20
C THR D 177 -24.25 2.05 -47.29
N LEU D 178 -25.41 1.72 -47.84
CA LEU D 178 -25.53 0.83 -48.99
C LEU D 178 -25.63 1.66 -50.26
N THR D 179 -24.76 1.38 -51.22
CA THR D 179 -24.75 2.17 -52.45
C THR D 179 -25.15 1.30 -53.64
N LEU D 180 -26.08 1.82 -54.44
CA LEU D 180 -26.57 1.14 -55.62
C LEU D 180 -26.58 2.14 -56.77
N SER D 181 -26.52 1.62 -57.99
CA SER D 181 -26.82 2.49 -59.11
C SER D 181 -28.28 2.91 -59.03
N LYS D 182 -28.57 4.09 -59.57
CA LYS D 182 -29.94 4.54 -59.70
C LYS D 182 -30.81 3.49 -60.40
N ALA D 183 -30.25 2.79 -61.39
CA ALA D 183 -30.99 1.73 -62.07
C ALA D 183 -31.41 0.64 -61.09
N ASP D 184 -30.45 0.15 -60.29
CA ASP D 184 -30.78 -0.93 -59.36
C ASP D 184 -31.71 -0.46 -58.26
N TYR D 185 -31.57 0.78 -57.82
CA TYR D 185 -32.45 1.24 -56.76
C TYR D 185 -33.89 1.27 -57.24
N GLU D 186 -34.11 1.80 -58.44
CA GLU D 186 -35.44 1.93 -58.99
C GLU D 186 -36.03 0.61 -59.46
N LYS D 187 -35.25 -0.48 -59.47
CA LYS D 187 -35.73 -1.80 -59.83
C LYS D 187 -36.31 -2.59 -58.66
N HIS D 188 -36.03 -2.19 -57.43
CA HIS D 188 -36.42 -2.96 -56.26
C HIS D 188 -37.25 -2.12 -55.32
N LYS D 189 -37.93 -2.77 -54.38
CA LYS D 189 -38.90 -2.02 -53.58
C LYS D 189 -38.54 -1.97 -52.11
N VAL D 190 -38.26 -3.11 -51.47
CA VAL D 190 -38.12 -3.17 -50.00
C VAL D 190 -36.65 -3.10 -49.62
N TYR D 191 -36.28 -2.06 -48.89
CA TYR D 191 -34.90 -1.88 -48.43
C TYR D 191 -34.87 -2.03 -46.93
N ALA D 192 -34.10 -2.99 -46.44
CA ALA D 192 -34.07 -3.31 -45.03
C ALA D 192 -32.65 -3.35 -44.47
N CYS D 193 -32.51 -2.82 -43.26
CA CYS D 193 -31.29 -2.86 -42.45
C CYS D 193 -31.56 -3.80 -41.28
N GLU D 194 -30.81 -4.89 -41.15
CA GLU D 194 -31.02 -5.83 -40.05
C GLU D 194 -29.83 -5.77 -39.09
N VAL D 195 -30.12 -5.47 -37.82
CA VAL D 195 -29.12 -5.14 -36.82
C VAL D 195 -29.09 -6.22 -35.74
N THR D 196 -27.90 -6.78 -35.51
CA THR D 196 -27.64 -7.76 -34.44
C THR D 196 -26.71 -7.11 -33.42
N HIS D 197 -27.12 -7.13 -32.14
CA HIS D 197 -26.31 -6.51 -31.11
C HIS D 197 -26.59 -7.19 -29.78
N GLN D 198 -25.61 -7.14 -28.89
CA GLN D 198 -25.74 -7.79 -27.59
C GLN D 198 -26.94 -7.27 -26.80
N GLY D 199 -27.27 -5.99 -26.95
CA GLY D 199 -28.38 -5.43 -26.19
C GLY D 199 -29.76 -5.72 -26.73
N LEU D 200 -29.86 -6.44 -27.85
CA LEU D 200 -31.13 -6.83 -28.45
C LEU D 200 -31.26 -8.34 -28.36
N SER D 201 -32.40 -8.83 -27.84
CA SER D 201 -32.57 -10.26 -27.69
C SER D 201 -32.66 -10.98 -29.04
N SER D 202 -33.29 -10.35 -30.03
CA SER D 202 -33.36 -10.84 -31.40
C SER D 202 -32.98 -9.73 -32.36
N PRO D 203 -32.47 -10.05 -33.55
CA PRO D 203 -32.09 -8.97 -34.50
C PRO D 203 -33.27 -8.06 -34.82
N VAL D 204 -33.01 -6.76 -34.81
CA VAL D 204 -34.03 -5.75 -35.11
C VAL D 204 -33.87 -5.34 -36.56
N THR D 205 -35.00 -5.15 -37.25
CA THR D 205 -35.01 -4.71 -38.64
C THR D 205 -35.77 -3.40 -38.77
N LYS D 206 -35.18 -2.49 -39.52
CA LYS D 206 -35.83 -1.26 -39.97
C LYS D 206 -35.81 -1.28 -41.48
N SER D 207 -36.95 -0.97 -42.10
CA SER D 207 -37.08 -1.07 -43.55
C SER D 207 -37.97 0.06 -44.05
N PHE D 208 -37.87 0.32 -45.36
CA PHE D 208 -38.84 1.18 -46.03
C PHE D 208 -39.09 0.61 -47.41
N ASN D 209 -40.25 0.97 -47.97
CA ASN D 209 -40.59 0.66 -49.35
C ASN D 209 -40.28 1.90 -50.18
N ARG D 210 -39.56 1.70 -51.28
CA ARG D 210 -39.26 2.80 -52.18
C ARG D 210 -40.56 3.47 -52.60
N GLY D 211 -40.58 4.80 -52.52
CA GLY D 211 -41.74 5.63 -52.80
C GLY D 211 -42.81 5.75 -51.72
N GLU D 212 -42.53 5.41 -50.47
CA GLU D 212 -43.49 5.64 -49.40
C GLU D 212 -43.18 6.97 -48.69
N CYS D 213 -44.18 7.49 -47.98
CA CYS D 213 -43.93 8.67 -47.14
C CYS D 213 -43.83 8.31 -45.66
N GLU E 1 -17.09 39.21 10.58
CA GLU E 1 -17.05 37.80 10.24
C GLU E 1 -16.41 37.62 8.86
N VAL E 2 -15.75 36.47 8.65
CA VAL E 2 -15.10 36.23 7.37
C VAL E 2 -16.15 35.90 6.34
N GLN E 3 -16.04 36.51 5.16
CA GLN E 3 -16.98 36.22 4.10
C GLN E 3 -16.26 36.23 2.76
N LEU E 4 -16.59 35.26 1.92
CA LEU E 4 -16.13 35.21 0.54
C LEU E 4 -17.36 35.28 -0.35
N GLN E 5 -17.50 36.37 -1.09
CA GLN E 5 -18.66 36.65 -1.93
C GLN E 5 -18.23 36.60 -3.39
N GLN E 6 -18.82 35.68 -4.15
CA GLN E 6 -18.46 35.43 -5.54
C GLN E 6 -19.43 36.10 -6.51
N SER E 7 -18.93 36.42 -7.70
CA SER E 7 -19.77 37.05 -8.71
C SER E 7 -20.88 36.10 -9.16
N GLY E 8 -21.82 36.63 -9.92
CA GLY E 8 -23.03 35.91 -10.22
C GLY E 8 -22.87 34.96 -11.39
N PRO E 9 -23.92 34.16 -11.61
CA PRO E 9 -23.87 33.13 -12.66
C PRO E 9 -23.73 33.72 -14.06
N GLU E 10 -23.23 32.89 -14.97
CA GLU E 10 -23.01 33.33 -16.34
C GLU E 10 -23.45 32.21 -17.25
N LEU E 11 -24.29 32.54 -18.24
CA LEU E 11 -24.65 31.64 -19.32
C LEU E 11 -23.91 32.09 -20.56
N VAL E 12 -23.16 31.17 -21.16
CA VAL E 12 -22.17 31.50 -22.16
C VAL E 12 -22.17 30.48 -23.30
N LYS E 13 -21.97 30.98 -24.53
CA LYS E 13 -21.80 30.12 -25.68
C LYS E 13 -20.49 29.33 -25.58
N PRO E 14 -20.47 28.07 -26.02
CA PRO E 14 -19.22 27.31 -26.02
C PRO E 14 -18.14 28.01 -26.84
N GLY E 15 -16.93 28.06 -26.28
CA GLY E 15 -15.84 28.77 -26.88
C GLY E 15 -15.57 30.13 -26.27
N ALA E 16 -16.50 30.67 -25.50
CA ALA E 16 -16.21 31.95 -24.88
C ALA E 16 -15.36 31.80 -23.62
N SER E 17 -14.77 32.91 -23.21
CA SER E 17 -14.01 33.01 -21.97
C SER E 17 -14.81 33.85 -20.98
N VAL E 18 -14.54 33.61 -19.69
CA VAL E 18 -15.22 34.31 -18.61
C VAL E 18 -14.23 34.48 -17.48
N LYS E 19 -14.45 35.52 -16.68
CA LYS E 19 -13.64 35.80 -15.50
C LYS E 19 -14.62 36.02 -14.37
N ILE E 20 -14.54 35.19 -13.33
CA ILE E 20 -15.43 35.36 -12.19
C ILE E 20 -14.60 35.84 -11.02
N SER E 21 -15.27 36.48 -10.08
CA SER E 21 -14.55 37.18 -9.03
C SER E 21 -14.96 36.62 -7.67
N CYS E 22 -14.08 36.84 -6.71
CA CYS E 22 -14.28 36.37 -5.34
C CYS E 22 -13.87 37.51 -4.42
N LYS E 23 -14.85 38.16 -3.81
CA LYS E 23 -14.63 39.33 -2.94
C LYS E 23 -14.53 38.89 -1.49
N THR E 24 -13.37 39.10 -0.88
CA THR E 24 -13.13 38.71 0.50
C THR E 24 -13.21 39.93 1.42
N SER E 25 -13.60 39.68 2.68
CA SER E 25 -13.69 40.73 3.68
C SER E 25 -13.65 40.11 5.07
N GLY E 26 -13.22 40.90 6.04
CA GLY E 26 -13.19 40.45 7.43
C GLY E 26 -11.86 39.90 7.92
N TYR E 27 -10.81 39.97 7.12
CA TYR E 27 -9.49 39.48 7.50
C TYR E 27 -8.49 40.13 6.59
N THR E 28 -7.22 40.00 6.93
CA THR E 28 -6.17 40.59 6.11
C THR E 28 -5.96 39.72 4.87
N PHE E 29 -6.39 40.26 3.73
CA PHE E 29 -6.41 39.53 2.48
C PHE E 29 -5.11 38.79 2.20
N THR E 30 -3.97 39.44 2.43
CA THR E 30 -2.70 38.86 1.99
C THR E 30 -2.19 37.74 2.87
N GLU E 31 -2.85 37.44 3.97
CA GLU E 31 -2.30 36.44 4.89
C GLU E 31 -2.74 35.01 4.59
N TYR E 32 -3.69 34.80 3.67
CA TYR E 32 -4.32 33.50 3.46
C TYR E 32 -4.39 33.17 1.98
N THR E 33 -4.08 31.93 1.64
CA THR E 33 -4.22 31.45 0.27
C THR E 33 -5.71 31.37 -0.12
N ILE E 34 -6.00 31.68 -1.38
CA ILE E 34 -7.33 31.52 -1.96
C ILE E 34 -7.28 30.35 -2.93
N HIS E 35 -8.22 29.44 -2.82
CA HIS E 35 -8.30 28.28 -3.71
C HIS E 35 -9.53 28.37 -4.61
N TRP E 36 -9.48 27.69 -5.75
CA TRP E 36 -10.64 27.56 -6.60
C TRP E 36 -10.95 26.09 -6.82
N VAL E 37 -12.22 25.75 -6.77
CA VAL E 37 -12.67 24.36 -6.81
C VAL E 37 -13.84 24.28 -7.79
N LYS E 38 -13.82 23.29 -8.67
CA LYS E 38 -14.85 23.02 -9.64
C LYS E 38 -15.70 21.86 -9.14
N GLN E 39 -17.01 21.96 -9.29
CA GLN E 39 -17.88 20.83 -8.96
C GLN E 39 -18.94 20.66 -10.03
N ASN E 40 -18.85 19.59 -10.80
CA ASN E 40 -19.93 19.34 -11.73
C ASN E 40 -21.17 18.91 -10.94
N HIS E 41 -22.33 19.06 -11.56
CA HIS E 41 -23.57 18.82 -10.82
C HIS E 41 -23.65 17.37 -10.39
N GLY E 42 -23.78 17.15 -9.08
CA GLY E 42 -23.94 15.83 -8.53
C GLY E 42 -22.66 15.02 -8.43
N LYS E 43 -21.53 15.56 -8.89
CA LYS E 43 -20.28 14.81 -8.83
C LYS E 43 -19.26 15.38 -7.84
N SER E 44 -18.01 14.98 -8.01
CA SER E 44 -16.86 15.20 -7.15
C SER E 44 -16.31 16.62 -7.25
N LEU E 45 -15.45 16.94 -6.28
CA LEU E 45 -14.80 18.23 -6.16
C LEU E 45 -13.42 18.15 -6.79
N ASP E 46 -13.13 19.07 -7.73
CA ASP E 46 -11.83 19.16 -8.40
C ASP E 46 -11.19 20.50 -8.06
N TRP E 47 -10.01 20.45 -7.48
CA TRP E 47 -9.21 21.64 -7.23
C TRP E 47 -8.69 22.20 -8.54
N ILE E 48 -8.85 23.49 -8.75
CA ILE E 48 -8.35 24.11 -9.97
C ILE E 48 -6.95 24.65 -9.76
N GLY E 49 -6.76 25.33 -8.63
CA GLY E 49 -5.48 25.92 -8.31
C GLY E 49 -5.68 26.86 -7.15
N GLY E 50 -4.58 27.45 -6.70
CA GLY E 50 -4.62 28.41 -5.63
C GLY E 50 -3.66 29.55 -5.88
N ILE E 51 -3.88 30.65 -5.16
CA ILE E 51 -3.05 31.83 -5.32
C ILE E 51 -2.75 32.42 -3.94
N ASN E 52 -1.48 32.79 -3.75
CA ASN E 52 -1.06 33.55 -2.57
C ASN E 52 -1.28 35.03 -2.86
N PRO E 53 -2.21 35.72 -2.19
CA PRO E 53 -2.42 37.14 -2.50
C PRO E 53 -1.24 38.02 -2.14
N ASN E 54 -0.33 37.55 -1.29
CA ASN E 54 0.82 38.37 -0.91
C ASN E 54 1.76 38.60 -2.09
N ASN E 55 2.12 37.54 -2.83
CA ASN E 55 3.08 37.66 -3.91
C ASN E 55 2.53 37.29 -5.28
N GLY E 56 1.25 36.92 -5.38
CA GLY E 56 0.71 36.53 -6.65
C GLY E 56 1.15 35.19 -7.15
N GLY E 57 1.87 34.42 -6.32
CA GLY E 57 2.29 33.10 -6.72
C GLY E 57 1.10 32.15 -6.82
N THR E 58 1.16 31.26 -7.81
CA THR E 58 0.05 30.40 -8.16
C THR E 58 0.53 28.98 -8.39
N THR E 59 -0.39 28.04 -8.24
CA THR E 59 -0.16 26.66 -8.64
C THR E 59 -1.48 26.10 -9.14
N TYR E 60 -1.42 25.29 -10.20
CA TYR E 60 -2.62 24.80 -10.86
C TYR E 60 -2.65 23.28 -10.86
N ASN E 61 -3.85 22.73 -10.78
CA ASN E 61 -4.11 21.38 -11.28
C ASN E 61 -3.87 21.36 -12.79
N GLN E 62 -2.97 20.48 -13.22
CA GLN E 62 -2.50 20.50 -14.59
C GLN E 62 -3.61 20.19 -15.58
N GLU E 63 -4.73 19.63 -15.13
CA GLU E 63 -5.86 19.51 -16.05
C GLU E 63 -6.48 20.84 -16.39
N PHE E 64 -6.11 21.90 -15.68
CA PHE E 64 -6.67 23.22 -15.89
C PHE E 64 -5.63 24.22 -16.34
N LYS E 65 -4.37 23.82 -16.46
CA LYS E 65 -3.30 24.72 -16.86
C LYS E 65 -3.60 25.27 -18.25
N GLY E 66 -3.39 26.57 -18.42
CA GLY E 66 -3.78 27.21 -19.67
C GLY E 66 -5.24 27.59 -19.70
N LYS E 67 -6.13 26.68 -19.28
N LYS E 67 -6.13 26.67 -19.30
CA LYS E 67 -7.57 26.98 -19.29
CA LYS E 67 -7.56 26.96 -19.28
C LYS E 67 -7.95 27.97 -18.19
C LYS E 67 -7.90 28.00 -18.22
N ALA E 68 -7.29 27.90 -17.04
CA ALA E 68 -7.59 28.82 -15.95
C ALA E 68 -6.38 29.69 -15.62
N THR E 69 -6.66 30.93 -15.24
CA THR E 69 -5.67 31.88 -14.75
C THR E 69 -6.20 32.54 -13.48
N LEU E 70 -5.38 32.54 -12.43
CA LEU E 70 -5.75 33.15 -11.16
C LEU E 70 -5.02 34.48 -10.98
N THR E 71 -5.75 35.47 -10.47
CA THR E 71 -5.20 36.77 -10.14
C THR E 71 -5.89 37.24 -8.87
N VAL E 72 -5.27 38.24 -8.25
CA VAL E 72 -5.85 38.95 -7.12
C VAL E 72 -5.68 40.44 -7.39
N ASP E 73 -6.45 41.24 -6.65
CA ASP E 73 -6.21 42.67 -6.57
C ASP E 73 -6.26 43.08 -5.10
N LYS E 74 -5.08 43.36 -4.53
CA LYS E 74 -5.00 43.60 -3.09
C LYS E 74 -5.86 44.78 -2.67
N SER E 75 -5.94 45.82 -3.51
CA SER E 75 -6.66 47.04 -3.14
C SER E 75 -8.14 46.76 -2.90
N SER E 76 -8.72 45.84 -3.64
CA SER E 76 -10.11 45.47 -3.43
C SER E 76 -10.31 44.22 -2.58
N SER E 77 -9.22 43.54 -2.19
CA SER E 77 -9.31 42.26 -1.47
C SER E 77 -10.15 41.25 -2.25
N THR E 78 -9.81 41.10 -3.52
CA THR E 78 -10.60 40.32 -4.46
C THR E 78 -9.71 39.36 -5.20
N ALA E 79 -10.22 38.14 -5.40
CA ALA E 79 -9.54 37.14 -6.23
C ALA E 79 -10.34 36.91 -7.52
N TYR E 80 -9.64 36.59 -8.59
CA TYR E 80 -10.28 36.41 -9.88
C TYR E 80 -9.84 35.10 -10.50
N MET E 81 -10.76 34.46 -11.24
CA MET E 81 -10.38 33.31 -12.04
C MET E 81 -10.90 33.47 -13.47
N GLU E 82 -10.02 33.28 -14.44
CA GLU E 82 -10.38 33.40 -15.84
C GLU E 82 -10.36 31.98 -16.41
N PHE E 83 -11.51 31.52 -16.88
CA PHE E 83 -11.62 30.25 -17.60
C PHE E 83 -11.90 30.52 -19.07
N ARG E 84 -11.03 30.01 -19.93
CA ARG E 84 -11.06 30.22 -21.37
C ARG E 84 -11.69 29.03 -22.10
N SER E 85 -12.17 29.32 -23.32
CA SER E 85 -12.81 28.37 -24.22
C SER E 85 -13.67 27.33 -23.52
N LEU E 86 -14.81 27.77 -23.01
CA LEU E 86 -15.70 26.89 -22.27
C LEU E 86 -16.33 25.85 -23.20
N THR E 87 -16.42 24.64 -22.71
CA THR E 87 -17.11 23.55 -23.37
C THR E 87 -18.29 23.16 -22.50
N SER E 88 -19.15 22.26 -22.98
CA SER E 88 -20.28 21.85 -22.16
C SER E 88 -19.81 21.12 -20.90
N GLU E 89 -18.66 20.45 -20.98
CA GLU E 89 -18.06 19.84 -19.80
C GLU E 89 -17.64 20.86 -18.74
N ASP E 90 -17.63 22.15 -19.06
CA ASP E 90 -17.25 23.14 -18.07
C ASP E 90 -18.44 23.68 -17.30
N SER E 91 -19.65 23.32 -17.69
CA SER E 91 -20.83 23.72 -16.94
C SER E 91 -20.77 23.06 -15.57
N ALA E 92 -20.85 23.87 -14.49
CA ALA E 92 -20.51 23.42 -13.14
C ALA E 92 -20.65 24.59 -12.18
N VAL E 93 -20.63 24.30 -10.87
CA VAL E 93 -20.47 25.31 -9.84
C VAL E 93 -18.97 25.50 -9.58
N TYR E 94 -18.54 26.74 -9.42
CA TYR E 94 -17.14 27.05 -9.18
C TYR E 94 -17.05 27.81 -7.87
N TYR E 95 -16.25 27.29 -6.94
CA TYR E 95 -16.07 27.88 -5.61
C TYR E 95 -14.68 28.49 -5.46
N CYS E 96 -14.63 29.62 -4.77
CA CYS E 96 -13.38 30.09 -4.17
C CYS E 96 -13.41 29.69 -2.71
N ALA E 97 -12.22 29.58 -2.10
CA ALA E 97 -12.14 29.13 -0.73
C ALA E 97 -10.84 29.62 -0.13
N ARG E 98 -10.85 29.78 1.20
CA ARG E 98 -9.68 30.25 1.95
C ARG E 98 -9.02 29.12 2.74
N SER E 99 -7.69 29.07 2.69
CA SER E 99 -6.90 28.20 3.56
C SER E 99 -5.86 29.01 4.34
N TYR E 100 -5.38 28.45 5.45
CA TYR E 100 -4.11 28.90 6.05
C TYR E 100 -3.11 27.75 6.09
N TYR E 101 -3.47 26.61 6.69
CA TYR E 101 -2.66 25.41 6.56
C TYR E 101 -3.16 24.67 5.34
N GLY E 102 -3.30 23.34 5.45
CA GLY E 102 -3.74 22.56 4.31
C GLY E 102 -5.23 22.41 4.12
N TYR E 103 -6.05 22.88 5.05
CA TYR E 103 -7.49 22.72 4.95
C TYR E 103 -8.15 24.05 4.62
N VAL E 104 -9.38 23.99 4.14
CA VAL E 104 -10.15 25.17 3.81
C VAL E 104 -11.07 25.49 4.97
N ASP E 105 -11.01 26.73 5.48
CA ASP E 105 -11.90 27.06 6.59
C ASP E 105 -13.12 27.90 6.18
N TYR E 106 -13.05 28.68 5.08
CA TYR E 106 -14.21 29.42 4.57
C TYR E 106 -14.39 29.22 3.08
N TRP E 107 -15.64 29.02 2.67
CA TRP E 107 -16.00 28.84 1.26
C TRP E 107 -16.87 29.98 0.78
N GLY E 108 -16.67 30.42 -0.46
CA GLY E 108 -17.66 31.23 -1.12
C GLY E 108 -18.94 30.44 -1.37
N GLN E 109 -19.95 31.14 -1.90
CA GLN E 109 -21.26 30.52 -2.12
C GLN E 109 -21.36 29.80 -3.46
N GLY E 110 -20.37 29.94 -4.33
CA GLY E 110 -20.39 29.25 -5.60
C GLY E 110 -20.83 30.15 -6.74
N THR E 111 -20.30 29.87 -7.93
CA THR E 111 -20.69 30.55 -9.15
C THR E 111 -20.97 29.49 -10.20
N THR E 112 -22.20 29.48 -10.72
CA THR E 112 -22.56 28.56 -11.78
C THR E 112 -22.15 29.10 -13.15
N LEU E 113 -21.38 28.30 -13.89
CA LEU E 113 -21.05 28.59 -15.27
C LEU E 113 -21.76 27.56 -16.14
N THR E 114 -22.51 28.02 -17.14
CA THR E 114 -23.26 27.17 -18.04
C THR E 114 -22.86 27.45 -19.48
N ALA E 115 -22.44 26.39 -20.17
CA ALA E 115 -22.11 26.45 -21.59
C ALA E 115 -23.31 26.02 -22.41
N ALA E 116 -23.87 26.93 -23.21
CA ALA E 116 -24.99 26.57 -24.06
C ALA E 116 -24.83 27.25 -25.40
N ALA E 117 -25.03 26.48 -26.48
CA ALA E 117 -24.95 27.00 -27.83
C ALA E 117 -26.27 27.66 -28.23
N SER E 118 -27.35 27.33 -27.54
CA SER E 118 -28.66 27.95 -27.70
C SER E 118 -29.41 27.75 -26.40
N THR E 119 -30.51 28.48 -26.24
CA THR E 119 -31.44 28.20 -25.15
C THR E 119 -32.79 27.82 -25.75
N LYS E 120 -33.58 27.07 -24.99
CA LYS E 120 -34.91 26.67 -25.41
C LYS E 120 -35.80 26.48 -24.20
N GLY E 121 -36.90 27.23 -24.11
CA GLY E 121 -37.85 27.06 -23.05
C GLY E 121 -38.64 25.77 -23.21
N PRO E 122 -39.19 25.26 -22.11
CA PRO E 122 -39.89 23.98 -22.12
C PRO E 122 -41.35 24.08 -22.53
N SER E 123 -41.89 22.95 -23.00
CA SER E 123 -43.32 22.72 -23.01
C SER E 123 -43.75 22.06 -21.70
N VAL E 124 -44.89 22.47 -21.17
CA VAL E 124 -45.39 21.94 -19.90
C VAL E 124 -46.74 21.28 -20.13
N PHE E 125 -46.80 19.98 -19.92
CA PHE E 125 -48.04 19.27 -20.14
C PHE E 125 -48.58 18.75 -18.81
N PRO E 126 -49.90 18.61 -18.66
CA PRO E 126 -50.45 18.09 -17.40
C PRO E 126 -50.31 16.58 -17.26
N LEU E 127 -50.05 16.15 -16.03
CA LEU E 127 -50.19 14.75 -15.66
C LEU E 127 -51.51 14.74 -14.89
N ALA E 128 -52.60 14.47 -15.61
CA ALA E 128 -53.93 14.71 -15.06
C ALA E 128 -54.27 13.56 -14.12
N PRO E 129 -54.79 13.87 -12.94
CA PRO E 129 -55.06 12.80 -11.97
C PRO E 129 -56.12 11.84 -12.48
N SER E 130 -55.93 10.56 -12.12
CA SER E 130 -56.84 9.50 -12.49
C SER E 130 -58.14 9.69 -11.71
N SER E 131 -58.84 10.79 -11.99
CA SER E 131 -60.16 11.01 -11.41
C SER E 131 -61.13 9.95 -11.89
N LYS E 132 -60.84 9.33 -13.03
CA LYS E 132 -61.68 8.26 -13.53
C LYS E 132 -61.72 7.10 -12.55
N SER E 133 -60.63 6.88 -11.83
CA SER E 133 -60.56 5.88 -10.77
C SER E 133 -60.21 6.60 -9.46
N THR E 134 -61.13 7.41 -8.96
CA THR E 134 -60.91 8.17 -7.72
C THR E 134 -60.88 7.25 -6.51
N SER E 135 -60.91 7.86 -5.34
CA SER E 135 -60.86 7.23 -4.00
C SER E 135 -59.62 6.34 -3.85
N GLY E 136 -59.72 5.34 -2.98
CA GLY E 136 -58.60 4.52 -2.53
C GLY E 136 -57.65 5.31 -1.66
N GLY E 137 -57.80 6.62 -1.77
CA GLY E 137 -57.35 7.58 -0.79
C GLY E 137 -56.57 8.75 -1.35
N THR E 138 -55.40 8.48 -1.91
CA THR E 138 -54.54 9.53 -2.42
C THR E 138 -54.46 9.44 -3.94
N ALA E 139 -54.59 10.59 -4.58
CA ALA E 139 -54.39 10.76 -6.01
C ALA E 139 -53.06 11.46 -6.25
N ALA E 140 -52.44 11.14 -7.39
CA ALA E 140 -51.24 11.82 -7.83
C ALA E 140 -51.55 12.68 -9.05
N LEU E 141 -50.92 13.84 -9.12
CA LEU E 141 -51.02 14.71 -10.27
C LEU E 141 -49.67 15.37 -10.46
N GLY E 142 -49.44 15.96 -11.63
CA GLY E 142 -48.14 16.54 -11.83
C GLY E 142 -48.04 17.39 -13.09
N CYS E 143 -46.80 17.75 -13.40
CA CYS E 143 -46.48 18.48 -14.62
C CYS E 143 -45.31 17.78 -15.29
N LEU E 144 -45.44 17.55 -16.58
CA LEU E 144 -44.37 17.08 -17.44
C LEU E 144 -43.72 18.28 -18.12
N VAL E 145 -42.44 18.48 -17.89
CA VAL E 145 -41.70 19.64 -18.37
C VAL E 145 -40.71 19.16 -19.43
N LYS E 146 -41.03 19.36 -20.71
CA LYS E 146 -40.31 18.68 -21.79
C LYS E 146 -39.53 19.65 -22.67
N ASP E 147 -38.36 19.17 -23.12
CA ASP E 147 -37.64 19.75 -24.26
C ASP E 147 -37.14 21.15 -23.96
N TYR E 148 -36.28 21.30 -22.95
CA TYR E 148 -35.69 22.60 -22.66
C TYR E 148 -34.17 22.47 -22.66
N PHE E 149 -33.49 23.63 -22.76
CA PHE E 149 -32.03 23.59 -22.72
C PHE E 149 -31.52 25.00 -22.47
N PRO E 150 -30.46 25.18 -21.64
CA PRO E 150 -29.81 24.17 -20.82
C PRO E 150 -30.54 24.04 -19.49
N GLU E 151 -29.99 23.25 -18.57
CA GLU E 151 -30.50 23.25 -17.21
C GLU E 151 -30.28 24.61 -16.57
N PRO E 152 -31.07 24.93 -15.52
CA PRO E 152 -32.13 24.12 -14.90
C PRO E 152 -33.52 24.70 -15.14
N VAL E 153 -34.57 23.94 -14.81
CA VAL E 153 -35.88 24.54 -14.60
C VAL E 153 -36.16 24.52 -13.11
N THR E 154 -36.96 25.47 -12.67
CA THR E 154 -37.52 25.46 -11.35
C THR E 154 -39.02 25.21 -11.46
N VAL E 155 -39.53 24.37 -10.57
CA VAL E 155 -40.96 24.06 -10.51
C VAL E 155 -41.42 24.28 -9.09
N SER E 156 -42.39 25.16 -8.90
CA SER E 156 -43.16 25.24 -7.67
C SER E 156 -44.61 24.90 -7.98
N TRP E 157 -45.43 24.84 -6.95
CA TRP E 157 -46.86 24.58 -7.08
C TRP E 157 -47.65 25.66 -6.35
N ASN E 158 -48.71 26.14 -6.99
CA ASN E 158 -49.57 27.20 -6.44
C ASN E 158 -48.75 28.37 -5.91
N SER E 159 -47.86 28.85 -6.79
CA SER E 159 -47.04 30.05 -6.55
C SER E 159 -46.20 29.92 -5.28
N GLY E 160 -45.80 28.69 -4.97
CA GLY E 160 -44.98 28.41 -3.82
C GLY E 160 -45.72 27.97 -2.58
N ALA E 161 -47.06 27.95 -2.59
CA ALA E 161 -47.76 27.56 -1.37
C ALA E 161 -47.80 26.05 -1.18
N LEU E 162 -47.76 25.26 -2.24
CA LEU E 162 -47.86 23.81 -2.09
C LEU E 162 -46.44 23.24 -2.11
N THR E 163 -45.95 22.82 -0.95
CA THR E 163 -44.67 22.13 -0.86
C THR E 163 -44.80 20.69 -0.41
N SER E 164 -45.74 20.40 0.48
CA SER E 164 -45.81 19.05 1.01
C SER E 164 -46.20 18.08 -0.10
N GLY E 165 -45.60 16.90 -0.06
CA GLY E 165 -45.97 15.90 -1.04
C GLY E 165 -45.45 16.15 -2.45
N VAL E 166 -44.62 17.16 -2.64
CA VAL E 166 -44.13 17.52 -3.98
C VAL E 166 -42.83 16.77 -4.25
N HIS E 167 -42.75 16.13 -5.41
CA HIS E 167 -41.52 15.49 -5.85
C HIS E 167 -41.21 16.01 -7.25
N THR E 168 -40.15 16.79 -7.36
CA THR E 168 -39.63 17.26 -8.64
C THR E 168 -38.36 16.46 -8.94
N PHE E 169 -38.41 15.66 -9.98
CA PHE E 169 -37.39 14.70 -10.37
C PHE E 169 -36.17 15.36 -11.03
N PRO E 170 -34.99 14.75 -10.88
CA PRO E 170 -33.83 15.19 -11.64
C PRO E 170 -34.15 15.23 -13.13
N ALA E 171 -33.61 16.23 -13.82
CA ALA E 171 -33.73 16.31 -15.26
C ALA E 171 -33.05 15.10 -15.91
N VAL E 172 -33.58 14.65 -17.03
CA VAL E 172 -32.91 13.65 -17.86
C VAL E 172 -32.60 14.25 -19.21
N LEU E 173 -31.39 14.01 -19.69
CA LEU E 173 -30.98 14.42 -21.03
C LEU E 173 -31.57 13.46 -22.04
N GLN E 174 -32.43 13.96 -22.90
CA GLN E 174 -32.98 13.09 -23.92
C GLN E 174 -31.96 12.93 -25.06
N SER E 175 -32.17 11.91 -25.89
CA SER E 175 -31.28 11.69 -27.02
C SER E 175 -31.36 12.80 -28.06
N SER E 176 -32.37 13.66 -27.99
CA SER E 176 -32.49 14.90 -28.76
C SER E 176 -31.56 16.00 -28.28
N GLY E 177 -30.78 15.77 -27.22
CA GLY E 177 -29.94 16.81 -26.67
C GLY E 177 -30.65 17.76 -25.71
N LEU E 178 -31.97 17.70 -25.62
CA LEU E 178 -32.81 18.50 -24.73
C LEU E 178 -33.18 17.74 -23.45
N TYR E 179 -33.51 18.51 -22.41
CA TYR E 179 -33.83 17.94 -21.11
C TYR E 179 -35.32 17.78 -20.94
N SER E 180 -35.68 16.89 -20.01
CA SER E 180 -37.07 16.70 -19.60
C SER E 180 -37.15 16.30 -18.13
N LEU E 181 -38.19 16.78 -17.44
CA LEU E 181 -38.46 16.30 -16.08
C LEU E 181 -39.95 16.34 -15.80
N SER E 182 -40.36 15.61 -14.78
CA SER E 182 -41.69 15.66 -14.21
C SER E 182 -41.62 16.17 -12.78
N SER E 183 -42.62 16.93 -12.40
CA SER E 183 -42.87 17.28 -11.01
C SER E 183 -44.27 16.81 -10.64
N VAL E 184 -44.39 16.06 -9.54
CA VAL E 184 -45.64 15.41 -9.14
C VAL E 184 -45.98 15.78 -7.71
N VAL E 185 -47.26 15.68 -7.39
CA VAL E 185 -47.72 15.85 -6.02
C VAL E 185 -48.81 14.83 -5.73
N THR E 186 -48.86 14.35 -4.49
CA THR E 186 -49.92 13.45 -4.08
C THR E 186 -50.84 14.20 -3.13
N VAL E 187 -52.13 14.08 -3.38
CA VAL E 187 -53.18 14.81 -2.66
C VAL E 187 -54.32 13.83 -2.38
N PRO E 188 -55.21 14.17 -1.45
CA PRO E 188 -56.42 13.35 -1.28
C PRO E 188 -57.24 13.41 -2.55
N SER E 189 -57.75 12.25 -2.98
CA SER E 189 -58.52 12.20 -4.21
C SER E 189 -59.77 13.08 -4.13
N SER E 190 -60.38 13.22 -2.95
CA SER E 190 -61.54 14.07 -2.85
C SER E 190 -61.21 15.55 -3.03
N SER E 191 -59.93 15.90 -3.09
CA SER E 191 -59.50 17.28 -3.32
C SER E 191 -59.47 17.64 -4.79
N LEU E 192 -59.64 16.64 -5.67
CA LEU E 192 -59.55 16.91 -7.09
C LEU E 192 -60.69 17.82 -7.55
N GLY E 193 -61.85 17.73 -6.92
CA GLY E 193 -62.98 18.56 -7.28
C GLY E 193 -63.10 19.84 -6.49
N THR E 194 -62.31 20.02 -5.44
CA THR E 194 -62.39 21.23 -4.61
C THR E 194 -61.17 22.13 -4.69
N GLN E 195 -59.99 21.60 -4.97
CA GLN E 195 -58.76 22.37 -4.92
C GLN E 195 -58.22 22.65 -6.31
N THR E 196 -57.53 23.79 -6.41
CA THR E 196 -56.85 24.19 -7.63
C THR E 196 -55.36 23.87 -7.51
N TYR E 197 -54.79 23.24 -8.56
CA TYR E 197 -53.36 22.88 -8.56
C TYR E 197 -52.73 23.43 -9.83
N ILE E 198 -51.82 24.38 -9.68
CA ILE E 198 -51.10 24.99 -10.80
C ILE E 198 -49.60 24.78 -10.59
N CYS E 199 -48.92 24.26 -11.61
CA CYS E 199 -47.47 24.17 -11.55
C CYS E 199 -46.89 25.39 -12.23
N ASN E 200 -45.94 26.03 -11.57
CA ASN E 200 -45.29 27.24 -12.05
C ASN E 200 -43.88 26.85 -12.48
N VAL E 201 -43.63 26.86 -13.78
CA VAL E 201 -42.36 26.43 -14.33
C VAL E 201 -41.58 27.65 -14.77
N ASN E 202 -40.33 27.73 -14.32
CA ASN E 202 -39.46 28.83 -14.65
C ASN E 202 -38.19 28.26 -15.26
N HIS E 203 -37.80 28.81 -16.42
CA HIS E 203 -36.58 28.43 -17.13
C HIS E 203 -35.81 29.73 -17.38
N LYS E 204 -34.97 30.10 -16.42
CA LYS E 204 -34.26 31.37 -16.54
C LYS E 204 -33.42 31.49 -17.81
N PRO E 205 -32.67 30.48 -18.24
CA PRO E 205 -31.86 30.66 -19.46
C PRO E 205 -32.64 31.21 -20.65
N SER E 206 -33.93 30.89 -20.79
CA SER E 206 -34.69 31.37 -21.93
C SER E 206 -35.70 32.45 -21.57
N ASN E 207 -35.69 32.94 -20.33
CA ASN E 207 -36.70 33.89 -19.85
C ASN E 207 -38.12 33.40 -20.14
N THR E 208 -38.36 32.11 -20.00
CA THR E 208 -39.69 31.55 -20.16
C THR E 208 -40.21 31.12 -18.79
N LYS E 209 -41.41 31.59 -18.46
CA LYS E 209 -42.14 31.15 -17.28
C LYS E 209 -43.46 30.61 -17.78
N VAL E 210 -43.83 29.43 -17.33
CA VAL E 210 -45.07 28.81 -17.79
C VAL E 210 -45.85 28.36 -16.57
N ASP E 211 -47.11 28.78 -16.51
CA ASP E 211 -48.06 28.29 -15.51
C ASP E 211 -49.06 27.36 -16.18
N LYS E 212 -49.23 26.17 -15.61
CA LYS E 212 -50.13 25.18 -16.17
C LYS E 212 -51.05 24.64 -15.09
N LYS E 213 -52.35 24.83 -15.27
CA LYS E 213 -53.32 24.26 -14.35
C LYS E 213 -53.55 22.81 -14.72
N ALA E 214 -53.50 21.94 -13.72
CA ALA E 214 -53.67 20.50 -13.91
C ALA E 214 -54.99 20.13 -13.26
N GLU E 215 -55.91 19.66 -14.09
CA GLU E 215 -57.30 19.39 -13.73
C GLU E 215 -57.64 17.95 -14.03
N PRO E 216 -58.56 17.36 -13.27
CA PRO E 216 -59.07 16.04 -13.65
C PRO E 216 -59.69 16.14 -15.02
N LYS E 217 -59.48 15.10 -15.83
CA LYS E 217 -60.08 15.06 -17.16
C LYS E 217 -61.60 14.87 -17.05
N SER E 218 -62.31 15.43 -18.04
CA SER E 218 -63.77 15.29 -18.12
C SER E 218 -64.18 13.83 -17.96
N CYS E 219 -65.04 13.56 -16.98
CA CYS E 219 -65.50 12.21 -16.70
C CYS E 219 -66.98 11.97 -16.95
N ASP E 220 -67.78 13.03 -17.08
CA ASP E 220 -69.21 12.89 -17.33
C ASP E 220 -69.81 14.23 -17.76
N GLU F 1 -12.54 -26.81 32.41
CA GLU F 1 -11.87 -25.63 31.90
C GLU F 1 -10.67 -26.01 31.02
N VAL F 2 -10.38 -25.14 30.05
CA VAL F 2 -9.33 -25.40 29.07
C VAL F 2 -7.97 -25.19 29.70
N GLN F 3 -7.03 -26.10 29.41
CA GLN F 3 -5.67 -25.98 29.90
C GLN F 3 -4.67 -26.34 28.80
N LEU F 4 -3.60 -25.55 28.75
CA LEU F 4 -2.45 -25.78 27.88
C LEU F 4 -1.25 -25.94 28.82
N GLN F 5 -0.68 -27.15 28.89
CA GLN F 5 0.38 -27.42 29.85
C GLN F 5 1.66 -27.74 29.12
N GLN F 6 2.69 -26.94 29.35
CA GLN F 6 3.94 -27.06 28.62
C GLN F 6 4.99 -27.79 29.45
N SER F 7 5.92 -28.44 28.76
CA SER F 7 7.02 -29.15 29.37
C SER F 7 7.95 -28.16 30.10
N GLY F 8 8.88 -28.71 30.87
CA GLY F 8 9.68 -27.91 31.76
C GLY F 8 10.89 -27.29 31.09
N PRO F 9 11.62 -26.49 31.86
CA PRO F 9 12.78 -25.80 31.31
C PRO F 9 13.83 -26.82 30.89
N GLU F 10 14.64 -26.44 29.91
CA GLU F 10 15.66 -27.29 29.35
C GLU F 10 16.94 -26.52 29.06
N LEU F 11 18.05 -27.16 29.35
CA LEU F 11 19.36 -26.74 28.87
C LEU F 11 19.71 -27.63 27.69
N VAL F 12 20.09 -27.03 26.58
CA VAL F 12 20.33 -27.79 25.36
C VAL F 12 21.65 -27.28 24.79
N LYS F 13 22.56 -28.21 24.51
CA LYS F 13 23.86 -27.82 23.97
C LYS F 13 23.69 -27.27 22.56
N PRO F 14 24.38 -26.17 22.22
CA PRO F 14 24.23 -25.59 20.89
C PRO F 14 24.56 -26.61 19.81
N GLY F 15 23.70 -26.69 18.81
CA GLY F 15 23.81 -27.66 17.74
C GLY F 15 22.95 -28.90 17.93
N ALA F 16 22.52 -29.19 19.17
CA ALA F 16 21.63 -30.32 19.43
C ALA F 16 20.17 -29.93 19.15
N SER F 17 19.31 -30.93 19.11
CA SER F 17 17.89 -30.73 18.84
C SER F 17 17.09 -30.76 20.14
N VAL F 18 15.92 -30.13 20.11
CA VAL F 18 15.04 -30.18 21.26
C VAL F 18 13.62 -30.08 20.76
N LYS F 19 12.72 -30.76 21.45
CA LYS F 19 11.31 -30.73 21.10
C LYS F 19 10.56 -30.46 22.38
N ILE F 20 9.81 -29.36 22.43
CA ILE F 20 9.02 -29.02 23.60
C ILE F 20 7.56 -29.28 23.25
N SER F 21 6.77 -29.51 24.29
CA SER F 21 5.42 -30.01 24.14
C SER F 21 4.43 -29.08 24.81
N CYS F 22 3.19 -29.19 24.33
CA CYS F 22 2.09 -28.37 24.80
C CYS F 22 0.92 -29.35 24.90
N LYS F 23 0.58 -29.75 26.13
CA LYS F 23 -0.49 -30.72 26.39
C LYS F 23 -1.81 -29.99 26.59
N THR F 24 -2.76 -30.24 25.71
CA THR F 24 -4.06 -29.55 25.77
C THR F 24 -5.13 -30.42 26.42
N SER F 25 -6.10 -29.75 27.07
CA SER F 25 -7.19 -30.48 27.71
C SER F 25 -8.37 -29.53 27.94
N GLY F 26 -9.56 -30.13 28.06
CA GLY F 26 -10.75 -29.36 28.33
C GLY F 26 -11.55 -28.94 27.10
N TYR F 27 -11.18 -29.42 25.92
CA TYR F 27 -11.88 -29.06 24.70
C TYR F 27 -11.51 -30.10 23.64
N THR F 28 -12.22 -30.05 22.51
CA THR F 28 -11.94 -30.98 21.42
C THR F 28 -10.70 -30.54 20.67
N PHE F 29 -9.61 -31.32 20.82
CA PHE F 29 -8.30 -30.95 20.28
C PHE F 29 -8.37 -30.47 18.83
N THR F 30 -9.13 -31.16 17.98
CA THR F 30 -9.11 -30.88 16.55
C THR F 30 -9.84 -29.58 16.19
N GLU F 31 -10.42 -28.90 17.16
CA GLU F 31 -11.23 -27.72 16.90
C GLU F 31 -10.47 -26.39 16.94
N TYR F 32 -9.22 -26.37 17.40
CA TYR F 32 -8.54 -25.09 17.57
C TYR F 32 -7.09 -25.17 17.09
N THR F 33 -6.66 -24.13 16.37
CA THR F 33 -5.26 -23.99 15.97
C THR F 33 -4.38 -23.73 17.19
N ILE F 34 -3.17 -24.29 17.18
CA ILE F 34 -2.18 -24.05 18.23
C ILE F 34 -1.08 -23.15 17.66
N HIS F 35 -0.76 -22.09 18.38
CA HIS F 35 0.29 -21.14 18.02
C HIS F 35 1.47 -21.26 18.96
N TRP F 36 2.66 -20.87 18.49
CA TRP F 36 3.85 -20.77 19.32
C TRP F 36 4.44 -19.37 19.21
N VAL F 37 4.88 -18.85 20.35
CA VAL F 37 5.26 -17.45 20.51
C VAL F 37 6.55 -17.41 21.33
N LYS F 38 7.51 -16.60 20.89
CA LYS F 38 8.78 -16.45 21.61
C LYS F 38 8.83 -15.13 22.39
N GLN F 39 9.38 -15.20 23.61
CA GLN F 39 9.62 -13.99 24.40
C GLN F 39 11.00 -14.13 25.03
N ASN F 40 11.99 -13.42 24.50
CA ASN F 40 13.32 -13.42 25.11
C ASN F 40 13.35 -12.35 26.19
N HIS F 41 14.55 -12.09 26.72
CA HIS F 41 14.75 -11.08 27.75
C HIS F 41 14.31 -9.68 27.31
N GLY F 42 14.30 -9.42 26.00
CA GLY F 42 13.80 -8.16 25.48
C GLY F 42 12.31 -7.92 25.68
N LYS F 43 11.59 -8.93 26.18
CA LYS F 43 10.19 -8.85 26.54
C LYS F 43 9.24 -8.65 25.35
N SER F 44 9.71 -8.48 24.13
CA SER F 44 8.73 -8.38 23.04
C SER F 44 8.23 -9.77 22.68
N LEU F 45 7.01 -9.84 22.14
CA LEU F 45 6.41 -11.11 21.76
C LEU F 45 6.63 -11.35 20.27
N ASP F 46 7.20 -12.50 19.93
CA ASP F 46 7.43 -12.87 18.53
C ASP F 46 6.64 -14.13 18.21
N TRP F 47 5.73 -14.02 17.26
CA TRP F 47 5.00 -15.18 16.73
C TRP F 47 5.95 -16.06 15.92
N ILE F 48 5.91 -17.37 16.20
CA ILE F 48 6.72 -18.32 15.45
C ILE F 48 5.93 -18.96 14.32
N GLY F 49 4.71 -19.39 14.61
CA GLY F 49 3.90 -20.08 13.63
C GLY F 49 2.71 -20.73 14.31
N GLY F 50 1.84 -21.31 13.48
CA GLY F 50 0.68 -22.02 13.99
C GLY F 50 0.46 -23.31 13.24
N ILE F 51 -0.28 -24.22 13.87
CA ILE F 51 -0.59 -25.50 13.25
C ILE F 51 -2.04 -25.84 13.55
N ASN F 52 -2.79 -26.26 12.54
CA ASN F 52 -4.12 -26.81 12.79
C ASN F 52 -4.02 -28.30 13.11
N PRO F 53 -4.43 -28.75 14.30
CA PRO F 53 -4.26 -30.16 14.63
C PRO F 53 -5.11 -31.10 13.79
N ASN F 54 -6.20 -30.61 13.20
CA ASN F 54 -7.09 -31.52 12.46
C ASN F 54 -6.44 -32.01 11.18
N ASN F 55 -5.82 -31.12 10.41
CA ASN F 55 -5.27 -31.49 9.13
C ASN F 55 -3.77 -31.23 8.96
N GLY F 56 -3.07 -30.77 10.00
CA GLY F 56 -1.65 -30.48 9.92
C GLY F 56 -1.23 -29.23 9.17
N GLY F 57 -2.16 -28.36 8.78
CA GLY F 57 -1.78 -27.14 8.08
C GLY F 57 -1.00 -26.21 8.99
N THR F 58 0.02 -25.56 8.40
CA THR F 58 0.97 -24.75 9.16
C THR F 58 1.25 -23.45 8.44
N THR F 59 1.63 -22.42 9.21
CA THR F 59 2.18 -21.19 8.65
C THR F 59 3.18 -20.62 9.65
N TYR F 60 4.25 -20.06 9.13
CA TYR F 60 5.36 -19.59 9.93
C TYR F 60 5.62 -18.11 9.72
N ASN F 61 6.10 -17.48 10.78
CA ASN F 61 6.96 -16.31 10.63
C ASN F 61 8.22 -16.79 9.91
N GLN F 62 8.56 -16.13 8.80
CA GLN F 62 9.69 -16.61 8.02
C GLN F 62 11.01 -16.54 8.79
N GLU F 63 11.09 -15.70 9.84
CA GLU F 63 12.32 -15.72 10.63
C GLU F 63 12.50 -17.03 11.40
N PHE F 64 11.46 -17.86 11.45
CA PHE F 64 11.57 -19.14 12.11
C PHE F 64 11.34 -20.29 11.15
N LYS F 65 10.87 -20.02 9.94
CA LYS F 65 10.71 -21.10 8.99
C LYS F 65 12.11 -21.62 8.66
N GLY F 66 12.26 -22.95 8.64
CA GLY F 66 13.57 -23.58 8.52
C GLY F 66 14.31 -23.74 9.82
N LYS F 67 13.77 -23.25 10.91
CA LYS F 67 14.43 -23.28 12.19
C LYS F 67 13.60 -24.01 13.23
N ALA F 68 12.29 -23.83 13.20
CA ALA F 68 11.34 -24.54 14.03
C ALA F 68 10.45 -25.38 13.14
N THR F 69 10.00 -26.51 13.69
CA THR F 69 9.07 -27.39 13.02
C THR F 69 7.95 -27.66 13.98
N LEU F 70 6.70 -27.51 13.51
CA LEU F 70 5.53 -27.74 14.33
C LEU F 70 4.86 -29.05 13.95
N THR F 71 4.45 -29.83 14.97
CA THR F 71 3.78 -31.11 14.76
C THR F 71 2.67 -31.28 15.80
N VAL F 72 1.80 -32.27 15.56
CA VAL F 72 0.75 -32.56 16.51
C VAL F 72 0.73 -34.06 16.79
N ASP F 73 0.15 -34.43 17.92
CA ASP F 73 -0.10 -35.83 18.26
C ASP F 73 -1.53 -35.92 18.78
N LYS F 74 -2.44 -36.42 17.94
CA LYS F 74 -3.86 -36.35 18.29
C LYS F 74 -4.22 -37.19 19.54
N SER F 75 -3.62 -38.38 19.72
CA SER F 75 -4.04 -39.28 20.79
C SER F 75 -3.87 -38.64 22.17
N SER F 76 -2.80 -37.89 22.37
CA SER F 76 -2.54 -37.21 23.62
C SER F 76 -3.03 -35.77 23.64
N SER F 77 -3.62 -35.28 22.54
CA SER F 77 -4.05 -33.90 22.43
C SER F 77 -2.88 -32.97 22.69
N THR F 78 -1.76 -33.23 22.00
CA THR F 78 -0.50 -32.58 22.28
C THR F 78 0.12 -31.98 21.01
N ALA F 79 0.61 -30.77 21.14
CA ALA F 79 1.36 -30.09 20.08
C ALA F 79 2.81 -29.97 20.49
N TYR F 80 3.69 -29.98 19.50
CA TYR F 80 5.13 -29.96 19.67
C TYR F 80 5.76 -28.90 18.79
N MET F 81 6.86 -28.32 19.28
CA MET F 81 7.74 -27.47 18.47
C MET F 81 9.18 -27.94 18.61
N GLU F 82 9.83 -28.20 17.48
CA GLU F 82 11.17 -28.75 17.48
C GLU F 82 12.15 -27.79 16.80
N PHE F 83 13.23 -27.46 17.51
CA PHE F 83 14.38 -26.75 16.95
C PHE F 83 15.41 -27.78 16.55
N ARG F 84 15.88 -27.70 15.31
CA ARG F 84 16.80 -28.73 14.85
C ARG F 84 18.23 -28.47 15.26
N SER F 85 18.63 -27.19 15.34
CA SER F 85 19.99 -26.76 15.70
C SER F 85 19.87 -25.50 16.57
N LEU F 86 19.65 -25.70 17.86
CA LEU F 86 19.48 -24.58 18.77
C LEU F 86 20.73 -23.74 18.87
N THR F 87 20.58 -22.42 18.79
CA THR F 87 21.69 -21.47 18.94
C THR F 87 21.41 -20.57 20.14
N SER F 88 22.43 -19.79 20.52
CA SER F 88 22.27 -18.90 21.67
C SER F 88 21.21 -17.85 21.43
N GLU F 89 20.98 -17.49 20.16
CA GLU F 89 19.90 -16.57 19.86
C GLU F 89 18.54 -17.15 20.19
N ASP F 90 18.46 -18.45 20.48
CA ASP F 90 17.21 -19.13 20.74
C ASP F 90 16.87 -19.24 22.22
N SER F 91 17.76 -18.81 23.10
CA SER F 91 17.46 -18.83 24.52
C SER F 91 16.34 -17.85 24.79
N ALA F 92 15.26 -18.32 25.39
CA ALA F 92 14.04 -17.53 25.47
C ALA F 92 12.99 -18.36 26.17
N VAL F 93 11.88 -17.70 26.54
CA VAL F 93 10.65 -18.37 26.95
C VAL F 93 9.81 -18.63 25.71
N TYR F 94 9.22 -19.82 25.61
CA TYR F 94 8.38 -20.21 24.50
C TYR F 94 6.98 -20.57 25.00
N TYR F 95 5.97 -19.94 24.42
CA TYR F 95 4.57 -20.16 24.79
C TYR F 95 3.86 -20.88 23.67
N CYS F 96 2.93 -21.76 24.04
CA CYS F 96 1.91 -22.19 23.09
C CYS F 96 0.59 -21.50 23.43
N ALA F 97 -0.28 -21.41 22.45
CA ALA F 97 -1.53 -20.69 22.65
C ALA F 97 -2.53 -21.22 21.65
N ARG F 98 -3.80 -21.12 22.03
CA ARG F 98 -4.90 -21.64 21.23
C ARG F 98 -5.68 -20.51 20.56
N SER F 99 -6.00 -20.68 19.28
CA SER F 99 -6.86 -19.73 18.57
C SER F 99 -8.05 -20.47 17.95
N TYR F 100 -9.12 -19.72 17.68
CA TYR F 100 -10.14 -20.15 16.73
C TYR F 100 -10.22 -19.20 15.56
N TYR F 101 -10.39 -17.91 15.83
CA TYR F 101 -10.35 -16.88 14.79
C TYR F 101 -8.94 -16.30 14.82
N GLY F 102 -8.81 -14.98 14.73
CA GLY F 102 -7.48 -14.40 14.73
C GLY F 102 -6.87 -14.17 16.10
N TYR F 103 -7.59 -14.37 17.20
CA TYR F 103 -7.02 -14.10 18.52
C TYR F 103 -6.75 -15.40 19.26
N VAL F 104 -5.84 -15.36 20.21
CA VAL F 104 -5.54 -16.52 21.06
C VAL F 104 -6.22 -16.30 22.41
N ASP F 105 -7.03 -17.27 22.84
CA ASP F 105 -7.78 -17.10 24.08
C ASP F 105 -7.22 -17.87 25.26
N TYR F 106 -6.42 -18.92 25.05
CA TYR F 106 -5.76 -19.62 26.14
C TYR F 106 -4.28 -19.77 25.83
N TRP F 107 -3.44 -19.52 26.84
CA TRP F 107 -1.98 -19.61 26.74
C TRP F 107 -1.43 -20.69 27.66
N GLY F 108 -0.38 -21.38 27.21
CA GLY F 108 0.41 -22.20 28.08
C GLY F 108 1.13 -21.35 29.10
N GLN F 109 1.83 -22.03 30.02
CA GLN F 109 2.55 -21.32 31.07
C GLN F 109 3.96 -20.93 30.66
N GLY F 110 4.46 -21.40 29.51
CA GLY F 110 5.79 -21.05 29.02
C GLY F 110 6.83 -22.11 29.33
N THR F 111 7.82 -22.22 28.44
CA THR F 111 8.94 -23.14 28.56
C THR F 111 10.21 -22.34 28.33
N THR F 112 11.12 -22.34 29.31
CA THR F 112 12.38 -21.62 29.18
C THR F 112 13.42 -22.55 28.54
N LEU F 113 13.98 -22.14 27.42
CA LEU F 113 15.05 -22.88 26.77
C LEU F 113 16.35 -22.12 26.87
N THR F 114 17.41 -22.79 27.33
CA THR F 114 18.74 -22.20 27.41
C THR F 114 19.66 -22.98 26.46
N ALA F 115 20.26 -22.27 25.51
CA ALA F 115 21.23 -22.88 24.59
C ALA F 115 22.64 -22.66 25.13
N ALA F 116 23.13 -23.61 25.93
CA ALA F 116 24.48 -23.52 26.46
C ALA F 116 25.00 -24.92 26.74
N ALA F 117 26.31 -25.02 26.99
CA ALA F 117 26.94 -26.31 27.26
C ALA F 117 26.84 -26.70 28.71
N SER F 118 26.72 -25.75 29.61
CA SER F 118 26.77 -26.09 31.02
C SER F 118 25.92 -25.12 31.82
N THR F 119 25.63 -25.54 33.05
CA THR F 119 25.00 -24.73 34.08
C THR F 119 26.03 -24.48 35.17
N LYS F 120 25.78 -23.44 35.96
CA LYS F 120 26.67 -23.11 37.06
C LYS F 120 25.83 -22.58 38.22
N GLY F 121 25.92 -23.25 39.36
CA GLY F 121 25.25 -22.85 40.57
C GLY F 121 25.84 -21.61 41.20
N PRO F 122 25.08 -20.96 42.07
CA PRO F 122 25.51 -19.69 42.65
C PRO F 122 26.45 -19.87 43.84
N SER F 123 27.25 -18.82 44.04
CA SER F 123 27.88 -18.55 45.33
C SER F 123 26.94 -17.64 46.11
N VAL F 124 26.79 -17.88 47.40
CA VAL F 124 25.87 -17.08 48.21
C VAL F 124 26.66 -16.33 49.26
N PHE F 125 26.62 -15.02 49.20
CA PHE F 125 27.33 -14.21 50.17
C PHE F 125 26.36 -13.47 51.08
N PRO F 126 26.75 -13.21 52.32
CA PRO F 126 25.88 -12.46 53.22
C PRO F 126 25.91 -10.96 52.95
N LEU F 127 24.75 -10.33 53.10
CA LEU F 127 24.60 -8.89 53.24
C LEU F 127 24.24 -8.71 54.72
N ALA F 128 25.24 -8.41 55.54
CA ALA F 128 25.09 -8.54 56.99
C ALA F 128 24.40 -7.31 57.57
N PRO F 129 23.38 -7.49 58.40
CA PRO F 129 22.70 -6.33 58.98
C PRO F 129 23.63 -5.60 59.93
N SER F 130 23.51 -4.29 59.94
CA SER F 130 24.36 -3.45 60.77
C SER F 130 23.62 -2.15 61.01
N SER F 131 24.27 -1.25 61.73
CA SER F 131 23.68 0.07 61.89
C SER F 131 23.58 0.79 60.55
N LYS F 132 24.51 0.51 59.63
CA LYS F 132 24.41 1.14 58.32
C LYS F 132 23.32 0.54 57.43
N SER F 133 22.59 -0.47 57.89
CA SER F 133 21.43 -0.96 57.14
C SER F 133 20.17 -0.94 58.00
N THR F 134 20.11 -0.03 58.98
CA THR F 134 18.99 0.06 59.92
C THR F 134 18.39 1.47 59.88
N SER F 135 17.06 1.54 59.97
CA SER F 135 16.34 2.80 59.97
C SER F 135 14.99 2.60 60.66
N GLY F 136 14.62 3.53 61.53
CA GLY F 136 13.33 3.40 62.21
C GLY F 136 13.11 2.05 62.88
N GLY F 137 14.18 1.46 63.41
CA GLY F 137 14.08 0.20 64.13
C GLY F 137 13.99 -1.05 63.30
N THR F 138 14.05 -0.97 61.98
CA THR F 138 14.01 -2.16 61.14
C THR F 138 15.40 -2.33 60.51
N ALA F 139 15.93 -3.54 60.53
CA ALA F 139 17.20 -3.79 59.88
C ALA F 139 17.00 -4.53 58.57
N ALA F 140 17.80 -4.16 57.58
CA ALA F 140 17.80 -4.88 56.32
C ALA F 140 19.01 -5.81 56.29
N LEU F 141 18.78 -7.04 55.86
CA LEU F 141 19.84 -8.00 55.66
C LEU F 141 19.44 -8.84 54.46
N GLY F 142 20.41 -9.56 53.91
CA GLY F 142 20.05 -10.35 52.76
C GLY F 142 21.13 -11.31 52.35
N CYS F 143 20.94 -11.87 51.17
CA CYS F 143 21.87 -12.79 50.55
C CYS F 143 22.16 -12.29 49.16
N LEU F 144 23.44 -12.20 48.83
CA LEU F 144 23.88 -11.89 47.48
C LEU F 144 24.11 -13.20 46.77
N VAL F 145 23.34 -13.46 45.74
CA VAL F 145 23.34 -14.72 45.02
C VAL F 145 24.02 -14.42 43.68
N LYS F 146 25.31 -14.72 43.57
CA LYS F 146 26.07 -14.23 42.43
C LYS F 146 26.69 -15.35 41.59
N ASP F 147 26.79 -15.07 40.29
CA ASP F 147 27.53 -15.88 39.33
C ASP F 147 26.86 -17.22 39.12
N TYR F 148 25.62 -17.20 38.70
CA TYR F 148 24.93 -18.42 38.36
C TYR F 148 24.45 -18.33 36.92
N PHE F 149 24.15 -19.49 36.35
CA PHE F 149 23.69 -19.54 34.98
C PHE F 149 23.05 -20.89 34.75
N PRO F 150 21.89 -20.96 34.06
CA PRO F 150 21.10 -19.79 33.65
C PRO F 150 20.08 -19.37 34.76
N GLU F 151 19.21 -18.41 34.48
CA GLU F 151 18.12 -18.11 35.39
C GLU F 151 17.19 -19.31 35.45
N PRO F 152 16.38 -19.44 36.53
CA PRO F 152 16.29 -18.57 37.70
C PRO F 152 16.83 -19.20 38.98
N VAL F 153 17.00 -18.38 40.00
CA VAL F 153 17.14 -18.87 41.37
C VAL F 153 15.90 -18.45 42.14
N THR F 154 15.55 -19.25 43.14
CA THR F 154 14.52 -18.93 44.11
C THR F 154 15.15 -18.82 45.49
N VAL F 155 14.68 -17.88 46.28
CA VAL F 155 15.15 -17.71 47.65
C VAL F 155 13.94 -17.68 48.58
N SER F 156 13.95 -18.52 49.59
CA SER F 156 13.07 -18.35 50.73
C SER F 156 13.94 -18.06 51.95
N TRP F 157 13.30 -17.69 53.04
CA TRP F 157 14.03 -17.38 54.27
C TRP F 157 13.48 -18.22 55.41
N ASN F 158 14.40 -18.73 56.22
CA ASN F 158 14.05 -19.58 57.37
C ASN F 158 12.99 -20.59 56.97
N SER F 159 13.23 -21.20 55.81
CA SER F 159 12.43 -22.31 55.30
C SER F 159 10.95 -21.98 55.23
N GLY F 160 10.62 -20.69 55.05
CA GLY F 160 9.23 -20.29 54.93
C GLY F 160 8.57 -19.83 56.22
N ALA F 161 9.25 -19.95 57.36
CA ALA F 161 8.73 -19.55 58.67
C ALA F 161 8.82 -18.04 58.94
N LEU F 162 9.50 -17.27 58.11
CA LEU F 162 9.83 -15.87 58.40
C LEU F 162 8.79 -14.93 57.83
N THR F 163 8.25 -14.07 58.70
CA THR F 163 7.38 -12.96 58.31
C THR F 163 8.24 -11.71 58.38
N SER F 164 8.24 -10.93 57.31
CA SER F 164 9.17 -9.82 57.23
C SER F 164 8.91 -9.07 55.93
N GLY F 165 9.38 -7.83 55.89
CA GLY F 165 9.46 -7.15 54.61
C GLY F 165 10.41 -7.89 53.70
N VAL F 166 10.08 -7.95 52.41
CA VAL F 166 10.88 -8.69 51.43
C VAL F 166 11.12 -7.76 50.25
N HIS F 167 12.36 -7.68 49.80
CA HIS F 167 12.74 -6.98 48.58
C HIS F 167 13.59 -7.91 47.73
N THR F 168 13.04 -8.34 46.61
CA THR F 168 13.74 -9.24 45.69
C THR F 168 14.23 -8.47 44.47
N PHE F 169 15.53 -8.26 44.39
CA PHE F 169 16.08 -7.53 43.26
C PHE F 169 16.24 -8.50 42.10
N PRO F 170 15.61 -8.24 40.95
CA PRO F 170 15.78 -9.11 39.78
C PRO F 170 17.24 -9.35 39.40
N ALA F 171 17.47 -10.52 38.83
CA ALA F 171 18.78 -10.88 38.35
C ALA F 171 19.33 -9.80 37.41
N VAL F 172 20.63 -9.60 37.48
CA VAL F 172 21.35 -8.72 36.58
C VAL F 172 22.36 -9.57 35.80
N LEU F 173 22.37 -9.41 34.48
CA LEU F 173 23.38 -10.07 33.64
C LEU F 173 24.74 -9.40 33.82
N GLN F 174 25.71 -10.15 34.31
CA GLN F 174 27.07 -9.65 34.42
C GLN F 174 27.81 -9.76 33.09
N SER F 175 28.94 -9.05 32.98
CA SER F 175 29.71 -9.08 31.73
C SER F 175 30.37 -10.42 31.46
N SER F 176 30.45 -11.30 32.44
CA SER F 176 30.87 -12.68 32.20
C SER F 176 29.79 -13.56 31.60
N GLY F 177 28.56 -13.08 31.49
CA GLY F 177 27.45 -13.93 31.15
C GLY F 177 26.75 -14.58 32.32
N LEU F 178 27.29 -14.45 33.53
CA LEU F 178 26.64 -15.03 34.70
C LEU F 178 25.71 -14.00 35.34
N TYR F 179 24.72 -14.48 36.07
CA TYR F 179 23.74 -13.61 36.67
C TYR F 179 24.04 -13.37 38.14
N SER F 180 23.47 -12.29 38.66
CA SER F 180 23.60 -11.99 40.06
C SER F 180 22.30 -11.39 40.56
N LEU F 181 21.90 -11.76 41.78
CA LEU F 181 20.75 -11.11 42.37
C LEU F 181 20.96 -11.01 43.87
N SER F 182 20.22 -10.08 44.47
CA SER F 182 20.14 -9.94 45.91
C SER F 182 18.72 -10.22 46.37
N SER F 183 18.62 -10.95 47.49
CA SER F 183 17.36 -11.13 48.17
C SER F 183 17.51 -10.53 49.54
N VAL F 184 16.67 -9.55 49.86
CA VAL F 184 16.80 -8.76 51.07
C VAL F 184 15.52 -8.87 51.89
N VAL F 185 15.67 -8.84 53.19
CA VAL F 185 14.54 -8.88 54.11
C VAL F 185 14.74 -7.81 55.17
N THR F 186 13.62 -7.26 55.64
CA THR F 186 13.61 -6.26 56.68
C THR F 186 12.93 -6.82 57.93
N VAL F 187 13.61 -6.72 59.06
CA VAL F 187 13.21 -7.36 60.31
C VAL F 187 13.39 -6.37 61.45
N PRO F 188 12.84 -6.60 62.65
CA PRO F 188 13.11 -5.67 63.75
C PRO F 188 14.59 -5.70 64.11
N SER F 189 15.17 -4.51 64.27
CA SER F 189 16.59 -4.45 64.60
C SER F 189 16.89 -5.09 65.94
N SER F 190 15.97 -5.02 66.89
CA SER F 190 16.21 -5.60 68.20
C SER F 190 16.19 -7.11 68.17
N SER F 191 15.81 -7.72 67.05
CA SER F 191 15.78 -9.16 66.86
C SER F 191 17.10 -9.74 66.37
N LEU F 192 18.09 -8.92 66.04
CA LEU F 192 19.29 -9.46 65.42
C LEU F 192 20.03 -10.41 66.36
N GLY F 193 20.38 -9.94 67.56
CA GLY F 193 21.15 -10.79 68.47
C GLY F 193 20.43 -12.04 68.92
N THR F 194 19.12 -12.15 68.70
CA THR F 194 18.36 -13.30 69.18
C THR F 194 17.83 -14.23 68.10
N GLN F 195 17.60 -13.75 66.89
CA GLN F 195 16.99 -14.56 65.84
C GLN F 195 18.04 -14.87 64.79
N THR F 196 17.98 -16.08 64.23
CA THR F 196 18.88 -16.47 63.15
C THR F 196 18.12 -16.39 61.82
N TYR F 197 18.81 -15.92 60.79
CA TYR F 197 18.23 -15.74 59.47
C TYR F 197 19.00 -16.57 58.46
N ILE F 198 18.32 -17.53 57.85
CA ILE F 198 18.93 -18.41 56.86
C ILE F 198 18.20 -18.14 55.55
N CYS F 199 18.96 -17.80 54.52
CA CYS F 199 18.37 -17.72 53.19
C CYS F 199 18.56 -19.07 52.52
N ASN F 200 17.49 -19.61 51.97
CA ASN F 200 17.48 -20.89 51.30
C ASN F 200 17.49 -20.61 49.81
N VAL F 201 18.62 -20.85 49.17
CA VAL F 201 18.82 -20.51 47.78
C VAL F 201 18.69 -21.80 46.98
N ASN F 202 17.88 -21.76 45.94
CA ASN F 202 17.63 -22.94 45.12
C ASN F 202 17.94 -22.58 43.67
N HIS F 203 18.73 -23.43 43.01
CA HIS F 203 19.06 -23.23 41.59
C HIS F 203 18.74 -24.53 40.85
N LYS F 204 17.50 -24.65 40.38
CA LYS F 204 17.06 -25.89 39.73
C LYS F 204 17.90 -26.29 38.51
N PRO F 205 18.27 -25.38 37.59
CA PRO F 205 19.11 -25.82 36.45
C PRO F 205 20.36 -26.59 36.82
N SER F 206 20.99 -26.30 37.97
CA SER F 206 22.19 -27.00 38.39
C SER F 206 21.94 -27.95 39.56
N ASN F 207 20.66 -28.14 39.92
CA ASN F 207 20.25 -28.98 41.05
C ASN F 207 20.99 -28.62 42.34
N THR F 208 21.09 -27.32 42.59
CA THR F 208 21.81 -26.79 43.74
C THR F 208 20.83 -26.28 44.81
N LYS F 209 21.06 -26.70 46.06
CA LYS F 209 20.38 -26.15 47.22
C LYS F 209 21.43 -25.69 48.22
N VAL F 210 21.36 -24.44 48.64
CA VAL F 210 22.32 -23.86 49.58
C VAL F 210 21.56 -23.11 50.66
N ASP F 211 21.89 -23.39 51.92
CA ASP F 211 21.40 -22.61 53.05
C ASP F 211 22.56 -21.77 53.60
N LYS F 212 22.31 -20.48 53.77
CA LYS F 212 23.32 -19.53 54.20
C LYS F 212 22.82 -18.75 55.40
N LYS F 213 23.56 -18.84 56.50
CA LYS F 213 23.27 -18.05 57.68
C LYS F 213 23.84 -16.66 57.49
N ALA F 214 23.03 -15.64 57.73
CA ALA F 214 23.45 -14.26 57.54
C ALA F 214 23.57 -13.66 58.93
N GLU F 215 24.76 -13.21 59.27
CA GLU F 215 24.90 -12.84 60.66
C GLU F 215 25.24 -11.38 60.79
N PRO F 216 24.78 -10.75 61.88
CA PRO F 216 25.00 -9.31 62.05
C PRO F 216 26.47 -8.96 62.02
N LYS F 217 26.77 -7.80 61.45
CA LYS F 217 28.11 -7.32 61.57
C LYS F 217 28.33 -6.99 63.05
N SER F 218 29.55 -7.16 63.50
CA SER F 218 29.85 -6.86 64.89
C SER F 218 30.15 -5.38 65.09
N CYS F 219 30.52 -4.68 64.02
CA CYS F 219 30.66 -3.23 64.04
C CYS F 219 29.27 -2.64 63.84
N ASP F 220 28.74 -1.98 64.86
CA ASP F 220 27.43 -1.35 64.72
C ASP F 220 27.60 -0.08 63.92
N GLU G 1 3.84 -32.09 8.09
CA GLU G 1 4.56 -31.14 7.26
C GLU G 1 5.78 -31.79 6.60
N VAL G 2 6.15 -31.26 5.43
CA VAL G 2 7.24 -31.84 4.65
C VAL G 2 8.55 -31.56 5.35
N GLN G 3 9.40 -32.57 5.44
CA GLN G 3 10.72 -32.38 6.00
C GLN G 3 11.71 -33.20 5.18
N LEU G 4 12.87 -32.60 4.89
CA LEU G 4 13.99 -33.28 4.23
C LEU G 4 15.13 -33.29 5.22
N GLN G 5 15.50 -34.48 5.67
CA GLN G 5 16.47 -34.63 6.74
C GLN G 5 17.75 -35.22 6.14
N GLN G 6 18.83 -34.44 6.14
CA GLN G 6 20.07 -34.85 5.49
C GLN G 6 21.08 -35.38 6.52
N SER G 7 21.94 -36.28 6.05
CA SER G 7 22.95 -36.87 6.89
C SER G 7 23.97 -35.81 7.32
N GLY G 8 24.83 -36.20 8.27
CA GLY G 8 25.75 -35.29 8.90
C GLY G 8 27.02 -35.09 8.09
N PRO G 9 27.89 -34.22 8.60
CA PRO G 9 29.10 -33.88 7.86
C PRO G 9 30.04 -35.06 7.67
N GLU G 10 30.89 -34.95 6.63
CA GLU G 10 31.77 -36.04 6.26
C GLU G 10 33.17 -35.53 5.95
N LEU G 11 34.15 -36.21 6.53
CA LEU G 11 35.53 -36.06 6.17
C LEU G 11 35.86 -37.24 5.27
N VAL G 12 36.49 -36.97 4.14
CA VAL G 12 36.65 -37.96 3.09
C VAL G 12 38.09 -37.83 2.59
N LYS G 13 38.74 -38.98 2.41
CA LYS G 13 40.10 -38.96 1.87
C LYS G 13 40.04 -38.41 0.45
N PRO G 14 41.00 -37.57 0.06
CA PRO G 14 40.99 -37.09 -1.33
C PRO G 14 41.07 -38.27 -2.29
N GLY G 15 40.13 -38.31 -3.23
CA GLY G 15 40.06 -39.41 -4.17
C GLY G 15 39.11 -40.51 -3.77
N ALA G 16 38.71 -40.55 -2.51
CA ALA G 16 37.79 -41.56 -2.05
C ALA G 16 36.35 -41.21 -2.42
N SER G 17 35.50 -42.20 -2.22
CA SER G 17 34.08 -42.11 -2.49
C SER G 17 33.34 -41.78 -1.21
N VAL G 18 32.17 -41.17 -1.35
CA VAL G 18 31.31 -40.85 -0.21
C VAL G 18 29.87 -40.84 -0.69
N LYS G 19 28.95 -41.18 0.21
CA LYS G 19 27.53 -41.21 -0.08
C LYS G 19 26.78 -40.52 1.04
N ILE G 20 26.01 -39.48 0.69
CA ILE G 20 25.17 -38.75 1.65
C ILE G 20 23.69 -39.02 1.34
N SER G 21 22.86 -38.87 2.37
CA SER G 21 21.46 -39.28 2.30
C SER G 21 20.53 -38.13 2.64
N CYS G 22 19.28 -38.26 2.17
CA CYS G 22 18.25 -37.24 2.33
C CYS G 22 16.92 -37.95 2.63
N LYS G 23 16.49 -37.87 3.88
CA LYS G 23 15.32 -38.60 4.37
C LYS G 23 14.09 -37.72 4.25
N THR G 24 13.15 -38.10 3.41
CA THR G 24 11.94 -37.30 3.23
C THR G 24 10.79 -37.87 4.04
N SER G 25 9.87 -36.99 4.43
CA SER G 25 8.71 -37.36 5.24
C SER G 25 7.67 -36.27 5.09
N GLY G 26 6.41 -36.62 5.33
CA GLY G 26 5.33 -35.67 5.28
C GLY G 26 4.64 -35.57 3.95
N TYR G 27 5.01 -36.41 2.99
CA TYR G 27 4.38 -36.36 1.68
C TYR G 27 4.63 -37.68 0.97
N THR G 28 3.97 -37.86 -0.17
CA THR G 28 4.12 -39.08 -0.96
C THR G 28 5.46 -39.01 -1.70
N PHE G 29 6.44 -39.75 -1.19
CA PHE G 29 7.79 -39.69 -1.73
C PHE G 29 7.84 -39.83 -3.26
N THR G 30 7.03 -40.74 -3.83
CA THR G 30 7.18 -41.03 -5.25
C THR G 30 6.61 -39.96 -6.16
N GLU G 31 5.93 -38.96 -5.58
CA GLU G 31 5.24 -37.94 -6.36
C GLU G 31 6.08 -36.71 -6.68
N TYR G 32 7.27 -36.55 -6.10
CA TYR G 32 8.01 -35.29 -6.25
C TYR G 32 9.48 -35.55 -6.61
N THR G 33 9.98 -34.76 -7.55
CA THR G 33 11.40 -34.84 -7.90
C THR G 33 12.27 -34.33 -6.75
N ILE G 34 13.40 -34.99 -6.54
CA ILE G 34 14.39 -34.55 -5.57
C ILE G 34 15.57 -34.00 -6.35
N HIS G 35 16.00 -32.80 -6.00
CA HIS G 35 17.17 -32.17 -6.61
C HIS G 35 18.29 -32.11 -5.60
N TRP G 36 19.51 -32.04 -6.11
CA TRP G 36 20.69 -31.81 -5.30
C TRP G 36 21.41 -30.57 -5.83
N VAL G 37 21.89 -29.76 -4.90
CA VAL G 37 22.43 -28.43 -5.16
C VAL G 37 23.71 -28.27 -4.37
N LYS G 38 24.74 -27.74 -5.02
CA LYS G 38 26.01 -27.47 -4.36
C LYS G 38 26.17 -25.98 -4.09
N GLN G 39 26.77 -25.66 -2.94
CA GLN G 39 27.13 -24.30 -2.60
C GLN G 39 28.56 -24.31 -2.08
N ASN G 40 29.47 -23.78 -2.88
CA ASN G 40 30.89 -23.61 -2.59
C ASN G 40 31.12 -22.40 -1.68
N HIS G 41 32.40 -22.20 -1.31
CA HIS G 41 32.75 -21.07 -0.48
C HIS G 41 32.48 -19.74 -1.17
N GLY G 42 32.45 -19.70 -2.49
CA GLY G 42 32.04 -18.48 -3.19
C GLY G 42 30.57 -18.18 -3.07
N LYS G 43 29.79 -19.09 -2.47
CA LYS G 43 28.37 -18.94 -2.21
C LYS G 43 27.50 -19.02 -3.46
N SER G 44 28.04 -19.30 -4.63
CA SER G 44 27.13 -19.48 -5.75
C SER G 44 26.52 -20.88 -5.65
N LEU G 45 25.30 -21.01 -6.17
CA LEU G 45 24.53 -22.26 -6.14
C LEU G 45 24.64 -22.97 -7.48
N ASP G 46 25.02 -24.24 -7.45
CA ASP G 46 25.14 -25.10 -8.63
C ASP G 46 24.19 -26.28 -8.50
N TRP G 47 23.32 -26.44 -9.46
CA TRP G 47 22.50 -27.63 -9.54
C TRP G 47 23.36 -28.81 -9.98
N ILE G 48 23.26 -29.93 -9.27
CA ILE G 48 23.98 -31.14 -9.63
C ILE G 48 23.11 -32.07 -10.46
N GLY G 49 21.86 -32.22 -10.07
CA GLY G 49 20.97 -33.13 -10.77
C GLY G 49 19.72 -33.37 -9.98
N GLY G 50 18.80 -34.09 -10.61
CA GLY G 50 17.55 -34.44 -9.97
C GLY G 50 17.23 -35.87 -10.31
N ILE G 51 16.35 -36.46 -9.50
CA ILE G 51 15.95 -37.85 -9.65
C ILE G 51 14.45 -37.98 -9.44
N ASN G 52 13.80 -38.72 -10.32
CA ASN G 52 12.40 -39.09 -10.17
C ASN G 52 12.33 -40.30 -9.27
N PRO G 53 11.86 -40.15 -8.03
CA PRO G 53 11.84 -41.31 -7.12
C PRO G 53 10.83 -42.36 -7.53
N ASN G 54 9.87 -42.01 -8.39
CA ASN G 54 8.89 -42.99 -8.83
C ASN G 54 9.56 -44.09 -9.64
N ASN G 55 10.46 -43.74 -10.56
CA ASN G 55 11.11 -44.69 -11.44
C ASN G 55 12.64 -44.66 -11.39
N GLY G 56 13.25 -43.82 -10.57
CA GLY G 56 14.69 -43.71 -10.52
C GLY G 56 15.33 -43.00 -11.69
N GLY G 57 14.54 -42.41 -12.59
CA GLY G 57 15.12 -41.67 -13.71
C GLY G 57 15.81 -40.39 -13.25
N THR G 58 16.92 -40.06 -13.89
CA THR G 58 17.77 -38.97 -13.43
C THR G 58 18.14 -38.08 -14.60
N THR G 59 18.48 -36.84 -14.26
CA THR G 59 19.08 -35.90 -15.19
C THR G 59 20.16 -35.19 -14.41
N TYR G 60 21.34 -35.04 -15.02
CA TYR G 60 22.50 -34.51 -14.34
C TYR G 60 22.90 -33.22 -15.02
N ASN G 61 23.38 -32.28 -14.24
CA ASN G 61 24.16 -31.19 -14.80
C ASN G 61 25.46 -31.75 -15.39
N GLN G 62 25.64 -31.56 -16.70
CA GLN G 62 26.78 -32.13 -17.40
C GLN G 62 28.09 -31.53 -16.94
N GLU G 63 28.05 -30.40 -16.23
CA GLU G 63 29.26 -29.89 -15.60
C GLU G 63 29.71 -30.76 -14.42
N PHE G 64 28.88 -31.72 -13.99
CA PHE G 64 29.21 -32.66 -12.92
C PHE G 64 29.15 -34.12 -13.35
N LYS G 65 28.75 -34.43 -14.59
CA LYS G 65 28.42 -35.80 -14.97
C LYS G 65 29.61 -36.76 -14.81
N GLY G 66 29.31 -37.95 -14.29
CA GLY G 66 30.29 -38.95 -13.95
C GLY G 66 30.91 -38.81 -12.57
N LYS G 67 30.82 -37.63 -11.96
CA LYS G 67 31.31 -37.45 -10.61
C LYS G 67 30.30 -37.85 -9.55
N ALA G 68 29.01 -37.64 -9.81
CA ALA G 68 27.96 -37.91 -8.85
C ALA G 68 26.91 -38.85 -9.44
N THR G 69 26.32 -39.67 -8.57
CA THR G 69 25.26 -40.58 -8.93
C THR G 69 24.14 -40.41 -7.92
N LEU G 70 22.90 -40.26 -8.41
CA LEU G 70 21.74 -40.10 -7.56
C LEU G 70 20.96 -41.40 -7.54
N THR G 71 20.54 -41.82 -6.36
CA THR G 71 19.70 -43.00 -6.20
C THR G 71 18.63 -42.68 -5.19
N VAL G 72 17.60 -43.50 -5.15
CA VAL G 72 16.57 -43.43 -4.12
C VAL G 72 16.39 -44.83 -3.56
N ASP G 73 15.76 -44.89 -2.40
CA ASP G 73 15.29 -46.13 -1.80
C ASP G 73 13.85 -45.84 -1.42
N LYS G 74 12.90 -46.29 -2.24
CA LYS G 74 11.51 -45.94 -2.02
C LYS G 74 11.00 -46.42 -0.68
N SER G 75 11.47 -47.59 -0.22
CA SER G 75 10.93 -48.18 0.99
C SER G 75 11.17 -47.28 2.21
N SER G 76 12.32 -46.60 2.25
CA SER G 76 12.63 -45.67 3.33
C SER G 76 12.34 -44.21 2.98
N SER G 77 11.83 -43.93 1.77
CA SER G 77 11.56 -42.55 1.32
C SER G 77 12.81 -41.68 1.39
N THR G 78 13.90 -42.19 0.87
CA THR G 78 15.19 -41.55 1.03
C THR G 78 15.84 -41.38 -0.34
N ALA G 79 16.50 -40.24 -0.53
CA ALA G 79 17.31 -40.00 -1.71
C ALA G 79 18.78 -39.99 -1.29
N TYR G 80 19.63 -40.44 -2.20
CA TYR G 80 21.06 -40.57 -1.97
C TYR G 80 21.82 -39.86 -3.08
N MET G 81 22.97 -39.31 -2.71
CA MET G 81 23.94 -38.78 -3.65
C MET G 81 25.31 -39.34 -3.35
N GLU G 82 25.93 -39.95 -4.35
CA GLU G 82 27.25 -40.55 -4.19
C GLU G 82 28.26 -39.88 -5.10
N PHE G 83 29.32 -39.38 -4.52
CA PHE G 83 30.49 -38.88 -5.22
C PHE G 83 31.50 -40.01 -5.31
N ARG G 84 31.99 -40.28 -6.53
CA ARG G 84 32.86 -41.44 -6.68
C ARG G 84 34.29 -41.13 -6.27
N SER G 85 34.74 -39.87 -6.40
CA SER G 85 36.13 -39.54 -6.09
C SER G 85 36.21 -38.07 -5.65
N LEU G 86 35.90 -37.81 -4.39
CA LEU G 86 35.88 -36.45 -3.88
C LEU G 86 37.27 -35.85 -3.92
N THR G 87 37.38 -34.63 -4.45
CA THR G 87 38.62 -33.88 -4.49
C THR G 87 38.44 -32.55 -3.76
N SER G 88 39.54 -31.79 -3.64
CA SER G 88 39.47 -30.52 -2.92
C SER G 88 38.52 -29.54 -3.58
N GLU G 89 38.38 -29.63 -4.92
CA GLU G 89 37.41 -28.83 -5.64
C GLU G 89 35.98 -29.21 -5.30
N ASP G 90 35.77 -30.34 -4.65
CA ASP G 90 34.44 -30.80 -4.35
C ASP G 90 34.00 -30.46 -2.93
N SER G 91 34.88 -29.91 -2.11
CA SER G 91 34.50 -29.51 -0.75
C SER G 91 33.53 -28.34 -0.81
N ALA G 92 32.37 -28.50 -0.17
CA ALA G 92 31.23 -27.61 -0.30
C ALA G 92 30.11 -28.17 0.57
N VAL G 93 29.06 -27.34 0.75
CA VAL G 93 27.80 -27.79 1.33
C VAL G 93 26.93 -28.31 0.20
N TYR G 94 26.23 -29.41 0.44
CA TYR G 94 25.32 -30.01 -0.53
C TYR G 94 23.93 -30.10 0.05
N TYR G 95 22.95 -29.62 -0.71
CA TYR G 95 21.55 -29.62 -0.32
C TYR G 95 20.77 -30.62 -1.15
N CYS G 96 19.79 -31.25 -0.53
CA CYS G 96 18.72 -31.84 -1.31
C CYS G 96 17.54 -30.90 -1.23
N ALA G 97 16.68 -30.99 -2.22
CA ALA G 97 15.53 -30.12 -2.28
C ALA G 97 14.47 -30.81 -3.12
N ARG G 98 13.22 -30.54 -2.79
CA ARG G 98 12.09 -31.11 -3.47
C ARG G 98 11.52 -30.09 -4.44
N SER G 99 11.17 -30.52 -5.64
CA SER G 99 10.59 -29.58 -6.58
C SER G 99 9.13 -29.92 -6.88
N TYR G 100 8.41 -28.83 -7.09
CA TYR G 100 7.06 -28.70 -7.62
C TYR G 100 7.20 -27.77 -8.81
N TYR G 101 6.84 -28.23 -10.01
CA TYR G 101 7.03 -27.43 -11.24
C TYR G 101 8.52 -27.09 -11.32
N GLY G 102 8.87 -25.86 -11.68
CA GLY G 102 10.26 -25.47 -11.83
C GLY G 102 10.98 -24.99 -10.58
N TYR G 103 10.28 -24.84 -9.46
CA TYR G 103 10.90 -24.33 -8.26
C TYR G 103 11.01 -25.41 -7.20
N VAL G 104 11.90 -25.16 -6.24
CA VAL G 104 12.07 -26.05 -5.10
C VAL G 104 11.36 -25.41 -3.91
N ASP G 105 10.43 -26.15 -3.31
CA ASP G 105 9.67 -25.55 -2.21
C ASP G 105 10.15 -25.99 -0.84
N TYR G 106 10.90 -27.09 -0.76
CA TYR G 106 11.51 -27.52 0.49
C TYR G 106 12.96 -27.91 0.26
N TRP G 107 13.80 -27.49 1.19
CA TRP G 107 15.21 -27.77 1.17
C TRP G 107 15.58 -28.56 2.41
N GLY G 108 16.47 -29.52 2.24
CA GLY G 108 17.16 -30.10 3.37
C GLY G 108 18.05 -29.05 3.99
N GLN G 109 18.70 -29.43 5.09
CA GLN G 109 19.51 -28.49 5.86
C GLN G 109 20.93 -28.41 5.38
N GLY G 110 21.31 -29.24 4.42
CA GLY G 110 22.65 -29.16 3.91
C GLY G 110 23.55 -30.17 4.60
N THR G 111 24.53 -30.67 3.86
CA THR G 111 25.54 -31.60 4.35
C THR G 111 26.88 -31.06 3.88
N THR G 112 27.78 -30.80 4.82
CA THR G 112 29.11 -30.36 4.41
C THR G 112 29.99 -31.56 4.08
N LEU G 113 30.58 -31.55 2.88
CA LEU G 113 31.56 -32.54 2.47
C LEU G 113 32.92 -31.87 2.39
N THR G 114 33.90 -32.43 3.08
CA THR G 114 35.23 -31.88 3.07
C THR G 114 36.23 -32.96 2.66
N ALA G 115 36.99 -32.67 1.62
CA ALA G 115 38.07 -33.53 1.20
C ALA G 115 39.26 -33.12 2.05
N ALA G 116 39.73 -34.04 2.90
CA ALA G 116 40.85 -33.71 3.77
C ALA G 116 41.84 -34.87 3.81
N ALA G 117 43.12 -34.55 3.60
CA ALA G 117 44.16 -35.58 3.61
C ALA G 117 44.60 -35.93 5.02
N SER G 118 44.37 -35.01 5.96
CA SER G 118 44.72 -35.14 7.36
C SER G 118 43.80 -34.23 8.16
N THR G 119 43.77 -34.41 9.46
CA THR G 119 43.16 -33.44 10.36
C THR G 119 44.24 -32.93 11.29
N LYS G 120 44.05 -31.71 11.75
CA LYS G 120 44.96 -31.08 12.68
C LYS G 120 44.13 -30.19 13.59
N GLY G 121 44.18 -30.43 14.89
CA GLY G 121 43.52 -29.57 15.84
C GLY G 121 44.24 -28.24 16.05
N PRO G 122 43.54 -27.21 16.48
CA PRO G 122 44.16 -25.90 16.62
C PRO G 122 44.96 -25.75 17.90
N SER G 123 45.88 -24.81 17.87
CA SER G 123 46.40 -24.20 19.09
C SER G 123 45.55 -23.00 19.46
N VAL G 124 45.32 -22.81 20.75
CA VAL G 124 44.47 -21.74 21.25
C VAL G 124 45.31 -20.80 22.11
N PHE G 125 45.40 -19.56 21.69
CA PHE G 125 46.20 -18.63 22.45
C PHE G 125 45.36 -17.50 23.03
N PRO G 126 45.73 -16.95 24.18
CA PRO G 126 44.95 -15.84 24.74
C PRO G 126 45.24 -14.53 24.01
N LEU G 127 44.19 -13.74 23.83
CA LEU G 127 44.29 -12.35 23.41
C LEU G 127 44.00 -11.52 24.65
N ALA G 128 45.07 -11.09 25.31
CA ALA G 128 45.04 -10.57 26.67
C ALA G 128 44.62 -9.10 26.68
N PRO G 129 43.67 -8.73 27.54
CA PRO G 129 43.25 -7.33 27.62
C PRO G 129 44.39 -6.45 28.09
N SER G 130 44.40 -5.22 27.57
CA SER G 130 45.50 -4.29 27.82
C SER G 130 45.41 -3.58 29.18
N SER G 131 46.59 -3.41 29.80
CA SER G 131 46.69 -2.65 31.05
C SER G 131 46.52 -1.15 30.84
N LYS G 132 47.05 -0.63 29.72
CA LYS G 132 46.92 0.78 29.37
C LYS G 132 45.50 1.08 28.88
N SER G 133 44.51 0.96 29.75
CA SER G 133 43.14 1.20 29.33
C SER G 133 42.51 2.36 30.08
N THR G 134 41.46 2.90 29.45
CA THR G 134 40.79 4.08 29.97
C THR G 134 40.11 3.79 31.31
N SER G 135 40.06 4.82 32.15
CA SER G 135 39.23 4.74 33.35
C SER G 135 37.78 4.52 32.94
N GLY G 136 37.13 3.56 33.59
CA GLY G 136 35.94 2.91 33.04
C GLY G 136 36.29 2.41 31.65
N GLY G 137 35.66 2.96 30.61
CA GLY G 137 35.95 2.55 29.26
C GLY G 137 35.67 1.09 28.99
N THR G 138 35.87 0.69 27.74
CA THR G 138 35.65 -0.67 27.31
C THR G 138 36.98 -1.31 26.97
N ALA G 139 37.18 -2.52 27.47
CA ALA G 139 38.33 -3.37 27.18
C ALA G 139 37.88 -4.49 26.25
N ALA G 140 38.80 -4.97 25.42
CA ALA G 140 38.57 -6.16 24.60
C ALA G 140 39.47 -7.31 25.02
N LEU G 141 38.98 -8.54 24.88
CA LEU G 141 39.81 -9.72 25.10
C LEU G 141 39.35 -10.77 24.11
N GLY G 142 40.16 -11.82 23.93
CA GLY G 142 39.78 -12.85 22.99
C GLY G 142 40.64 -14.10 23.06
N CYS G 143 40.41 -14.98 22.07
CA CYS G 143 41.18 -16.21 21.88
C CYS G 143 41.55 -16.31 20.42
N LEU G 144 42.84 -16.55 20.15
CA LEU G 144 43.34 -16.83 18.81
C LEU G 144 43.41 -18.36 18.61
N VAL G 145 42.71 -18.85 17.60
CA VAL G 145 42.55 -20.27 17.33
C VAL G 145 43.30 -20.54 16.03
N LYS G 146 44.51 -21.11 16.11
CA LYS G 146 45.44 -21.08 14.98
C LYS G 146 45.78 -22.46 14.45
N ASP G 147 45.91 -22.56 13.12
CA ASP G 147 46.51 -23.71 12.45
C ASP G 147 45.71 -24.99 12.64
N TYR G 148 44.47 -25.00 12.18
CA TYR G 148 43.67 -26.21 12.21
C TYR G 148 43.21 -26.54 10.80
N PHE G 149 42.76 -27.78 10.63
CA PHE G 149 42.26 -28.21 9.33
C PHE G 149 41.51 -29.50 9.55
N PRO G 150 40.37 -29.71 8.89
CA PRO G 150 39.69 -28.69 8.10
C PRO G 150 38.75 -27.88 8.98
N GLU G 151 38.02 -26.95 8.38
CA GLU G 151 36.94 -26.31 9.11
C GLU G 151 35.90 -27.35 9.50
N PRO G 152 35.08 -27.05 10.53
CA PRO G 152 35.16 -25.82 11.33
C PRO G 152 35.65 -26.05 12.75
N VAL G 153 35.90 -24.95 13.45
CA VAL G 153 35.97 -24.97 14.91
C VAL G 153 34.71 -24.29 15.43
N THR G 154 34.30 -24.66 16.63
CA THR G 154 33.28 -23.91 17.35
C THR G 154 33.93 -23.23 18.54
N VAL G 155 33.48 -22.01 18.82
CA VAL G 155 33.96 -21.23 19.95
C VAL G 155 32.76 -20.74 20.76
N SER G 156 32.75 -21.04 22.04
CA SER G 156 31.87 -20.40 22.99
C SER G 156 32.68 -19.69 24.07
N TRP G 157 32.01 -18.92 24.89
CA TRP G 157 32.64 -18.26 26.03
C TRP G 157 31.88 -18.65 27.31
N ASN G 158 32.63 -18.99 28.36
CA ASN G 158 32.05 -19.37 29.66
C ASN G 158 30.93 -20.38 29.48
N SER G 159 31.23 -21.41 28.68
CA SER G 159 30.36 -22.55 28.40
C SER G 159 29.02 -22.13 27.78
N GLY G 160 29.02 -21.06 27.00
CA GLY G 160 27.81 -20.61 26.38
C GLY G 160 27.06 -19.55 27.15
N ALA G 161 27.53 -19.20 28.35
CA ALA G 161 26.78 -18.18 29.09
C ALA G 161 27.08 -16.79 28.57
N LEU G 162 28.26 -16.59 27.98
CA LEU G 162 28.69 -15.27 27.51
C LEU G 162 28.46 -15.19 25.99
N THR G 163 27.39 -14.53 25.58
CA THR G 163 27.18 -14.28 24.16
C THR G 163 27.18 -12.82 23.79
N SER G 164 26.80 -11.93 24.69
CA SER G 164 26.71 -10.53 24.29
C SER G 164 28.11 -9.99 24.04
N GLY G 165 28.24 -9.13 23.05
CA GLY G 165 29.55 -8.57 22.79
C GLY G 165 30.57 -9.52 22.19
N VAL G 166 30.17 -10.71 21.74
CA VAL G 166 31.10 -11.70 21.22
C VAL G 166 31.12 -11.61 19.70
N HIS G 167 32.32 -11.52 19.13
CA HIS G 167 32.53 -11.61 17.69
C HIS G 167 33.50 -12.74 17.46
N THR G 168 33.01 -13.83 16.84
CA THR G 168 33.85 -14.91 16.35
C THR G 168 34.00 -14.71 14.85
N PHE G 169 35.20 -14.38 14.41
CA PHE G 169 35.46 -14.02 13.02
C PHE G 169 35.45 -15.24 12.09
N PRO G 170 35.08 -15.05 10.82
CA PRO G 170 35.21 -16.11 9.82
C PRO G 170 36.64 -16.62 9.76
N ALA G 171 36.78 -17.94 9.58
CA ALA G 171 38.09 -18.55 9.42
C ALA G 171 38.79 -18.00 8.20
N VAL G 172 40.11 -17.88 8.28
CA VAL G 172 40.90 -17.48 7.14
C VAL G 172 41.85 -18.62 6.79
N LEU G 173 41.90 -18.95 5.51
CA LEU G 173 42.84 -19.94 5.01
C LEU G 173 44.22 -19.27 4.96
N GLN G 174 45.18 -19.81 5.71
CA GLN G 174 46.54 -19.29 5.69
C GLN G 174 47.31 -19.83 4.47
N SER G 175 48.45 -19.22 4.14
CA SER G 175 49.22 -19.77 3.03
C SER G 175 49.83 -21.13 3.35
N SER G 176 49.86 -21.52 4.63
CA SER G 176 50.27 -22.86 5.05
C SER G 176 49.23 -23.92 4.75
N GLY G 177 48.05 -23.57 4.23
CA GLY G 177 47.00 -24.55 4.06
C GLY G 177 46.12 -24.78 5.28
N LEU G 178 46.48 -24.23 6.43
CA LEU G 178 45.71 -24.35 7.66
C LEU G 178 44.84 -23.11 7.90
N TYR G 179 43.78 -23.28 8.69
CA TYR G 179 42.89 -22.18 8.98
C TYR G 179 43.26 -21.51 10.29
N SER G 180 42.86 -20.26 10.45
CA SER G 180 42.96 -19.63 11.76
C SER G 180 41.86 -18.58 11.91
N LEU G 181 41.38 -18.41 13.14
CA LEU G 181 40.41 -17.37 13.45
C LEU G 181 40.63 -16.86 14.87
N SER G 182 40.06 -15.70 15.13
CA SER G 182 39.98 -15.11 16.46
C SER G 182 38.54 -14.99 16.91
N SER G 183 38.30 -15.19 18.21
CA SER G 183 37.03 -14.87 18.83
C SER G 183 37.29 -13.86 19.94
N VAL G 184 36.59 -12.75 19.90
CA VAL G 184 36.84 -11.62 20.79
C VAL G 184 35.52 -11.25 21.47
N VAL G 185 35.63 -10.61 22.63
CA VAL G 185 34.47 -10.03 23.31
C VAL G 185 34.89 -8.73 23.97
N THR G 186 34.00 -7.74 23.99
CA THR G 186 34.31 -6.46 24.63
C THR G 186 33.55 -6.37 25.96
N VAL G 187 34.25 -5.96 26.99
CA VAL G 187 33.71 -5.96 28.35
C VAL G 187 34.15 -4.69 29.04
N PRO G 188 33.48 -4.30 30.14
CA PRO G 188 33.97 -3.15 30.92
C PRO G 188 35.35 -3.46 31.47
N SER G 189 36.26 -2.48 31.38
CA SER G 189 37.61 -2.66 31.89
C SER G 189 37.63 -2.92 33.39
N SER G 190 36.64 -2.40 34.13
CA SER G 190 36.60 -2.71 35.55
C SER G 190 36.25 -4.17 35.80
N SER G 191 35.83 -4.91 34.77
CA SER G 191 35.56 -6.33 34.97
C SER G 191 36.82 -7.18 34.86
N LEU G 192 37.93 -6.59 34.39
CA LEU G 192 39.21 -7.28 34.32
C LEU G 192 39.71 -7.47 35.75
N GLY G 193 39.87 -8.72 36.19
CA GLY G 193 40.24 -8.94 37.57
C GLY G 193 39.07 -9.22 38.51
N THR G 194 37.84 -9.04 38.05
CA THR G 194 36.68 -9.42 38.85
C THR G 194 35.91 -10.59 38.24
N GLN G 195 35.96 -10.74 36.92
CA GLN G 195 35.23 -11.75 36.19
C GLN G 195 36.18 -12.77 35.58
N THR G 196 35.71 -13.98 35.38
CA THR G 196 36.48 -14.99 34.68
C THR G 196 35.99 -15.10 33.24
N TYR G 197 36.94 -15.16 32.31
CA TYR G 197 36.65 -15.31 30.89
C TYR G 197 37.41 -16.53 30.37
N ILE G 198 36.66 -17.55 29.96
CA ILE G 198 37.20 -18.78 29.38
C ILE G 198 36.57 -18.97 28.00
N CYS G 199 37.41 -19.17 26.99
CA CYS G 199 36.93 -19.57 25.68
C CYS G 199 37.00 -21.09 25.57
N ASN G 200 35.90 -21.71 25.13
CA ASN G 200 35.79 -23.16 24.96
C ASN G 200 35.87 -23.43 23.47
N VAL G 201 36.97 -24.02 23.02
CA VAL G 201 37.20 -24.26 21.60
C VAL G 201 37.08 -25.76 21.31
N ASN G 202 36.29 -26.10 20.29
CA ASN G 202 36.08 -27.49 19.89
C ASN G 202 36.37 -27.64 18.40
N HIS G 203 37.12 -28.68 18.05
CA HIS G 203 37.43 -29.02 16.66
C HIS G 203 37.06 -30.49 16.48
N LYS G 204 35.81 -30.74 16.08
CA LYS G 204 35.34 -32.12 15.96
C LYS G 204 36.18 -32.97 15.01
N PRO G 205 36.62 -32.48 13.83
CA PRO G 205 37.40 -33.37 12.95
C PRO G 205 38.60 -34.02 13.61
N SER G 206 39.24 -33.36 14.57
CA SER G 206 40.42 -33.90 15.25
C SER G 206 40.13 -34.30 16.69
N ASN G 207 38.86 -34.27 17.12
CA ASN G 207 38.47 -34.56 18.50
C ASN G 207 39.26 -33.72 19.49
N THR G 208 39.45 -32.44 19.18
CA THR G 208 40.20 -31.54 20.04
C THR G 208 39.23 -30.64 20.79
N LYS G 209 39.37 -30.60 22.10
CA LYS G 209 38.60 -29.67 22.93
C LYS G 209 39.58 -28.95 23.83
N VAL G 210 39.57 -27.62 23.78
CA VAL G 210 40.47 -26.79 24.58
C VAL G 210 39.66 -25.69 25.26
N ASP G 211 39.88 -25.52 26.55
CA ASP G 211 39.36 -24.40 27.31
C ASP G 211 40.54 -23.50 27.68
N LYS G 212 40.43 -22.21 27.38
CA LYS G 212 41.54 -21.29 27.64
C LYS G 212 41.05 -20.09 28.44
N LYS G 213 41.62 -19.90 29.63
CA LYS G 213 41.29 -18.73 30.42
C LYS G 213 42.12 -17.56 29.92
N ALA G 214 41.48 -16.42 29.70
CA ALA G 214 42.16 -15.24 29.19
C ALA G 214 42.15 -14.20 30.30
N GLU G 215 43.33 -13.80 30.72
CA GLU G 215 43.57 -12.89 31.82
C GLU G 215 44.46 -11.75 31.36
N PRO G 216 44.38 -10.60 32.02
CA PRO G 216 45.32 -9.53 31.70
C PRO G 216 46.73 -10.07 31.88
N LYS G 217 47.65 -9.59 31.05
CA LYS G 217 49.01 -10.09 31.16
C LYS G 217 49.58 -9.72 32.53
N SER G 218 50.43 -10.58 33.05
CA SER G 218 50.98 -10.38 34.39
C SER G 218 52.11 -9.36 34.31
N CYS G 219 51.92 -8.25 35.03
CA CYS G 219 52.88 -7.14 35.02
C CYS G 219 54.30 -7.64 35.20
N ASP G 220 54.56 -8.33 36.31
CA ASP G 220 55.90 -8.87 36.58
C ASP G 220 55.99 -10.34 36.14
N GLU H 1 7.72 30.32 -20.29
CA GLU H 1 7.27 28.93 -20.26
C GLU H 1 7.58 28.29 -21.61
N VAL H 2 7.81 26.98 -21.62
CA VAL H 2 8.22 26.30 -22.84
C VAL H 2 7.03 26.17 -23.78
N GLN H 3 7.24 26.54 -25.04
CA GLN H 3 6.24 26.42 -26.08
C GLN H 3 6.93 26.04 -27.38
N LEU H 4 6.33 25.12 -28.12
CA LEU H 4 6.77 24.74 -29.46
C LEU H 4 5.61 25.04 -30.41
N GLN H 5 5.79 26.04 -31.27
CA GLN H 5 4.72 26.57 -32.11
C GLN H 5 4.93 26.12 -33.54
N GLN H 6 4.03 25.28 -34.05
CA GLN H 6 4.20 24.73 -35.38
C GLN H 6 3.40 25.52 -36.40
N SER H 7 3.89 25.49 -37.65
CA SER H 7 3.22 26.16 -38.76
C SER H 7 1.87 25.49 -39.05
N GLY H 8 1.10 26.13 -39.93
CA GLY H 8 -0.27 25.72 -40.16
C GLY H 8 -0.37 24.60 -41.16
N PRO H 9 -1.60 24.11 -41.35
CA PRO H 9 -1.84 22.99 -42.27
C PRO H 9 -1.47 23.37 -43.69
N GLU H 10 -1.18 22.36 -44.49
CA GLU H 10 -0.72 22.61 -45.84
C GLU H 10 -1.39 21.62 -46.75
N LEU H 11 -1.92 22.11 -47.85
CA LEU H 11 -2.34 21.29 -48.98
C LEU H 11 -1.28 21.52 -50.04
N VAL H 12 -0.67 20.44 -50.52
CA VAL H 12 0.49 20.57 -51.42
C VAL H 12 0.38 19.50 -52.49
N LYS H 13 0.71 19.87 -53.72
CA LYS H 13 0.73 18.88 -54.79
C LYS H 13 1.86 17.89 -54.60
N PRO H 14 1.64 16.60 -54.86
CA PRO H 14 2.74 15.64 -54.87
C PRO H 14 3.82 16.03 -55.87
N GLY H 15 5.08 15.94 -55.44
CA GLY H 15 6.24 16.31 -56.24
C GLY H 15 6.81 17.68 -55.93
N ALA H 16 6.02 18.54 -55.32
CA ALA H 16 6.46 19.84 -54.86
C ALA H 16 7.14 19.70 -53.52
N SER H 17 7.71 20.80 -53.05
CA SER H 17 8.37 20.82 -51.75
C SER H 17 7.47 21.49 -50.73
N VAL H 18 7.70 21.16 -49.46
CA VAL H 18 7.04 21.84 -48.36
C VAL H 18 7.99 21.79 -47.18
N LYS H 19 7.97 22.84 -46.37
CA LYS H 19 8.85 22.94 -45.22
C LYS H 19 8.00 23.40 -44.06
N ILE H 20 7.89 22.57 -43.03
CA ILE H 20 7.09 22.97 -41.88
C ILE H 20 8.04 23.32 -40.75
N SER H 21 7.57 24.20 -39.89
CA SER H 21 8.46 24.86 -38.95
C SER H 21 7.97 24.63 -37.53
N CYS H 22 8.91 24.82 -36.59
CA CYS H 22 8.65 24.62 -35.18
C CYS H 22 9.31 25.77 -34.44
N LYS H 23 8.51 26.74 -34.02
CA LYS H 23 9.00 27.97 -33.39
C LYS H 23 9.02 27.73 -31.88
N THR H 24 10.22 27.68 -31.30
CA THR H 24 10.36 27.37 -29.88
C THR H 24 10.60 28.64 -29.07
N SER H 25 10.18 28.59 -27.81
CA SER H 25 10.36 29.73 -26.92
C SER H 25 10.28 29.24 -25.49
N GLY H 26 10.82 30.03 -24.56
CA GLY H 26 10.77 29.73 -23.14
C GLY H 26 11.97 28.99 -22.59
N TYR H 27 12.99 28.72 -23.41
CA TYR H 27 14.18 27.99 -22.98
C TYR H 27 15.32 28.31 -23.95
N THR H 28 16.52 27.87 -23.57
CA THR H 28 17.72 28.07 -24.38
C THR H 28 17.73 27.08 -25.54
N PHE H 29 17.50 27.60 -26.75
CA PHE H 29 17.31 26.77 -27.94
C PHE H 29 18.38 25.68 -28.08
N THR H 30 19.65 26.02 -27.85
CA THR H 30 20.75 25.11 -28.16
C THR H 30 20.94 23.97 -27.16
N GLU H 31 20.23 23.96 -26.03
CA GLU H 31 20.47 22.96 -24.99
C GLU H 31 19.69 21.67 -25.19
N TYR H 32 18.73 21.64 -26.11
CA TYR H 32 17.81 20.53 -26.22
C TYR H 32 17.67 20.06 -27.65
N THR H 33 17.68 18.75 -27.83
CA THR H 33 17.44 18.15 -29.14
C THR H 33 15.98 18.37 -29.56
N ILE H 34 15.76 18.54 -30.88
CA ILE H 34 14.43 18.62 -31.46
C ILE H 34 14.17 17.35 -32.26
N HIS H 35 13.02 16.70 -32.00
CA HIS H 35 12.59 15.50 -32.72
C HIS H 35 11.38 15.81 -33.59
N TRP H 36 11.23 15.02 -34.65
CA TRP H 36 10.05 15.09 -35.51
C TRP H 36 9.42 13.71 -35.61
N VAL H 37 8.08 13.69 -35.60
CA VAL H 37 7.30 12.45 -35.48
C VAL H 37 6.12 12.53 -36.44
N LYS H 38 5.90 11.45 -37.19
CA LYS H 38 4.79 11.33 -38.13
C LYS H 38 3.70 10.48 -37.48
N GLN H 39 2.44 10.84 -37.73
CA GLN H 39 1.30 10.03 -37.29
C GLN H 39 0.27 9.95 -38.41
N ASN H 40 0.14 8.78 -39.03
CA ASN H 40 -0.88 8.51 -40.04
C ASN H 40 -2.24 8.29 -39.38
N HIS H 41 -3.25 8.07 -40.24
CA HIS H 41 -4.58 7.69 -39.74
C HIS H 41 -4.52 6.33 -39.05
N GLY H 42 -3.44 5.57 -39.27
CA GLY H 42 -3.17 4.32 -38.55
C GLY H 42 -2.89 4.53 -37.08
N LYS H 43 -2.75 5.78 -36.66
CA LYS H 43 -2.59 6.21 -35.28
C LYS H 43 -1.20 5.92 -34.72
N SER H 44 -0.38 5.11 -35.38
CA SER H 44 0.92 4.83 -34.80
C SER H 44 1.86 6.03 -34.95
N LEU H 45 2.75 6.21 -33.98
CA LEU H 45 3.71 7.29 -33.97
C LEU H 45 5.00 6.77 -34.59
N ASP H 46 5.52 7.46 -35.62
CA ASP H 46 6.78 7.05 -36.26
C ASP H 46 7.79 8.16 -36.06
N TRP H 47 8.92 7.83 -35.42
CA TRP H 47 10.01 8.79 -35.33
C TRP H 47 10.62 9.00 -36.70
N ILE H 48 10.79 10.26 -37.07
CA ILE H 48 11.44 10.65 -38.33
C ILE H 48 12.92 10.93 -38.13
N GLY H 49 13.26 11.69 -37.09
CA GLY H 49 14.64 12.04 -36.86
C GLY H 49 14.72 13.13 -35.81
N GLY H 50 15.95 13.47 -35.45
CA GLY H 50 16.21 14.52 -34.50
C GLY H 50 17.40 15.35 -34.96
N ILE H 51 17.50 16.55 -34.38
CA ILE H 51 18.56 17.49 -34.71
C ILE H 51 19.04 18.17 -33.44
N ASN H 52 20.37 18.28 -33.31
CA ASN H 52 21.00 19.11 -32.29
C ASN H 52 21.10 20.51 -32.88
N PRO H 53 20.42 21.52 -32.30
CA PRO H 53 20.45 22.86 -32.90
C PRO H 53 21.82 23.52 -32.83
N ASN H 54 22.69 23.02 -31.95
CA ASN H 54 23.99 23.62 -31.75
C ASN H 54 24.83 23.54 -33.02
N ASN H 55 24.91 22.37 -33.63
CA ASN H 55 25.71 22.18 -34.82
C ASN H 55 24.91 21.61 -35.99
N GLY H 56 23.59 21.44 -35.84
CA GLY H 56 22.85 20.85 -36.94
C GLY H 56 23.07 19.36 -37.12
N GLY H 57 23.73 18.70 -36.16
CA GLY H 57 23.94 17.26 -36.27
C GLY H 57 22.64 16.50 -36.14
N THR H 58 22.49 15.46 -36.99
CA THR H 58 21.22 14.79 -37.16
C THR H 58 21.38 13.27 -37.20
N THR H 59 20.30 12.61 -36.86
CA THR H 59 20.14 11.18 -37.09
C THR H 59 18.69 10.94 -37.44
N TYR H 60 18.48 10.05 -38.40
CA TYR H 60 17.19 9.78 -39.00
C TYR H 60 16.80 8.33 -38.79
N ASN H 61 15.49 8.12 -38.66
CA ASN H 61 14.90 6.85 -39.02
C ASN H 61 15.20 6.59 -40.49
N GLN H 62 15.83 5.45 -40.81
CA GLN H 62 16.27 5.31 -42.20
C GLN H 62 15.12 5.24 -43.21
N GLU H 63 13.88 5.00 -42.79
CA GLU H 63 12.78 5.09 -43.75
C GLU H 63 12.51 6.53 -44.17
N PHE H 64 13.13 7.51 -43.50
CA PHE H 64 12.92 8.89 -43.84
C PHE H 64 14.17 9.63 -44.29
N LYS H 65 15.36 9.03 -44.19
CA LYS H 65 16.57 9.73 -44.61
C LYS H 65 16.54 9.96 -46.11
N GLY H 66 16.80 11.19 -46.54
CA GLY H 66 16.70 11.45 -47.95
C GLY H 66 15.29 11.68 -48.47
N LYS H 67 14.28 11.53 -47.64
CA LYS H 67 12.92 11.99 -47.92
C LYS H 67 12.60 13.25 -47.14
N ALA H 68 12.94 13.26 -45.86
CA ALA H 68 12.83 14.45 -45.03
C ALA H 68 14.20 15.01 -44.73
N THR H 69 14.27 16.32 -44.58
CA THR H 69 15.49 17.01 -44.20
C THR H 69 15.21 17.94 -43.02
N LEU H 70 16.00 17.80 -41.97
CA LEU H 70 15.86 18.63 -40.79
C LEU H 70 16.95 19.69 -40.76
N THR H 71 16.54 20.91 -40.41
CA THR H 71 17.46 22.04 -40.28
C THR H 71 17.06 22.87 -39.07
N VAL H 72 17.95 23.76 -38.64
CA VAL H 72 17.65 24.73 -37.60
C VAL H 72 18.05 26.12 -38.07
N ASP H 73 17.47 27.12 -37.42
CA ASP H 73 17.83 28.52 -37.54
C ASP H 73 17.98 29.02 -36.11
N LYS H 74 19.22 29.11 -35.65
CA LYS H 74 19.47 29.45 -34.26
C LYS H 74 18.94 30.84 -33.92
N SER H 75 19.01 31.77 -34.88
CA SER H 75 18.64 33.17 -34.65
C SER H 75 17.17 33.31 -34.30
N SER H 76 16.31 32.50 -34.91
CA SER H 76 14.89 32.52 -34.61
C SER H 76 14.49 31.43 -33.61
N SER H 77 15.44 30.59 -33.17
CA SER H 77 15.16 29.47 -32.27
C SER H 77 14.09 28.57 -32.88
N THR H 78 14.28 28.22 -34.16
CA THR H 78 13.26 27.57 -34.96
C THR H 78 13.86 26.32 -35.58
N ALA H 79 13.09 25.23 -35.57
CA ALA H 79 13.44 23.99 -36.24
C ALA H 79 12.54 23.79 -37.46
N TYR H 80 13.09 23.16 -38.49
CA TYR H 80 12.39 22.97 -39.74
C TYR H 80 12.52 21.52 -40.22
N MET H 81 11.49 21.06 -40.90
CA MET H 81 11.53 19.79 -41.63
C MET H 81 11.02 20.04 -43.03
N GLU H 82 11.78 19.60 -44.03
CA GLU H 82 11.44 19.81 -45.42
C GLU H 82 11.27 18.47 -46.11
N PHE H 83 10.12 18.27 -46.75
CA PHE H 83 9.98 17.21 -47.73
C PHE H 83 10.19 17.89 -49.07
N ARG H 84 11.21 17.46 -49.80
CA ARG H 84 11.53 18.14 -51.06
C ARG H 84 10.73 17.53 -52.21
N SER H 85 10.35 16.25 -52.10
CA SER H 85 9.56 15.57 -53.14
C SER H 85 8.43 14.80 -52.46
N LEU H 86 7.36 15.52 -52.14
CA LEU H 86 6.21 14.94 -51.44
C LEU H 86 5.51 13.90 -52.30
N THR H 87 5.11 12.78 -51.67
CA THR H 87 4.30 11.75 -52.28
C THR H 87 2.98 11.64 -51.51
N SER H 88 2.04 10.84 -52.06
CA SER H 88 0.74 10.70 -51.39
C SER H 88 0.89 10.03 -50.03
N GLU H 89 1.91 9.18 -49.87
CA GLU H 89 2.17 8.52 -48.60
C GLU H 89 2.55 9.47 -47.48
N ASP H 90 2.86 10.71 -47.78
CA ASP H 90 3.35 11.63 -46.75
C ASP H 90 2.25 12.42 -46.08
N SER H 91 0.99 12.26 -46.50
CA SER H 91 -0.11 12.92 -45.81
C SER H 91 -0.28 12.36 -44.41
N ALA H 92 -0.25 13.23 -43.42
CA ALA H 92 -0.19 12.81 -42.04
C ALA H 92 -0.13 14.07 -41.20
N VAL H 93 -0.27 13.87 -39.92
CA VAL H 93 0.05 14.88 -38.92
C VAL H 93 1.54 14.72 -38.59
N TYR H 94 2.24 15.84 -38.47
CA TYR H 94 3.65 15.86 -38.14
C TYR H 94 3.85 16.70 -36.88
N TYR H 95 4.51 16.12 -35.89
CA TYR H 95 4.78 16.83 -34.64
C TYR H 95 6.26 17.15 -34.54
N CYS H 96 6.58 18.28 -33.93
CA CYS H 96 7.91 18.47 -33.39
C CYS H 96 7.86 18.25 -31.90
N ALA H 97 9.02 17.95 -31.32
CA ALA H 97 9.06 17.71 -29.90
C ALA H 97 10.48 17.95 -29.40
N ARG H 98 10.58 18.33 -28.14
CA ARG H 98 11.85 18.62 -27.50
C ARG H 98 12.22 17.48 -26.56
N SER H 99 13.46 17.03 -26.61
CA SER H 99 13.90 16.05 -25.62
C SER H 99 15.11 16.54 -24.85
N TYR H 100 15.13 16.15 -23.59
CA TYR H 100 16.37 16.07 -22.83
C TYR H 100 16.37 14.63 -22.36
N TYR H 101 17.51 13.97 -22.54
CA TYR H 101 17.70 12.55 -22.28
C TYR H 101 16.90 11.80 -23.34
N GLY H 102 16.32 10.66 -22.97
CA GLY H 102 15.61 9.86 -23.96
C GLY H 102 14.15 10.16 -24.15
N TYR H 103 13.55 11.00 -23.32
CA TYR H 103 12.11 11.24 -23.40
C TYR H 103 11.82 12.64 -23.95
N VAL H 104 10.61 12.81 -24.45
CA VAL H 104 10.12 14.08 -24.95
C VAL H 104 9.30 14.72 -23.85
N ASP H 105 9.64 15.95 -23.47
CA ASP H 105 8.89 16.60 -22.39
C ASP H 105 7.92 17.68 -22.90
N TYR H 106 8.16 18.25 -24.06
CA TYR H 106 7.22 19.20 -24.65
C TYR H 106 6.99 18.83 -26.11
N TRP H 107 5.73 18.91 -26.53
CA TRP H 107 5.34 18.62 -27.90
C TRP H 107 4.81 19.86 -28.59
N GLY H 108 5.09 19.98 -29.89
CA GLY H 108 4.36 20.92 -30.72
C GLY H 108 2.90 20.51 -30.85
N GLN H 109 2.11 21.37 -31.49
CA GLN H 109 0.67 21.08 -31.55
C GLN H 109 0.30 20.22 -32.75
N GLY H 110 1.22 19.97 -33.66
CA GLY H 110 0.94 19.15 -34.83
C GLY H 110 0.65 19.97 -36.07
N THR H 111 1.09 19.44 -37.21
CA THR H 111 0.92 20.04 -38.53
C THR H 111 0.39 18.97 -39.45
N THR H 112 -0.79 19.22 -40.03
CA THR H 112 -1.37 18.29 -41.00
C THR H 112 -0.83 18.63 -42.39
N LEU H 113 -0.28 17.63 -43.05
CA LEU H 113 0.10 17.74 -44.46
C LEU H 113 -0.80 16.85 -45.29
N THR H 114 -1.36 17.41 -46.33
CA THR H 114 -2.23 16.67 -47.23
C THR H 114 -1.59 16.74 -48.61
N ALA H 115 -1.26 15.58 -49.16
CA ALA H 115 -0.70 15.46 -50.52
C ALA H 115 -1.82 15.17 -51.49
N ALA H 116 -2.18 16.16 -52.32
CA ALA H 116 -3.24 15.95 -53.29
C ALA H 116 -2.86 16.57 -54.61
N ALA H 117 -3.06 15.80 -55.69
CA ALA H 117 -2.79 16.24 -57.05
C ALA H 117 -3.93 17.08 -57.63
N SER H 118 -5.13 16.93 -57.07
CA SER H 118 -6.32 17.64 -57.50
C SER H 118 -7.24 17.73 -56.31
N THR H 119 -8.25 18.59 -56.39
CA THR H 119 -9.33 18.62 -55.41
C THR H 119 -10.66 18.39 -56.10
N LYS H 120 -11.63 17.94 -55.32
CA LYS H 120 -12.99 17.74 -55.81
C LYS H 120 -13.92 18.08 -54.67
N GLY H 121 -14.83 19.03 -54.90
CA GLY H 121 -15.81 19.38 -53.89
C GLY H 121 -16.88 18.32 -53.73
N PRO H 122 -17.51 18.27 -52.56
CA PRO H 122 -18.50 17.24 -52.32
C PRO H 122 -19.85 17.68 -52.86
N SER H 123 -20.67 16.69 -53.17
CA SER H 123 -22.11 16.88 -53.23
C SER H 123 -22.67 16.65 -51.82
N VAL H 124 -23.64 17.46 -51.44
CA VAL H 124 -24.26 17.39 -50.13
C VAL H 124 -25.74 17.07 -50.33
N PHE H 125 -26.16 15.90 -49.85
CA PHE H 125 -27.52 15.41 -49.97
C PHE H 125 -28.19 15.32 -48.61
N PRO H 126 -29.49 15.59 -48.51
CA PRO H 126 -30.17 15.48 -47.21
C PRO H 126 -30.46 14.05 -46.83
N LEU H 127 -30.42 13.80 -45.51
CA LEU H 127 -30.92 12.58 -44.89
C LEU H 127 -32.19 12.99 -44.14
N ALA H 128 -33.31 12.82 -44.79
CA ALA H 128 -34.53 13.47 -44.38
C ALA H 128 -35.19 12.69 -43.25
N PRO H 129 -35.63 13.38 -42.19
CA PRO H 129 -36.30 12.70 -41.08
C PRO H 129 -37.62 12.10 -41.54
N SER H 130 -37.97 10.97 -40.95
CA SER H 130 -39.23 10.30 -41.29
C SER H 130 -39.65 9.46 -40.09
N SER H 131 -40.76 8.73 -40.22
CA SER H 131 -41.14 7.83 -39.14
C SER H 131 -40.15 6.67 -39.00
N LYS H 132 -39.52 6.24 -40.12
CA LYS H 132 -38.49 5.22 -40.08
C LYS H 132 -37.15 5.73 -39.55
N SER H 133 -37.03 7.02 -39.21
CA SER H 133 -35.85 7.52 -38.50
C SER H 133 -36.28 8.14 -37.17
N THR H 134 -37.48 7.81 -36.69
CA THR H 134 -38.01 8.34 -35.43
C THR H 134 -38.09 7.25 -34.37
N SER H 135 -37.76 7.61 -33.13
CA SER H 135 -37.88 6.66 -32.04
C SER H 135 -37.90 7.41 -30.73
N GLY H 136 -38.78 6.98 -29.82
CA GLY H 136 -38.88 7.61 -28.52
C GLY H 136 -39.09 9.11 -28.54
N GLY H 137 -39.83 9.61 -29.55
CA GLY H 137 -40.01 11.05 -29.69
C GLY H 137 -38.82 11.77 -30.28
N THR H 138 -37.80 11.03 -30.69
CA THR H 138 -36.59 11.60 -31.26
C THR H 138 -36.57 11.31 -32.75
N ALA H 139 -36.34 12.35 -33.54
CA ALA H 139 -36.15 12.19 -34.97
C ALA H 139 -34.67 12.38 -35.28
N ALA H 140 -34.17 11.54 -36.18
CA ALA H 140 -32.81 11.65 -36.67
C ALA H 140 -32.86 12.28 -38.04
N LEU H 141 -31.94 13.18 -38.31
CA LEU H 141 -31.80 13.74 -39.64
C LEU H 141 -30.32 14.05 -39.86
N GLY H 142 -29.94 14.26 -41.11
CA GLY H 142 -28.54 14.51 -41.36
C GLY H 142 -28.26 15.01 -42.75
N CYS H 143 -26.96 15.05 -43.07
CA CYS H 143 -26.44 15.42 -44.39
C CYS H 143 -25.40 14.39 -44.80
N LEU H 144 -25.54 13.88 -46.01
CA LEU H 144 -24.56 13.01 -46.62
C LEU H 144 -23.65 13.86 -47.49
N VAL H 145 -22.36 13.87 -47.16
CA VAL H 145 -21.35 14.69 -47.82
C VAL H 145 -20.55 13.72 -48.67
N LYS H 146 -20.83 13.66 -49.97
CA LYS H 146 -20.36 12.55 -50.78
C LYS H 146 -19.34 13.00 -51.81
N ASP H 147 -18.35 12.14 -52.05
CA ASP H 147 -17.45 12.22 -53.22
C ASP H 147 -16.59 13.50 -53.21
N TYR H 148 -15.78 13.65 -52.17
CA TYR H 148 -14.86 14.76 -52.12
C TYR H 148 -13.44 14.23 -51.96
N PHE H 149 -12.47 15.11 -52.24
CA PHE H 149 -11.06 14.74 -52.16
C PHE H 149 -10.26 16.03 -52.15
N PRO H 150 -9.21 16.15 -51.32
CA PRO H 150 -8.84 15.23 -50.25
C PRO H 150 -9.60 15.62 -48.99
N GLU H 151 -9.31 14.93 -47.88
CA GLU H 151 -9.81 15.34 -46.57
C GLU H 151 -9.21 16.69 -46.19
N PRO H 152 -9.85 17.42 -45.27
CA PRO H 152 -11.07 17.09 -44.57
C PRO H 152 -12.27 17.96 -44.97
N VAL H 153 -13.47 17.57 -44.57
CA VAL H 153 -14.59 18.50 -44.54
C VAL H 153 -14.99 18.72 -43.09
N THR H 154 -15.53 19.90 -42.83
CA THR H 154 -16.19 20.20 -41.57
C THR H 154 -17.68 20.38 -41.82
N VAL H 155 -18.47 19.96 -40.85
CA VAL H 155 -19.93 20.08 -40.89
C VAL H 155 -20.38 20.74 -39.59
N SER H 156 -21.09 21.85 -39.69
CA SER H 156 -21.79 22.37 -38.53
C SER H 156 -23.30 22.34 -38.80
N TRP H 157 -24.11 22.62 -37.78
CA TRP H 157 -25.55 22.65 -37.96
C TRP H 157 -26.09 23.99 -37.47
N ASN H 158 -26.98 24.58 -38.28
CA ASN H 158 -27.57 25.89 -37.98
C ASN H 158 -26.51 26.87 -37.50
N SER H 159 -25.34 26.85 -38.17
CA SER H 159 -24.26 27.80 -37.95
C SER H 159 -23.77 27.80 -36.51
N GLY H 160 -23.84 26.66 -35.81
CA GLY H 160 -23.37 26.59 -34.44
C GLY H 160 -24.43 26.88 -33.41
N ALA H 161 -25.63 27.27 -33.85
CA ALA H 161 -26.78 27.60 -33.00
C ALA H 161 -27.56 26.37 -32.55
N LEU H 162 -27.26 25.18 -33.05
CA LEU H 162 -28.09 24.00 -32.80
C LEU H 162 -27.56 23.21 -31.60
N THR H 163 -28.40 23.03 -30.60
CA THR H 163 -28.12 22.18 -29.44
C THR H 163 -28.91 20.89 -29.63
N SER H 164 -28.19 19.77 -29.77
CA SER H 164 -28.84 18.50 -30.11
C SER H 164 -27.82 17.37 -29.96
N GLY H 165 -28.34 16.15 -30.08
CA GLY H 165 -27.47 15.00 -30.22
C GLY H 165 -26.80 15.11 -31.58
N VAL H 166 -25.47 15.18 -31.61
CA VAL H 166 -24.73 15.30 -32.86
C VAL H 166 -23.89 14.06 -33.05
N HIS H 167 -23.94 13.48 -34.24
CA HIS H 167 -23.02 12.42 -34.62
C HIS H 167 -22.45 12.72 -36.00
N THR H 168 -21.19 13.13 -36.07
CA THR H 168 -20.50 13.25 -37.34
C THR H 168 -19.55 12.05 -37.43
N PHE H 169 -19.86 11.15 -38.34
CA PHE H 169 -19.09 9.94 -38.53
C PHE H 169 -17.78 10.25 -39.26
N PRO H 170 -16.71 9.55 -38.93
CA PRO H 170 -15.47 9.68 -39.71
C PRO H 170 -15.72 9.39 -41.19
N ALA H 171 -15.00 10.12 -42.02
CA ALA H 171 -15.07 9.90 -43.46
C ALA H 171 -14.69 8.46 -43.79
N VAL H 172 -15.28 7.94 -44.86
CA VAL H 172 -14.93 6.62 -45.36
C VAL H 172 -14.34 6.76 -46.75
N LEU H 173 -13.27 6.02 -46.99
CA LEU H 173 -12.64 5.97 -48.30
C LEU H 173 -13.46 5.09 -49.23
N GLN H 174 -14.01 5.68 -50.27
CA GLN H 174 -14.75 4.89 -51.25
C GLN H 174 -13.80 4.19 -52.21
N SER H 175 -14.32 3.18 -52.91
CA SER H 175 -13.45 2.47 -53.85
C SER H 175 -13.03 3.35 -55.03
N SER H 176 -13.69 4.48 -55.25
CA SER H 176 -13.21 5.41 -56.26
C SER H 176 -11.99 6.19 -55.81
N GLY H 177 -11.62 6.10 -54.55
CA GLY H 177 -10.62 6.99 -54.02
C GLY H 177 -11.19 8.29 -53.48
N LEU H 178 -12.46 8.57 -53.69
CA LEU H 178 -13.05 9.76 -53.10
C LEU H 178 -13.60 9.44 -51.72
N TYR H 179 -13.73 10.46 -50.88
CA TYR H 179 -14.25 10.26 -49.54
C TYR H 179 -15.76 10.56 -49.47
N SER H 180 -16.38 10.06 -48.40
CA SER H 180 -17.77 10.34 -48.13
C SER H 180 -17.95 10.40 -46.62
N LEU H 181 -18.83 11.29 -46.17
CA LEU H 181 -19.08 11.44 -44.74
C LEU H 181 -20.55 11.70 -44.47
N SER H 182 -21.03 11.22 -43.33
CA SER H 182 -22.37 11.53 -42.86
C SER H 182 -22.28 12.31 -41.54
N SER H 183 -23.05 13.37 -41.45
CA SER H 183 -23.27 14.08 -40.21
C SER H 183 -24.76 14.00 -39.88
N VAL H 184 -25.06 13.51 -38.69
CA VAL H 184 -26.44 13.27 -38.29
C VAL H 184 -26.71 14.03 -36.98
N VAL H 185 -27.95 14.44 -36.79
CA VAL H 185 -28.36 15.05 -35.53
C VAL H 185 -29.70 14.47 -35.13
N THR H 186 -29.91 14.37 -33.82
CA THR H 186 -31.16 13.87 -33.26
C THR H 186 -31.88 15.01 -32.57
N VAL H 187 -33.17 15.16 -32.87
CA VAL H 187 -33.96 16.30 -32.45
C VAL H 187 -35.35 15.81 -32.06
N PRO H 188 -36.13 16.64 -31.35
CA PRO H 188 -37.50 16.23 -31.04
C PRO H 188 -38.30 16.09 -32.32
N SER H 189 -39.03 14.99 -32.43
CA SER H 189 -39.88 14.81 -33.61
C SER H 189 -40.95 15.88 -33.67
N SER H 190 -41.35 16.42 -32.52
CA SER H 190 -42.34 17.51 -32.49
C SER H 190 -41.80 18.85 -33.01
N SER H 191 -40.50 18.97 -33.24
CA SER H 191 -39.92 20.20 -33.78
C SER H 191 -39.85 20.24 -35.30
N LEU H 192 -40.11 19.13 -35.99
CA LEU H 192 -39.87 19.08 -37.43
C LEU H 192 -40.80 19.96 -38.24
N GLY H 193 -41.67 20.76 -37.64
CA GLY H 193 -42.58 21.48 -38.49
C GLY H 193 -42.48 22.97 -38.21
N THR H 194 -41.83 23.31 -37.12
CA THR H 194 -41.58 24.70 -36.79
C THR H 194 -40.12 25.08 -36.87
N GLN H 195 -39.20 24.13 -36.62
CA GLN H 195 -37.78 24.45 -36.58
C GLN H 195 -37.13 23.95 -37.87
N THR H 196 -36.23 24.74 -38.41
CA THR H 196 -35.50 24.39 -39.61
C THR H 196 -34.10 23.91 -39.26
N TYR H 197 -33.61 22.92 -40.02
CA TYR H 197 -32.30 22.33 -39.80
C TYR H 197 -31.46 22.48 -41.06
N ILE H 198 -30.36 23.23 -40.94
CA ILE H 198 -29.43 23.47 -42.03
C ILE H 198 -28.06 22.95 -41.64
N CYS H 199 -27.48 22.08 -42.47
CA CYS H 199 -26.09 21.67 -42.28
C CYS H 199 -25.18 22.57 -43.11
N ASN H 200 -24.12 23.07 -42.48
CA ASN H 200 -23.13 23.94 -43.11
C ASN H 200 -21.87 23.10 -43.37
N VAL H 201 -21.60 22.84 -44.63
CA VAL H 201 -20.50 21.98 -45.05
C VAL H 201 -19.40 22.87 -45.61
N ASN H 202 -18.18 22.65 -45.15
CA ASN H 202 -17.05 23.42 -45.64
C ASN H 202 -15.99 22.43 -46.10
N HIS H 203 -15.51 22.62 -47.32
CA HIS H 203 -14.45 21.82 -47.92
C HIS H 203 -13.37 22.80 -48.36
N LYS H 204 -12.43 23.08 -47.45
CA LYS H 204 -11.40 24.08 -47.72
C LYS H 204 -10.55 23.75 -48.94
N PRO H 205 -10.06 22.50 -49.13
CA PRO H 205 -9.23 22.23 -50.31
C PRO H 205 -9.86 22.67 -51.62
N SER H 206 -11.18 22.62 -51.76
CA SER H 206 -11.78 23.05 -53.02
C SER H 206 -12.45 24.39 -52.90
N ASN H 207 -12.29 25.06 -51.76
CA ASN H 207 -12.96 26.32 -51.46
C ASN H 207 -14.46 26.22 -51.71
N THR H 208 -15.04 25.10 -51.29
CA THR H 208 -16.47 24.85 -51.40
C THR H 208 -17.10 25.01 -50.04
N LYS H 209 -18.15 25.84 -49.97
CA LYS H 209 -19.02 25.96 -48.83
C LYS H 209 -20.42 25.68 -49.34
N VAL H 210 -21.12 24.76 -48.68
CA VAL H 210 -22.48 24.41 -49.06
C VAL H 210 -23.32 24.40 -47.80
N ASP H 211 -24.45 25.11 -47.82
CA ASP H 211 -25.48 25.01 -46.77
C ASP H 211 -26.64 24.22 -47.34
N LYS H 212 -27.09 23.20 -46.63
CA LYS H 212 -28.14 22.34 -47.17
C LYS H 212 -29.25 22.24 -46.14
N LYS H 213 -30.45 22.69 -46.52
CA LYS H 213 -31.60 22.58 -45.63
C LYS H 213 -32.15 21.16 -45.67
N ALA H 214 -32.41 20.58 -44.50
CA ALA H 214 -32.90 19.21 -44.40
C ALA H 214 -34.33 19.21 -43.88
N GLU H 215 -35.26 18.70 -44.68
CA GLU H 215 -36.65 18.69 -44.26
C GLU H 215 -37.26 17.31 -44.46
N PRO H 216 -38.27 16.95 -43.67
CA PRO H 216 -38.95 15.67 -43.86
C PRO H 216 -39.62 15.56 -45.23
N LYS H 217 -39.64 14.33 -45.76
CA LYS H 217 -40.36 14.06 -47.00
C LYS H 217 -41.87 14.20 -46.84
N SER H 218 -42.53 14.68 -47.89
CA SER H 218 -43.98 14.79 -47.95
C SER H 218 -44.40 14.38 -49.35
N CYS H 219 -45.52 13.67 -49.46
CA CYS H 219 -45.97 13.21 -50.77
C CYS H 219 -46.55 14.38 -51.56
N ASP H 220 -46.33 14.37 -52.88
CA ASP H 220 -46.82 15.42 -53.81
C ASP H 220 -48.28 15.79 -53.54
N PRO I 1 13.90 10.76 24.28
CA PRO I 1 14.81 11.92 24.31
C PRO I 1 16.26 11.51 24.28
N GLU I 2 16.55 10.27 23.94
CA GLU I 2 17.95 9.86 23.97
C GLU I 2 18.79 10.70 23.03
N PRO I 3 18.47 10.85 21.74
CA PRO I 3 19.27 11.77 20.93
C PRO I 3 19.00 13.20 21.37
N THR I 4 20.07 13.96 21.55
CA THR I 4 20.03 15.41 21.77
C THR I 4 20.78 16.06 20.59
N ILE I 5 20.84 17.39 20.59
CA ILE I 5 21.43 18.13 19.47
C ILE I 5 22.60 18.96 19.95
N GLN I 6 23.66 19.00 19.13
CA GLN I 6 24.77 19.93 19.29
C GLN I 6 24.82 20.84 18.07
N CYS I 7 24.63 22.13 18.27
CA CYS I 7 24.41 23.03 17.15
C CYS I 7 25.58 24.00 16.98
N GLY I 8 25.87 24.36 15.73
CA GLY I 8 26.86 25.38 15.45
C GLY I 8 26.59 26.04 14.11
N SER I 9 27.34 27.11 13.87
CA SER I 9 27.26 27.88 12.64
C SER I 9 27.85 27.05 11.52
N GLU I 10 27.14 26.98 10.40
CA GLU I 10 27.48 26.09 9.31
C GLU I 10 27.26 26.80 7.99
N PRO I 11 28.08 26.51 6.98
CA PRO I 11 27.75 26.96 5.63
C PRO I 11 26.45 26.30 5.16
N GLY I 12 25.60 27.10 4.53
CA GLY I 12 24.36 26.60 3.97
C GLY I 12 24.28 26.86 2.49
N PRO I 13 23.19 26.47 1.85
CA PRO I 13 23.07 26.73 0.42
C PRO I 13 22.77 28.20 0.18
N SER I 14 22.99 28.62 -1.05
CA SER I 14 22.70 29.98 -1.44
C SER I 14 21.24 30.29 -1.13
N PRO I 15 20.90 31.50 -0.70
CA PRO I 15 19.52 31.74 -0.23
C PRO I 15 18.47 31.66 -1.32
N GLU I 16 18.84 31.30 -2.55
CA GLU I 16 17.83 31.09 -3.58
C GLU I 16 17.09 29.79 -3.36
N TRP I 17 17.70 28.85 -2.62
CA TRP I 17 17.05 27.57 -2.36
C TRP I 17 15.74 27.72 -1.58
N MET I 18 15.50 28.87 -0.98
CA MET I 18 14.29 29.16 -0.21
C MET I 18 13.19 29.82 -1.03
N VAL I 19 13.48 30.20 -2.27
CA VAL I 19 12.52 30.86 -3.15
C VAL I 19 11.77 29.78 -3.91
N ARG I 20 10.70 29.28 -3.30
CA ARG I 20 9.77 28.39 -3.99
C ARG I 20 8.98 29.19 -5.02
N HIS I 21 8.85 28.64 -6.21
CA HIS I 21 8.08 29.30 -7.26
C HIS I 21 6.64 28.80 -7.36
N THR I 22 6.32 27.65 -6.77
CA THR I 22 4.94 27.25 -6.66
C THR I 22 4.41 27.74 -5.32
N LEU I 23 3.21 27.29 -4.97
CA LEU I 23 2.67 27.48 -3.63
C LEU I 23 3.22 26.36 -2.76
N THR I 24 3.54 26.69 -1.52
CA THR I 24 3.93 25.61 -0.63
C THR I 24 2.70 24.85 -0.18
N PRO I 25 2.71 23.52 -0.24
CA PRO I 25 1.58 22.76 0.29
C PRO I 25 1.34 23.15 1.74
N GLY I 26 0.10 23.51 2.05
CA GLY I 26 -0.19 24.13 3.33
C GLY I 26 0.02 23.23 4.54
N ASP I 27 0.09 21.91 4.35
CA ASP I 27 0.28 21.02 5.48
C ASP I 27 1.75 20.62 5.72
N LEU I 28 2.72 21.28 5.10
CA LEU I 28 4.12 21.01 5.41
C LEU I 28 4.47 21.89 6.62
N ARG I 29 4.14 21.37 7.81
CA ARG I 29 4.10 22.13 9.06
C ARG I 29 5.14 21.64 10.06
N ASP I 30 6.20 20.98 9.59
CA ASP I 30 7.19 20.43 10.51
C ASP I 30 8.04 21.48 11.21
N LEU I 31 8.03 22.71 10.73
CA LEU I 31 8.91 23.76 11.23
C LEU I 31 8.09 24.91 11.76
N ARG I 32 8.32 25.28 13.01
CA ARG I 32 7.57 26.32 13.69
C ARG I 32 8.54 27.35 14.24
N VAL I 33 8.11 28.61 14.29
CA VAL I 33 8.92 29.66 14.89
C VAL I 33 8.03 30.53 15.77
N GLU I 34 8.54 30.89 16.94
CA GLU I 34 7.91 31.90 17.77
C GLU I 34 9.03 32.63 18.50
N THR I 35 8.78 33.90 18.82
CA THR I 35 9.77 34.77 19.47
C THR I 35 9.73 34.60 20.98
N ILE I 36 10.89 34.76 21.62
CA ILE I 36 10.99 34.66 23.07
C ILE I 36 11.85 35.81 23.58
N LYS I 37 11.51 36.32 24.77
CA LYS I 37 12.31 37.35 25.42
C LYS I 37 13.57 36.72 25.99
N SER I 38 14.72 37.32 25.67
CA SER I 38 15.98 36.77 26.10
C SER I 38 16.12 36.83 27.61
N ASN I 39 15.92 38.01 28.20
CA ASN I 39 15.92 38.18 29.64
C ASN I 39 14.52 38.62 30.06
N VAL I 40 13.83 37.80 30.85
CA VAL I 40 12.51 38.19 31.33
C VAL I 40 12.67 39.03 32.60
N ASP I 41 11.66 39.86 32.89
CA ASP I 41 11.63 40.77 34.02
C ASP I 41 12.52 41.99 33.70
N LEU I 42 13.34 41.87 32.68
CA LEU I 42 14.18 42.96 32.21
C LEU I 42 13.54 43.56 30.98
N GLU I 43 13.67 44.87 30.85
CA GLU I 43 12.89 45.59 29.85
C GLU I 43 13.51 45.49 28.45
N ASP I 44 14.55 46.28 28.18
CA ASP I 44 15.11 46.34 26.84
C ASP I 44 16.20 45.27 26.68
N SER I 45 15.73 43.94 26.49
CA SER I 45 16.38 42.68 26.20
C SER I 45 16.25 42.33 24.72
N PRO I 46 17.24 41.67 24.13
CA PRO I 46 17.09 41.18 22.76
C PRO I 46 16.00 40.12 22.65
N ILE I 47 15.36 40.09 21.50
CA ILE I 47 14.31 39.13 21.22
C ILE I 47 14.89 38.02 20.35
N LEU I 48 14.71 36.77 20.76
CA LEU I 48 15.27 35.64 20.03
C LEU I 48 14.15 34.86 19.35
N MET I 49 14.53 34.10 18.32
CA MET I 49 13.63 33.12 17.73
C MET I 49 13.80 31.81 18.46
N ASN I 50 12.69 31.14 18.72
CA ASN I 50 12.70 29.75 19.14
C ASN I 50 12.15 28.95 17.97
N ILE I 51 13.05 28.32 17.22
CA ILE I 51 12.74 27.53 16.03
C ILE I 51 12.63 26.08 16.46
N SER I 52 11.46 25.50 16.23
CA SER I 52 11.15 24.12 16.59
C SER I 52 10.87 23.30 15.34
N TRP I 53 11.21 22.02 15.39
CA TRP I 53 10.90 21.15 14.28
C TRP I 53 10.40 19.80 14.80
N ILE I 54 9.59 19.17 13.99
CA ILE I 54 9.07 17.83 14.26
C ILE I 54 9.72 16.92 13.24
N LEU I 55 10.09 15.73 13.67
CA LEU I 55 10.65 14.76 12.74
C LEU I 55 9.55 13.83 12.25
N ARG I 56 9.47 13.66 10.93
CA ARG I 56 8.56 12.66 10.38
C ARG I 56 8.88 11.29 10.96
N ALA I 57 7.83 10.48 11.13
CA ALA I 57 7.94 9.18 11.76
C ALA I 57 7.93 8.08 10.70
N ASP I 58 9.05 7.96 10.01
CA ASP I 58 9.20 6.91 9.01
C ASP I 58 10.61 6.34 9.13
N ALA I 59 10.88 5.31 8.34
CA ALA I 59 12.09 4.52 8.54
C ALA I 59 13.34 5.31 8.20
N SER I 60 13.23 6.37 7.40
CA SER I 60 14.40 7.18 7.08
C SER I 60 14.97 7.87 8.30
N ILE I 61 14.21 7.99 9.40
CA ILE I 61 14.76 8.61 10.59
C ILE I 61 15.92 7.80 11.14
N ARG I 62 15.99 6.51 10.84
CA ARG I 62 17.06 5.69 11.40
C ARG I 62 18.43 6.08 10.87
N LEU I 63 18.50 6.77 9.74
CA LEU I 63 19.74 7.25 9.15
C LEU I 63 20.02 8.71 9.44
N LEU I 64 19.16 9.38 10.18
CA LEU I 64 19.28 10.83 10.30
C LEU I 64 20.44 11.18 11.22
N LYS I 65 21.21 12.19 10.85
CA LYS I 65 22.29 12.64 11.72
C LYS I 65 22.31 14.13 12.00
N ALA I 66 21.66 14.97 11.19
CA ALA I 66 21.68 16.40 11.47
C ALA I 66 20.50 17.09 10.79
N THR I 67 20.15 18.25 11.31
CA THR I 67 19.18 19.12 10.68
C THR I 67 19.82 20.49 10.53
N LYS I 68 19.75 21.05 9.33
CA LYS I 68 20.29 22.38 9.05
C LYS I 68 19.15 23.39 8.93
N ILE I 69 19.33 24.56 9.52
CA ILE I 69 18.32 25.61 9.51
C ILE I 69 18.97 26.87 8.98
N CYS I 70 18.32 27.52 8.02
CA CYS I 70 18.77 28.79 7.47
C CYS I 70 17.69 29.84 7.65
N VAL I 71 18.10 31.02 8.07
CA VAL I 71 17.16 32.11 8.33
C VAL I 71 17.53 33.31 7.46
N MET I 72 16.56 33.83 6.73
CA MET I 72 16.77 34.98 5.87
C MET I 72 15.91 36.12 6.39
N GLY I 73 16.56 37.22 6.75
CA GLY I 73 15.86 38.43 7.15
C GLY I 73 15.73 39.33 5.94
N LYS I 74 14.50 39.77 5.65
CA LYS I 74 14.26 40.67 4.53
C LYS I 74 14.12 42.12 4.98
N SER I 75 15.18 42.60 5.62
CA SER I 75 15.25 44.01 5.97
C SER I 75 15.87 44.76 4.80
N HIS I 76 16.06 46.07 4.95
CA HIS I 76 16.59 46.86 3.82
C HIS I 76 17.91 46.28 3.32
N PHE I 77 18.72 45.73 4.22
CA PHE I 77 19.87 44.92 3.85
C PHE I 77 19.65 43.52 4.43
N GLN I 78 19.51 42.54 3.53
CA GLN I 78 19.06 41.22 3.96
C GLN I 78 20.17 40.48 4.71
N SER I 79 19.77 39.77 5.75
CA SER I 79 20.63 38.86 6.50
C SER I 79 20.40 37.43 6.04
N TYR I 80 21.44 36.61 6.16
CA TYR I 80 21.33 35.20 5.79
C TYR I 80 22.36 34.40 6.57
N SER I 81 21.90 33.53 7.47
CA SER I 81 22.77 32.68 8.27
C SER I 81 22.16 31.29 8.45
N CYS I 82 23.02 30.25 8.47
CA CYS I 82 22.56 28.88 8.68
C CYS I 82 23.18 28.28 9.94
N ILE I 83 22.44 27.37 10.56
CA ILE I 83 22.92 26.58 11.70
C ILE I 83 22.74 25.10 11.34
N ARG I 84 23.67 24.28 11.78
CA ARG I 84 23.57 22.82 11.65
C ARG I 84 23.53 22.23 13.06
N CYS I 85 22.47 21.47 13.33
CA CYS I 85 22.27 20.78 14.61
C CYS I 85 22.51 19.28 14.40
N ASN I 86 23.56 18.74 15.02
CA ASN I 86 23.90 17.33 14.91
C ASN I 86 23.21 16.53 16.01
N TYR I 87 22.64 15.38 15.65
CA TYR I 87 22.03 14.52 16.67
C TYR I 87 23.10 13.67 17.31
N THR I 88 23.09 13.59 18.63
CA THR I 88 24.15 12.95 19.37
C THR I 88 24.11 11.42 19.26
N GLN I 89 22.97 10.84 18.90
CA GLN I 89 22.87 9.39 18.75
C GLN I 89 21.99 9.10 17.56
N ALA I 90 21.90 7.82 17.22
CA ALA I 90 21.00 7.43 16.14
C ALA I 90 19.60 7.26 16.71
N PHE I 91 18.59 7.41 15.87
CA PHE I 91 17.21 7.28 16.32
C PHE I 91 16.85 5.81 16.23
N GLN I 92 16.49 5.22 17.38
CA GLN I 92 16.17 3.79 17.47
C GLN I 92 14.70 3.53 17.19
N THR I 93 13.85 4.49 17.54
CA THR I 93 12.41 4.40 17.30
C THR I 93 11.97 5.58 16.44
N GLN I 94 11.04 5.31 15.53
CA GLN I 94 10.56 6.34 14.62
C GLN I 94 9.81 7.44 15.33
N THR I 95 9.27 7.19 16.52
CA THR I 95 8.66 8.24 17.34
C THR I 95 9.26 8.20 18.74
N ARG I 96 8.98 9.24 19.49
CA ARG I 96 9.40 9.31 20.89
C ARG I 96 8.69 8.23 21.70
N PRO I 97 9.39 7.50 22.58
CA PRO I 97 8.74 6.36 23.25
C PRO I 97 7.75 6.78 24.30
N SER I 98 7.77 8.03 24.76
CA SER I 98 6.80 8.47 25.73
C SER I 98 5.58 9.08 25.06
N GLY I 99 5.46 8.89 23.76
CA GLY I 99 4.38 9.52 23.03
C GLY I 99 4.82 10.69 22.17
N GLY I 100 4.36 10.70 20.94
CA GLY I 100 4.47 11.86 20.08
C GLY I 100 5.72 11.82 19.22
N LYS I 101 5.66 12.53 18.10
CA LYS I 101 6.79 12.62 17.20
C LYS I 101 7.99 13.27 17.91
N TRP I 102 9.18 12.89 17.47
CA TRP I 102 10.41 13.54 17.91
C TRP I 102 10.41 15.04 17.58
N THR I 103 10.65 15.87 18.59
CA THR I 103 10.62 17.31 18.48
C THR I 103 11.88 17.92 19.08
N PHE I 104 12.42 18.94 18.41
CA PHE I 104 13.60 19.65 18.88
C PHE I 104 13.43 21.13 18.63
N SER I 105 14.21 21.94 19.35
CA SER I 105 14.17 23.38 19.15
C SER I 105 15.57 23.97 19.29
N TYR I 106 15.78 25.09 18.59
CA TYR I 106 17.01 25.87 18.67
C TYR I 106 16.64 27.32 18.93
N VAL I 107 17.31 27.94 19.88
CA VAL I 107 17.08 29.33 20.24
C VAL I 107 18.25 30.18 19.75
N GLY I 108 17.94 31.24 19.02
CA GLY I 108 18.98 32.07 18.43
C GLY I 108 18.36 33.09 17.49
N PHE I 109 19.22 33.68 16.65
CA PHE I 109 18.87 34.66 15.63
C PHE I 109 18.15 35.87 16.22
N PRO I 110 18.86 36.87 16.76
CA PRO I 110 18.19 38.06 17.30
C PRO I 110 17.35 38.74 16.23
N VAL I 111 16.11 39.09 16.58
CA VAL I 111 15.12 39.53 15.60
C VAL I 111 14.97 41.04 15.65
N GLU I 112 14.79 41.63 14.49
CA GLU I 112 14.53 43.05 14.33
C GLU I 112 13.03 43.31 14.30
N LEU I 113 12.64 44.55 14.57
CA LEU I 113 11.23 44.93 14.53
C LEU I 113 10.71 44.91 13.10
N ASN I 114 9.44 44.54 12.95
CA ASN I 114 8.68 44.70 11.71
C ASN I 114 9.46 44.19 10.50
N THR I 115 10.00 43.00 10.63
CA THR I 115 10.87 42.43 9.63
C THR I 115 10.30 41.11 9.14
N VAL I 116 10.44 40.87 7.84
CA VAL I 116 9.96 39.62 7.25
C VAL I 116 11.10 38.61 7.27
N TYR I 117 10.82 37.41 7.80
CA TYR I 117 11.79 36.35 7.97
C TYR I 117 11.32 35.09 7.26
N PHE I 118 12.18 34.54 6.40
CA PHE I 118 12.02 33.24 5.79
C PHE I 118 12.96 32.24 6.44
N ILE I 119 12.42 31.10 6.88
CA ILE I 119 13.21 30.05 7.53
C ILE I 119 13.06 28.79 6.70
N GLY I 120 14.19 28.19 6.35
CA GLY I 120 14.20 26.92 5.64
C GLY I 120 15.07 25.91 6.34
N ALA I 121 14.71 24.64 6.20
CA ALA I 121 15.50 23.63 6.88
C ALA I 121 15.52 22.36 6.06
N HIS I 122 16.58 21.59 6.24
CA HIS I 122 16.65 20.29 5.61
C HIS I 122 17.48 19.36 6.48
N ASN I 123 17.14 18.10 6.44
CA ASN I 123 17.81 17.07 7.21
C ASN I 123 19.04 16.57 6.46
N ILE I 124 19.97 15.98 7.20
CA ILE I 124 21.17 15.39 6.63
C ILE I 124 21.20 13.95 7.12
N PRO I 125 21.07 12.96 6.24
CA PRO I 125 20.96 13.11 4.78
C PRO I 125 19.57 13.55 4.29
N ASN I 126 19.54 14.21 3.13
CA ASN I 126 18.29 14.51 2.44
C ASN I 126 17.66 13.23 1.88
N GLU I 131 13.34 18.63 -4.51
CA GLU I 131 12.28 19.39 -5.19
C GLU I 131 12.56 20.89 -5.20
N ASP I 132 11.51 21.67 -5.44
CA ASP I 132 11.58 23.13 -5.34
C ASP I 132 11.17 23.53 -3.93
N GLY I 133 12.14 24.04 -3.16
CA GLY I 133 11.87 24.52 -1.83
C GLY I 133 12.28 23.56 -0.73
N PRO I 134 12.87 24.11 0.34
CA PRO I 134 13.17 23.28 1.52
C PRO I 134 11.98 22.45 1.93
N SER I 135 12.25 21.22 2.34
CA SER I 135 11.19 20.34 2.77
C SER I 135 10.48 20.93 3.97
N MET I 136 11.22 21.63 4.83
CA MET I 136 10.69 22.31 5.99
C MET I 136 10.85 23.81 5.78
N ALA I 137 9.76 24.55 5.97
CA ALA I 137 9.82 25.98 5.71
C ALA I 137 8.70 26.66 6.47
N VAL I 138 8.97 27.87 6.93
CA VAL I 138 7.95 28.70 7.58
C VAL I 138 8.36 30.17 7.41
N ASN I 139 7.34 31.04 7.27
CA ASN I 139 7.50 32.48 7.19
C ASN I 139 6.87 33.14 8.40
N PHE I 140 7.39 34.31 8.77
CA PHE I 140 6.73 35.07 9.81
C PHE I 140 7.30 36.47 9.78
N THR I 141 6.46 37.43 10.10
CA THR I 141 6.86 38.82 10.24
C THR I 141 7.00 39.08 11.73
N SER I 142 8.18 39.53 12.15
CA SER I 142 8.38 39.77 13.56
C SER I 142 7.45 40.89 13.99
N PRO I 143 7.05 40.93 15.25
CA PRO I 143 6.08 41.94 15.67
C PRO I 143 6.73 43.32 15.69
N GLY I 144 5.87 44.33 15.77
CA GLY I 144 6.28 45.70 15.80
C GLY I 144 6.04 46.37 17.13
N CYS I 145 6.07 47.71 17.11
CA CYS I 145 6.03 48.47 18.35
C CYS I 145 4.68 48.40 19.04
N LEU I 146 3.65 47.86 18.39
CA LEU I 146 2.38 47.69 19.06
C LEU I 146 2.29 46.37 19.80
N ASP I 147 3.23 45.46 19.59
CA ASP I 147 3.18 44.18 20.28
C ASP I 147 3.67 44.37 21.71
N HIS I 148 3.10 43.58 22.61
CA HIS I 148 3.32 43.79 24.05
C HIS I 148 4.76 43.59 24.48
N VAL I 149 5.56 42.84 23.75
CA VAL I 149 6.96 42.70 24.16
C VAL I 149 7.81 43.79 23.52
N MET I 150 7.58 44.05 22.23
CA MET I 150 8.38 45.02 21.51
C MET I 150 8.13 46.44 22.01
N LYS I 151 7.03 46.67 22.72
CA LYS I 151 6.69 48.01 23.19
C LYS I 151 7.69 48.54 24.21
N TYR I 152 8.48 47.68 24.85
CA TYR I 152 9.47 48.14 25.82
C TYR I 152 10.83 48.42 25.18
N LYS I 153 10.94 48.31 23.85
CA LYS I 153 12.19 48.58 23.15
C LYS I 153 12.47 50.07 22.96
N LYS I 154 13.77 50.37 22.79
CA LYS I 154 14.27 51.73 22.71
C LYS I 154 13.68 52.50 21.52
N LYS I 155 13.71 51.91 20.32
CA LYS I 155 13.13 52.60 19.17
C LYS I 155 11.62 52.77 19.31
N CYS I 156 10.96 51.83 20.00
CA CYS I 156 9.51 51.92 20.18
C CYS I 156 9.13 53.02 21.16
N ILE I 157 9.85 53.13 22.28
CA ILE I 157 9.56 54.18 23.26
C ILE I 157 9.60 55.55 22.60
N GLU I 158 10.62 55.77 21.76
CA GLU I 158 10.77 57.06 21.09
C GLU I 158 9.69 57.31 20.05
N ALA I 159 8.91 56.30 19.66
CA ALA I 159 7.78 56.51 18.77
C ALA I 159 6.43 56.55 19.47
N GLY I 160 6.38 56.44 20.79
CA GLY I 160 5.13 56.52 21.52
C GLY I 160 4.46 55.22 21.87
N SER I 161 5.21 54.12 21.99
CA SER I 161 4.62 52.81 22.22
C SER I 161 3.87 52.70 23.54
N LEU I 162 4.20 53.52 24.54
CA LEU I 162 3.61 53.36 25.87
C LEU I 162 2.50 54.36 26.17
N TRP I 163 2.15 55.21 25.21
CA TRP I 163 1.08 56.19 25.42
C TRP I 163 -0.28 55.50 25.41
N LYS I 164 -1.09 55.76 26.42
CA LYS I 164 -2.47 55.29 26.47
C LYS I 164 -3.37 56.51 26.60
N PRO I 165 -3.65 57.21 25.49
CA PRO I 165 -4.41 58.45 25.58
C PRO I 165 -5.87 58.25 25.96
N ASN I 166 -6.38 57.03 25.81
CA ASN I 166 -7.77 56.71 26.14
C ASN I 166 -8.72 57.67 25.43
N ILE I 167 -8.70 57.59 24.09
CA ILE I 167 -9.44 58.55 23.28
C ILE I 167 -10.93 58.34 23.47
N THR I 168 -11.64 59.39 23.88
CA THR I 168 -13.09 59.43 23.85
C THR I 168 -13.55 60.59 22.99
N ALA I 169 -14.44 60.31 22.04
CA ALA I 169 -14.88 61.29 21.06
C ALA I 169 -16.40 61.25 20.98
N CYS I 170 -17.01 62.43 20.97
CA CYS I 170 -18.44 62.57 21.11
C CYS I 170 -18.99 63.39 19.95
N LYS I 171 -20.05 62.87 19.31
CA LYS I 171 -20.77 63.69 18.35
C LYS I 171 -21.63 64.59 19.23
N ARG I 172 -21.17 65.82 19.45
CA ARG I 172 -21.75 66.70 20.44
C ARG I 172 -22.90 67.51 19.84
N SER I 173 -22.61 68.21 18.75
CA SER I 173 -23.61 68.99 18.03
C SER I 173 -23.71 68.48 16.60
N ALA I 174 -24.27 69.30 15.72
CA ALA I 174 -24.43 68.90 14.33
C ALA I 174 -23.07 68.73 13.65
N ASN I 175 -22.40 69.82 13.32
CA ASN I 175 -21.16 69.76 12.56
C ASN I 175 -19.91 69.76 13.45
N THR I 176 -19.99 69.29 14.70
CA THR I 176 -18.82 69.27 15.57
C THR I 176 -18.67 67.94 16.32
N VAL I 177 -17.41 67.62 16.61
CA VAL I 177 -17.02 66.44 17.38
C VAL I 177 -16.17 66.90 18.56
N GLU I 178 -16.48 66.39 19.74
CA GLU I 178 -15.72 66.65 20.95
C GLU I 178 -14.77 65.47 21.18
N VAL I 179 -13.47 65.74 21.19
CA VAL I 179 -12.46 64.70 21.32
C VAL I 179 -11.67 64.90 22.61
N ASN I 180 -11.73 63.91 23.49
CA ASN I 180 -10.98 63.91 24.76
C ASN I 180 -9.86 62.87 24.71
N PHE I 181 -8.72 63.24 25.29
CA PHE I 181 -7.60 62.30 25.40
C PHE I 181 -6.66 62.81 26.49
N THR I 182 -5.87 61.89 27.02
CA THR I 182 -4.89 62.20 28.05
C THR I 182 -3.55 62.40 27.38
N THR I 183 -2.89 63.52 27.69
CA THR I 183 -1.64 63.87 27.04
C THR I 183 -0.48 63.01 27.57
N SER I 184 0.66 63.12 26.90
CA SER I 184 1.89 62.40 27.21
C SER I 184 3.01 63.35 27.61
N PRO I 185 3.93 62.92 28.47
CA PRO I 185 5.14 63.71 28.74
C PRO I 185 6.14 63.70 27.59
N LEU I 186 5.95 62.87 26.57
CA LEU I 186 6.92 62.77 25.49
C LEU I 186 6.84 63.92 24.49
N GLY I 187 5.80 64.74 24.55
CA GLY I 187 5.68 65.84 23.60
C GLY I 187 4.48 66.72 23.93
N ASP I 188 4.44 67.87 23.26
CA ASP I 188 3.42 68.88 23.52
C ASP I 188 2.47 69.11 22.36
N ARG I 189 2.80 68.60 21.18
CA ARG I 189 2.04 68.85 19.96
C ARG I 189 1.29 67.60 19.57
N TYR I 190 0.03 67.78 19.14
CA TYR I 190 -0.83 66.69 18.71
C TYR I 190 -1.71 67.15 17.57
N MET I 191 -2.13 66.20 16.73
CA MET I 191 -3.12 66.46 15.69
C MET I 191 -4.28 65.47 15.83
N ALA I 192 -5.49 65.98 15.97
CA ALA I 192 -6.70 65.16 16.03
C ALA I 192 -7.41 65.20 14.68
N LEU I 193 -7.81 64.04 14.19
CA LEU I 193 -8.37 63.88 12.86
C LEU I 193 -9.58 62.96 12.94
N ILE I 194 -10.66 63.35 12.24
CA ILE I 194 -11.87 62.56 12.14
C ILE I 194 -12.00 62.08 10.71
N GLN I 195 -12.25 60.78 10.56
CA GLN I 195 -12.26 60.21 9.22
C GLN I 195 -13.38 59.19 9.16
N SER I 196 -14.36 59.48 8.31
CA SER I 196 -15.37 58.52 7.86
C SER I 196 -14.88 58.20 6.45
N THR I 197 -14.00 57.19 6.35
CA THR I 197 -13.26 56.70 5.17
C THR I 197 -12.51 57.83 4.45
N ALA I 198 -12.87 59.09 4.70
CA ALA I 198 -12.10 60.24 4.23
C ALA I 198 -12.02 61.27 5.35
N VAL I 199 -11.02 62.15 5.25
CA VAL I 199 -10.81 63.17 6.27
C VAL I 199 -11.94 64.17 6.23
N ILE I 200 -12.72 64.23 7.32
CA ILE I 200 -13.82 65.17 7.47
C ILE I 200 -13.55 66.22 8.52
N GLY I 201 -12.39 66.18 9.18
CA GLY I 201 -12.06 67.17 10.20
C GLY I 201 -10.63 67.10 10.72
N THR I 202 -10.11 68.25 11.14
CA THR I 202 -8.73 68.32 11.64
C THR I 202 -8.65 69.38 12.73
N SER I 203 -7.82 69.10 13.74
CA SER I 203 -7.51 70.05 14.80
C SER I 203 -6.07 69.85 15.25
N TYR I 204 -5.43 70.95 15.66
CA TYR I 204 -4.07 70.92 16.19
C TYR I 204 -4.08 71.67 17.51
N VAL I 205 -3.66 70.99 18.58
CA VAL I 205 -3.65 71.58 19.92
C VAL I 205 -2.29 71.32 20.56
N SER I 206 -1.80 72.30 21.30
CA SER I 206 -0.60 72.19 22.11
C SER I 206 -0.98 72.21 23.58
N GLU I 207 -0.49 71.25 24.34
CA GLU I 207 -0.83 71.11 25.76
C GLU I 207 0.38 70.52 26.47
N LYS I 208 1.04 71.32 27.32
CA LYS I 208 2.22 70.87 28.04
C LYS I 208 1.89 70.15 29.33
N GLU I 209 0.66 70.27 29.83
CA GLU I 209 0.26 69.72 31.12
C GLU I 209 -0.23 68.29 30.95
N LEU I 210 0.08 67.44 31.93
CA LEU I 210 -0.40 66.06 31.93
C LEU I 210 -1.83 66.01 32.46
N THR I 211 -2.79 66.06 31.54
CA THR I 211 -4.19 66.12 31.89
C THR I 211 -5.00 65.41 30.82
N ARG I 212 -6.29 65.24 31.09
CA ARG I 212 -7.21 64.77 30.06
C ARG I 212 -7.79 66.01 29.40
N THR I 213 -7.27 66.35 28.24
CA THR I 213 -7.64 67.57 27.57
C THR I 213 -8.79 67.29 26.61
N SER I 214 -9.38 68.35 26.08
CA SER I 214 -10.54 68.23 25.21
C SER I 214 -10.36 69.15 24.01
N VAL I 215 -10.85 68.70 22.86
CA VAL I 215 -10.68 69.46 21.63
C VAL I 215 -11.91 69.27 20.75
N VAL I 216 -12.33 70.36 20.10
CA VAL I 216 -13.46 70.35 19.18
C VAL I 216 -12.93 70.38 17.76
N VAL I 217 -13.41 69.46 16.93
CA VAL I 217 -13.08 69.41 15.52
C VAL I 217 -14.33 69.65 14.70
N HIS I 218 -14.24 70.58 13.72
CA HIS I 218 -15.35 70.83 12.80
C HIS I 218 -15.35 69.76 11.72
N VAL I 219 -16.47 69.07 11.60
CA VAL I 219 -16.60 67.96 10.66
C VAL I 219 -17.50 68.36 9.51
N THR I 220 -17.27 67.71 8.36
CA THR I 220 -17.96 68.05 7.12
C THR I 220 -19.20 67.20 6.90
N GLY I 221 -19.12 65.90 7.13
CA GLY I 221 -20.26 65.06 6.81
C GLY I 221 -20.79 64.34 8.02
N GLU I 222 -21.30 63.13 7.84
CA GLU I 222 -21.79 62.36 8.96
C GLU I 222 -20.61 61.93 9.85
N SER I 223 -20.58 62.44 11.08
CA SER I 223 -19.46 62.20 12.00
C SER I 223 -19.80 61.21 13.10
N GLU I 224 -20.90 60.48 12.98
CA GLU I 224 -21.29 59.52 13.99
C GLU I 224 -20.69 58.18 13.61
N GLY I 225 -19.85 57.64 14.47
CA GLY I 225 -19.21 56.39 14.15
C GLY I 225 -17.96 56.55 13.33
N ALA I 226 -17.51 57.77 13.10
CA ALA I 226 -16.29 58.01 12.36
C ALA I 226 -15.07 57.68 13.21
N VAL I 227 -13.94 57.48 12.53
CA VAL I 227 -12.69 57.19 13.20
C VAL I 227 -12.08 58.49 13.72
N VAL I 228 -11.56 58.44 14.94
CA VAL I 228 -10.71 59.48 15.47
C VAL I 228 -9.28 58.98 15.45
N GLN I 229 -8.38 59.76 14.87
CA GLN I 229 -6.98 59.41 14.81
C GLN I 229 -6.21 60.53 15.49
N LEU I 230 -5.48 60.17 16.52
CA LEU I 230 -4.69 61.14 17.26
C LEU I 230 -3.24 60.95 16.86
N THR I 231 -2.63 62.01 16.33
CA THR I 231 -1.24 61.94 15.95
C THR I 231 -0.40 62.70 16.97
N PRO I 232 0.53 62.05 17.65
CA PRO I 232 1.43 62.78 18.54
C PRO I 232 2.71 63.17 17.81
N TYR I 233 3.25 64.32 18.20
CA TYR I 233 4.52 64.83 17.68
C TYR I 233 5.49 64.86 18.84
N PHE I 234 5.98 63.69 19.22
CA PHE I 234 6.90 63.57 20.34
C PHE I 234 8.32 64.00 19.94
N HIS I 235 9.07 64.40 20.97
CA HIS I 235 10.38 65.05 20.83
C HIS I 235 11.46 64.18 20.21
N THR I 236 11.10 63.06 19.58
CA THR I 236 12.08 62.07 19.08
C THR I 236 11.58 61.31 17.87
N CYS I 237 10.27 61.27 17.65
CA CYS I 237 9.71 60.59 16.49
C CYS I 237 9.16 61.55 15.45
N GLY I 238 9.14 62.85 15.75
CA GLY I 238 8.79 63.87 14.77
C GLY I 238 7.45 63.70 14.11
N ASN I 239 7.49 63.34 12.82
CA ASN I 239 6.31 63.11 12.01
C ASN I 239 6.00 61.64 11.79
N ASP I 240 6.68 60.73 12.52
CA ASP I 240 6.48 59.29 12.35
C ASP I 240 6.15 58.58 13.67
N CYS I 241 5.48 59.27 14.59
CA CYS I 241 5.10 58.66 15.86
C CYS I 241 3.93 57.69 15.67
N ILE I 242 3.79 56.78 16.64
CA ILE I 242 2.69 55.82 16.64
C ILE I 242 1.37 56.56 16.84
N ARG I 243 0.43 56.36 15.92
CA ARG I 243 -0.87 57.03 15.98
C ARG I 243 -1.82 56.23 16.84
N GLN I 244 -2.73 56.94 17.52
CA GLN I 244 -3.72 56.33 18.38
C GLN I 244 -5.13 56.57 17.83
N ARG I 245 -5.99 55.56 17.95
CA ARG I 245 -7.32 55.61 17.36
C ARG I 245 -8.39 55.54 18.44
N GLY I 246 -9.53 56.14 18.12
CA GLY I 246 -10.78 55.99 18.83
C GLY I 246 -11.90 56.12 17.81
N THR I 247 -13.15 56.18 18.26
CA THR I 247 -14.29 56.35 17.36
C THR I 247 -15.33 57.23 18.03
N VAL I 248 -16.04 58.02 17.22
CA VAL I 248 -17.12 58.82 17.76
C VAL I 248 -18.26 57.89 18.12
N VAL I 249 -18.79 58.04 19.35
CA VAL I 249 -19.79 57.12 19.91
C VAL I 249 -20.97 57.87 20.51
N GLN I 250 -21.81 57.15 21.28
CA GLN I 250 -22.98 57.76 21.90
C GLN I 250 -22.58 58.75 22.98
N CYS I 251 -21.61 58.36 23.85
CA CYS I 251 -21.00 59.13 24.93
C CYS I 251 -21.96 59.85 25.87
N PRO I 252 -21.54 60.14 27.11
CA PRO I 252 -22.15 61.15 27.96
C PRO I 252 -21.46 62.53 27.92
N PRO J 1 -29.59 -1.88 -11.75
CA PRO J 1 -30.02 -2.93 -10.82
C PRO J 1 -28.87 -3.59 -10.07
N GLU J 2 -29.19 -4.28 -8.96
CA GLU J 2 -28.14 -4.86 -8.15
C GLU J 2 -27.95 -6.33 -8.49
N PRO J 3 -26.72 -6.84 -8.43
CA PRO J 3 -26.52 -8.27 -8.69
C PRO J 3 -27.07 -9.15 -7.58
N THR J 4 -27.71 -10.24 -8.00
CA THR J 4 -28.12 -11.39 -7.21
C THR J 4 -27.41 -12.61 -7.78
N ILE J 5 -27.65 -13.77 -7.17
CA ILE J 5 -26.96 -15.00 -7.54
C ILE J 5 -27.98 -15.98 -8.11
N GLN J 6 -27.56 -16.70 -9.14
CA GLN J 6 -28.30 -17.82 -9.69
C GLN J 6 -27.42 -19.05 -9.46
N CYS J 7 -27.92 -19.98 -8.66
CA CYS J 7 -27.09 -21.08 -8.20
C CYS J 7 -27.56 -22.39 -8.82
N GLY J 8 -26.60 -23.25 -9.14
CA GLY J 8 -26.92 -24.56 -9.67
C GLY J 8 -25.84 -25.54 -9.29
N SER J 9 -26.12 -26.81 -9.56
CA SER J 9 -25.20 -27.86 -9.22
C SER J 9 -24.03 -27.89 -10.19
N GLU J 10 -22.88 -28.32 -9.69
CA GLU J 10 -21.71 -28.44 -10.53
C GLU J 10 -20.97 -29.73 -10.18
N PRO J 11 -20.35 -30.38 -11.15
CA PRO J 11 -19.51 -31.53 -10.83
C PRO J 11 -18.40 -31.17 -9.87
N GLY J 12 -17.59 -30.17 -10.19
CA GLY J 12 -16.55 -29.74 -9.29
C GLY J 12 -15.33 -30.65 -9.25
N PRO J 13 -14.23 -30.11 -8.75
CA PRO J 13 -13.01 -30.90 -8.63
C PRO J 13 -13.04 -31.80 -7.39
N SER J 14 -12.13 -32.75 -7.39
CA SER J 14 -11.83 -33.70 -6.31
C SER J 14 -11.69 -32.98 -4.98
N PRO J 15 -12.08 -33.60 -3.85
CA PRO J 15 -12.03 -32.87 -2.56
C PRO J 15 -10.63 -32.59 -2.03
N GLU J 16 -9.57 -32.82 -2.82
CA GLU J 16 -8.22 -32.47 -2.34
C GLU J 16 -8.00 -30.97 -2.43
N TRP J 17 -8.69 -30.29 -3.35
CA TRP J 17 -8.56 -28.85 -3.46
C TRP J 17 -8.98 -28.13 -2.18
N MET J 18 -9.64 -28.84 -1.27
CA MET J 18 -10.09 -28.30 0.00
C MET J 18 -9.06 -28.43 1.12
N VAL J 19 -7.99 -29.17 0.91
CA VAL J 19 -6.99 -29.40 1.96
C VAL J 19 -6.08 -28.19 2.02
N ARG J 20 -6.36 -27.27 2.93
CA ARG J 20 -5.47 -26.15 3.19
C ARG J 20 -4.26 -26.62 3.99
N HIS J 21 -3.08 -26.66 3.36
CA HIS J 21 -1.87 -27.00 4.12
C HIS J 21 -1.12 -25.78 4.63
N THR J 22 -1.37 -24.61 4.10
CA THR J 22 -0.98 -23.39 4.80
C THR J 22 -2.20 -22.90 5.56
N LEU J 23 -1.98 -22.25 6.68
CA LEU J 23 -3.11 -21.67 7.40
C LEU J 23 -3.48 -20.33 6.78
N THR J 24 -4.75 -20.12 6.56
CA THR J 24 -5.24 -18.81 6.15
C THR J 24 -5.40 -17.93 7.39
N PRO J 25 -5.10 -16.62 7.29
CA PRO J 25 -5.22 -15.73 8.44
C PRO J 25 -6.58 -15.81 9.12
N GLY J 26 -6.56 -15.96 10.45
CA GLY J 26 -7.78 -16.27 11.17
C GLY J 26 -8.79 -15.15 11.21
N ASP J 27 -8.40 -13.91 10.93
CA ASP J 27 -9.36 -12.82 10.95
C ASP J 27 -10.00 -12.56 9.59
N LEU J 28 -9.84 -13.50 8.63
CA LEU J 28 -10.55 -13.51 7.35
C LEU J 28 -11.85 -14.28 7.53
N ARG J 29 -12.91 -13.58 7.89
CA ARG J 29 -14.15 -14.23 8.31
C ARG J 29 -15.25 -14.01 7.27
N ASP J 30 -14.86 -13.96 6.01
CA ASP J 30 -15.79 -13.68 4.93
C ASP J 30 -16.78 -14.80 4.61
N LEU J 31 -16.66 -15.99 5.22
CA LEU J 31 -17.56 -17.11 4.95
C LEU J 31 -18.17 -17.58 6.26
N ARG J 32 -19.50 -17.62 6.31
CA ARG J 32 -20.23 -18.03 7.51
C ARG J 32 -21.23 -19.13 7.16
N VAL J 33 -21.52 -20.01 8.13
CA VAL J 33 -22.56 -21.01 7.96
C VAL J 33 -23.41 -21.07 9.23
N GLU J 34 -24.72 -21.23 9.05
CA GLU J 34 -25.60 -21.59 10.16
C GLU J 34 -26.73 -22.45 9.63
N THR J 35 -27.30 -23.26 10.51
CA THR J 35 -28.42 -24.12 10.19
C THR J 35 -29.74 -23.38 10.41
N ILE J 36 -30.71 -23.65 9.56
CA ILE J 36 -32.04 -23.05 9.62
C ILE J 36 -33.07 -24.16 9.41
N LYS J 37 -34.22 -24.02 10.06
CA LYS J 37 -35.33 -24.92 9.76
C LYS J 37 -35.91 -24.52 8.42
N SER J 38 -35.97 -25.47 7.47
CA SER J 38 -36.40 -25.13 6.11
C SER J 38 -37.87 -24.70 6.07
N ASN J 39 -38.76 -25.49 6.67
CA ASN J 39 -40.17 -25.15 6.82
C ASN J 39 -40.45 -24.94 8.30
N VAL J 40 -40.94 -23.76 8.67
CA VAL J 40 -41.21 -23.50 10.08
C VAL J 40 -42.55 -24.09 10.52
N ASP J 41 -43.49 -24.29 9.58
CA ASP J 41 -44.79 -24.84 9.94
C ASP J 41 -44.73 -26.33 10.25
N LEU J 42 -43.64 -27.00 9.92
CA LEU J 42 -43.55 -28.43 10.11
C LEU J 42 -42.82 -28.74 11.41
N GLU J 43 -43.15 -29.89 11.98
CA GLU J 43 -42.42 -30.34 13.16
C GLU J 43 -41.06 -30.86 12.74
N ASP J 44 -41.03 -31.73 11.72
CA ASP J 44 -39.80 -32.28 11.16
C ASP J 44 -39.58 -31.73 9.75
N SER J 45 -39.03 -30.53 9.68
CA SER J 45 -38.67 -29.98 8.39
C SER J 45 -37.21 -30.32 8.09
N PRO J 46 -36.82 -30.44 6.83
CA PRO J 46 -35.41 -30.70 6.54
C PRO J 46 -34.56 -29.56 7.09
N ILE J 47 -33.37 -29.91 7.56
CA ILE J 47 -32.44 -28.94 8.13
C ILE J 47 -31.42 -28.60 7.07
N LEU J 48 -31.32 -27.31 6.75
CA LEU J 48 -30.44 -26.86 5.68
C LEU J 48 -29.35 -25.95 6.23
N MET J 49 -28.26 -25.86 5.45
CA MET J 49 -27.23 -24.89 5.72
C MET J 49 -27.62 -23.58 5.07
N ASN J 50 -27.41 -22.49 5.77
CA ASN J 50 -27.49 -21.17 5.18
C ASN J 50 -26.05 -20.68 5.11
N ILE J 51 -25.43 -20.80 3.94
CA ILE J 51 -24.04 -20.43 3.74
C ILE J 51 -23.95 -19.00 3.22
N SER J 52 -23.32 -18.12 4.01
CA SER J 52 -23.19 -16.72 3.67
C SER J 52 -21.73 -16.37 3.41
N TRP J 53 -21.50 -15.49 2.44
CA TRP J 53 -20.14 -15.02 2.19
C TRP J 53 -20.19 -13.52 1.90
N ILE J 54 -19.07 -12.87 2.22
CA ILE J 54 -18.87 -11.45 1.99
C ILE J 54 -17.85 -11.30 0.89
N LEU J 55 -18.11 -10.35 0.00
CA LEU J 55 -17.22 -10.03 -1.12
C LEU J 55 -16.34 -8.85 -0.71
N ARG J 56 -15.03 -9.05 -0.78
CA ARG J 56 -14.10 -7.99 -0.42
C ARG J 56 -14.24 -6.80 -1.34
N ALA J 57 -14.14 -5.61 -0.77
CA ALA J 57 -14.33 -4.35 -1.50
C ALA J 57 -12.98 -3.89 -2.05
N ASP J 58 -12.59 -4.43 -3.20
CA ASP J 58 -11.41 -3.94 -3.89
C ASP J 58 -11.61 -4.04 -5.39
N ALA J 59 -10.52 -3.80 -6.13
CA ALA J 59 -10.53 -3.80 -7.60
C ALA J 59 -11.14 -5.08 -8.17
N SER J 60 -10.79 -6.23 -7.60
CA SER J 60 -11.07 -7.51 -8.24
C SER J 60 -12.54 -7.89 -8.29
N ILE J 61 -13.39 -7.28 -7.45
CA ILE J 61 -14.82 -7.64 -7.45
C ILE J 61 -15.46 -7.31 -8.79
N ARG J 62 -14.96 -6.28 -9.47
CA ARG J 62 -15.55 -5.87 -10.74
C ARG J 62 -15.35 -6.92 -11.82
N LEU J 63 -14.40 -7.84 -11.61
CA LEU J 63 -14.12 -8.89 -12.56
C LEU J 63 -14.77 -10.21 -12.15
N LEU J 64 -15.54 -10.19 -11.07
CA LEU J 64 -16.08 -11.42 -10.51
C LEU J 64 -17.35 -11.78 -11.26
N LYS J 65 -17.51 -13.06 -11.54
CA LYS J 65 -18.66 -13.52 -12.29
C LYS J 65 -19.42 -14.67 -11.65
N ALA J 66 -18.80 -15.43 -10.74
CA ALA J 66 -19.40 -16.58 -10.09
C ALA J 66 -18.65 -16.89 -8.78
N THR J 67 -19.35 -17.54 -7.85
CA THR J 67 -18.74 -18.07 -6.64
C THR J 67 -19.07 -19.56 -6.52
N LYS J 68 -18.05 -20.38 -6.30
CA LYS J 68 -18.17 -21.82 -6.16
C LYS J 68 -18.12 -22.27 -4.70
N ILE J 69 -19.05 -23.16 -4.32
CA ILE J 69 -19.18 -23.62 -2.95
C ILE J 69 -19.24 -25.15 -2.94
N CYS J 70 -18.34 -25.79 -2.19
CA CYS J 70 -18.33 -27.23 -2.02
C CYS J 70 -18.40 -27.57 -0.54
N VAL J 71 -19.21 -28.58 -0.21
CA VAL J 71 -19.42 -29.01 1.17
C VAL J 71 -19.02 -30.47 1.33
N MET J 72 -18.22 -30.76 2.36
CA MET J 72 -17.88 -32.12 2.73
C MET J 72 -18.34 -32.41 4.15
N GLY J 73 -19.18 -33.43 4.29
CA GLY J 73 -19.61 -33.93 5.59
C GLY J 73 -18.79 -35.14 6.01
N LYS J 74 -18.30 -35.12 7.23
CA LYS J 74 -17.57 -36.25 7.79
C LYS J 74 -18.23 -36.67 9.09
N SER J 75 -18.86 -37.84 9.09
CA SER J 75 -19.45 -38.39 10.31
C SER J 75 -19.09 -39.86 10.36
N HIS J 76 -20.06 -40.70 9.99
CA HIS J 76 -19.79 -42.11 9.76
C HIS J 76 -19.22 -42.38 8.38
N PHE J 77 -19.25 -41.40 7.48
CA PHE J 77 -18.68 -41.48 6.14
C PHE J 77 -18.72 -40.10 5.53
N GLN J 78 -17.93 -39.93 4.46
CA GLN J 78 -17.85 -38.65 3.78
C GLN J 78 -18.98 -38.48 2.76
N SER J 79 -19.39 -37.22 2.60
CA SER J 79 -20.26 -36.75 1.52
C SER J 79 -19.61 -35.50 0.91
N TYR J 80 -19.93 -35.21 -0.34
CA TYR J 80 -19.16 -34.22 -1.10
C TYR J 80 -19.95 -33.75 -2.32
N SER J 81 -20.44 -32.51 -2.27
CA SER J 81 -21.16 -31.93 -3.40
C SER J 81 -20.75 -30.47 -3.56
N CYS J 82 -21.05 -29.93 -4.75
CA CYS J 82 -20.66 -28.57 -5.10
C CYS J 82 -21.77 -27.85 -5.85
N ILE J 83 -21.85 -26.54 -5.61
CA ILE J 83 -22.73 -25.64 -6.34
C ILE J 83 -21.91 -24.48 -6.89
N ARG J 84 -22.36 -23.93 -8.03
CA ARG J 84 -21.80 -22.70 -8.58
C ARG J 84 -22.90 -21.66 -8.62
N CYS J 85 -22.65 -20.52 -7.99
CA CYS J 85 -23.59 -19.40 -7.98
C CYS J 85 -23.06 -18.35 -8.93
N ASN J 86 -23.80 -18.10 -10.02
CA ASN J 86 -23.43 -17.06 -10.99
C ASN J 86 -24.07 -15.75 -10.58
N TYR J 87 -23.29 -14.68 -10.65
CA TYR J 87 -23.82 -13.36 -10.38
C TYR J 87 -24.51 -12.84 -11.64
N THR J 88 -25.72 -12.30 -11.47
CA THR J 88 -26.59 -11.96 -12.58
C THR J 88 -26.16 -10.72 -13.35
N GLN J 89 -25.42 -9.80 -12.72
CA GLN J 89 -24.92 -8.62 -13.39
C GLN J 89 -23.50 -8.38 -12.92
N ALA J 90 -22.82 -7.45 -13.59
CA ALA J 90 -21.48 -7.12 -13.15
C ALA J 90 -21.57 -6.14 -11.97
N PHE J 91 -20.50 -6.09 -11.19
CA PHE J 91 -20.49 -5.29 -9.97
C PHE J 91 -20.01 -3.89 -10.29
N GLN J 92 -20.87 -2.90 -10.02
CA GLN J 92 -20.64 -1.49 -10.33
C GLN J 92 -19.93 -0.75 -9.21
N THR J 93 -20.19 -1.13 -7.96
CA THR J 93 -19.53 -0.59 -6.79
C THR J 93 -18.91 -1.73 -5.99
N GLN J 94 -17.81 -1.44 -5.29
CA GLN J 94 -17.13 -2.46 -4.51
C GLN J 94 -17.84 -2.78 -3.19
N THR J 95 -18.83 -1.97 -2.81
CA THR J 95 -19.80 -2.35 -1.79
C THR J 95 -21.21 -2.02 -2.29
N ARG J 96 -22.21 -2.67 -1.68
CA ARG J 96 -23.62 -2.43 -2.01
C ARG J 96 -24.09 -1.06 -1.56
N PRO J 97 -24.74 -0.27 -2.43
CA PRO J 97 -25.07 1.11 -2.03
C PRO J 97 -26.21 1.23 -1.03
N SER J 98 -26.88 0.14 -0.66
CA SER J 98 -27.94 0.26 0.33
C SER J 98 -27.60 -0.55 1.57
N GLY J 99 -26.34 -0.94 1.72
CA GLY J 99 -25.89 -1.78 2.81
C GLY J 99 -24.43 -1.46 3.07
N GLY J 100 -23.67 -2.47 3.52
CA GLY J 100 -22.23 -2.40 3.60
C GLY J 100 -21.53 -3.16 2.48
N LYS J 101 -20.67 -4.13 2.82
CA LYS J 101 -20.01 -4.92 1.78
C LYS J 101 -21.03 -5.79 1.06
N TRP J 102 -20.60 -6.52 0.03
CA TRP J 102 -21.50 -7.43 -0.68
C TRP J 102 -21.57 -8.76 0.03
N THR J 103 -22.76 -9.15 0.45
CA THR J 103 -23.00 -10.40 1.15
C THR J 103 -24.08 -11.16 0.39
N PHE J 104 -23.84 -12.45 0.19
CA PHE J 104 -24.82 -13.31 -0.46
C PHE J 104 -24.88 -14.61 0.30
N SER J 105 -26.01 -15.29 0.18
CA SER J 105 -26.19 -16.56 0.86
C SER J 105 -26.94 -17.54 -0.03
N TYR J 106 -26.60 -18.81 0.15
CA TYR J 106 -27.21 -19.94 -0.52
C TYR J 106 -27.71 -20.89 0.56
N VAL J 107 -28.97 -21.33 0.44
CA VAL J 107 -29.56 -22.26 1.38
C VAL J 107 -29.70 -23.61 0.68
N GLY J 108 -29.19 -24.65 1.34
CA GLY J 108 -29.12 -25.95 0.71
C GLY J 108 -28.29 -26.89 1.57
N PHE J 109 -27.85 -27.99 0.95
CA PHE J 109 -27.02 -28.98 1.62
C PHE J 109 -27.72 -29.42 2.90
N PRO J 110 -28.68 -30.35 2.83
CA PRO J 110 -29.36 -30.81 4.04
C PRO J 110 -28.38 -31.36 5.06
N VAL J 111 -28.67 -31.09 6.33
CA VAL J 111 -27.75 -31.36 7.42
C VAL J 111 -28.15 -32.66 8.09
N GLU J 112 -27.18 -33.54 8.27
CA GLU J 112 -27.36 -34.78 9.01
C GLU J 112 -26.89 -34.61 10.45
N LEU J 113 -27.32 -35.53 11.31
CA LEU J 113 -26.94 -35.48 12.71
C LEU J 113 -25.46 -35.79 12.90
N ASN J 114 -24.87 -35.18 13.92
CA ASN J 114 -23.54 -35.55 14.43
C ASN J 114 -22.49 -35.62 13.33
N THR J 115 -22.47 -34.61 12.46
CA THR J 115 -21.53 -34.61 11.34
C THR J 115 -20.68 -33.35 11.39
N VAL J 116 -19.39 -33.49 11.10
CA VAL J 116 -18.50 -32.35 10.96
C VAL J 116 -18.47 -32.00 9.48
N TYR J 117 -18.73 -30.74 9.16
CA TYR J 117 -18.88 -30.30 7.77
C TYR J 117 -17.80 -29.30 7.44
N PHE J 118 -17.09 -29.55 6.35
CA PHE J 118 -16.11 -28.62 5.81
C PHE J 118 -16.69 -27.92 4.59
N ILE J 119 -16.67 -26.59 4.62
CA ILE J 119 -17.21 -25.77 3.54
C ILE J 119 -16.11 -24.88 3.00
N GLY J 120 -15.88 -24.97 1.69
CA GLY J 120 -14.92 -24.11 1.03
C GLY J 120 -15.55 -23.46 -0.18
N ALA J 121 -15.11 -22.23 -0.46
CA ALA J 121 -15.65 -21.45 -1.56
C ALA J 121 -14.53 -20.68 -2.25
N HIS J 122 -14.70 -20.47 -3.56
CA HIS J 122 -13.70 -19.70 -4.28
C HIS J 122 -14.39 -18.92 -5.41
N ASN J 123 -13.84 -17.76 -5.68
CA ASN J 123 -14.39 -16.89 -6.68
C ASN J 123 -13.87 -17.28 -8.07
N ILE J 124 -14.66 -16.94 -9.09
CA ILE J 124 -14.31 -17.21 -10.47
C ILE J 124 -14.39 -15.90 -11.23
N PRO J 125 -13.29 -15.42 -11.84
CA PRO J 125 -11.99 -16.10 -11.95
C PRO J 125 -11.19 -16.02 -10.65
N ASN J 126 -10.32 -17.00 -10.42
CA ASN J 126 -9.37 -16.95 -9.29
C ASN J 126 -8.03 -16.32 -9.68
N PRO J 134 -8.22 -23.46 -0.73
CA PRO J 134 -9.50 -22.75 -0.72
C PRO J 134 -9.36 -21.37 -0.10
N SER J 135 -9.88 -20.36 -0.79
CA SER J 135 -9.74 -18.98 -0.33
C SER J 135 -10.62 -18.69 0.88
N MET J 136 -11.84 -19.22 0.88
CA MET J 136 -12.81 -19.05 1.95
C MET J 136 -13.08 -20.42 2.54
N ALA J 137 -13.12 -20.50 3.87
CA ALA J 137 -13.34 -21.79 4.49
C ALA J 137 -14.00 -21.59 5.85
N VAL J 138 -14.90 -22.51 6.16
CA VAL J 138 -15.55 -22.56 7.46
C VAL J 138 -16.04 -23.99 7.67
N ASN J 139 -15.96 -24.47 8.89
CA ASN J 139 -16.50 -25.76 9.27
C ASN J 139 -17.49 -25.59 10.41
N PHE J 140 -18.30 -26.64 10.61
CA PHE J 140 -19.19 -26.69 11.76
C PHE J 140 -19.56 -28.15 11.97
N THR J 141 -19.67 -28.56 13.24
CA THR J 141 -20.13 -29.90 13.57
C THR J 141 -21.58 -29.84 14.00
N SER J 142 -22.44 -30.56 13.27
CA SER J 142 -23.85 -30.53 13.55
C SER J 142 -24.14 -31.24 14.88
N PRO J 143 -25.14 -30.80 15.61
CA PRO J 143 -25.46 -31.41 16.90
C PRO J 143 -26.17 -32.74 16.70
N GLY J 144 -26.49 -33.38 17.84
CA GLY J 144 -27.19 -34.62 17.87
C GLY J 144 -28.61 -34.48 18.38
N CYS J 145 -29.17 -35.60 18.83
CA CYS J 145 -30.57 -35.66 19.17
C CYS J 145 -30.93 -34.90 20.44
N LEU J 146 -29.94 -34.40 21.18
CA LEU J 146 -30.20 -33.56 22.35
C LEU J 146 -30.31 -32.08 21.99
N ASP J 147 -30.00 -31.71 20.76
CA ASP J 147 -30.16 -30.32 20.36
C ASP J 147 -31.63 -30.00 20.18
N HIS J 148 -32.01 -28.77 20.51
CA HIS J 148 -33.42 -28.45 20.58
C HIS J 148 -34.09 -28.47 19.19
N VAL J 149 -33.31 -28.25 18.13
CA VAL J 149 -33.88 -28.25 16.78
C VAL J 149 -33.81 -29.65 16.17
N MET J 150 -32.68 -30.33 16.34
CA MET J 150 -32.51 -31.67 15.78
C MET J 150 -33.35 -32.72 16.51
N LYS J 151 -33.81 -32.44 17.73
CA LYS J 151 -34.56 -33.44 18.48
C LYS J 151 -35.90 -33.76 17.83
N TYR J 152 -36.41 -32.89 16.96
CA TYR J 152 -37.66 -33.11 16.26
C TYR J 152 -37.50 -33.93 15.00
N LYS J 153 -36.29 -34.42 14.72
CA LYS J 153 -36.12 -35.29 13.58
C LYS J 153 -36.67 -36.66 13.92
N LYS J 154 -37.17 -37.35 12.89
CA LYS J 154 -37.80 -38.65 13.09
C LYS J 154 -36.84 -39.61 13.78
N LYS J 155 -35.58 -39.62 13.34
CA LYS J 155 -34.58 -40.50 13.95
C LYS J 155 -34.40 -40.20 15.43
N CYS J 156 -34.47 -38.92 15.80
CA CYS J 156 -34.29 -38.57 17.20
C CYS J 156 -35.51 -38.92 18.04
N ILE J 157 -36.70 -38.56 17.56
CA ILE J 157 -37.92 -38.86 18.30
C ILE J 157 -38.07 -40.36 18.52
N GLU J 158 -37.80 -41.16 17.49
CA GLU J 158 -37.93 -42.62 17.58
C GLU J 158 -36.85 -43.25 18.47
N ALA J 159 -35.82 -42.48 18.83
CA ALA J 159 -34.83 -42.94 19.79
C ALA J 159 -35.10 -42.38 21.19
N GLY J 160 -36.19 -41.64 21.36
CA GLY J 160 -36.58 -41.11 22.65
C GLY J 160 -36.19 -39.68 22.93
N SER J 161 -35.93 -38.86 21.91
CA SER J 161 -35.47 -37.49 22.16
C SER J 161 -36.52 -36.67 22.90
N LEU J 162 -37.81 -36.99 22.73
CA LEU J 162 -38.88 -36.23 23.36
C LEU J 162 -39.60 -37.02 24.44
N TRP J 163 -39.09 -38.18 24.82
CA TRP J 163 -39.67 -38.93 25.91
C TRP J 163 -39.49 -38.16 27.21
N LYS J 164 -40.57 -38.00 27.96
CA LYS J 164 -40.56 -37.30 29.24
C LYS J 164 -41.00 -38.29 30.31
N PRO J 165 -40.08 -39.13 30.80
CA PRO J 165 -40.45 -40.19 31.75
C PRO J 165 -40.80 -39.66 33.14
N ASN J 166 -40.41 -38.42 33.45
CA ASN J 166 -40.69 -37.77 34.73
C ASN J 166 -40.18 -38.63 35.88
N ILE J 167 -38.88 -38.87 35.86
CA ILE J 167 -38.27 -39.83 36.76
C ILE J 167 -38.31 -39.31 38.20
N THR J 168 -38.86 -40.12 39.09
CA THR J 168 -38.68 -39.92 40.51
C THR J 168 -37.96 -41.17 41.01
N ALA J 169 -36.77 -40.95 41.57
CA ALA J 169 -35.88 -41.98 42.05
C ALA J 169 -35.47 -41.52 43.44
N CYS J 170 -35.67 -42.46 44.37
CA CYS J 170 -35.87 -42.21 45.78
C CYS J 170 -35.24 -43.32 46.62
N LYS J 171 -34.48 -42.94 47.65
CA LYS J 171 -33.86 -43.94 48.56
C LYS J 171 -34.96 -44.50 49.47
N ARG J 172 -35.31 -45.78 49.29
CA ARG J 172 -36.44 -46.38 50.00
C ARG J 172 -36.15 -47.00 51.36
N SER J 173 -35.40 -48.09 51.38
CA SER J 173 -35.06 -48.80 52.61
C SER J 173 -33.56 -48.92 52.73
N ALA J 174 -33.11 -49.94 53.46
CA ALA J 174 -31.69 -50.19 53.57
C ALA J 174 -31.15 -50.54 52.20
N ASN J 175 -30.23 -49.71 51.76
CA ASN J 175 -29.68 -49.78 50.42
C ASN J 175 -30.64 -50.29 49.37
N THR J 176 -31.88 -49.82 49.28
CA THR J 176 -32.76 -50.16 48.15
C THR J 176 -33.35 -48.86 47.65
N VAL J 177 -33.54 -48.77 46.34
CA VAL J 177 -34.08 -47.56 45.71
C VAL J 177 -35.27 -47.93 44.84
N GLU J 178 -36.36 -47.18 44.99
CA GLU J 178 -37.56 -47.29 44.18
C GLU J 178 -37.50 -46.22 43.10
N VAL J 179 -37.60 -46.63 41.83
CA VAL J 179 -37.55 -45.70 40.71
C VAL J 179 -38.93 -45.72 40.03
N ASN J 180 -39.54 -44.54 39.90
CA ASN J 180 -40.78 -44.37 39.17
C ASN J 180 -40.52 -43.64 37.87
N PHE J 181 -41.19 -44.07 36.81
CA PHE J 181 -41.10 -43.42 35.51
C PHE J 181 -42.29 -43.81 34.67
N THR J 182 -42.62 -42.95 33.72
CA THR J 182 -43.72 -43.16 32.78
C THR J 182 -43.18 -43.71 31.47
N THR J 183 -43.75 -44.82 31.02
CA THR J 183 -43.24 -45.48 29.83
C THR J 183 -43.60 -44.69 28.58
N SER J 184 -43.05 -45.14 27.46
CA SER J 184 -43.30 -44.60 26.14
C SER J 184 -43.98 -45.64 25.27
N PRO J 185 -44.82 -45.21 24.32
CA PRO J 185 -45.39 -46.18 23.38
C PRO J 185 -44.37 -46.74 22.39
N LEU J 186 -43.16 -46.18 22.37
CA LEU J 186 -42.13 -46.61 21.44
C LEU J 186 -41.54 -47.96 21.81
N GLY J 187 -41.79 -48.46 23.01
CA GLY J 187 -41.22 -49.74 23.42
C GLY J 187 -41.68 -50.12 24.80
N ASP J 188 -41.38 -51.36 25.17
CA ASP J 188 -41.85 -51.90 26.45
C ASP J 188 -40.73 -52.25 27.41
N ARG J 189 -39.46 -52.32 26.97
CA ARG J 189 -38.38 -52.82 27.81
C ARG J 189 -37.53 -51.65 28.29
N TYR J 190 -37.18 -51.67 29.58
CA TYR J 190 -36.42 -50.60 30.20
C TYR J 190 -35.42 -51.16 31.22
N MET J 191 -34.33 -50.43 31.43
CA MET J 191 -33.35 -50.74 32.45
C MET J 191 -33.10 -49.54 33.35
N ALA J 192 -33.28 -49.75 34.66
CA ALA J 192 -33.02 -48.73 35.66
C ALA J 192 -31.66 -48.99 36.32
N LEU J 193 -30.86 -47.95 36.46
CA LEU J 193 -29.49 -48.06 36.93
C LEU J 193 -29.15 -46.94 37.89
N ILE J 194 -28.43 -47.26 38.97
CA ILE J 194 -27.92 -46.27 39.94
C ILE J 194 -26.40 -46.31 39.94
N GLN J 195 -25.78 -45.13 39.86
CA GLN J 195 -24.33 -45.03 39.77
C GLN J 195 -23.86 -43.88 40.65
N SER J 196 -22.99 -44.17 41.62
CA SER J 196 -22.29 -43.16 42.39
C SER J 196 -20.85 -43.06 41.91
N THR J 197 -19.92 -43.58 42.69
CA THR J 197 -18.54 -43.68 42.24
C THR J 197 -18.35 -44.82 41.26
N ALA J 198 -19.24 -45.82 41.31
CA ALA J 198 -19.33 -46.91 40.35
C ALA J 198 -20.80 -47.25 40.16
N VAL J 199 -21.09 -48.05 39.14
CA VAL J 199 -22.44 -48.54 38.94
C VAL J 199 -22.76 -49.47 40.10
N ILE J 200 -23.75 -49.08 40.92
CA ILE J 200 -24.07 -49.80 42.13
C ILE J 200 -25.38 -50.55 42.07
N GLY J 201 -26.14 -50.44 40.98
CA GLY J 201 -27.38 -51.20 40.89
C GLY J 201 -28.10 -51.12 39.56
N THR J 202 -28.77 -52.23 39.18
CA THR J 202 -29.49 -52.35 37.92
C THR J 202 -30.71 -53.23 38.12
N SER J 203 -31.78 -52.90 37.39
CA SER J 203 -33.00 -53.70 37.38
C SER J 203 -33.63 -53.64 35.99
N TYR J 204 -34.59 -54.53 35.75
CA TYR J 204 -35.21 -54.72 34.44
C TYR J 204 -36.73 -54.81 34.59
N VAL J 205 -37.45 -53.95 33.86
CA VAL J 205 -38.90 -54.00 33.80
C VAL J 205 -39.36 -54.01 32.36
N SER J 206 -40.34 -54.85 32.07
CA SER J 206 -41.02 -54.89 30.78
C SER J 206 -42.45 -54.41 30.98
N GLU J 207 -42.88 -53.47 30.15
CA GLU J 207 -44.19 -52.85 30.34
C GLU J 207 -44.77 -52.53 28.97
N LYS J 208 -45.80 -53.28 28.57
CA LYS J 208 -46.43 -53.05 27.27
C LYS J 208 -47.38 -51.87 27.31
N GLU J 209 -47.77 -51.46 28.51
CA GLU J 209 -48.72 -50.38 28.67
C GLU J 209 -48.00 -49.04 28.80
N LEU J 210 -48.63 -48.00 28.24
CA LEU J 210 -48.24 -46.61 28.44
C LEU J 210 -48.79 -46.21 29.81
N THR J 211 -47.95 -46.34 30.84
CA THR J 211 -48.38 -46.11 32.22
C THR J 211 -47.21 -45.58 33.03
N ARG J 212 -47.49 -45.18 34.28
CA ARG J 212 -46.43 -44.85 35.22
C ARG J 212 -46.09 -46.09 36.03
N THR J 213 -44.96 -46.71 35.72
CA THR J 213 -44.53 -47.94 36.37
C THR J 213 -43.57 -47.62 37.52
N SER J 214 -43.28 -48.64 38.32
CA SER J 214 -42.38 -48.50 39.46
C SER J 214 -41.48 -49.73 39.55
N VAL J 215 -40.23 -49.52 39.95
CA VAL J 215 -39.26 -50.61 40.07
C VAL J 215 -38.31 -50.31 41.21
N VAL J 216 -37.89 -51.34 41.94
CA VAL J 216 -36.90 -51.21 43.01
C VAL J 216 -35.55 -51.71 42.49
N VAL J 217 -34.51 -50.89 42.63
CA VAL J 217 -33.14 -51.27 42.23
C VAL J 217 -32.29 -51.48 43.47
N HIS J 218 -31.63 -52.62 43.55
CA HIS J 218 -30.80 -52.91 44.71
C HIS J 218 -29.42 -52.30 44.54
N VAL J 219 -29.03 -51.44 45.48
CA VAL J 219 -27.74 -50.73 45.42
C VAL J 219 -26.82 -51.32 46.49
N THR J 220 -25.53 -51.37 46.15
CA THR J 220 -24.49 -51.93 47.01
C THR J 220 -23.70 -50.88 47.78
N GLY J 221 -23.83 -49.60 47.45
CA GLY J 221 -23.13 -48.59 48.22
C GLY J 221 -24.09 -47.50 48.67
N GLU J 222 -23.58 -46.31 48.98
CA GLU J 222 -24.46 -45.24 49.45
C GLU J 222 -25.32 -44.70 48.30
N SER J 223 -26.64 -44.85 48.44
CA SER J 223 -27.59 -44.44 47.41
C SER J 223 -28.34 -43.18 47.87
N GLU J 224 -27.59 -42.10 48.00
CA GLU J 224 -28.16 -40.81 48.36
C GLU J 224 -27.36 -39.79 47.57
N GLY J 225 -28.00 -39.17 46.57
CA GLY J 225 -27.35 -38.22 45.69
C GLY J 225 -26.64 -38.79 44.47
N ALA J 226 -26.69 -40.10 44.24
CA ALA J 226 -26.14 -40.70 43.02
C ALA J 226 -27.09 -40.48 41.85
N VAL J 227 -26.57 -40.67 40.64
CA VAL J 227 -27.38 -40.54 39.43
C VAL J 227 -28.17 -41.82 39.20
N VAL J 228 -29.43 -41.67 38.82
CA VAL J 228 -30.26 -42.77 38.32
C VAL J 228 -30.34 -42.64 36.80
N GLN J 229 -30.07 -43.73 36.09
CA GLN J 229 -30.07 -43.73 34.63
C GLN J 229 -31.07 -44.74 34.11
N LEU J 230 -31.97 -44.26 33.27
CA LEU J 230 -33.00 -45.08 32.63
C LEU J 230 -32.65 -45.29 31.16
N THR J 231 -32.57 -46.55 30.77
CA THR J 231 -32.30 -46.94 29.40
C THR J 231 -33.53 -47.49 28.71
N PRO J 232 -34.01 -46.88 27.62
CA PRO J 232 -35.12 -47.48 26.87
C PRO J 232 -34.62 -48.33 25.70
N TYR J 233 -35.39 -49.38 25.39
CA TYR J 233 -35.07 -50.27 24.28
C TYR J 233 -36.16 -50.24 23.21
N PHE J 234 -36.15 -49.15 22.43
CA PHE J 234 -36.99 -48.91 21.28
C PHE J 234 -36.41 -49.59 20.03
N HIS J 235 -37.27 -49.87 19.04
CA HIS J 235 -36.85 -50.66 17.87
C HIS J 235 -35.72 -50.03 17.07
N THR J 236 -35.86 -48.76 16.69
CA THR J 236 -34.96 -48.19 15.69
C THR J 236 -33.57 -47.86 16.22
N CYS J 237 -33.41 -47.75 17.54
CA CYS J 237 -32.15 -47.35 18.15
C CYS J 237 -31.42 -48.49 18.85
N GLY J 238 -31.98 -49.69 18.87
CA GLY J 238 -31.31 -50.87 19.40
C GLY J 238 -30.90 -50.67 20.84
N ASN J 239 -29.58 -50.71 21.08
CA ASN J 239 -29.00 -50.51 22.41
C ASN J 239 -28.44 -49.11 22.55
N ASP J 240 -28.74 -48.22 21.61
CA ASP J 240 -28.21 -46.86 21.60
C ASP J 240 -29.31 -45.78 21.59
N CYS J 241 -30.45 -46.06 22.26
CA CYS J 241 -31.54 -45.08 22.42
C CYS J 241 -31.14 -44.04 23.46
N ILE J 242 -31.78 -42.88 23.43
CA ILE J 242 -31.43 -41.81 24.35
C ILE J 242 -31.80 -42.18 25.80
N ARG J 243 -30.80 -42.13 26.69
CA ARG J 243 -31.04 -42.46 28.09
C ARG J 243 -31.47 -41.25 28.92
N GLN J 244 -32.21 -41.52 29.98
CA GLN J 244 -32.71 -40.50 30.88
C GLN J 244 -31.99 -40.61 32.21
N ARG J 245 -31.57 -39.47 32.75
CA ARG J 245 -30.77 -39.43 33.98
C ARG J 245 -31.53 -38.67 35.05
N GLY J 246 -31.28 -39.02 36.30
CA GLY J 246 -31.81 -38.28 37.43
C GLY J 246 -30.89 -38.36 38.63
N THR J 247 -31.39 -38.03 39.81
CA THR J 247 -30.59 -38.12 41.03
C THR J 247 -31.46 -38.74 42.12
N VAL J 248 -30.86 -39.61 42.92
CA VAL J 248 -31.56 -40.25 44.02
C VAL J 248 -31.72 -39.25 45.16
N VAL J 249 -32.93 -39.17 45.72
CA VAL J 249 -33.27 -38.26 46.81
C VAL J 249 -34.04 -39.05 47.86
N GLN J 250 -34.29 -38.41 49.01
CA GLN J 250 -35.07 -39.03 50.07
C GLN J 250 -36.57 -38.94 49.76
N CYS J 251 -37.35 -39.80 50.42
CA CYS J 251 -38.77 -39.90 50.14
C CYS J 251 -39.65 -39.55 51.35
N PRO J 252 -40.41 -38.42 51.31
CA PRO J 252 -41.28 -37.87 52.36
C PRO J 252 -42.63 -38.57 52.31
N PRO K 1 -9.02 -13.12 -33.21
CA PRO K 1 -8.06 -14.19 -33.48
C PRO K 1 -8.02 -14.62 -34.95
N GLU K 2 -7.09 -14.04 -35.73
CA GLU K 2 -7.06 -14.34 -37.16
C GLU K 2 -6.49 -15.73 -37.47
N PRO K 3 -5.27 -16.09 -37.05
CA PRO K 3 -4.78 -17.44 -37.37
C PRO K 3 -5.58 -18.51 -36.65
N THR K 4 -5.88 -19.57 -37.39
CA THR K 4 -6.55 -20.76 -36.90
C THR K 4 -5.70 -22.00 -37.14
N ILE K 5 -6.18 -23.13 -36.62
CA ILE K 5 -5.47 -24.39 -36.72
C ILE K 5 -6.30 -25.40 -37.50
N GLN K 6 -5.63 -26.12 -38.37
CA GLN K 6 -6.15 -27.31 -39.04
C GLN K 6 -5.25 -28.45 -38.61
N CYS K 7 -5.77 -29.42 -37.89
CA CYS K 7 -4.89 -30.42 -37.31
C CYS K 7 -5.02 -31.72 -38.07
N GLY K 8 -3.91 -32.44 -38.14
CA GLY K 8 -3.92 -33.66 -38.90
C GLY K 8 -3.00 -34.71 -38.33
N SER K 9 -3.10 -35.86 -38.97
CA SER K 9 -2.48 -37.11 -38.60
C SER K 9 -1.01 -37.37 -38.90
N GLU K 10 -0.13 -36.39 -39.01
CA GLU K 10 1.25 -36.78 -39.33
C GLU K 10 1.87 -37.52 -38.14
N PRO K 11 2.53 -38.64 -38.38
CA PRO K 11 3.40 -39.17 -37.33
C PRO K 11 4.55 -38.20 -37.16
N GLY K 12 5.60 -38.42 -37.96
CA GLY K 12 6.81 -37.62 -37.98
C GLY K 12 7.48 -37.28 -36.66
N PRO K 13 7.55 -38.22 -35.69
CA PRO K 13 8.20 -37.90 -34.43
C PRO K 13 9.24 -38.94 -34.11
N SER K 14 9.28 -39.29 -32.85
CA SER K 14 10.09 -40.35 -32.32
C SER K 14 9.80 -40.33 -30.83
N PRO K 15 9.48 -41.47 -30.19
CA PRO K 15 9.19 -41.46 -28.74
C PRO K 15 10.46 -41.20 -27.93
N GLU K 16 11.49 -40.67 -28.61
CA GLU K 16 12.75 -40.24 -28.05
C GLU K 16 12.88 -38.72 -27.85
N TRP K 17 12.33 -37.86 -28.73
CA TRP K 17 12.28 -36.43 -28.43
C TRP K 17 11.33 -36.14 -27.30
N MET K 18 10.51 -37.12 -26.92
CA MET K 18 9.68 -36.94 -25.75
C MET K 18 10.44 -37.33 -24.51
N VAL K 19 11.35 -38.30 -24.62
CA VAL K 19 12.24 -38.66 -23.53
C VAL K 19 13.65 -38.21 -23.94
N ARG K 20 13.76 -36.95 -24.39
CA ARG K 20 15.09 -36.40 -24.63
C ARG K 20 15.80 -36.20 -23.30
N HIS K 21 15.09 -35.59 -22.37
CA HIS K 21 15.53 -35.45 -20.99
C HIS K 21 14.77 -36.49 -20.18
N THR K 22 15.46 -37.22 -19.31
CA THR K 22 14.69 -38.02 -18.37
C THR K 22 13.78 -37.13 -17.54
N LEU K 23 14.33 -36.08 -16.93
CA LEU K 23 13.52 -35.05 -16.28
C LEU K 23 13.21 -33.96 -17.30
N THR K 24 11.94 -33.69 -17.50
CA THR K 24 11.57 -32.56 -18.32
C THR K 24 11.64 -31.28 -17.47
N PRO K 25 12.18 -30.19 -18.03
CA PRO K 25 12.24 -28.94 -17.24
C PRO K 25 10.86 -28.61 -16.69
N GLY K 26 10.82 -28.34 -15.38
CA GLY K 26 9.56 -28.24 -14.66
C GLY K 26 8.70 -27.05 -15.01
N ASP K 27 9.25 -26.01 -15.66
CA ASP K 27 8.49 -24.79 -16.00
C ASP K 27 7.94 -24.79 -17.43
N LEU K 28 7.93 -25.93 -18.11
CA LEU K 28 7.29 -25.93 -19.42
C LEU K 28 5.80 -26.19 -19.21
N ARG K 29 5.06 -25.12 -18.89
CA ARG K 29 3.67 -25.28 -18.48
C ARG K 29 2.66 -24.57 -19.36
N ASP K 30 3.05 -24.11 -20.54
CA ASP K 30 2.09 -23.45 -21.41
C ASP K 30 1.08 -24.44 -22.00
N LEU K 31 1.17 -25.71 -21.62
CA LEU K 31 0.37 -26.78 -22.18
C LEU K 31 -0.48 -27.37 -21.07
N ARG K 32 -1.79 -27.38 -21.27
CA ARG K 32 -2.76 -27.84 -20.30
C ARG K 32 -3.60 -28.95 -20.91
N VAL K 33 -4.06 -29.86 -20.07
CA VAL K 33 -4.95 -30.92 -20.49
C VAL K 33 -6.09 -31.00 -19.49
N GLU K 34 -7.30 -31.15 -20.01
CA GLU K 34 -8.46 -31.41 -19.21
C GLU K 34 -9.37 -32.35 -20.00
N THR K 35 -10.06 -33.23 -19.28
CA THR K 35 -10.90 -34.21 -19.92
C THR K 35 -12.26 -33.60 -20.18
N ILE K 36 -12.85 -33.97 -21.31
CA ILE K 36 -14.16 -33.46 -21.66
C ILE K 36 -15.01 -34.63 -22.17
N LYS K 37 -16.29 -34.59 -21.87
CA LYS K 37 -17.21 -35.61 -22.35
C LYS K 37 -17.49 -35.40 -23.83
N SER K 38 -17.36 -36.47 -24.61
CA SER K 38 -17.62 -36.37 -26.04
C SER K 38 -19.09 -36.00 -26.26
N ASN K 39 -20.02 -36.68 -25.59
CA ASN K 39 -21.46 -36.40 -25.65
C ASN K 39 -22.03 -35.99 -24.29
N VAL K 40 -22.80 -34.89 -24.27
CA VAL K 40 -23.44 -34.44 -23.04
C VAL K 40 -24.63 -35.32 -22.69
N ASP K 41 -25.50 -35.57 -23.67
CA ASP K 41 -26.68 -36.41 -23.50
C ASP K 41 -26.41 -37.77 -22.84
N LEU K 42 -25.18 -38.30 -22.94
CA LEU K 42 -24.86 -39.64 -22.48
C LEU K 42 -24.13 -39.68 -21.13
N GLU K 43 -24.43 -40.71 -20.32
CA GLU K 43 -23.67 -40.95 -19.10
C GLU K 43 -22.39 -41.74 -19.39
N ASP K 44 -22.47 -42.77 -20.24
CA ASP K 44 -21.31 -43.55 -20.63
C ASP K 44 -20.62 -42.97 -21.85
N SER K 45 -20.66 -41.66 -22.01
CA SER K 45 -20.01 -41.00 -23.12
C SER K 45 -18.51 -41.26 -23.11
N PRO K 46 -17.88 -41.32 -24.29
CA PRO K 46 -16.42 -41.37 -24.36
C PRO K 46 -15.79 -40.08 -23.85
N ILE K 47 -14.62 -40.21 -23.23
CA ILE K 47 -13.90 -39.07 -22.68
C ILE K 47 -12.70 -38.74 -23.54
N LEU K 48 -12.57 -37.47 -23.92
CA LEU K 48 -11.46 -37.03 -24.76
C LEU K 48 -10.59 -36.05 -23.99
N MET K 49 -9.35 -35.89 -24.48
CA MET K 49 -8.51 -34.82 -23.96
C MET K 49 -8.81 -33.53 -24.70
N ASN K 50 -8.90 -32.45 -23.95
CA ASN K 50 -8.88 -31.09 -24.50
C ASN K 50 -7.50 -30.55 -24.16
N ILE K 51 -6.61 -30.61 -25.16
CA ILE K 51 -5.24 -30.12 -25.02
C ILE K 51 -5.22 -28.70 -25.53
N SER K 52 -4.95 -27.75 -24.65
CA SER K 52 -4.87 -26.35 -25.03
C SER K 52 -3.47 -25.80 -24.73
N TRP K 53 -3.04 -24.85 -25.55
CA TRP K 53 -1.76 -24.21 -25.33
C TRP K 53 -1.82 -22.73 -25.67
N ILE K 54 -0.94 -21.98 -25.03
CA ILE K 54 -0.77 -20.57 -25.30
C ILE K 54 0.58 -20.40 -25.99
N LEU K 55 0.65 -19.45 -26.91
CA LEU K 55 1.89 -19.17 -27.62
C LEU K 55 2.66 -18.05 -26.95
N ARG K 56 3.98 -18.21 -26.94
CA ARG K 56 4.88 -17.17 -26.45
C ARG K 56 4.65 -15.86 -27.18
N ALA K 57 4.63 -14.78 -26.42
CA ALA K 57 4.62 -13.42 -26.97
C ALA K 57 6.07 -12.98 -27.20
N ASP K 58 6.63 -13.35 -28.35
CA ASP K 58 7.93 -12.81 -28.74
C ASP K 58 8.03 -12.87 -30.26
N ALA K 59 9.12 -12.28 -30.77
CA ALA K 59 9.26 -12.10 -32.21
C ALA K 59 9.41 -13.42 -32.97
N SER K 60 9.77 -14.51 -32.30
CA SER K 60 9.92 -15.76 -33.02
C SER K 60 8.58 -16.34 -33.45
N ILE K 61 7.47 -15.88 -32.87
CA ILE K 61 6.14 -16.37 -33.25
C ILE K 61 5.88 -16.09 -34.72
N ARG K 62 6.60 -15.11 -35.29
CA ARG K 62 6.45 -14.81 -36.72
C ARG K 62 6.98 -15.94 -37.58
N LEU K 63 7.82 -16.80 -37.01
CA LEU K 63 8.42 -17.90 -37.73
C LEU K 63 7.67 -19.21 -37.50
N LEU K 64 6.46 -19.15 -36.97
CA LEU K 64 5.76 -20.35 -36.51
C LEU K 64 4.71 -20.76 -37.53
N LYS K 65 4.71 -22.03 -37.90
CA LYS K 65 3.78 -22.57 -38.86
C LYS K 65 3.04 -23.83 -38.40
N ALA K 66 3.56 -24.56 -37.42
CA ALA K 66 2.89 -25.76 -36.96
C ALA K 66 3.28 -26.07 -35.52
N THR K 67 2.35 -26.72 -34.81
CA THR K 67 2.59 -27.25 -33.48
C THR K 67 2.29 -28.73 -33.52
N LYS K 68 3.23 -29.51 -33.02
CA LYS K 68 3.12 -30.96 -32.97
C LYS K 68 2.80 -31.38 -31.54
N ILE K 69 1.87 -32.32 -31.39
CA ILE K 69 1.45 -32.81 -30.08
C ILE K 69 1.51 -34.34 -30.09
N CYS K 70 2.18 -34.91 -29.11
CA CYS K 70 2.25 -36.35 -28.93
C CYS K 70 1.82 -36.71 -27.52
N VAL K 71 1.02 -37.77 -27.39
CA VAL K 71 0.59 -38.25 -26.08
C VAL K 71 1.13 -39.66 -25.91
N MET K 72 1.71 -39.92 -24.75
CA MET K 72 2.36 -41.19 -24.46
C MET K 72 1.72 -41.82 -23.24
N GLY K 73 1.42 -43.12 -23.35
CA GLY K 73 0.80 -43.85 -22.24
C GLY K 73 1.72 -44.20 -21.10
N LYS K 74 3.05 -44.16 -21.32
CA LYS K 74 4.07 -44.32 -20.28
C LYS K 74 4.07 -45.65 -19.54
N SER K 75 2.98 -46.42 -19.61
CA SER K 75 2.88 -47.70 -18.90
C SER K 75 3.64 -48.82 -19.58
N HIS K 76 4.98 -48.67 -19.67
CA HIS K 76 5.81 -49.45 -20.59
C HIS K 76 5.22 -49.41 -22.00
N PHE K 77 4.47 -48.34 -22.26
CA PHE K 77 3.86 -48.06 -23.56
C PHE K 77 4.73 -47.07 -24.32
N GLN K 78 4.56 -47.05 -25.62
CA GLN K 78 5.18 -46.06 -26.47
C GLN K 78 4.14 -45.05 -26.93
N SER K 79 4.59 -44.09 -27.74
CA SER K 79 3.81 -42.92 -28.13
C SER K 79 2.79 -43.27 -29.22
N TYR K 80 3.17 -43.00 -30.46
CA TYR K 80 2.38 -43.33 -31.64
C TYR K 80 0.95 -42.81 -31.52
N SER K 81 0.83 -41.53 -31.19
CA SER K 81 -0.48 -40.89 -31.22
C SER K 81 -0.38 -39.45 -31.68
N CYS K 82 0.80 -39.00 -32.10
CA CYS K 82 1.07 -37.61 -32.44
C CYS K 82 0.09 -37.02 -33.44
N ILE K 83 -0.18 -35.73 -33.27
CA ILE K 83 -0.90 -34.91 -34.24
C ILE K 83 -0.01 -33.72 -34.58
N ARG K 84 -0.16 -33.21 -35.79
CA ARG K 84 0.48 -31.96 -36.21
C ARG K 84 -0.60 -30.95 -36.56
N CYS K 85 -0.59 -29.82 -35.87
CA CYS K 85 -1.56 -28.76 -36.09
C CYS K 85 -0.88 -27.66 -36.88
N ASN K 86 -1.30 -27.46 -38.12
CA ASN K 86 -0.75 -26.40 -38.95
C ASN K 86 -1.54 -25.13 -38.71
N TYR K 87 -0.82 -24.03 -38.59
CA TYR K 87 -1.44 -22.72 -38.48
C TYR K 87 -1.75 -22.22 -39.88
N THR K 88 -2.96 -21.68 -40.07
CA THR K 88 -3.43 -21.36 -41.41
C THR K 88 -2.78 -20.12 -42.00
N GLN K 89 -2.34 -19.18 -41.17
CA GLN K 89 -1.65 -17.99 -41.64
C GLN K 89 -0.51 -17.67 -40.69
N ALA K 90 0.29 -16.68 -41.07
CA ALA K 90 1.37 -16.21 -40.23
C ALA K 90 0.81 -15.37 -39.09
N PHE K 91 1.60 -15.25 -38.03
CA PHE K 91 1.21 -14.49 -36.85
C PHE K 91 1.77 -13.08 -37.00
N GLN K 92 0.87 -12.11 -37.04
CA GLN K 92 1.25 -10.71 -37.26
C GLN K 92 1.55 -9.96 -35.97
N THR K 93 0.88 -10.30 -34.89
CA THR K 93 1.11 -9.69 -33.60
C THR K 93 1.53 -10.76 -32.59
N GLN K 94 2.32 -10.35 -31.60
CA GLN K 94 2.82 -11.30 -30.62
C GLN K 94 1.75 -11.72 -29.61
N THR K 95 0.63 -11.02 -29.56
CA THR K 95 -0.55 -11.47 -28.82
C THR K 95 -1.76 -11.20 -29.69
N ARG K 96 -2.91 -11.73 -29.27
CA ARG K 96 -4.17 -11.33 -29.90
C ARG K 96 -4.39 -9.84 -29.69
N PRO K 97 -5.26 -9.20 -30.48
CA PRO K 97 -5.46 -7.76 -30.29
C PRO K 97 -6.28 -7.44 -29.05
N SER K 98 -6.93 -8.44 -28.45
CA SER K 98 -7.71 -8.33 -27.22
C SER K 98 -7.74 -9.74 -26.64
N GLY K 99 -6.54 -10.25 -26.35
CA GLY K 99 -6.33 -11.62 -25.94
C GLY K 99 -5.02 -11.74 -25.17
N GLY K 100 -5.12 -12.02 -23.87
CA GLY K 100 -3.99 -12.41 -23.04
C GLY K 100 -2.84 -13.04 -23.79
N LYS K 101 -3.11 -14.13 -24.52
CA LYS K 101 -2.12 -14.74 -25.40
C LYS K 101 -2.84 -15.35 -26.60
N TRP K 102 -2.03 -15.88 -27.51
CA TRP K 102 -2.58 -16.67 -28.60
C TRP K 102 -2.84 -18.05 -28.02
N THR K 103 -4.10 -18.49 -28.06
CA THR K 103 -4.48 -19.75 -27.46
C THR K 103 -5.15 -20.65 -28.48
N PHE K 104 -4.79 -21.92 -28.43
CA PHE K 104 -5.37 -22.92 -29.30
C PHE K 104 -5.63 -24.16 -28.48
N SER K 105 -6.56 -24.96 -28.96
CA SER K 105 -6.90 -26.21 -28.32
C SER K 105 -7.22 -27.24 -29.38
N TYR K 106 -6.93 -28.50 -29.06
CA TYR K 106 -7.25 -29.65 -29.89
C TYR K 106 -7.97 -30.66 -29.00
N VAL K 107 -9.11 -31.19 -29.46
CA VAL K 107 -9.80 -32.22 -28.69
C VAL K 107 -9.70 -33.54 -29.46
N GLY K 108 -9.30 -34.58 -28.74
CA GLY K 108 -9.00 -35.87 -29.33
C GLY K 108 -8.40 -36.75 -28.26
N PHE K 109 -7.75 -37.83 -28.67
CA PHE K 109 -7.09 -38.78 -27.77
C PHE K 109 -8.04 -39.36 -26.73
N PRO K 110 -8.76 -40.44 -27.05
CA PRO K 110 -9.64 -41.05 -26.06
C PRO K 110 -8.88 -41.43 -24.80
N VAL K 111 -9.52 -41.19 -23.65
CA VAL K 111 -8.89 -41.32 -22.34
C VAL K 111 -9.39 -42.57 -21.63
N GLU K 112 -8.46 -43.33 -21.06
CA GLU K 112 -8.81 -44.44 -20.17
C GLU K 112 -8.82 -43.95 -18.73
N LEU K 113 -9.56 -44.68 -17.89
CA LEU K 113 -9.63 -44.38 -16.47
C LEU K 113 -8.29 -44.69 -15.80
N ASN K 114 -7.95 -43.90 -14.79
CA ASN K 114 -6.79 -44.14 -13.93
C ASN K 114 -5.51 -44.38 -14.73
N THR K 115 -5.28 -43.53 -15.74
CA THR K 115 -4.14 -43.73 -16.63
C THR K 115 -3.23 -42.51 -16.59
N VAL K 116 -1.93 -42.77 -16.60
CA VAL K 116 -0.93 -41.72 -16.57
C VAL K 116 -0.55 -41.40 -18.00
N TYR K 117 -0.59 -40.11 -18.34
CA TYR K 117 -0.36 -39.63 -19.68
C TYR K 117 0.74 -38.57 -19.65
N PHE K 118 1.73 -38.74 -20.51
CA PHE K 118 2.72 -37.69 -20.75
C PHE K 118 2.39 -37.07 -22.10
N ILE K 119 2.22 -35.75 -22.11
CA ILE K 119 1.88 -35.03 -23.33
C ILE K 119 2.97 -34.00 -23.58
N GLY K 120 3.55 -34.07 -24.77
CA GLY K 120 4.57 -33.13 -25.17
C GLY K 120 4.20 -32.48 -26.48
N ALA K 121 4.65 -31.24 -26.63
CA ALA K 121 4.33 -30.46 -27.79
C ALA K 121 5.59 -29.71 -28.20
N HIS K 122 5.72 -29.49 -29.50
CA HIS K 122 6.90 -28.85 -30.03
C HIS K 122 6.49 -28.00 -31.22
N ASN K 123 7.05 -26.80 -31.27
CA ASN K 123 6.70 -25.88 -32.33
C ASN K 123 7.57 -26.15 -33.54
N ILE K 124 7.05 -25.83 -34.72
CA ILE K 124 7.71 -26.12 -35.97
C ILE K 124 7.85 -24.84 -36.77
N PRO K 125 9.07 -24.37 -37.06
CA PRO K 125 10.40 -24.91 -36.72
C PRO K 125 10.96 -24.39 -35.39
N ASN K 126 11.75 -25.23 -34.70
CA ASN K 126 12.66 -24.91 -33.56
C ASN K 126 12.73 -26.11 -32.61
N GLU K 131 17.16 -25.39 -29.53
CA GLU K 131 16.62 -26.48 -28.73
C GLU K 131 15.90 -27.51 -29.60
N ASP K 132 15.84 -28.76 -29.12
CA ASP K 132 15.07 -29.82 -29.77
C ASP K 132 14.62 -30.84 -28.74
N GLY K 133 14.09 -30.36 -27.62
CA GLY K 133 13.27 -31.16 -26.74
C GLY K 133 11.84 -30.66 -26.85
N PRO K 134 10.94 -31.12 -25.98
CA PRO K 134 9.58 -30.59 -26.02
C PRO K 134 9.56 -29.12 -25.64
N SER K 135 8.85 -28.31 -26.43
CA SER K 135 8.69 -26.90 -26.10
C SER K 135 7.75 -26.74 -24.90
N MET K 136 6.75 -27.61 -24.83
CA MET K 136 5.74 -27.68 -23.78
C MET K 136 5.56 -29.14 -23.39
N ALA K 137 5.31 -29.40 -22.12
CA ALA K 137 5.13 -30.77 -21.65
C ALA K 137 4.31 -30.76 -20.37
N VAL K 138 3.48 -31.78 -20.19
CA VAL K 138 2.67 -31.88 -18.99
C VAL K 138 2.47 -33.35 -18.67
N ASN K 139 2.38 -33.66 -17.37
CA ASN K 139 2.06 -34.99 -16.92
C ASN K 139 0.59 -34.97 -16.56
N PHE K 140 -0.07 -36.11 -16.68
CA PHE K 140 -1.51 -36.10 -16.50
C PHE K 140 -1.98 -37.49 -16.14
N THR K 141 -2.62 -37.62 -15.00
CA THR K 141 -3.28 -38.85 -14.61
C THR K 141 -4.77 -38.65 -14.80
N SER K 142 -5.37 -39.48 -15.63
CA SER K 142 -6.79 -39.37 -15.88
C SER K 142 -7.58 -39.73 -14.61
N PRO K 143 -8.77 -39.20 -14.43
CA PRO K 143 -9.51 -39.48 -13.20
C PRO K 143 -9.95 -40.94 -13.17
N GLY K 144 -10.37 -41.37 -11.98
CA GLY K 144 -10.85 -42.69 -11.76
C GLY K 144 -12.34 -42.72 -11.47
N CYS K 145 -12.80 -43.84 -10.92
CA CYS K 145 -14.22 -44.03 -10.72
C CYS K 145 -14.80 -43.17 -9.60
N LEU K 146 -13.97 -42.46 -8.85
CA LEU K 146 -14.46 -41.55 -7.82
C LEU K 146 -14.73 -40.15 -8.34
N ASP K 147 -14.30 -39.83 -9.56
CA ASP K 147 -14.53 -38.50 -10.09
C ASP K 147 -16.00 -38.28 -10.42
N HIS K 148 -16.43 -37.02 -10.30
CA HIS K 148 -17.84 -36.69 -10.44
C HIS K 148 -18.39 -36.96 -11.83
N VAL K 149 -17.58 -36.90 -12.87
CA VAL K 149 -18.06 -37.22 -14.21
C VAL K 149 -17.80 -38.68 -14.58
N MET K 150 -16.62 -39.20 -14.27
CA MET K 150 -16.28 -40.57 -14.64
C MET K 150 -17.08 -41.63 -13.87
N LYS K 151 -17.70 -41.27 -12.74
CA LYS K 151 -18.40 -42.28 -11.96
C LYS K 151 -19.62 -42.83 -12.68
N TYR K 152 -20.17 -42.10 -13.65
CA TYR K 152 -21.31 -42.59 -14.41
C TYR K 152 -20.93 -43.43 -15.60
N LYS K 153 -19.66 -43.69 -15.81
CA LYS K 153 -19.30 -44.54 -16.93
C LYS K 153 -19.61 -45.99 -16.57
N LYS K 154 -19.90 -46.79 -17.59
CA LYS K 154 -20.43 -48.12 -17.38
C LYS K 154 -19.47 -48.99 -16.55
N LYS K 155 -18.18 -48.94 -16.85
CA LYS K 155 -17.19 -49.71 -16.09
C LYS K 155 -17.14 -49.27 -14.63
N CYS K 156 -17.38 -47.98 -14.36
CA CYS K 156 -17.42 -47.53 -12.98
C CYS K 156 -18.72 -47.95 -12.28
N ILE K 157 -19.86 -47.77 -12.94
CA ILE K 157 -21.13 -48.14 -12.32
C ILE K 157 -21.12 -49.61 -11.93
N GLU K 158 -20.68 -50.47 -12.85
CA GLU K 158 -20.68 -51.90 -12.60
C GLU K 158 -19.66 -52.32 -11.55
N ALA K 159 -18.73 -51.44 -11.20
CA ALA K 159 -17.79 -51.69 -10.11
C ALA K 159 -18.25 -51.07 -8.79
N GLY K 160 -19.45 -50.50 -8.76
CA GLY K 160 -19.99 -49.96 -7.53
C GLY K 160 -19.76 -48.48 -7.30
N SER K 161 -19.49 -47.71 -8.36
CA SER K 161 -19.17 -46.30 -8.17
C SER K 161 -20.33 -45.53 -7.56
N LEU K 162 -21.56 -45.99 -7.77
CA LEU K 162 -22.75 -45.32 -7.25
C LEU K 162 -23.38 -46.08 -6.08
N TRP K 163 -22.70 -47.10 -5.56
CA TRP K 163 -23.16 -47.81 -4.37
C TRP K 163 -23.06 -46.86 -3.19
N LYS K 164 -24.15 -46.74 -2.44
CA LYS K 164 -24.22 -45.88 -1.26
C LYS K 164 -24.53 -46.75 -0.04
N PRO K 165 -23.52 -47.42 0.53
CA PRO K 165 -23.82 -48.33 1.64
C PRO K 165 -24.23 -47.62 2.92
N ASN K 166 -23.91 -46.34 3.08
CA ASN K 166 -24.27 -45.58 4.28
C ASN K 166 -23.77 -46.31 5.54
N ILE K 167 -22.45 -46.48 5.60
CA ILE K 167 -21.82 -47.28 6.65
C ILE K 167 -22.00 -46.57 7.98
N THR K 168 -22.50 -47.30 8.97
CA THR K 168 -22.43 -46.87 10.36
C THR K 168 -21.64 -47.93 11.10
N ALA K 169 -20.60 -47.50 11.80
CA ALA K 169 -19.70 -48.40 12.51
C ALA K 169 -19.47 -47.88 13.92
N CYS K 170 -19.67 -48.74 14.92
CA CYS K 170 -19.65 -48.37 16.32
C CYS K 170 -18.69 -49.24 17.11
N LYS K 171 -17.88 -48.60 17.95
CA LYS K 171 -17.03 -49.33 18.87
C LYS K 171 -17.91 -49.92 19.98
N ARG K 172 -18.09 -51.24 19.95
CA ARG K 172 -18.97 -51.95 20.87
C ARG K 172 -18.23 -52.38 22.13
N SER K 173 -17.15 -53.13 21.98
CA SER K 173 -16.37 -53.54 23.13
C SER K 173 -14.95 -53.01 22.98
N ALA K 174 -14.06 -53.49 23.84
CA ALA K 174 -12.66 -53.12 23.69
C ALA K 174 -12.05 -53.80 22.47
N ASN K 175 -12.70 -54.87 21.98
CA ASN K 175 -12.14 -55.62 20.86
C ASN K 175 -13.16 -55.95 19.77
N THR K 176 -14.30 -55.27 19.71
CA THR K 176 -15.29 -55.52 18.68
C THR K 176 -15.85 -54.23 18.07
N VAL K 177 -16.15 -54.29 16.78
CA VAL K 177 -16.78 -53.19 16.06
C VAL K 177 -18.02 -53.74 15.39
N GLU K 178 -19.12 -53.04 15.54
CA GLU K 178 -20.36 -53.39 14.86
C GLU K 178 -20.49 -52.51 13.62
N VAL K 179 -20.57 -53.13 12.45
CA VAL K 179 -20.61 -52.43 11.17
C VAL K 179 -21.97 -52.68 10.53
N ASN K 180 -22.73 -51.61 10.27
CA ASN K 180 -23.99 -51.70 9.54
C ASN K 180 -23.86 -51.05 8.17
N PHE K 181 -24.50 -51.66 7.18
CA PHE K 181 -24.47 -51.08 5.84
C PHE K 181 -25.59 -51.67 5.00
N THR K 182 -25.92 -50.94 3.95
CA THR K 182 -26.98 -51.35 3.04
C THR K 182 -26.36 -52.05 1.84
N THR K 183 -26.88 -53.23 1.51
CA THR K 183 -26.33 -54.02 0.44
C THR K 183 -26.74 -53.44 -0.92
N SER K 184 -26.13 -53.96 -1.97
CA SER K 184 -26.37 -53.53 -3.33
C SER K 184 -27.00 -54.64 -4.17
N PRO K 185 -27.82 -54.29 -5.15
CA PRO K 185 -28.30 -55.32 -6.09
C PRO K 185 -27.18 -55.89 -6.95
N LEU K 186 -26.01 -55.25 -6.96
CA LEU K 186 -24.88 -55.73 -7.77
C LEU K 186 -24.17 -56.95 -7.19
N GLY K 187 -24.45 -57.36 -5.96
CA GLY K 187 -23.73 -58.52 -5.43
C GLY K 187 -24.22 -58.95 -4.07
N ASP K 188 -23.73 -60.12 -3.66
CA ASP K 188 -24.15 -60.74 -2.42
C ASP K 188 -23.02 -60.92 -1.41
N ARG K 189 -21.77 -60.76 -1.81
CA ARG K 189 -20.62 -61.00 -0.95
C ARG K 189 -19.88 -59.70 -0.67
N TYR K 190 -19.48 -59.52 0.59
CA TYR K 190 -18.83 -58.31 1.07
C TYR K 190 -17.77 -58.68 2.10
N MET K 191 -16.76 -57.83 2.21
CA MET K 191 -15.75 -57.94 3.26
C MET K 191 -15.62 -56.60 3.97
N ALA K 192 -15.78 -56.62 5.27
CA ALA K 192 -15.63 -55.43 6.10
C ALA K 192 -14.25 -55.49 6.77
N LEU K 193 -13.57 -54.36 6.74
CA LEU K 193 -12.20 -54.30 7.20
C LEU K 193 -12.08 -53.08 8.08
N ILE K 194 -11.37 -53.22 9.21
CA ILE K 194 -11.08 -52.10 10.10
C ILE K 194 -9.58 -51.83 10.06
N GLN K 195 -9.21 -50.59 9.86
CA GLN K 195 -7.81 -50.24 9.68
C GLN K 195 -7.49 -48.96 10.41
N SER K 196 -6.47 -49.01 11.26
CA SER K 196 -5.82 -47.81 11.77
C SER K 196 -4.49 -47.68 11.01
N THR K 197 -3.37 -47.81 11.71
CA THR K 197 -2.09 -47.78 11.02
C THR K 197 -1.83 -49.09 10.28
N ALA K 198 -2.50 -50.17 10.70
CA ALA K 198 -2.49 -51.44 10.01
C ALA K 198 -3.90 -51.99 10.07
N VAL K 199 -4.15 -53.05 9.32
CA VAL K 199 -5.44 -53.73 9.38
C VAL K 199 -5.58 -54.43 10.71
N ILE K 200 -6.60 -54.07 11.49
CA ILE K 200 -6.79 -54.67 12.80
C ILE K 200 -7.98 -55.62 12.86
N GLY K 201 -8.71 -55.80 11.75
CA GLY K 201 -9.80 -56.75 11.80
C GLY K 201 -10.52 -56.91 10.48
N THR K 202 -11.04 -58.10 10.23
CA THR K 202 -11.73 -58.41 9.01
C THR K 202 -12.89 -59.37 9.27
N SER K 203 -13.99 -59.15 8.54
CA SER K 203 -15.17 -60.02 8.56
C SER K 203 -15.76 -60.08 7.16
N TYR K 204 -16.21 -61.26 6.76
CA TYR K 204 -16.84 -61.49 5.47
C TYR K 204 -18.34 -61.66 5.70
N VAL K 205 -19.12 -61.20 4.74
CA VAL K 205 -20.56 -61.19 4.88
C VAL K 205 -21.16 -61.76 3.62
N SER K 206 -22.11 -62.69 3.78
CA SER K 206 -22.91 -63.14 2.64
C SER K 206 -24.37 -62.79 2.89
N GLU K 207 -24.95 -62.02 1.97
CA GLU K 207 -26.31 -61.52 2.10
C GLU K 207 -26.89 -61.33 0.73
N LYS K 208 -27.92 -62.12 0.41
CA LYS K 208 -28.56 -62.10 -0.89
C LYS K 208 -29.64 -61.02 -1.03
N GLU K 209 -30.19 -60.53 0.07
CA GLU K 209 -31.26 -59.54 0.01
C GLU K 209 -30.70 -58.13 -0.03
N LEU K 210 -31.48 -57.23 -0.62
CA LEU K 210 -31.23 -55.80 -0.58
C LEU K 210 -31.76 -55.34 0.78
N THR K 211 -30.86 -55.23 1.76
CA THR K 211 -31.30 -54.97 3.12
C THR K 211 -30.23 -54.16 3.83
N ARG K 212 -30.57 -53.65 5.01
CA ARG K 212 -29.57 -53.03 5.87
C ARG K 212 -29.03 -54.05 6.86
N THR K 213 -27.81 -54.55 6.62
CA THR K 213 -27.23 -55.64 7.39
C THR K 213 -26.30 -55.15 8.49
N SER K 214 -25.91 -56.08 9.36
CA SER K 214 -25.06 -55.78 10.51
C SER K 214 -24.03 -56.90 10.66
N VAL K 215 -22.80 -56.53 11.00
CA VAL K 215 -21.74 -57.52 11.14
C VAL K 215 -20.78 -57.05 12.22
N VAL K 216 -20.29 -58.00 13.01
CA VAL K 216 -19.34 -57.74 14.07
C VAL K 216 -17.94 -58.02 13.53
N VAL K 217 -17.03 -57.06 13.70
CA VAL K 217 -15.63 -57.26 13.35
C VAL K 217 -14.85 -57.33 14.65
N HIS K 218 -14.12 -58.43 14.86
CA HIS K 218 -13.23 -58.56 16.00
C HIS K 218 -11.90 -57.88 15.67
N VAL K 219 -11.50 -56.92 16.50
CA VAL K 219 -10.30 -56.16 16.22
C VAL K 219 -9.21 -56.49 17.22
N THR K 220 -7.97 -56.31 16.77
CA THR K 220 -6.76 -56.54 17.54
C THR K 220 -6.14 -55.26 18.08
N GLY K 221 -6.65 -54.10 17.67
CA GLY K 221 -6.13 -52.86 18.22
C GLY K 221 -7.16 -51.82 18.59
N GLU K 222 -6.70 -50.59 18.68
CA GLU K 222 -7.56 -49.45 18.99
C GLU K 222 -8.41 -49.14 17.77
N SER K 223 -9.74 -49.16 17.93
CA SER K 223 -10.64 -48.99 16.81
C SER K 223 -11.28 -47.62 16.74
N GLU K 224 -11.35 -46.88 17.84
CA GLU K 224 -11.95 -45.55 17.83
C GLU K 224 -11.29 -44.64 16.80
N GLY K 225 -12.07 -44.18 15.84
CA GLY K 225 -11.57 -43.29 14.81
C GLY K 225 -10.86 -43.97 13.67
N ALA K 226 -10.81 -45.30 13.65
CA ALA K 226 -10.20 -46.01 12.54
C ALA K 226 -11.13 -45.97 11.33
N VAL K 227 -10.55 -46.30 10.19
CA VAL K 227 -11.33 -46.40 8.96
C VAL K 227 -11.99 -47.77 8.87
N VAL K 228 -13.25 -47.77 8.41
CA VAL K 228 -13.94 -48.99 7.97
C VAL K 228 -13.90 -49.00 6.46
N GLN K 229 -13.48 -50.12 5.89
CA GLN K 229 -13.43 -50.26 4.43
C GLN K 229 -14.30 -51.45 4.04
N LEU K 230 -15.28 -51.18 3.18
CA LEU K 230 -16.20 -52.21 2.68
C LEU K 230 -15.79 -52.54 1.26
N THR K 231 -15.46 -53.81 1.03
CA THR K 231 -15.12 -54.29 -0.30
C THR K 231 -16.29 -55.12 -0.80
N PRO K 232 -16.94 -54.76 -1.90
CA PRO K 232 -17.97 -55.63 -2.45
C PRO K 232 -17.37 -56.52 -3.53
N TYR K 233 -17.96 -57.69 -3.69
CA TYR K 233 -17.49 -58.61 -4.73
C TYR K 233 -18.55 -58.71 -5.81
N PHE K 234 -18.67 -57.63 -6.56
CA PHE K 234 -19.56 -57.51 -7.71
C PHE K 234 -18.91 -58.13 -8.94
N HIS K 235 -19.75 -58.54 -9.89
CA HIS K 235 -19.22 -59.08 -11.13
C HIS K 235 -18.47 -57.98 -11.88
N THR K 236 -17.74 -58.41 -12.92
CA THR K 236 -16.89 -57.59 -13.78
C THR K 236 -15.71 -56.92 -13.06
N CYS K 237 -15.77 -56.77 -11.75
CA CYS K 237 -14.65 -56.12 -11.06
C CYS K 237 -13.84 -57.06 -10.21
N GLY K 238 -14.26 -58.33 -10.07
CA GLY K 238 -13.49 -59.34 -9.39
C GLY K 238 -13.12 -58.93 -7.98
N ASN K 239 -11.82 -58.71 -7.77
CA ASN K 239 -11.31 -58.23 -6.50
C ASN K 239 -10.88 -56.77 -6.59
N ASP K 240 -11.26 -56.08 -7.66
CA ASP K 240 -10.86 -54.69 -7.88
C ASP K 240 -12.08 -53.77 -7.91
N CYS K 241 -13.14 -54.12 -7.19
CA CYS K 241 -14.31 -53.28 -7.10
C CYS K 241 -14.04 -52.06 -6.24
N ILE K 242 -14.84 -51.03 -6.43
CA ILE K 242 -14.70 -49.79 -5.68
C ILE K 242 -15.00 -50.03 -4.20
N ARG K 243 -14.04 -49.66 -3.36
CA ARG K 243 -14.14 -49.77 -1.90
C ARG K 243 -14.87 -48.56 -1.35
N GLN K 244 -15.64 -48.78 -0.29
CA GLN K 244 -16.35 -47.73 0.42
C GLN K 244 -15.77 -47.59 1.81
N ARG K 245 -15.65 -46.36 2.26
CA ARG K 245 -14.96 -46.10 3.51
C ARG K 245 -15.90 -45.40 4.48
N GLY K 246 -15.64 -45.63 5.76
CA GLY K 246 -16.28 -44.90 6.82
C GLY K 246 -15.31 -44.78 7.97
N THR K 247 -15.80 -44.39 9.14
CA THR K 247 -14.96 -44.24 10.33
C THR K 247 -15.70 -44.78 11.55
N VAL K 248 -14.94 -45.44 12.44
CA VAL K 248 -15.50 -46.02 13.66
C VAL K 248 -15.81 -44.94 14.68
N VAL K 249 -16.97 -45.05 15.34
CA VAL K 249 -17.41 -44.05 16.30
C VAL K 249 -17.82 -44.72 17.61
N GLN K 250 -17.85 -43.91 18.67
CA GLN K 250 -18.28 -44.31 20.00
C GLN K 250 -19.79 -44.36 20.07
N CYS K 251 -20.37 -45.55 20.31
CA CYS K 251 -21.82 -45.59 20.43
C CYS K 251 -22.22 -46.15 21.80
N PRO K 252 -23.17 -45.51 22.51
CA PRO K 252 -24.12 -44.50 22.04
C PRO K 252 -23.46 -43.15 21.80
N GLN K 253 -24.04 -42.36 20.90
CA GLN K 253 -23.46 -41.10 20.49
C GLN K 253 -24.08 -39.90 21.20
N THR K 254 -25.16 -40.13 21.95
CA THR K 254 -25.90 -39.10 22.65
C THR K 254 -25.60 -39.17 24.14
N GLY K 255 -26.05 -38.15 24.86
CA GLY K 255 -25.99 -38.13 26.31
C GLY K 255 -27.34 -38.50 26.93
N PRO L 1 32.38 5.51 0.07
CA PRO L 1 33.21 4.30 0.21
C PRO L 1 33.48 3.60 -1.14
N GLU L 2 34.63 3.92 -1.78
CA GLU L 2 34.95 3.42 -3.12
C GLU L 2 36.42 3.62 -3.46
N PRO L 3 36.88 3.25 -4.68
CA PRO L 3 38.23 3.65 -5.10
C PRO L 3 38.32 5.15 -5.31
N THR L 4 39.48 5.71 -5.01
CA THR L 4 39.65 7.16 -5.17
C THR L 4 40.22 7.53 -6.54
N ILE L 5 40.14 8.82 -6.85
CA ILE L 5 40.63 9.39 -8.10
C ILE L 5 41.60 10.52 -7.79
N GLN L 6 42.74 10.52 -8.49
CA GLN L 6 43.63 11.68 -8.51
C GLN L 6 43.74 12.19 -9.94
N CYS L 7 43.32 13.43 -10.14
CA CYS L 7 43.17 13.99 -11.47
C CYS L 7 44.25 15.02 -11.72
N GLY L 8 44.70 15.09 -12.97
CA GLY L 8 45.67 16.09 -13.40
C GLY L 8 45.43 16.41 -14.85
N SER L 9 46.17 17.39 -15.34
CA SER L 9 45.98 17.77 -16.72
C SER L 9 46.68 16.75 -17.63
N GLU L 10 46.39 16.86 -18.94
CA GLU L 10 46.90 16.00 -19.99
C GLU L 10 46.44 16.58 -21.32
N PRO L 11 47.25 16.54 -22.38
CA PRO L 11 46.76 16.95 -23.70
C PRO L 11 45.60 16.10 -24.17
N GLY L 12 44.85 16.64 -25.14
CA GLY L 12 43.65 16.05 -25.65
C GLY L 12 43.72 15.66 -27.11
N PRO L 13 42.97 14.63 -27.49
CA PRO L 13 43.01 14.17 -28.89
C PRO L 13 42.23 15.01 -29.87
N SER L 14 42.33 16.35 -29.76
CA SER L 14 41.73 17.32 -30.68
C SER L 14 40.21 17.28 -30.64
N PRO L 15 39.53 18.43 -30.66
CA PRO L 15 38.08 18.45 -30.51
C PRO L 15 37.28 17.92 -31.71
N GLU L 16 37.56 16.70 -32.19
CA GLU L 16 36.74 16.05 -33.22
C GLU L 16 36.04 14.78 -32.75
N TRP L 17 36.62 14.03 -31.81
CA TRP L 17 35.99 12.82 -31.28
C TRP L 17 34.74 13.08 -30.43
N MET L 18 34.53 14.31 -29.93
CA MET L 18 33.40 14.64 -29.06
C MET L 18 32.19 15.19 -29.81
N VAL L 19 32.40 16.24 -30.60
CA VAL L 19 31.29 16.95 -31.29
C VAL L 19 31.14 16.31 -32.66
N ARG L 20 30.56 15.11 -32.69
CA ARG L 20 30.24 14.53 -33.98
C ARG L 20 28.99 15.19 -34.57
N HIS L 21 28.68 14.86 -35.83
CA HIS L 21 27.49 15.38 -36.49
C HIS L 21 26.34 14.37 -36.53
N THR L 22 26.27 13.47 -35.57
CA THR L 22 25.15 12.57 -35.41
C THR L 22 24.62 12.73 -33.98
N LEU L 23 23.44 12.22 -33.73
CA LEU L 23 22.90 12.24 -32.37
C LEU L 23 23.34 11.01 -31.58
N THR L 24 23.78 11.24 -30.38
CA THR L 24 23.94 10.10 -29.50
C THR L 24 22.62 9.84 -28.74
N PRO L 25 22.22 8.58 -28.61
CA PRO L 25 20.97 8.27 -27.91
C PRO L 25 20.87 8.92 -26.52
N GLY L 26 19.73 9.56 -26.27
CA GLY L 26 19.54 10.41 -25.09
C GLY L 26 19.49 9.66 -23.78
N ASP L 27 19.24 8.36 -23.78
CA ASP L 27 19.23 7.62 -22.52
C ASP L 27 20.60 7.01 -22.18
N LEU L 28 21.68 7.44 -22.83
CA LEU L 28 23.03 7.08 -22.41
C LEU L 28 23.48 8.13 -21.40
N ARG L 29 23.24 7.86 -20.11
CA ARG L 29 23.34 8.88 -19.06
C ARG L 29 24.50 8.65 -18.09
N ASP L 30 25.55 7.96 -18.53
CA ASP L 30 26.63 7.64 -17.61
C ASP L 30 27.46 8.86 -17.24
N LEU L 31 27.29 10.00 -17.91
CA LEU L 31 28.05 11.22 -17.65
C LEU L 31 27.06 12.34 -17.32
N ARG L 32 27.24 13.00 -16.17
CA ARG L 32 26.36 14.08 -15.72
C ARG L 32 27.18 15.32 -15.38
N VAL L 33 26.59 16.48 -15.66
CA VAL L 33 27.19 17.78 -15.32
C VAL L 33 26.14 18.69 -14.70
N GLU L 34 26.58 19.49 -13.74
CA GLU L 34 25.80 20.56 -13.15
C GLU L 34 26.74 21.71 -12.78
N THR L 35 26.22 22.93 -12.86
CA THR L 35 26.97 24.13 -12.54
C THR L 35 26.84 24.39 -11.05
N ILE L 36 27.95 24.71 -10.37
CA ILE L 36 27.90 24.91 -8.92
C ILE L 36 28.72 26.12 -8.50
N LYS L 37 28.19 26.84 -7.51
CA LYS L 37 28.92 27.91 -6.83
C LYS L 37 29.85 27.28 -5.79
N SER L 38 31.16 27.43 -5.98
CA SER L 38 32.12 26.77 -5.11
C SER L 38 32.18 27.43 -3.73
N ASN L 39 32.16 28.76 -3.68
CA ASN L 39 32.26 29.50 -2.43
C ASN L 39 30.90 29.61 -1.75
N VAL L 40 30.88 29.30 -0.46
CA VAL L 40 29.66 29.30 0.34
C VAL L 40 29.23 30.67 0.83
N ASP L 41 30.11 31.67 0.81
CA ASP L 41 29.70 32.99 1.27
C ASP L 41 28.77 33.61 0.22
N LEU L 42 28.40 34.88 0.41
CA LEU L 42 27.59 35.60 -0.56
C LEU L 42 28.40 36.60 -1.37
N GLU L 43 29.72 36.58 -1.25
CA GLU L 43 30.54 37.46 -2.07
C GLU L 43 30.78 36.83 -3.43
N ASP L 44 31.88 37.20 -4.06
CA ASP L 44 32.17 36.69 -5.38
C ASP L 44 32.75 35.29 -5.25
N SER L 45 32.20 34.35 -6.00
CA SER L 45 32.60 32.97 -6.01
C SER L 45 32.94 32.52 -7.41
N PRO L 46 33.93 31.65 -7.57
CA PRO L 46 34.11 31.01 -8.87
C PRO L 46 32.98 30.03 -9.13
N ILE L 47 32.53 29.97 -10.37
CA ILE L 47 31.51 29.01 -10.78
C ILE L 47 32.19 27.91 -11.56
N LEU L 48 32.06 26.68 -11.06
CA LEU L 48 32.71 25.51 -11.61
C LEU L 48 31.68 24.49 -12.05
N MET L 49 32.15 23.49 -12.78
CA MET L 49 31.38 22.30 -13.11
C MET L 49 31.56 21.20 -12.06
N ASN L 50 30.46 20.52 -11.75
CA ASN L 50 30.50 19.25 -11.03
C ASN L 50 30.22 18.18 -12.08
N ILE L 51 31.28 17.54 -12.58
CA ILE L 51 31.16 16.50 -13.59
C ILE L 51 31.13 15.15 -12.89
N SER L 52 30.05 14.40 -13.04
CA SER L 52 29.91 13.08 -12.44
C SER L 52 29.78 12.02 -13.52
N TRP L 53 30.28 10.83 -13.23
CA TRP L 53 30.12 9.72 -14.17
C TRP L 53 29.85 8.44 -13.39
N ILE L 54 29.15 7.52 -14.07
CA ILE L 54 28.79 6.22 -13.52
C ILE L 54 29.58 5.13 -14.24
N LEU L 55 30.11 4.18 -13.46
CA LEU L 55 30.80 3.02 -14.01
C LEU L 55 29.88 1.78 -14.00
N SER L 60 28.91 -3.54 -19.62
CA SER L 60 29.55 -3.25 -18.35
C SER L 60 30.93 -3.91 -18.21
N ILE L 61 31.96 -3.24 -18.74
CA ILE L 61 33.34 -3.71 -18.59
C ILE L 61 33.72 -3.64 -17.12
N ARG L 62 34.45 -4.66 -16.65
CA ARG L 62 34.76 -4.78 -15.23
C ARG L 62 35.66 -3.69 -14.67
N LEU L 63 36.98 -3.87 -14.74
CA LEU L 63 37.90 -2.91 -14.17
C LEU L 63 38.52 -1.97 -15.20
N LEU L 64 39.27 -1.02 -14.67
CA LEU L 64 39.72 0.14 -15.43
C LEU L 64 40.81 0.81 -14.60
N LYS L 65 41.57 1.71 -15.22
CA LYS L 65 42.64 2.43 -14.51
C LYS L 65 42.56 3.95 -14.61
N ALA L 66 41.88 4.50 -15.62
CA ALA L 66 41.75 5.95 -15.71
C ALA L 66 40.52 6.28 -16.55
N THR L 67 39.94 7.45 -16.28
CA THR L 67 38.87 8.02 -17.08
C THR L 67 39.30 9.40 -17.51
N LYS L 68 39.14 9.69 -18.80
CA LYS L 68 39.54 10.97 -19.40
C LYS L 68 38.30 11.82 -19.63
N ILE L 69 38.40 13.12 -19.30
CA ILE L 69 37.30 14.06 -19.45
C ILE L 69 37.82 15.26 -20.20
N CYS L 70 37.11 15.66 -21.25
CA CYS L 70 37.45 16.86 -21.98
C CYS L 70 36.25 17.79 -22.03
N VAL L 71 36.52 19.07 -21.84
CA VAL L 71 35.51 20.13 -21.84
C VAL L 71 35.87 21.13 -22.92
N MET L 72 34.91 21.47 -23.77
CA MET L 72 35.11 22.44 -24.85
C MET L 72 34.14 23.59 -24.66
N GLY L 73 34.70 24.81 -24.53
CA GLY L 73 33.90 26.01 -24.46
C GLY L 73 33.82 26.77 -25.76
N LYS L 74 32.59 26.94 -26.27
CA LYS L 74 32.36 27.79 -27.43
C LYS L 74 31.21 28.76 -27.15
N SER L 79 37.39 27.18 -26.41
CA SER L 79 38.37 26.64 -25.47
C SER L 79 38.37 25.12 -25.49
N TYR L 80 39.49 24.52 -25.06
CA TYR L 80 39.63 23.06 -25.09
C TYR L 80 40.65 22.64 -24.04
N SER L 81 40.17 21.97 -22.99
CA SER L 81 41.04 21.46 -21.94
C SER L 81 40.55 20.08 -21.49
N CYS L 82 41.50 19.19 -21.19
CA CYS L 82 41.22 17.83 -20.77
C CYS L 82 41.85 17.51 -19.42
N ILE L 83 41.19 16.63 -18.67
CA ILE L 83 41.72 16.09 -17.43
C ILE L 83 41.76 14.57 -17.56
N ARG L 84 42.77 13.96 -16.95
CA ARG L 84 42.88 12.52 -16.83
C ARG L 84 42.81 12.17 -15.36
N CYS L 85 41.82 11.37 -14.98
CA CYS L 85 41.61 10.97 -13.61
C CYS L 85 42.05 9.52 -13.45
N ASN L 86 43.13 9.31 -12.69
CA ASN L 86 43.63 7.97 -12.41
C ASN L 86 42.95 7.42 -11.18
N TYR L 87 42.55 6.15 -11.24
CA TYR L 87 42.01 5.49 -10.07
C TYR L 87 43.17 4.89 -9.27
N THR L 88 43.21 5.18 -7.98
CA THR L 88 44.26 4.66 -7.13
C THR L 88 44.03 3.19 -6.81
N GLN L 89 42.79 2.74 -6.92
CA GLN L 89 42.41 1.35 -6.70
C GLN L 89 41.39 0.94 -7.76
N ALA L 90 41.04 -0.33 -7.70
CA ALA L 90 39.99 -0.96 -8.50
C ALA L 90 39.62 -2.23 -7.76
N PHE L 91 38.41 -2.75 -8.01
CA PHE L 91 37.97 -3.95 -7.31
C PHE L 91 37.43 -4.96 -8.31
N GLN L 92 38.13 -6.11 -8.42
CA GLN L 92 37.79 -7.16 -9.38
C GLN L 92 36.83 -8.19 -8.79
N THR L 95 32.45 -4.11 -8.79
CA THR L 95 32.02 -3.12 -9.77
C THR L 95 31.06 -2.09 -9.19
N ARG L 96 30.57 -2.32 -7.96
CA ARG L 96 29.45 -1.55 -7.42
C ARG L 96 29.11 -2.00 -5.99
N PRO L 97 29.89 -1.58 -4.99
CA PRO L 97 29.78 -2.12 -3.62
C PRO L 97 28.85 -1.41 -2.63
N SER L 98 28.11 -0.35 -2.97
CA SER L 98 27.48 0.47 -1.94
C SER L 98 25.96 0.47 -1.91
N GLY L 99 25.27 0.18 -3.01
CA GLY L 99 23.82 0.31 -3.09
C GLY L 99 23.39 1.35 -4.13
N GLY L 100 24.23 2.35 -4.34
CA GLY L 100 24.16 3.19 -5.53
C GLY L 100 24.82 2.41 -6.66
N LYS L 101 25.30 3.13 -7.67
CA LYS L 101 26.04 2.45 -8.73
C LYS L 101 27.52 2.53 -8.36
N TRP L 102 28.38 2.88 -9.30
CA TRP L 102 29.75 3.29 -8.97
C TRP L 102 29.88 4.67 -9.61
N THR L 103 29.98 5.70 -8.77
CA THR L 103 29.93 7.08 -9.23
C THR L 103 31.13 7.88 -8.72
N PHE L 104 31.62 8.76 -9.57
CA PHE L 104 32.72 9.64 -9.24
C PHE L 104 32.36 11.02 -9.75
N SER L 105 32.98 12.03 -9.15
CA SER L 105 32.75 13.40 -9.59
C SER L 105 34.06 14.17 -9.53
N TYR L 106 34.20 15.10 -10.46
CA TYR L 106 35.35 15.98 -10.52
C TYR L 106 34.83 17.40 -10.55
N VAL L 107 35.36 18.26 -9.69
CA VAL L 107 34.98 19.66 -9.64
C VAL L 107 36.13 20.49 -10.19
N GLY L 108 35.83 21.35 -11.16
CA GLY L 108 36.85 22.08 -11.90
C GLY L 108 36.20 22.78 -13.07
N PHE L 109 37.03 23.24 -14.02
CA PHE L 109 36.57 23.92 -15.23
C PHE L 109 35.68 25.12 -14.91
N PRO L 110 36.26 26.29 -14.66
CA PRO L 110 35.44 27.48 -14.39
C PRO L 110 34.49 27.77 -15.56
N VAL L 111 33.27 28.19 -15.21
CA VAL L 111 32.19 28.33 -16.18
C VAL L 111 32.05 29.82 -16.51
N GLU L 112 32.04 30.15 -17.80
CA GLU L 112 31.86 31.51 -18.28
C GLU L 112 30.40 31.79 -18.61
N LEU L 113 30.08 33.07 -18.71
CA LEU L 113 28.71 33.45 -19.03
C LEU L 113 28.32 33.03 -20.45
N ASN L 114 27.06 32.65 -20.62
CA ASN L 114 26.44 32.53 -21.96
C ASN L 114 27.30 31.74 -22.94
N THR L 115 27.77 30.59 -22.48
CA THR L 115 28.68 29.78 -23.27
C THR L 115 28.11 28.37 -23.41
N VAL L 116 28.31 27.79 -24.57
CA VAL L 116 27.89 26.42 -24.82
C VAL L 116 29.04 25.48 -24.50
N TYR L 117 28.75 24.43 -23.75
CA TYR L 117 29.80 23.55 -23.26
C TYR L 117 29.60 22.12 -23.76
N PHE L 118 30.64 21.59 -24.40
CA PHE L 118 30.71 20.21 -24.83
C PHE L 118 31.66 19.45 -23.92
N ILE L 119 31.16 18.40 -23.28
CA ILE L 119 31.95 17.57 -22.39
C ILE L 119 31.82 16.13 -22.83
N GLY L 120 32.96 15.48 -23.07
CA GLY L 120 32.98 14.07 -23.41
C GLY L 120 34.00 13.35 -22.56
N ALA L 121 33.71 12.07 -22.32
CA ALA L 121 34.58 11.26 -21.48
C ALA L 121 34.69 9.85 -22.05
N HIS L 122 35.83 9.23 -21.81
CA HIS L 122 36.08 7.87 -22.25
C HIS L 122 37.02 7.24 -21.25
N ASN L 123 36.86 5.94 -21.08
CA ASN L 123 37.66 5.22 -20.11
C ASN L 123 38.99 4.78 -20.69
N ILE L 124 39.97 4.60 -19.80
CA ILE L 124 41.30 4.14 -20.17
C ILE L 124 41.63 2.99 -19.22
N PRO L 125 41.80 1.74 -19.71
CA PRO L 125 41.77 1.35 -21.12
C PRO L 125 40.37 1.11 -21.72
N ASN L 126 40.04 1.93 -22.72
CA ASN L 126 38.86 1.80 -23.61
C ASN L 126 38.62 3.12 -24.36
N GLY L 133 29.08 10.27 -31.30
CA GLY L 133 29.89 10.63 -30.15
C GLY L 133 30.09 9.53 -29.14
N PRO L 134 30.87 9.80 -28.08
CA PRO L 134 31.07 8.82 -27.01
C PRO L 134 29.86 8.64 -26.10
N SER L 135 29.75 7.43 -25.54
CA SER L 135 28.63 7.07 -24.67
C SER L 135 28.56 7.95 -23.42
N MET L 136 29.70 8.42 -22.93
CA MET L 136 29.69 9.38 -21.82
C MET L 136 29.95 10.75 -22.42
N ALA L 137 28.91 11.56 -22.45
CA ALA L 137 28.95 12.91 -22.98
C ALA L 137 27.77 13.66 -22.40
N VAL L 138 27.94 14.96 -22.19
CA VAL L 138 26.82 15.81 -21.77
C VAL L 138 27.08 17.19 -22.32
N ASN L 139 26.02 17.84 -22.77
CA ASN L 139 26.09 19.21 -23.23
C ASN L 139 25.13 20.11 -22.46
N PHE L 140 25.49 21.38 -22.36
CA PHE L 140 24.69 22.38 -21.66
C PHE L 140 25.18 23.77 -22.06
N THR L 141 24.24 24.71 -22.14
CA THR L 141 24.54 26.11 -22.39
C THR L 141 24.41 26.92 -21.10
N SER L 142 25.47 27.61 -20.71
CA SER L 142 25.42 28.36 -19.47
C SER L 142 24.56 29.62 -19.61
N PRO L 143 23.87 30.00 -18.55
CA PRO L 143 23.03 31.20 -18.55
C PRO L 143 23.82 32.49 -18.34
N GLY L 144 23.09 33.59 -18.14
CA GLY L 144 23.66 34.89 -17.89
C GLY L 144 23.50 35.35 -16.46
N CYS L 145 23.67 36.66 -16.27
CA CYS L 145 23.79 37.25 -14.93
C CYS L 145 22.48 37.29 -14.16
N LEU L 146 21.36 36.93 -14.78
CA LEU L 146 20.09 36.85 -14.07
C LEU L 146 19.86 35.47 -13.46
N ASP L 147 20.74 34.51 -13.76
CA ASP L 147 20.68 33.15 -13.24
C ASP L 147 21.11 33.08 -11.78
N HIS L 148 20.47 32.20 -11.03
CA HIS L 148 20.68 32.19 -9.58
C HIS L 148 22.07 31.72 -9.19
N VAL L 149 22.73 30.93 -10.02
CA VAL L 149 24.11 30.55 -9.74
C VAL L 149 25.10 31.51 -10.40
N MET L 150 24.89 31.82 -11.69
CA MET L 150 25.83 32.65 -12.41
C MET L 150 25.81 34.11 -11.97
N LYS L 151 24.77 34.56 -11.29
CA LYS L 151 24.77 35.94 -10.83
C LYS L 151 25.85 36.19 -9.79
N TYR L 152 26.37 35.12 -9.16
CA TYR L 152 27.45 35.22 -8.18
C TYR L 152 28.80 35.25 -8.85
N LYS L 153 28.84 35.31 -10.17
CA LYS L 153 30.09 35.46 -10.87
C LYS L 153 30.57 36.88 -10.64
N LYS L 154 31.90 37.04 -10.59
CA LYS L 154 32.47 38.34 -10.23
C LYS L 154 32.00 39.44 -11.16
N LYS L 155 32.03 39.19 -12.47
CA LYS L 155 31.62 40.19 -13.44
C LYS L 155 30.13 40.55 -13.31
N CYS L 156 29.30 39.60 -12.88
CA CYS L 156 27.88 39.90 -12.70
C CYS L 156 27.66 40.76 -11.46
N ILE L 157 28.35 40.41 -10.37
CA ILE L 157 28.24 41.14 -9.12
C ILE L 157 28.64 42.59 -9.33
N GLU L 158 29.73 42.81 -10.07
CA GLU L 158 30.21 44.15 -10.36
C GLU L 158 29.31 44.92 -11.30
N ALA L 159 28.36 44.25 -11.94
CA ALA L 159 27.34 44.93 -12.72
C ALA L 159 26.05 45.12 -11.94
N GLY L 160 26.05 44.72 -10.67
CA GLY L 160 24.87 44.86 -9.83
C GLY L 160 23.98 43.63 -9.76
N SER L 161 24.52 42.44 -10.05
CA SER L 161 23.69 41.23 -10.10
C SER L 161 23.03 40.90 -8.78
N LEU L 162 23.61 41.34 -7.66
CA LEU L 162 23.08 41.02 -6.35
C LEU L 162 22.45 42.23 -5.67
N TRP L 163 22.34 43.34 -6.38
CA TRP L 163 21.73 44.53 -5.79
C TRP L 163 20.22 44.34 -5.63
N LYS L 164 19.72 44.57 -4.41
CA LYS L 164 18.28 44.52 -4.12
C LYS L 164 17.85 45.88 -3.60
N PRO L 165 17.61 46.85 -4.49
CA PRO L 165 17.28 48.21 -4.03
C PRO L 165 15.88 48.34 -3.46
N ASN L 166 14.96 47.44 -3.78
CA ASN L 166 13.60 47.47 -3.27
C ASN L 166 12.93 48.84 -3.55
N ILE L 167 12.75 49.11 -4.85
CA ILE L 167 12.26 50.41 -5.29
C ILE L 167 10.81 50.60 -4.87
N THR L 168 10.55 51.71 -4.19
CA THR L 168 9.19 52.20 -3.98
C THR L 168 9.09 53.60 -4.58
N ALA L 169 8.09 53.82 -5.41
CA ALA L 169 7.91 55.08 -6.12
C ALA L 169 6.48 55.52 -5.91
N CYS L 170 6.30 56.75 -5.45
CA CYS L 170 4.99 57.20 -4.99
C CYS L 170 4.70 58.57 -5.57
N LYS L 171 3.50 58.71 -6.14
CA LYS L 171 3.03 59.97 -6.71
C LYS L 171 2.62 60.95 -5.63
N ARG L 172 3.40 62.01 -5.47
CA ARG L 172 3.13 63.01 -4.42
C ARG L 172 2.18 64.10 -4.93
N SER L 173 2.53 64.77 -6.01
CA SER L 173 1.65 65.76 -6.60
C SER L 173 1.41 65.43 -8.08
N ALA L 174 0.84 66.38 -8.81
CA ALA L 174 0.65 66.18 -10.25
C ALA L 174 1.98 66.20 -11.00
N ASN L 175 3.02 66.85 -10.45
CA ASN L 175 4.33 66.89 -11.09
C ASN L 175 5.47 66.37 -10.21
N THR L 176 5.20 65.57 -9.17
CA THR L 176 6.29 65.01 -8.39
C THR L 176 6.08 63.53 -8.11
N VAL L 177 7.18 62.78 -8.11
CA VAL L 177 7.21 61.37 -7.75
C VAL L 177 8.26 61.19 -6.68
N GLU L 178 7.90 60.48 -5.63
CA GLU L 178 8.84 60.13 -4.57
C GLU L 178 9.35 58.72 -4.83
N VAL L 179 10.66 58.60 -5.00
CA VAL L 179 11.32 57.34 -5.30
C VAL L 179 12.21 57.00 -4.11
N ASN L 180 11.96 55.84 -3.48
CA ASN L 180 12.81 55.33 -2.41
C ASN L 180 13.54 54.09 -2.89
N PHE L 181 14.80 53.97 -2.51
CA PHE L 181 15.57 52.79 -2.86
C PHE L 181 16.77 52.68 -1.93
N THR L 182 17.28 51.46 -1.83
CA THR L 182 18.44 51.18 -1.00
C THR L 182 19.69 51.16 -1.87
N THR L 183 20.70 51.92 -1.46
CA THR L 183 21.91 52.04 -2.27
C THR L 183 22.75 50.77 -2.19
N SER L 184 23.76 50.72 -3.05
CA SER L 184 24.67 49.60 -3.08
C SER L 184 26.06 50.04 -2.64
N PRO L 185 26.82 49.16 -1.98
CA PRO L 185 28.21 49.53 -1.63
C PRO L 185 29.12 49.62 -2.83
N LEU L 186 28.68 49.17 -4.00
CA LEU L 186 29.51 49.17 -5.19
C LEU L 186 29.61 50.53 -5.85
N GLY L 187 28.80 51.51 -5.46
CA GLY L 187 28.85 52.78 -6.16
C GLY L 187 28.01 53.84 -5.50
N ASP L 188 28.17 55.07 -5.98
CA ASP L 188 27.55 56.24 -5.37
C ASP L 188 26.56 56.98 -6.26
N ARG L 189 26.59 56.78 -7.58
CA ARG L 189 25.76 57.51 -8.51
C ARG L 189 24.66 56.63 -9.09
N TYR L 190 23.48 57.22 -9.22
CA TYR L 190 22.31 56.56 -9.76
C TYR L 190 21.53 57.58 -10.57
N MET L 191 20.80 57.12 -11.58
CA MET L 191 19.87 57.94 -12.32
C MET L 191 18.49 57.32 -12.21
N ALA L 192 17.54 58.09 -11.71
CA ALA L 192 16.15 57.66 -11.60
C ALA L 192 15.39 58.26 -12.76
N LEU L 193 14.59 57.43 -13.43
CA LEU L 193 13.91 57.83 -14.65
C LEU L 193 12.46 57.37 -14.55
N ILE L 194 11.54 58.25 -14.94
CA ILE L 194 10.11 57.95 -14.94
C ILE L 194 9.60 57.97 -16.38
N GLN L 195 8.89 56.92 -16.77
CA GLN L 195 8.49 56.79 -18.16
C GLN L 195 7.10 56.18 -18.28
N SER L 196 6.21 56.88 -18.97
CA SER L 196 4.94 56.31 -19.44
C SER L 196 5.09 56.05 -20.93
N THR L 197 4.36 56.80 -21.75
CA THR L 197 4.57 56.71 -23.19
C THR L 197 5.83 57.46 -23.62
N ALA L 198 6.32 58.38 -22.78
CA ALA L 198 7.61 59.02 -22.97
C ALA L 198 8.24 59.25 -21.60
N VAL L 199 9.52 59.61 -21.60
CA VAL L 199 10.19 59.97 -20.34
C VAL L 199 9.59 61.28 -19.83
N ILE L 200 9.02 61.25 -18.63
CA ILE L 200 8.36 62.42 -18.04
C ILE L 200 9.16 63.02 -16.89
N GLY L 201 10.30 62.42 -16.51
CA GLY L 201 11.14 62.91 -15.44
C GLY L 201 12.46 62.19 -15.29
N THR L 202 13.48 62.89 -14.78
CA THR L 202 14.80 62.31 -14.58
C THR L 202 15.46 62.98 -13.38
N SER L 203 16.25 62.22 -12.63
CA SER L 203 17.08 62.72 -11.53
C SER L 203 18.37 61.95 -11.47
N TYR L 204 19.50 62.65 -11.42
N TYR L 204 19.51 62.65 -11.45
CA TYR L 204 20.80 62.05 -11.16
CA TYR L 204 20.79 62.03 -11.16
C TYR L 204 21.16 62.25 -9.70
C TYR L 204 21.11 62.25 -9.69
N VAL L 205 21.40 61.15 -9.00
CA VAL L 205 21.52 61.14 -7.53
C VAL L 205 22.93 60.75 -7.14
N SER L 206 23.47 61.44 -6.12
CA SER L 206 24.71 61.06 -5.45
C SER L 206 24.39 60.70 -4.01
N GLU L 207 24.85 59.53 -3.56
CA GLU L 207 24.54 59.07 -2.21
C GLU L 207 25.71 58.24 -1.71
N LYS L 208 26.43 58.77 -0.71
CA LYS L 208 27.60 58.06 -0.20
C LYS L 208 27.25 57.02 0.86
N GLU L 209 26.10 57.13 1.53
CA GLU L 209 25.77 56.24 2.63
C GLU L 209 24.95 55.04 2.17
N LEU L 210 25.22 53.89 2.78
CA LEU L 210 24.46 52.65 2.59
C LEU L 210 23.19 52.72 3.42
N THR L 211 22.12 53.19 2.81
CA THR L 211 20.84 53.33 3.48
C THR L 211 19.74 53.22 2.45
N ARG L 212 18.50 53.20 2.94
CA ARG L 212 17.34 53.33 2.07
C ARG L 212 17.04 54.81 1.98
N THR L 213 17.43 55.41 0.86
CA THR L 213 17.28 56.84 0.66
C THR L 213 16.00 57.16 -0.10
N SER L 214 15.72 58.46 -0.21
CA SER L 214 14.53 58.98 -0.86
C SER L 214 14.93 60.11 -1.80
N VAL L 215 14.24 60.19 -2.94
CA VAL L 215 14.56 61.18 -3.95
C VAL L 215 13.26 61.62 -4.60
N VAL L 216 13.15 62.92 -4.86
CA VAL L 216 12.02 63.49 -5.56
C VAL L 216 12.44 63.76 -7.00
N VAL L 217 11.68 63.23 -7.95
CA VAL L 217 11.93 63.47 -9.36
C VAL L 217 10.80 64.34 -9.90
N HIS L 218 11.17 65.42 -10.59
CA HIS L 218 10.19 66.35 -11.15
C HIS L 218 9.64 65.76 -12.44
N VAL L 219 8.32 65.59 -12.50
CA VAL L 219 7.67 64.97 -13.65
C VAL L 219 6.83 66.01 -14.41
N THR L 220 6.76 65.87 -15.74
CA THR L 220 6.01 66.81 -16.59
C THR L 220 4.63 66.31 -16.98
N GLY L 221 4.34 65.01 -16.88
CA GLY L 221 3.03 64.53 -17.26
C GLY L 221 2.36 63.70 -16.17
N GLU L 222 1.42 62.84 -16.54
CA GLU L 222 0.77 61.98 -15.56
C GLU L 222 1.69 60.82 -15.20
N SER L 223 2.06 60.73 -13.92
CA SER L 223 3.08 59.78 -13.51
C SER L 223 2.53 58.56 -12.80
N GLU L 224 1.22 58.34 -12.84
CA GLU L 224 0.65 57.26 -12.07
C GLU L 224 0.65 55.98 -12.91
N GLY L 225 1.35 54.96 -12.40
CA GLY L 225 1.48 53.70 -13.11
C GLY L 225 2.60 53.66 -14.11
N ALA L 226 3.40 54.72 -14.20
CA ALA L 226 4.54 54.72 -15.09
C ALA L 226 5.63 53.82 -14.53
N VAL L 227 6.57 53.48 -15.40
CA VAL L 227 7.72 52.69 -15.01
C VAL L 227 8.74 53.64 -14.39
N VAL L 228 9.35 53.22 -13.28
CA VAL L 228 10.53 53.87 -12.75
C VAL L 228 11.73 52.99 -13.08
N GLN L 229 12.77 53.58 -13.64
CA GLN L 229 14.00 52.86 -13.99
C GLN L 229 15.15 53.48 -13.21
N LEU L 230 15.83 52.66 -12.42
CA LEU L 230 17.02 53.08 -11.67
C LEU L 230 18.25 52.53 -12.37
N THR L 231 19.09 53.43 -12.87
CA THR L 231 20.31 53.02 -13.51
C THR L 231 21.46 53.32 -12.57
N PRO L 232 22.21 52.33 -12.13
CA PRO L 232 23.39 52.63 -11.32
C PRO L 232 24.58 52.82 -12.23
N TYR L 233 25.47 53.71 -11.82
CA TYR L 233 26.69 53.94 -12.56
C TYR L 233 27.86 53.49 -11.70
N PHE L 234 27.98 52.18 -11.58
CA PHE L 234 29.10 51.60 -10.86
C PHE L 234 30.29 51.70 -11.77
N HIS L 235 31.46 51.95 -11.19
CA HIS L 235 32.61 52.28 -12.03
C HIS L 235 33.05 51.11 -12.91
N THR L 236 32.64 49.90 -12.57
CA THR L 236 33.08 48.70 -13.28
C THR L 236 32.16 48.31 -14.43
N CYS L 237 30.93 48.83 -14.48
CA CYS L 237 29.99 48.46 -15.52
C CYS L 237 29.81 49.52 -16.58
N GLY L 238 30.32 50.74 -16.36
CA GLY L 238 30.16 51.83 -17.31
C GLY L 238 28.71 52.16 -17.60
N ASN L 239 28.28 51.91 -18.84
CA ASN L 239 26.90 52.09 -19.29
C ASN L 239 26.17 50.77 -19.42
N ASP L 240 26.73 49.70 -18.91
CA ASP L 240 26.17 48.36 -19.05
C ASP L 240 25.82 47.76 -17.71
N CYS L 241 25.42 48.59 -16.74
CA CYS L 241 24.99 48.06 -15.47
C CYS L 241 23.61 47.43 -15.57
N ILE L 242 23.33 46.47 -14.70
CA ILE L 242 22.01 45.88 -14.65
C ILE L 242 21.06 46.94 -14.08
N ARG L 243 20.04 47.28 -14.86
CA ARG L 243 19.08 48.29 -14.44
C ARG L 243 17.95 47.68 -13.62
N GLN L 244 17.42 48.47 -12.69
CA GLN L 244 16.33 48.04 -11.80
C GLN L 244 15.05 48.81 -12.10
N ARG L 245 13.93 48.09 -12.08
CA ARG L 245 12.64 48.65 -12.45
C ARG L 245 11.63 48.54 -11.32
N GLY L 246 10.74 49.52 -11.27
CA GLY L 246 9.59 49.52 -10.38
C GLY L 246 8.45 50.29 -11.03
N THR L 247 7.41 50.62 -10.27
CA THR L 247 6.28 51.33 -10.82
C THR L 247 5.82 52.40 -9.84
N VAL L 248 5.40 53.54 -10.38
CA VAL L 248 4.84 54.59 -9.54
C VAL L 248 3.45 54.17 -9.11
N VAL L 249 3.16 54.31 -7.81
CA VAL L 249 1.88 53.94 -7.23
C VAL L 249 1.39 55.12 -6.41
N GLN L 250 0.14 55.03 -5.95
CA GLN L 250 -0.39 56.06 -5.05
C GLN L 250 0.21 55.89 -3.67
N CYS L 251 -0.10 56.81 -2.77
CA CYS L 251 0.48 56.88 -1.44
C CYS L 251 -0.55 56.60 -0.35
N PRO L 252 -0.12 56.09 0.82
CA PRO L 252 -1.05 55.50 1.79
C PRO L 252 -1.96 56.53 2.47
C1 NAG M . 11.19 26.44 22.45
C2 NAG M . 11.31 26.24 23.96
C3 NAG M . 11.17 24.76 24.31
C4 NAG M . 9.90 24.18 23.71
C5 NAG M . 9.82 24.49 22.22
C6 NAG M . 8.48 24.10 21.63
C7 NAG M . 12.61 27.76 25.37
C8 NAG M . 13.98 28.12 25.87
N2 NAG M . 12.56 26.76 24.49
O3 NAG M . 11.12 24.68 25.72
O4 NAG M . 9.89 22.76 23.83
O5 NAG M . 9.97 25.90 22.00
O6 NAG M . 7.46 24.93 22.17
O7 NAG M . 11.60 28.36 25.73
C1 NAG M . 9.42 22.32 25.11
C2 NAG M . 8.65 21.01 24.95
C3 NAG M . 8.25 20.47 26.32
C4 NAG M . 9.46 20.39 27.26
C5 NAG M . 10.22 21.72 27.27
C6 NAG M . 11.53 21.68 28.03
C7 NAG M . 7.40 20.76 22.84
C8 NAG M . 6.11 21.03 22.13
N2 NAG M . 7.47 21.17 24.11
O3 NAG M . 7.67 19.19 26.16
O4 NAG M . 9.00 20.10 28.58
O5 NAG M . 10.53 22.11 25.93
O6 NAG M . 12.22 20.46 27.80
O7 NAG M . 8.34 20.21 22.30
C1 BMA M . 9.78 19.05 29.20
C2 BMA M . 9.36 18.97 30.70
C3 BMA M . 10.07 17.78 31.34
C4 BMA M . 9.83 16.51 30.54
C5 BMA M . 10.35 16.70 29.10
C6 BMA M . 10.13 15.49 28.24
O2 BMA M . 7.95 18.77 30.84
O3 BMA M . 9.67 17.57 32.68
O4 BMA M . 10.49 15.43 31.18
O5 BMA M . 9.62 17.79 28.51
O6 BMA M . 8.90 14.93 28.63
C1 MAN M . 8.45 13.93 27.73
C2 MAN M . 6.93 13.99 27.67
C3 MAN M . 6.31 13.50 29.00
C4 MAN M . 6.94 12.20 29.51
C5 MAN M . 8.49 12.27 29.45
C6 MAN M . 9.17 10.94 29.77
O2 MAN M . 6.38 13.14 26.66
O3 MAN M . 4.91 13.32 28.88
O4 MAN M . 6.53 11.98 30.87
O5 MAN M . 8.92 12.68 28.11
O6 MAN M . 10.57 11.11 29.63
C1 MAN M . 11.02 12.03 30.65
C2 MAN M . 11.98 13.05 30.00
C3 MAN M . 13.23 12.37 29.49
C4 MAN M . 13.80 11.22 30.38
C5 MAN M . 12.70 10.43 31.17
C6 MAN M . 13.25 9.68 32.38
O2 MAN M . 12.41 14.06 30.93
O3 MAN M . 14.25 13.34 29.18
O4 MAN M . 14.53 10.31 29.56
O5 MAN M . 11.68 11.32 31.66
O6 MAN M . 12.31 9.82 33.45
C1 MAN M . 10.79 17.80 33.54
C2 MAN M . 10.66 16.91 34.78
C3 MAN M . 9.43 17.37 35.60
C4 MAN M . 9.35 18.92 35.77
C5 MAN M . 9.60 19.63 34.44
C6 MAN M . 9.68 21.13 34.55
O2 MAN M . 11.78 17.05 35.63
O3 MAN M . 9.38 16.74 36.88
O4 MAN M . 8.07 19.31 36.25
O5 MAN M . 10.85 19.14 33.87
O6 MAN M . 9.82 21.65 33.23
C1 NAG N . -29.67 -16.79 5.56
C2 NAG N . -31.18 -16.61 5.63
C3 NAG N . -31.56 -15.25 5.07
C4 NAG N . -30.74 -14.14 5.70
C5 NAG N . -29.25 -14.47 5.65
C6 NAG N . -28.39 -13.49 6.41
C7 NAG N . -32.94 -18.31 5.43
C8 NAG N . -33.53 -19.38 4.55
N2 NAG N . -31.88 -17.67 4.93
O3 NAG N . -32.95 -15.04 5.33
O4 NAG N . -30.94 -12.93 4.97
O5 NAG N . -29.03 -15.77 6.26
O6 NAG N . -27.06 -13.94 6.50
O7 NAG N . -33.40 -18.04 6.53
C1 NAG N . -31.72 -12.08 5.82
C2 NAG N . -31.45 -10.65 5.39
C3 NAG N . -32.29 -9.68 6.23
C4 NAG N . -33.75 -10.11 6.27
C5 NAG N . -33.90 -11.60 6.59
C6 NAG N . -35.32 -12.09 6.44
C7 NAG N . -29.17 -10.47 4.50
C8 NAG N . -27.74 -10.10 4.79
N2 NAG N . -30.04 -10.33 5.50
O3 NAG N . -32.19 -8.39 5.65
O4 NAG N . -34.43 -9.38 7.28
O5 NAG N . -33.10 -12.37 5.70
O6 NAG N . -35.36 -13.49 6.22
O7 NAG N . -29.50 -10.88 3.38
C1 BMA N . -35.15 -8.36 6.55
C2 BMA N . -36.55 -8.18 7.19
C3 BMA N . -37.21 -7.18 6.30
C4 BMA N . -36.43 -5.84 6.39
C5 BMA N . -35.07 -6.11 5.74
C6 BMA N . -34.17 -4.90 5.62
O2 BMA N . -36.46 -7.58 8.46
O3 BMA N . -38.60 -7.06 6.54
O4 BMA N . -37.10 -4.80 5.72
O5 BMA N . -34.41 -7.11 6.54
O6 BMA N . -33.28 -5.17 4.53
C1 MAN N . -39.16 -7.04 5.20
C2 MAN N . -40.24 -5.95 5.21
C3 MAN N . -41.47 -6.47 5.97
C4 MAN N . -42.00 -7.73 5.29
C5 MAN N . -40.93 -8.83 5.36
C6 MAN N . -41.34 -10.08 4.59
O2 MAN N . -40.67 -5.65 3.87
O3 MAN N . -42.48 -5.48 6.10
O4 MAN N . -43.18 -8.17 5.92
O5 MAN N . -39.67 -8.35 4.78
O6 MAN N . -40.18 -10.88 4.32
C1 MAN N . -32.11 -4.32 4.64
C2 MAN N . -31.15 -4.67 3.46
C3 MAN N . -30.61 -6.06 3.67
C4 MAN N . -29.82 -6.10 4.99
C5 MAN N . -30.74 -5.72 6.19
C6 MAN N . -30.01 -5.61 7.55
O2 MAN N . -30.00 -3.83 3.51
O3 MAN N . -29.79 -6.48 2.58
O4 MAN N . -29.29 -7.40 5.18
O5 MAN N . -31.45 -4.45 5.92
O6 MAN N . -30.97 -5.77 8.62
C1 NAG O . 28.34 18.48 13.07
C2 NAG O . 29.46 19.32 13.68
C3 NAG O . 30.40 19.85 12.60
C4 NAG O . 30.87 18.71 11.69
C5 NAG O . 29.65 17.95 11.17
C6 NAG O . 30.03 16.74 10.33
C7 NAG O . 28.96 20.49 15.78
C8 NAG O . 28.31 21.68 16.40
N2 NAG O . 28.88 20.42 14.44
O3 NAG O . 31.51 20.44 13.22
O4 NAG O . 31.59 19.22 10.59
O5 NAG O . 28.90 17.46 12.29
O6 NAG O . 30.63 15.72 11.13
O7 NAG O . 29.54 19.64 16.44
C1 NAG P . 6.84 31.96 2.49
C2 NAG P . 6.32 30.55 2.28
C3 NAG P . 7.30 29.81 1.41
C4 NAG P . 7.47 30.55 0.09
C5 NAG P . 7.83 32.02 0.33
C6 NAG P . 7.82 32.84 -0.94
C7 NAG P . 4.89 29.81 4.14
C8 NAG P . 4.83 29.09 5.46
N2 NAG P . 6.09 29.87 3.54
O3 NAG P . 6.90 28.46 1.22
O4 NAG P . 8.47 29.97 -0.72
O5 NAG P . 6.89 32.64 1.23
O6 NAG P . 6.53 32.83 -1.55
O7 NAG P . 3.88 30.29 3.62
C1 NAG Q . -11.19 56.64 29.67
C2 NAG Q . -11.13 55.88 31.00
C3 NAG Q . -12.53 55.72 31.60
C4 NAG Q . -13.26 57.06 31.65
C5 NAG Q . -13.27 57.68 30.27
C6 NAG Q . -13.91 59.05 30.24
C7 NAG Q . -9.59 54.06 31.63
C8 NAG Q . -9.08 52.70 31.27
N2 NAG Q . -10.51 54.57 30.81
O3 NAG Q . -12.42 55.17 32.91
O4 NAG Q . -14.60 56.89 32.12
O5 NAG Q . -11.91 57.86 29.83
O6 NAG Q . -13.11 60.01 30.92
O7 NAG Q . -9.18 54.67 32.61
C1 NAG R . -14.98 65.15 27.46
C2 NAG R . -16.14 64.15 27.60
C3 NAG R . -17.43 64.84 28.09
C4 NAG R . -17.14 65.78 29.26
C5 NAG R . -16.01 66.72 28.89
C6 NAG R . -15.67 67.73 29.94
C7 NAG R . -16.35 62.17 26.15
C8 NAG R . -16.62 61.68 24.75
N2 NAG R . -16.38 63.49 26.32
O3 NAG R . -18.37 63.86 28.48
O4 NAG R . -18.31 66.54 29.56
O5 NAG R . -14.84 65.92 28.65
O6 NAG R . -14.84 67.17 30.96
O7 NAG R . -16.11 61.39 27.07
C1 NAG S . -23.52 -20.65 -14.30
C2 NAG S . -24.67 -21.58 -14.72
C3 NAG S . -24.11 -22.87 -15.34
C4 NAG S . -23.09 -22.56 -16.41
C5 NAG S . -22.03 -21.60 -15.90
C6 NAG S . -21.05 -21.16 -16.96
C7 NAG S . -26.67 -21.27 -13.30
C8 NAG S . -27.37 -21.74 -12.07
N2 NAG S . -25.52 -21.90 -13.58
O3 NAG S . -25.17 -23.67 -15.85
O4 NAG S . -22.45 -23.77 -16.82
O5 NAG S . -22.66 -20.42 -15.40
O6 NAG S . -21.66 -20.23 -17.83
O7 NAG S . -27.11 -20.36 -14.00
C1 NAG T . -12.83 -25.48 12.01
C2 NAG T . -11.65 -26.40 12.34
C3 NAG T . -10.83 -25.85 13.51
C4 NAG T . -10.49 -24.38 13.31
C5 NAG T . -11.76 -23.60 13.00
C6 NAG T . -11.51 -22.14 12.71
C7 NAG T . -11.76 -28.84 11.99
C8 NAG T . -12.34 -30.14 12.48
N2 NAG T . -12.13 -27.75 12.66
O3 NAG T . -9.64 -26.62 13.67
O4 NAG T . -9.90 -23.87 14.50
O5 NAG T . -12.37 -24.16 11.82
O6 NAG T . -10.58 -22.00 11.64
O7 NAG T . -11.00 -28.81 11.02
C1 NAG U . -44.47 -36.35 37.66
C2 NAG U . -45.78 -35.73 37.11
C3 NAG U . -46.73 -35.36 38.25
C4 NAG U . -46.93 -36.51 39.22
C5 NAG U . -45.58 -36.98 39.73
C6 NAG U . -45.65 -38.14 40.68
C7 NAG U . -45.17 -34.66 34.98
C8 NAG U . -44.91 -33.36 34.28
N2 NAG U . -45.51 -34.58 36.28
O3 NAG U . -47.98 -34.95 37.71
O4 NAG U . -47.75 -36.13 40.31
O5 NAG U . -44.78 -37.40 38.60
O6 NAG U . -45.84 -39.38 40.02
O7 NAG U . -45.08 -35.74 34.40
C1 NAG V . -43.79 -44.16 43.15
C2 NAG V . -44.49 -43.06 43.96
C3 NAG V . -45.03 -43.65 45.27
C4 NAG V . -45.93 -44.85 44.98
C5 NAG V . -45.20 -45.86 44.11
C6 NAG V . -46.08 -47.01 43.68
C7 NAG V . -43.47 -40.89 43.43
C8 NAG V . -42.50 -39.83 43.89
N2 NAG V . -43.60 -41.95 44.24
O3 NAG V . -45.74 -42.64 45.99
O4 NAG V . -46.31 -45.47 46.20
O5 NAG V . -44.72 -45.23 42.91
O6 NAG V . -47.21 -46.57 42.96
O7 NAG V . -44.10 -40.79 42.38
C1 NAG W . -10.89 -26.56 -24.39
C2 NAG W . -12.27 -26.04 -24.86
C3 NAG W . -12.21 -24.53 -25.13
C4 NAG W . -11.63 -23.78 -23.93
C5 NAG W . -10.26 -24.36 -23.59
C6 NAG W . -9.64 -23.70 -22.38
C7 NAG W . -13.98 -27.12 -26.25
C8 NAG W . -14.96 -26.80 -25.15
N2 NAG W . -12.72 -26.74 -26.04
O3 NAG W . -13.51 -24.05 -25.42
O4 NAG W . -11.50 -22.39 -24.22
O5 NAG W . -10.41 -25.75 -23.29
O6 NAG W . -10.62 -23.42 -21.39
O7 NAG W . -14.33 -27.72 -27.27
C1 NAG X . 0.43 -29.79 -42.39
C2 NAG X . -0.49 -30.74 -43.17
C3 NAG X . 0.27 -32.04 -43.51
C4 NAG X . 1.60 -31.73 -44.17
C5 NAG X . 2.39 -30.70 -43.37
C6 NAG X . 3.67 -30.26 -44.04
C7 NAG X . -2.82 -30.34 -42.53
C8 NAG X . -3.96 -30.80 -41.66
N2 NAG X . -1.69 -31.04 -42.42
O3 NAG X . -0.53 -32.84 -44.36
O4 NAG X . 2.36 -32.93 -44.26
O5 NAG X . 1.60 -29.52 -43.17
O6 NAG X . 3.45 -29.11 -44.84
O7 NAG X . -2.92 -29.39 -43.28
C1 NAG Y . 6.50 -34.34 -15.57
C2 NAG Y . 7.10 -33.08 -14.90
C3 NAG Y . 8.61 -33.02 -15.16
C4 NAG Y . 9.27 -34.32 -14.71
C5 NAG Y . 8.61 -35.51 -15.40
C6 NAG Y . 9.17 -36.85 -14.96
C7 NAG Y . 6.25 -30.78 -14.61
C8 NAG Y . 5.58 -29.61 -15.27
N2 NAG Y . 6.44 -31.86 -15.38
O3 NAG Y . 9.19 -31.90 -14.50
O4 NAG Y . 10.66 -34.29 -15.00
O5 NAG Y . 7.21 -35.52 -15.10
O6 NAG Y . 9.15 -36.98 -13.54
O7 NAG Y . 6.60 -30.74 -13.43
C1 NAG Z . -27.83 -44.00 7.15
C2 NAG Z . -28.77 -42.81 6.84
C3 NAG Z . -29.23 -42.13 8.13
C4 NAG Z . -29.75 -43.14 9.14
C5 NAG Z . -28.73 -44.25 9.36
C6 NAG Z . -29.20 -45.34 10.30
C7 NAG Z . -28.16 -41.82 4.66
C8 NAG Z . -27.38 -40.75 3.98
N2 NAG Z . -28.08 -41.85 6.00
O3 NAG Z . -30.25 -41.19 7.83
O4 NAG Z . -30.01 -42.50 10.39
O5 NAG Z . -28.46 -44.88 8.10
O6 NAG Z . -30.23 -46.13 9.72
O7 NAG Z . -28.85 -42.62 4.03
C1 NAG AA . -27.23 -51.97 13.33
C2 NAG AA . -27.60 -50.91 14.36
C3 NAG AA . -28.17 -51.57 15.60
C4 NAG AA . -29.35 -52.47 15.23
C5 NAG AA . -28.96 -53.45 14.12
C6 NAG AA . -30.12 -54.24 13.58
C7 NAG AA . -26.35 -48.81 14.32
C8 NAG AA . -25.10 -48.10 14.72
N2 NAG AA . -26.44 -50.09 14.69
O3 NAG AA . -28.64 -50.58 16.52
O4 NAG AA . -29.77 -53.19 16.38
O5 NAG AA . -28.38 -52.74 13.01
O6 NAG AA . -31.12 -53.40 12.99
O7 NAG AA . -27.24 -48.25 13.69
C1 NAG BA . 28.17 16.40 -7.61
C2 NAG BA . 27.91 16.66 -6.14
C3 NAG BA . 27.54 15.36 -5.42
C4 NAG BA . 26.32 14.74 -6.09
C5 NAG BA . 26.63 14.49 -7.56
C6 NAG BA . 25.43 13.96 -8.32
C7 NAG BA . 29.08 18.60 -5.22
C8 NAG BA . 30.32 19.11 -4.54
N2 NAG BA . 29.05 17.29 -5.49
O3 NAG BA . 27.28 15.62 -4.05
O4 NAG BA . 25.93 13.55 -5.42
O5 NAG BA . 27.02 15.71 -8.21
O6 NAG BA . 24.27 14.72 -8.03
O7 NAG BA . 28.15 19.34 -5.52
C1 NAG CA . 48.00 9.31 -14.21
C2 NAG CA . 48.93 10.42 -13.73
C3 NAG CA . 49.91 10.82 -14.83
C4 NAG CA . 50.64 9.59 -15.36
C5 NAG CA . 49.63 8.55 -15.82
C6 NAG CA . 50.27 7.26 -16.31
C7 NAG CA . 48.10 12.01 -12.03
C8 NAG CA . 47.25 13.22 -11.78
N2 NAG CA . 48.16 11.58 -13.29
O3 NAG CA . 50.84 11.76 -14.31
O4 NAG CA . 51.48 9.93 -16.46
O5 NAG CA . 48.78 8.20 -14.71
O6 NAG CA . 50.59 6.40 -15.22
O7 NAG CA . 48.70 11.44 -11.11
C1 NAG DA . 26.40 16.96 -27.49
C2 NAG DA . 25.15 16.08 -27.58
C3 NAG DA . 25.33 15.06 -28.71
C4 NAG DA . 25.90 15.69 -29.98
C5 NAG DA . 27.02 16.70 -29.69
C6 NAG DA . 27.44 17.51 -30.90
C7 NAG DA . 23.66 14.95 -25.98
C8 NAG DA . 23.55 14.24 -24.66
N2 NAG DA . 24.87 15.39 -26.32
O3 NAG DA . 24.09 14.41 -28.99
O4 NAG DA . 26.45 14.67 -30.81
O5 NAG DA . 26.59 17.63 -28.69
O6 NAG DA . 26.35 18.21 -31.48
O7 NAG DA . 22.68 15.13 -26.70
C1 NAG EA . 10.85 47.39 0.80
C2 NAG EA . 10.69 46.17 1.72
C3 NAG EA . 9.44 46.33 2.59
C4 NAG EA . 9.47 47.66 3.33
C5 NAG EA . 9.64 48.80 2.33
C6 NAG EA . 9.77 50.15 3.00
C7 NAG EA . 11.70 44.15 0.75
C8 NAG EA . 11.45 42.91 -0.05
N2 NAG EA . 10.63 44.93 0.96
O3 NAG EA . 9.36 45.25 3.52
O4 NAG EA . 8.27 47.84 4.08
O5 NAG EA . 10.83 48.60 1.58
O6 NAG EA . 10.96 50.23 3.78
O7 NAG EA . 12.81 44.45 1.18
C1 NAG FA . 9.98 56.95 1.34
C2 NAG FA . 8.56 56.48 1.71
C3 NAG FA . 7.84 57.54 2.57
C4 NAG FA . 8.72 58.00 3.72
C5 NAG FA . 10.08 58.43 3.20
C6 NAG FA . 11.04 58.87 4.29
C7 NAG FA . 7.81 55.06 -0.17
C8 NAG FA . 6.95 55.01 -1.40
N2 NAG FA . 7.78 56.22 0.51
O3 NAG FA . 6.62 57.00 3.06
O4 NAG FA . 8.11 59.09 4.39
O5 NAG FA . 10.69 57.32 2.53
O6 NAG FA . 11.30 57.82 5.22
O7 NAG FA . 8.50 54.12 0.19
#